data_8HSH
#
_entry.id   8HSH
#
_cell.length_a   1.00
_cell.length_b   1.00
_cell.length_c   1.00
_cell.angle_alpha   90.00
_cell.angle_beta   90.00
_cell.angle_gamma   90.00
#
_symmetry.space_group_name_H-M   'P 1'
#
loop_
_entity.id
_entity.type
_entity.pdbx_description
1 polymer 'DNA-directed RNA polymerase subunit alpha'
2 polymer 'DNA-directed RNA polymerase subunit beta'
3 polymer "DNA-directed RNA polymerase subunit beta'"
4 polymer 'DNA-directed RNA polymerase subunit omega'
5 non-polymer 'ZINC ION'
6 non-polymer 'MAGNESIUM ION'
#
loop_
_entity_poly.entity_id
_entity_poly.type
_entity_poly.pdbx_seq_one_letter_code
_entity_poly.pdbx_strand_id
1 'polypeptide(L)'
;MLDSKLKAPVFTVRTQGREYGEFVLEPLERGFGVTLGNPLRRILLSSIPGTAVTSVYIEDVLHEFSTIPGVKEDVVEIIL
NLKELVVRFLNPSLQTVTLLLKAEGPKEVKARDFLPVADVEIMNPDLHIATLEEGGRLNMEVRVDRGVGYVPAEKHGIKD
RINAIPVDAVFSPVRRVAFQVEDTRLGQRTDLDKLTLRIWTDGSVTPLEALNQAVEILREHLTYFSNPQAAAVAAPEEAK
EPEAPPEQEEELDLPLEELGLSTRVLHSLKEEGIESVRALLALNLKDLKNIPGIGERSLEEIKEALEKKGFTLKE
;
G,H
2 'polypeptide(L)'
;MEIKRFGRIREVIPLPPLTEIQVESYRRALQADVPPEKRENVGIQAAFRETFPIEEEDKGKGGLVLDFLEYRLGEPPFPQ
DECREKDLTYQAPLYARLQLIHKDTGLIKEDEVFLGHIPLMTEDGSFIINGADRVIVSQIHRSPGVYFTPDPARPGRYIA
SIIPLPKRGPWIDLEVEPNGVVSMKVNKRKFPLVLLLRVLGYDQETLARELGAYGELVQGLMDESVFAMRPEEALIRLFT
LLRPGDPPKRDKAVAYVYGLIADPRRYDLGEAGRYKAEEKLGIRLSGRTLARFEDGEFKDEVFLPTLRYLFALTAGVPGH
EVDDIDHLGNRRIRTVGELMTDQFRVGLARLARGVRERMLMGSEDSLTPAKLVNSRPLEAAIREFFSRSQLSQFKDETNP
LSSLRHKRRISALGPGGLTRERAGFDVRDVHRTHYGRICPVETPEGANIGLITSLAAYARVDELGFIRTPYRRVVGGVVT
DEVVYMTATEEDRYTIAQANTPLEGNRIAAERVVARRKGEPVIVSPEEVEFMDVSPKQVFSVNTNLIPFLEHDDANRALM
GSNMQTQAVPLIRAQAPVVMTGLEERVVRDSLAALYAEEDGEVAKVDGNRIVVRYEDGRLVEYPLRRFYRSNQGTALDQR
PRVVVGQRVRKGDLLADGPASENGFLALGQNVLVAIMPFDGYNFEDAIVISEELLKRDFYTSIHIERYEIEARDTKLGPE
RITRDIPHLSEAALRDLDEEGVVRIGAEVKPGDILVGRTSFKGESEPTPEERLLRSIFGEKARDVKDTSLRVPPGEGGIV
VRTVRLRRGDPGVELKPGVREVVRVYVAQKRKLQVGDKLANRHGNKGVVAKILPVEDMPHLPDGTPVDVILNPLGVPSRM
NLGQILETHLGLAGYFLGQRYISPIFDGAKEPEIKELLAQAFEVYFGKRKGEGFGVDKREVEVLRRAEKLGLVTPGKTPE
EQLKELFLQGKVVLYDGRTGEPIEGPIVVGQMFIMKLYHMVEDKMHARSTGPYSLITQQPLGGKAQFGGQRFGEMEVWAL
EAYGAAHTLQEMLTLKSDDIEGRNAAYEAIIKGEDVPEPSVPESFRVLVKELQALALDVQTLDEKDNPVDIFEGLASKR
;
I
3 'polypeptide(L)'
;MKKEVRKVRIALASPEKIRSWSYGEVEKPETINYRTLKPERDGLFDERIFGPIKDYECACGKYKRQRFEGKVCERCGVEV
TKSIVRRYRMGHIELATPAAHIWFVKDVPSKIGTLLDLSATELEQVLYFSKYIVLDPKGAILNGVPVEKRQLLTDEEYRE
LRYGKQETYPLPPGVDALVKDGEEVVKGQELAPGVVSRLDGVALYRFPRRVRVEYVKKERAGLRLPLAAWVEKEAYKPGE
ILAELPEPYLFRAEEEGVVELKELEEGAFLVLRREDEPVATYFLPVGMTPLVVHGEIVEKGQPLAEAKGLLRMPRQVRAA
QVEAEEEGETVYLTLFLEWTEPKDYRVQPHMNVVVPEGARVEAGDKIVAAIDPEEEVIAEAEGVVHLHEPASILVVKARV
YPFEDDVEVSTGDRVAPGDVLADGGKVKSDVYGRVEVDLVRNVVRVVESYDIDARMGAEAIQQLLKELDLEALEKELLEE
MKHPSRARRAKARKRLEVVRAFLDSGNRPEWMILEAVPVLPPDLRPMVQVDGGRFATSDLNDLYRRLINRNNRLKKLLAQ
GAPEIIIRNEKRMLQEAVDALLDNGRRGAPVTNPGSDRPLRSLTDILSGKQGRFRQNLLGKRVDYSGRSVIVVGPQLKLH
QCGLPKRMALELFKPFLLKKMEEKGIAPNVKAARRMLERQRDIKDEVWDALEEVIHGKVVLLNRAPTLHRLGIQAFQPVL
VEGQSIQLHPLVCEAFNADFDGDQMAVHVPLSSFAQAEARIQMLSAHNLLSPASGEPLAKPSRDIILGLYYITQVRKEKK
GAGLEFATPEEALAAHERGEVALNAPIKVAGRETSVGRLKYVFANPDEALLAVAHGIVDLQDVVTVRYMGKRLETSPGRI
LFARIVAEAVEDEKVAWELIQLDVPQEKNSLKDLVYQAFLRLGMEKTARLLDALKYYGFTFSTTSGITIGIDDAVIPEEK
KQYLEEADRKLLQIEQAYEMGFLTDRERYDQILQLWTETTEKVTQAVFKNFEENYPFNPLYVMAQSGARGNPQQIRQLCG
LRGLMQKPSGETFEVPVRSSFREGLTVLEYFISSHGARKGGADTALRTADSGYLTRKLVDVTHEIVVREADCGTTNYISV
PLFQPDEVTRSLRLRKRADIEAGLYGRVLAREVEVLGVRLEEGRYLSMDDVHLLIKAAEAGEIQEVPVRSPLTCQTRYGV
CQKCYGYDLSMARPVSIGEAVGIVAAQSIGEPGTQLTMRTFHTGGVAGAADITQGLPRVIELFEARRPKAKAVISEIDGV
VRIEETEEKLSVFVESEGFSKEYKLPKEARLLVKDGDYVEAGQPLTRGAIDPHQLLEAKGPEAVERYLVEEIQKVYRAQG
VKLHDKHIEIVVRQMMKYVEVTDPGDSRLLEGQVLEKWDVEALNERLIAEGKTPVAWKPLLMGVTKSALSTKSWLSAASF
QNTTHVLTEAAIAGKKDELIGLKENVILGRLIPAGTGSDFVRFTQVVDQKTLKAIEEARKEAVEAKERPAARRGVKREQP
GKQADYKDDDDK
;
J
4 'polypeptide(L)'
;MAEPGIDKLFGMVDSKYRLTVVVAKRAQQLLRHGFKNTVLEPEERPKMQTLEGLFDDPNAVTWAMKELLTGRLVFGENLV
PEDRLQKEMERLYPGEREE
;
K
#
loop_
_chem_comp.id
_chem_comp.type
_chem_comp.name
_chem_comp.formula
MG non-polymer 'MAGNESIUM ION' 'Mg 2'
ZN non-polymer 'ZINC ION' 'Zn 2'
#
# COMPACT_ATOMS: atom_id res chain seq x y z
N MET A 1 -54.64 -25.92 39.75
CA MET A 1 -54.50 -25.23 38.48
C MET A 1 -55.01 -23.79 38.58
N LEU A 2 -54.88 -23.21 39.76
CA LEU A 2 -55.32 -21.83 39.99
C LEU A 2 -54.17 -20.92 40.42
N ASP A 3 -53.37 -21.32 41.41
CA ASP A 3 -52.24 -20.51 41.81
C ASP A 3 -51.12 -20.58 40.79
N SER A 4 -51.10 -21.61 39.95
CA SER A 4 -50.04 -21.77 38.95
C SER A 4 -50.54 -22.04 37.54
N LYS A 5 -51.85 -22.18 37.32
CA LYS A 5 -52.38 -22.26 35.97
C LYS A 5 -53.42 -21.20 35.67
N LEU A 6 -54.30 -20.87 36.62
CA LEU A 6 -55.09 -19.66 36.47
C LEU A 6 -54.23 -18.42 36.68
N LYS A 7 -53.20 -18.53 37.52
CA LYS A 7 -52.12 -17.55 37.54
C LYS A 7 -51.07 -17.93 36.50
N ALA A 8 -51.58 -18.23 35.32
CA ALA A 8 -50.81 -18.63 34.15
C ALA A 8 -51.69 -18.41 32.93
N PRO A 9 -51.10 -18.33 31.74
CA PRO A 9 -51.74 -17.57 30.67
C PRO A 9 -52.81 -18.34 29.89
N VAL A 10 -53.98 -17.72 29.79
CA VAL A 10 -54.93 -18.10 28.75
C VAL A 10 -54.36 -17.71 27.40
N PHE A 11 -54.71 -18.48 26.38
CA PHE A 11 -54.09 -18.40 25.06
C PHE A 11 -55.15 -18.09 24.01
N THR A 12 -55.22 -16.84 23.58
CA THR A 12 -56.20 -16.39 22.61
C THR A 12 -55.53 -16.09 21.28
N VAL A 13 -56.34 -16.12 20.22
CA VAL A 13 -55.87 -15.90 18.87
C VAL A 13 -56.75 -14.84 18.20
N ARG A 14 -56.14 -14.11 17.26
CA ARG A 14 -56.85 -13.10 16.46
C ARG A 14 -56.22 -13.16 15.07
N THR A 15 -56.88 -13.82 14.14
CA THR A 15 -56.35 -14.05 12.81
C THR A 15 -57.19 -13.32 11.78
N GLN A 16 -56.53 -12.62 10.86
CA GLN A 16 -57.20 -11.94 9.75
C GLN A 16 -56.76 -12.59 8.45
N GLY A 17 -57.70 -13.24 7.77
CA GLY A 17 -57.33 -14.02 6.62
C GLY A 17 -56.38 -15.14 7.02
N ARG A 18 -55.45 -15.45 6.13
CA ARG A 18 -54.39 -16.40 6.44
C ARG A 18 -53.02 -15.77 6.21
N GLU A 19 -52.93 -14.45 6.35
CA GLU A 19 -51.67 -13.73 6.27
C GLU A 19 -51.19 -13.17 7.59
N TYR A 20 -52.11 -12.69 8.43
CA TYR A 20 -51.77 -11.98 9.65
C TYR A 20 -52.42 -12.64 10.84
N GLY A 21 -51.63 -12.91 11.87
CA GLY A 21 -52.19 -13.51 13.07
C GLY A 21 -51.51 -13.05 14.35
N GLU A 22 -52.28 -12.53 15.30
CA GLU A 22 -51.78 -12.21 16.61
C GLU A 22 -52.17 -13.32 17.58
N PHE A 23 -51.25 -13.66 18.46
CA PHE A 23 -51.47 -14.71 19.45
C PHE A 23 -51.11 -14.12 20.82
N VAL A 24 -52.09 -14.05 21.71
CA VAL A 24 -51.92 -13.44 23.02
C VAL A 24 -51.89 -14.54 24.05
N LEU A 25 -50.95 -14.42 25.00
CA LEU A 25 -50.75 -15.40 26.06
C LEU A 25 -50.63 -14.58 27.35
N GLU A 26 -51.67 -14.65 28.19
CA GLU A 26 -51.74 -13.75 29.34
C GLU A 26 -52.47 -14.40 30.51
N PRO A 27 -51.93 -14.33 31.73
CA PRO A 27 -50.69 -13.65 32.12
C PRO A 27 -49.50 -14.58 32.34
N LEU A 28 -48.30 -14.03 32.14
CA LEU A 28 -47.06 -14.74 32.39
C LEU A 28 -46.35 -14.16 33.60
N GLU A 29 -45.73 -15.05 34.38
CA GLU A 29 -44.88 -14.60 35.47
C GLU A 29 -43.71 -13.80 34.93
N ARG A 30 -43.30 -12.80 35.71
CA ARG A 30 -42.32 -11.82 35.24
C ARG A 30 -41.07 -12.52 34.72
N GLY A 31 -40.61 -12.10 33.54
CA GLY A 31 -39.41 -12.62 32.95
C GLY A 31 -39.60 -13.66 31.87
N PHE A 32 -40.82 -14.15 31.66
CA PHE A 32 -41.05 -15.16 30.64
C PHE A 32 -41.64 -14.61 29.36
N GLY A 33 -41.99 -13.32 29.31
CA GLY A 33 -42.41 -12.74 28.05
C GLY A 33 -41.33 -12.83 27.00
N VAL A 34 -40.14 -12.31 27.31
CA VAL A 34 -39.01 -12.41 26.39
C VAL A 34 -38.55 -13.86 26.29
N THR A 35 -38.53 -14.57 27.42
CA THR A 35 -38.02 -15.93 27.46
C THR A 35 -38.76 -16.85 26.49
N LEU A 36 -40.02 -16.55 26.20
CA LEU A 36 -40.76 -17.33 25.22
C LEU A 36 -40.79 -16.65 23.87
N GLY A 37 -40.88 -15.33 23.84
CA GLY A 37 -40.98 -14.63 22.56
C GLY A 37 -39.74 -14.80 21.70
N ASN A 38 -38.56 -14.64 22.30
CA ASN A 38 -37.34 -14.68 21.50
C ASN A 38 -37.09 -16.02 20.83
N PRO A 39 -37.10 -17.16 21.52
CA PRO A 39 -36.86 -18.44 20.82
C PRO A 39 -37.90 -18.72 19.76
N LEU A 40 -39.17 -18.40 20.05
CA LEU A 40 -40.22 -18.60 19.05
C LEU A 40 -39.96 -17.74 17.83
N ARG A 41 -39.59 -16.48 18.02
CA ARG A 41 -39.32 -15.61 16.89
C ARG A 41 -38.16 -16.13 16.05
N ARG A 42 -37.09 -16.57 16.72
CA ARG A 42 -35.95 -17.08 15.97
C ARG A 42 -36.32 -18.32 15.19
N ILE A 43 -37.08 -19.23 15.79
CA ILE A 43 -37.47 -20.45 15.08
C ILE A 43 -38.38 -20.12 13.91
N LEU A 44 -39.32 -19.19 14.12
CA LEU A 44 -40.23 -18.82 13.05
C LEU A 44 -39.48 -18.22 11.87
N LEU A 45 -38.55 -17.32 12.14
CA LEU A 45 -37.80 -16.72 11.05
C LEU A 45 -36.71 -17.62 10.49
N SER A 46 -36.42 -18.75 11.12
CA SER A 46 -35.30 -19.58 10.70
C SER A 46 -35.72 -20.85 9.99
N SER A 47 -36.54 -21.69 10.61
CA SER A 47 -36.67 -23.09 10.18
C SER A 47 -38.13 -23.48 10.00
N ILE A 48 -38.90 -22.67 9.28
CA ILE A 48 -40.27 -23.02 8.90
C ILE A 48 -40.23 -23.54 7.46
N PRO A 49 -40.49 -24.83 7.23
CA PRO A 49 -40.44 -25.34 5.87
C PRO A 49 -41.52 -24.72 4.99
N GLY A 50 -41.21 -24.60 3.70
CA GLY A 50 -42.11 -23.99 2.76
C GLY A 50 -41.77 -24.37 1.33
N THR A 51 -42.37 -23.65 0.40
CA THR A 51 -42.20 -23.90 -1.03
C THR A 51 -41.79 -22.63 -1.74
N ALA A 52 -40.95 -22.80 -2.76
CA ALA A 52 -40.54 -21.69 -3.61
C ALA A 52 -40.05 -22.23 -4.94
N VAL A 53 -39.95 -21.33 -5.93
CA VAL A 53 -39.52 -21.74 -7.26
C VAL A 53 -38.07 -22.20 -7.20
N THR A 54 -37.80 -23.37 -7.79
CA THR A 54 -36.48 -23.97 -7.77
C THR A 54 -35.80 -23.92 -9.13
N SER A 55 -36.51 -24.24 -10.20
CA SER A 55 -35.94 -24.23 -11.54
C SER A 55 -36.92 -23.60 -12.52
N VAL A 56 -36.38 -23.05 -13.61
CA VAL A 56 -37.16 -22.46 -14.67
C VAL A 56 -36.63 -22.97 -16.00
N TYR A 57 -37.53 -23.37 -16.89
CA TYR A 57 -37.17 -23.73 -18.25
C TYR A 57 -38.00 -22.92 -19.23
N ILE A 58 -37.33 -22.38 -20.24
CA ILE A 58 -37.98 -21.66 -21.32
C ILE A 58 -37.77 -22.48 -22.59
N GLU A 59 -38.83 -22.66 -23.36
CA GLU A 59 -38.70 -23.42 -24.60
C GLU A 59 -37.83 -22.70 -25.63
N ASP A 60 -37.62 -21.39 -25.48
CA ASP A 60 -36.95 -20.60 -26.50
C ASP A 60 -35.48 -20.33 -26.18
N VAL A 61 -35.22 -19.69 -25.06
CA VAL A 61 -33.87 -19.18 -24.77
C VAL A 61 -32.93 -20.34 -24.49
N LEU A 62 -31.63 -20.07 -24.55
CA LEU A 62 -30.62 -21.08 -24.31
C LEU A 62 -29.76 -20.82 -23.08
N HIS A 63 -29.79 -19.61 -22.51
CA HIS A 63 -29.05 -19.35 -21.29
C HIS A 63 -29.73 -18.20 -20.55
N GLU A 64 -29.13 -17.79 -19.45
CA GLU A 64 -29.76 -16.85 -18.52
C GLU A 64 -29.86 -15.44 -19.09
N PHE A 65 -28.79 -14.96 -19.73
CA PHE A 65 -28.71 -13.57 -20.13
C PHE A 65 -29.25 -13.31 -21.53
N SER A 66 -30.15 -14.17 -22.01
CA SER A 66 -30.78 -13.98 -23.30
C SER A 66 -32.11 -13.26 -23.14
N THR A 67 -32.82 -13.06 -24.25
CA THR A 67 -34.13 -12.43 -24.25
C THR A 67 -35.03 -13.12 -25.26
N ILE A 68 -36.34 -13.07 -25.00
CA ILE A 68 -37.32 -13.67 -25.89
C ILE A 68 -37.91 -12.59 -26.81
N PRO A 69 -37.98 -12.84 -28.11
CA PRO A 69 -38.69 -11.89 -28.99
C PRO A 69 -40.16 -11.78 -28.60
N GLY A 70 -40.69 -10.57 -28.69
CA GLY A 70 -42.05 -10.30 -28.30
C GLY A 70 -42.27 -10.12 -26.81
N VAL A 71 -41.22 -10.26 -25.99
CA VAL A 71 -41.32 -10.15 -24.55
C VAL A 71 -40.59 -8.88 -24.11
N LYS A 72 -41.29 -8.02 -23.39
CA LYS A 72 -40.66 -6.78 -22.94
C LYS A 72 -39.55 -7.04 -21.95
N GLU A 73 -39.76 -7.95 -20.99
CA GLU A 73 -38.81 -8.17 -19.92
C GLU A 73 -37.68 -9.09 -20.37
N ASP A 74 -36.52 -8.90 -19.76
CA ASP A 74 -35.42 -9.83 -19.94
C ASP A 74 -35.67 -11.10 -19.15
N VAL A 75 -34.85 -12.12 -19.41
CA VAL A 75 -35.00 -13.37 -18.66
C VAL A 75 -34.68 -13.14 -17.18
N VAL A 76 -33.73 -12.26 -16.88
CA VAL A 76 -33.42 -11.94 -15.49
C VAL A 76 -34.65 -11.36 -14.80
N GLU A 77 -35.36 -10.46 -15.48
CA GLU A 77 -36.58 -9.90 -14.92
C GLU A 77 -37.64 -10.97 -14.73
N ILE A 78 -37.73 -11.91 -15.67
CA ILE A 78 -38.70 -12.99 -15.56
C ILE A 78 -38.42 -13.82 -14.31
N ILE A 79 -37.15 -14.16 -14.08
CA ILE A 79 -36.82 -14.94 -12.88
C ILE A 79 -37.06 -14.11 -11.63
N LEU A 80 -36.74 -12.82 -11.66
CA LEU A 80 -36.98 -11.99 -10.49
C LEU A 80 -38.46 -11.98 -10.13
N ASN A 81 -39.33 -11.83 -11.13
CA ASN A 81 -40.76 -11.84 -10.85
C ASN A 81 -41.23 -13.22 -10.40
N LEU A 82 -40.73 -14.28 -11.02
CA LEU A 82 -41.12 -15.62 -10.61
C LEU A 82 -40.64 -15.94 -9.20
N LYS A 83 -39.64 -15.20 -8.71
CA LYS A 83 -39.15 -15.44 -7.37
C LYS A 83 -40.22 -15.18 -6.32
N GLU A 84 -41.03 -14.15 -6.51
CA GLU A 84 -42.09 -13.83 -5.55
C GLU A 84 -43.33 -14.69 -5.74
N LEU A 85 -43.29 -15.68 -6.64
CA LEU A 85 -44.43 -16.57 -6.78
C LEU A 85 -44.70 -17.31 -5.48
N VAL A 86 -45.96 -17.33 -5.07
CA VAL A 86 -46.36 -17.96 -3.82
C VAL A 86 -47.26 -19.15 -4.14
N VAL A 87 -46.86 -20.32 -3.67
CA VAL A 87 -47.51 -21.58 -4.03
C VAL A 87 -47.91 -22.30 -2.75
N ARG A 88 -49.18 -22.70 -2.68
CA ARG A 88 -49.67 -23.51 -1.57
C ARG A 88 -49.90 -24.92 -2.05
N PHE A 89 -49.27 -25.88 -1.37
CA PHE A 89 -49.57 -27.28 -1.60
C PHE A 89 -50.81 -27.65 -0.80
N LEU A 90 -51.60 -28.58 -1.34
CA LEU A 90 -52.78 -29.06 -0.65
C LEU A 90 -52.63 -30.48 -0.14
N ASN A 91 -51.70 -31.25 -0.70
CA ASN A 91 -51.38 -32.57 -0.19
C ASN A 91 -50.03 -32.51 0.50
N PRO A 92 -49.95 -32.78 1.81
CA PRO A 92 -48.65 -32.70 2.49
C PRO A 92 -47.60 -33.63 1.91
N SER A 93 -48.00 -34.79 1.40
CA SER A 93 -47.03 -35.73 0.86
C SER A 93 -46.41 -35.21 -0.44
N LEU A 94 -47.10 -34.32 -1.13
CA LEU A 94 -46.59 -33.79 -2.39
C LEU A 94 -45.35 -32.95 -2.15
N GLN A 95 -44.33 -33.14 -2.99
CA GLN A 95 -43.05 -32.49 -2.81
C GLN A 95 -42.69 -31.53 -3.93
N THR A 96 -42.71 -31.98 -5.18
CA THR A 96 -42.25 -31.19 -6.30
C THR A 96 -43.35 -31.09 -7.34
N VAL A 97 -43.59 -29.88 -7.84
CA VAL A 97 -44.60 -29.64 -8.86
C VAL A 97 -43.94 -28.91 -10.02
N THR A 98 -44.49 -29.09 -11.22
CA THR A 98 -43.96 -28.45 -12.42
C THR A 98 -45.12 -27.74 -13.12
N LEU A 99 -45.26 -26.45 -12.86
CA LEU A 99 -46.29 -25.66 -13.51
C LEU A 99 -45.89 -25.37 -14.95
N LEU A 100 -46.89 -25.26 -15.81
CA LEU A 100 -46.70 -24.93 -17.21
C LEU A 100 -47.43 -23.63 -17.54
N LEU A 101 -46.86 -22.84 -18.43
CA LEU A 101 -47.49 -21.59 -18.85
C LEU A 101 -47.24 -21.37 -20.33
N LYS A 102 -48.33 -21.16 -21.07
CA LYS A 102 -48.27 -20.88 -22.51
C LYS A 102 -49.05 -19.60 -22.77
N ALA A 103 -48.45 -18.69 -23.53
CA ALA A 103 -49.11 -17.42 -23.81
C ALA A 103 -48.67 -16.89 -25.16
N GLU A 104 -49.51 -16.03 -25.74
CA GLU A 104 -49.26 -15.41 -27.04
C GLU A 104 -50.07 -14.12 -27.13
N GLY A 105 -49.72 -13.32 -28.13
CA GLY A 105 -50.45 -12.11 -28.40
C GLY A 105 -50.20 -11.04 -27.38
N PRO A 106 -50.90 -9.90 -27.50
CA PRO A 106 -50.69 -8.80 -26.55
C PRO A 106 -51.26 -9.13 -25.18
N LYS A 107 -50.51 -9.91 -24.40
CA LYS A 107 -50.99 -10.42 -23.12
C LYS A 107 -50.12 -9.88 -21.99
N GLU A 108 -50.76 -9.25 -21.00
CA GLU A 108 -50.07 -8.87 -19.77
C GLU A 108 -50.10 -10.08 -18.86
N VAL A 109 -49.14 -10.98 -19.07
CA VAL A 109 -49.16 -12.30 -18.43
C VAL A 109 -48.97 -12.12 -16.93
N LYS A 110 -50.04 -12.40 -16.18
CA LYS A 110 -50.03 -12.43 -14.73
C LYS A 110 -49.86 -13.86 -14.24
N ALA A 111 -49.88 -14.05 -12.93
CA ALA A 111 -49.69 -15.38 -12.37
C ALA A 111 -50.92 -16.26 -12.55
N ARG A 112 -52.10 -15.67 -12.71
CA ARG A 112 -53.32 -16.46 -12.84
C ARG A 112 -53.33 -17.32 -14.09
N ASP A 113 -52.48 -17.03 -15.07
CA ASP A 113 -52.52 -17.71 -16.35
C ASP A 113 -51.92 -19.10 -16.30
N PHE A 114 -51.32 -19.50 -15.18
CA PHE A 114 -50.77 -20.84 -15.07
C PHE A 114 -51.86 -21.90 -15.22
N LEU A 115 -51.50 -23.00 -15.87
CA LEU A 115 -52.44 -24.10 -16.02
C LEU A 115 -52.75 -24.70 -14.65
N PRO A 116 -54.02 -24.92 -14.32
CA PRO A 116 -54.36 -25.43 -12.99
C PRO A 116 -53.81 -26.83 -12.76
N VAL A 117 -53.46 -27.11 -11.51
CA VAL A 117 -52.91 -28.39 -11.10
C VAL A 117 -53.78 -28.92 -9.97
N ALA A 118 -53.70 -30.24 -9.74
CA ALA A 118 -54.63 -30.91 -8.84
C ALA A 118 -54.56 -30.35 -7.42
N ASP A 119 -53.37 -30.28 -6.85
CA ASP A 119 -53.22 -29.92 -5.45
C ASP A 119 -52.25 -28.76 -5.28
N VAL A 120 -52.42 -27.72 -6.10
CA VAL A 120 -51.59 -26.52 -6.03
C VAL A 120 -52.49 -25.31 -6.15
N GLU A 121 -52.22 -24.30 -5.33
CA GLU A 121 -52.97 -23.05 -5.36
C GLU A 121 -52.02 -21.87 -5.42
N ILE A 122 -52.45 -20.81 -6.11
CA ILE A 122 -51.70 -19.57 -6.21
C ILE A 122 -52.46 -18.52 -5.39
N MET A 123 -51.85 -18.05 -4.31
CA MET A 123 -52.51 -17.03 -3.48
C MET A 123 -52.36 -15.63 -4.04
N ASN A 124 -51.56 -15.45 -5.08
CA ASN A 124 -51.34 -14.13 -5.67
C ASN A 124 -51.52 -14.21 -7.18
N PRO A 125 -52.75 -14.44 -7.65
CA PRO A 125 -52.97 -14.50 -9.10
C PRO A 125 -52.67 -13.19 -9.81
N ASP A 126 -52.68 -12.07 -9.09
CA ASP A 126 -52.41 -10.77 -9.68
C ASP A 126 -50.93 -10.49 -9.84
N LEU A 127 -50.06 -11.45 -9.51
CA LEU A 127 -48.63 -11.24 -9.63
C LEU A 127 -48.24 -11.10 -11.10
N HIS A 128 -47.74 -9.94 -11.47
CA HIS A 128 -47.31 -9.71 -12.84
C HIS A 128 -46.10 -10.58 -13.16
N ILE A 129 -46.07 -11.12 -14.37
CA ILE A 129 -45.01 -11.99 -14.83
C ILE A 129 -44.31 -11.43 -16.06
N ALA A 130 -45.07 -11.11 -17.10
CA ALA A 130 -44.46 -10.69 -18.35
C ALA A 130 -45.43 -9.81 -19.15
N THR A 131 -44.91 -9.25 -20.24
CA THR A 131 -45.69 -8.40 -21.13
C THR A 131 -45.39 -8.80 -22.57
N LEU A 132 -46.36 -9.43 -23.23
CA LEU A 132 -46.20 -9.90 -24.60
C LEU A 132 -46.86 -8.91 -25.54
N GLU A 133 -46.10 -8.40 -26.51
CA GLU A 133 -46.62 -7.35 -27.39
C GLU A 133 -47.46 -7.93 -28.52
N GLU A 134 -46.88 -8.77 -29.37
CA GLU A 134 -47.57 -9.31 -30.53
C GLU A 134 -46.73 -10.40 -31.15
N GLY A 135 -47.35 -11.52 -31.48
CA GLY A 135 -46.63 -12.61 -32.09
C GLY A 135 -45.56 -13.24 -31.23
N GLY A 136 -45.51 -12.90 -29.94
CA GLY A 136 -44.53 -13.48 -29.04
C GLY A 136 -45.09 -14.71 -28.37
N ARG A 137 -44.43 -15.84 -28.60
CA ARG A 137 -44.85 -17.11 -28.05
C ARG A 137 -44.02 -17.40 -26.80
N LEU A 138 -44.67 -17.42 -25.66
CA LEU A 138 -44.01 -17.61 -24.37
C LEU A 138 -44.46 -18.92 -23.78
N ASN A 139 -43.60 -19.93 -23.85
CA ASN A 139 -43.86 -21.23 -23.25
C ASN A 139 -42.79 -21.50 -22.21
N MET A 140 -43.20 -21.75 -20.98
CA MET A 140 -42.24 -22.02 -19.92
C MET A 140 -42.80 -23.08 -18.98
N GLU A 141 -41.89 -23.73 -18.28
CA GLU A 141 -42.24 -24.60 -17.17
C GLU A 141 -41.43 -24.15 -15.96
N VAL A 142 -42.05 -24.18 -14.79
CA VAL A 142 -41.40 -23.78 -13.56
C VAL A 142 -41.50 -24.95 -12.58
N ARG A 143 -40.35 -25.40 -12.10
CA ARG A 143 -40.28 -26.48 -11.13
C ARG A 143 -40.19 -25.88 -9.74
N VAL A 144 -41.21 -26.09 -8.94
CA VAL A 144 -41.32 -25.58 -7.58
C VAL A 144 -41.21 -26.74 -6.62
N ASP A 145 -40.40 -26.55 -5.57
CA ASP A 145 -40.10 -27.60 -4.62
C ASP A 145 -40.38 -27.12 -3.21
N ARG A 146 -40.57 -28.07 -2.31
CA ARG A 146 -40.80 -27.79 -0.90
C ARG A 146 -39.49 -27.98 -0.16
N GLY A 147 -39.03 -26.92 0.51
CA GLY A 147 -37.79 -26.98 1.25
C GLY A 147 -37.81 -26.15 2.51
N VAL A 148 -36.64 -25.86 3.07
CA VAL A 148 -36.53 -25.10 4.31
C VAL A 148 -35.34 -24.14 4.20
N GLY A 149 -35.51 -22.95 4.76
CA GLY A 149 -34.43 -21.98 4.79
C GLY A 149 -34.21 -21.29 3.45
N TYR A 150 -32.99 -20.83 3.26
CA TYR A 150 -32.57 -20.17 2.04
C TYR A 150 -31.49 -21.01 1.37
N VAL A 151 -31.58 -21.14 0.05
CA VAL A 151 -30.59 -21.95 -0.66
C VAL A 151 -30.14 -21.20 -1.91
N PRO A 152 -28.84 -21.12 -2.17
CA PRO A 152 -28.36 -20.50 -3.39
C PRO A 152 -28.73 -21.33 -4.61
N ALA A 153 -28.73 -20.66 -5.77
CA ALA A 153 -29.15 -21.33 -7.00
C ALA A 153 -28.24 -22.51 -7.33
N GLU A 154 -26.94 -22.32 -7.23
CA GLU A 154 -26.00 -23.35 -7.67
C GLU A 154 -25.87 -24.52 -6.71
N LYS A 155 -26.21 -24.33 -5.43
CA LYS A 155 -25.93 -25.39 -4.46
C LYS A 155 -26.85 -26.59 -4.69
N HIS A 156 -28.15 -26.34 -4.91
CA HIS A 156 -29.03 -27.47 -5.16
C HIS A 156 -28.78 -28.07 -6.55
N GLY A 157 -28.63 -27.22 -7.56
CA GLY A 157 -28.29 -27.67 -8.90
C GLY A 157 -29.25 -28.68 -9.49
N ILE A 158 -30.48 -28.24 -9.77
CA ILE A 158 -31.50 -29.11 -10.36
C ILE A 158 -31.40 -28.99 -11.87
N LYS A 159 -31.24 -30.13 -12.55
CA LYS A 159 -31.04 -30.17 -14.00
C LYS A 159 -32.02 -31.18 -14.60
N ASP A 160 -33.21 -30.71 -14.97
CA ASP A 160 -34.16 -31.55 -15.69
C ASP A 160 -33.99 -31.47 -17.20
N ARG A 161 -33.77 -30.29 -17.73
CA ARG A 161 -33.50 -30.09 -19.14
C ARG A 161 -32.05 -29.62 -19.32
N ILE A 162 -31.52 -29.87 -20.51
CA ILE A 162 -30.21 -29.33 -20.85
C ILE A 162 -30.27 -27.80 -20.87
N ASN A 163 -31.45 -27.25 -21.12
CA ASN A 163 -31.63 -25.81 -21.17
C ASN A 163 -32.24 -25.23 -19.91
N ALA A 164 -32.50 -26.04 -18.88
CA ALA A 164 -33.09 -25.52 -17.66
C ALA A 164 -32.10 -24.62 -16.94
N ILE A 165 -32.63 -23.56 -16.32
CA ILE A 165 -31.79 -22.60 -15.62
C ILE A 165 -32.22 -22.53 -14.15
N PRO A 166 -31.35 -22.95 -13.22
CA PRO A 166 -31.74 -22.94 -11.81
C PRO A 166 -31.84 -21.53 -11.26
N VAL A 167 -32.61 -21.39 -10.18
CA VAL A 167 -32.87 -20.11 -9.55
C VAL A 167 -32.66 -20.22 -8.05
N ASP A 168 -32.46 -19.08 -7.41
CA ASP A 168 -32.39 -19.03 -5.96
C ASP A 168 -33.78 -19.23 -5.36
N ALA A 169 -33.82 -19.91 -4.22
CA ALA A 169 -35.08 -20.26 -3.57
C ALA A 169 -35.11 -19.74 -2.14
N VAL A 170 -36.26 -19.23 -1.73
CA VAL A 170 -36.48 -18.73 -0.38
C VAL A 170 -37.65 -19.53 0.19
N PHE A 171 -37.34 -20.58 0.94
CA PHE A 171 -38.33 -21.53 1.39
C PHE A 171 -39.03 -21.11 2.67
N SER A 172 -39.01 -19.82 3.01
CA SER A 172 -39.56 -19.38 4.28
C SER A 172 -40.95 -18.81 4.10
N PRO A 173 -42.00 -19.51 4.52
CA PRO A 173 -43.35 -18.95 4.42
C PRO A 173 -43.55 -17.71 5.27
N VAL A 174 -42.76 -17.55 6.32
CA VAL A 174 -42.97 -16.45 7.26
C VAL A 174 -42.41 -15.17 6.68
N ARG A 175 -43.25 -14.14 6.59
CA ARG A 175 -42.76 -12.85 6.15
C ARG A 175 -42.03 -12.14 7.27
N ARG A 176 -42.65 -12.01 8.44
CA ARG A 176 -41.98 -11.40 9.57
C ARG A 176 -42.73 -11.69 10.87
N VAL A 177 -42.02 -11.50 11.98
CA VAL A 177 -42.54 -11.81 13.31
C VAL A 177 -42.18 -10.67 14.24
N ALA A 178 -43.10 -10.31 15.14
CA ALA A 178 -42.85 -9.28 16.14
C ALA A 178 -43.62 -9.62 17.39
N PHE A 179 -42.91 -9.96 18.47
CA PHE A 179 -43.54 -10.27 19.75
C PHE A 179 -43.33 -9.10 20.70
N GLN A 180 -44.40 -8.71 21.38
CA GLN A 180 -44.39 -7.62 22.33
C GLN A 180 -44.91 -8.11 23.67
N VAL A 181 -44.21 -7.75 24.74
CA VAL A 181 -44.60 -8.12 26.09
C VAL A 181 -45.05 -6.85 26.82
N GLU A 182 -46.19 -6.92 27.49
CA GLU A 182 -46.76 -5.77 28.16
C GLU A 182 -47.09 -6.14 29.60
N ASP A 183 -47.42 -5.13 30.40
CA ASP A 183 -47.67 -5.29 31.82
C ASP A 183 -49.15 -5.54 32.05
N THR A 184 -49.46 -6.56 32.84
CA THR A 184 -50.82 -6.88 33.20
C THR A 184 -50.93 -7.00 34.71
N ARG A 185 -52.13 -6.72 35.20
CA ARG A 185 -52.44 -6.65 36.63
C ARG A 185 -53.25 -7.87 37.05
N LEU A 186 -52.80 -8.52 38.12
CA LEU A 186 -53.53 -9.58 38.78
C LEU A 186 -53.67 -9.22 40.25
N GLY A 187 -54.72 -9.75 40.87
CA GLY A 187 -55.11 -9.27 42.20
C GLY A 187 -53.99 -9.35 43.21
N GLN A 188 -53.25 -10.46 43.22
CA GLN A 188 -52.21 -10.63 44.22
C GLN A 188 -50.91 -9.94 43.82
N ARG A 189 -50.54 -9.96 42.55
CA ARG A 189 -49.28 -9.39 42.08
C ARG A 189 -49.56 -8.36 41.00
N THR A 190 -49.01 -7.17 41.17
CA THR A 190 -49.31 -6.07 40.26
C THR A 190 -48.63 -6.25 38.91
N ASP A 191 -47.36 -6.64 38.91
CA ASP A 191 -46.55 -6.68 37.70
C ASP A 191 -46.53 -8.10 37.16
N LEU A 192 -47.24 -8.34 36.07
CA LEU A 192 -47.17 -9.61 35.36
C LEU A 192 -47.00 -9.35 33.87
N ASP A 193 -46.61 -10.39 33.14
CA ASP A 193 -46.30 -10.27 31.73
C ASP A 193 -47.40 -10.85 30.86
N LYS A 194 -47.77 -10.11 29.81
CA LYS A 194 -48.66 -10.59 28.76
C LYS A 194 -47.90 -10.57 27.45
N LEU A 195 -47.76 -11.73 26.82
CA LEU A 195 -46.94 -11.89 25.63
C LEU A 195 -47.84 -12.02 24.42
N THR A 196 -47.81 -11.02 23.53
CA THR A 196 -48.59 -11.06 22.30
C THR A 196 -47.64 -11.03 21.12
N LEU A 197 -47.66 -12.07 20.30
CA LEU A 197 -46.77 -12.16 19.16
C LEU A 197 -47.58 -12.09 17.87
N ARG A 198 -47.17 -11.20 16.97
CA ARG A 198 -47.83 -10.98 15.70
C ARG A 198 -46.98 -11.59 14.60
N ILE A 199 -47.64 -12.33 13.71
CA ILE A 199 -46.95 -13.03 12.63
C ILE A 199 -47.58 -12.63 11.31
N TRP A 200 -46.75 -12.16 10.38
CA TRP A 200 -47.13 -11.97 8.98
C TRP A 200 -46.50 -13.09 8.17
N THR A 201 -47.34 -13.79 7.39
CA THR A 201 -46.86 -14.85 6.52
C THR A 201 -47.30 -14.55 5.08
N ASP A 202 -46.83 -15.39 4.16
CA ASP A 202 -47.12 -15.21 2.74
C ASP A 202 -48.36 -15.95 2.28
N GLY A 203 -49.05 -16.67 3.17
CA GLY A 203 -50.28 -17.36 2.85
C GLY A 203 -50.10 -18.83 2.57
N SER A 204 -48.87 -19.24 2.21
CA SER A 204 -48.62 -20.65 1.98
C SER A 204 -48.89 -21.48 3.21
N VAL A 205 -48.59 -20.93 4.39
CA VAL A 205 -48.92 -21.56 5.66
C VAL A 205 -49.61 -20.53 6.53
N THR A 206 -50.80 -20.88 7.02
CA THR A 206 -51.52 -19.99 7.91
C THR A 206 -50.72 -19.82 9.21
N PRO A 207 -50.71 -18.63 9.81
CA PRO A 207 -49.86 -18.41 10.99
C PRO A 207 -50.03 -19.44 12.10
N LEU A 208 -51.24 -19.98 12.29
CA LEU A 208 -51.44 -20.93 13.39
C LEU A 208 -50.60 -22.18 13.21
N GLU A 209 -50.62 -22.78 12.02
CA GLU A 209 -49.80 -23.96 11.78
C GLU A 209 -48.32 -23.65 11.83
N ALA A 210 -47.93 -22.44 11.42
CA ALA A 210 -46.54 -22.03 11.56
C ALA A 210 -46.13 -22.00 13.03
N LEU A 211 -47.00 -21.43 13.89
CA LEU A 211 -46.71 -21.39 15.32
C LEU A 211 -46.64 -22.79 15.90
N ASN A 212 -47.55 -23.68 15.48
CA ASN A 212 -47.51 -25.05 15.97
C ASN A 212 -46.22 -25.75 15.56
N GLN A 213 -45.79 -25.54 14.32
CA GLN A 213 -44.54 -26.14 13.87
C GLN A 213 -43.35 -25.59 14.65
N ALA A 214 -43.33 -24.29 14.90
CA ALA A 214 -42.22 -23.71 15.66
C ALA A 214 -42.18 -24.26 17.07
N VAL A 215 -43.34 -24.39 17.70
CA VAL A 215 -43.40 -24.96 19.05
C VAL A 215 -42.93 -26.41 19.03
N GLU A 216 -43.34 -27.17 18.02
CA GLU A 216 -42.91 -28.56 17.92
C GLU A 216 -41.39 -28.65 17.76
N ILE A 217 -40.81 -27.78 16.93
CA ILE A 217 -39.37 -27.79 16.73
C ILE A 217 -38.65 -27.45 18.03
N LEU A 218 -39.13 -26.43 18.74
CA LEU A 218 -38.50 -26.06 19.99
C LEU A 218 -38.59 -27.19 21.01
N ARG A 219 -39.73 -27.85 21.09
CA ARG A 219 -39.88 -28.97 22.01
C ARG A 219 -38.96 -30.12 21.65
N GLU A 220 -38.86 -30.45 20.37
CA GLU A 220 -37.99 -31.55 19.97
C GLU A 220 -36.52 -31.20 20.13
N HIS A 221 -36.18 -29.92 20.08
CA HIS A 221 -34.81 -29.52 20.38
C HIS A 221 -34.52 -29.61 21.88
N LEU A 222 -35.46 -29.17 22.71
CA LEU A 222 -35.29 -29.35 24.15
C LEU A 222 -35.20 -30.81 24.51
N THR A 223 -35.80 -31.68 23.69
CA THR A 223 -35.69 -33.12 23.92
C THR A 223 -34.24 -33.60 23.95
N TYR A 224 -33.35 -32.92 23.24
CA TYR A 224 -31.96 -33.36 23.17
C TYR A 224 -31.27 -33.31 24.52
N PHE A 225 -31.68 -32.40 25.41
CA PHE A 225 -31.12 -32.32 26.74
C PHE A 225 -31.53 -33.50 27.62
N SER A 226 -32.58 -34.23 27.24
CA SER A 226 -33.16 -35.23 28.13
C SER A 226 -32.18 -36.37 28.41
N ASN A 227 -31.33 -36.70 27.44
CA ASN A 227 -30.39 -37.80 27.61
C ASN A 227 -28.98 -37.27 27.78
N PRO A 228 -28.44 -37.26 28.98
CA PRO A 228 -27.06 -36.80 29.17
C PRO A 228 -26.06 -37.93 28.99
N GLN A 229 -24.84 -37.54 28.63
CA GLN A 229 -23.75 -38.49 28.45
C GLN A 229 -22.41 -37.79 28.49
N MET B 1 -29.05 -40.41 11.63
CA MET B 1 -28.37 -39.77 10.51
C MET B 1 -27.64 -38.52 10.95
N LEU B 2 -26.38 -38.37 10.51
CA LEU B 2 -25.53 -37.31 11.05
C LEU B 2 -25.98 -35.94 10.59
N ASP B 3 -26.89 -35.87 9.61
CA ASP B 3 -27.44 -34.57 9.22
C ASP B 3 -28.40 -34.03 10.27
N SER B 4 -29.24 -34.88 10.83
CA SER B 4 -30.13 -34.38 11.88
C SER B 4 -30.15 -35.24 13.12
N LYS B 5 -30.09 -36.56 12.97
CA LYS B 5 -30.37 -37.46 14.09
C LYS B 5 -29.10 -37.98 14.76
N LEU B 6 -28.12 -38.45 14.00
CA LEU B 6 -26.86 -38.84 14.63
C LEU B 6 -26.22 -37.65 15.32
N LYS B 7 -26.37 -36.44 14.79
CA LYS B 7 -26.15 -35.29 15.65
C LYS B 7 -27.44 -34.85 16.32
N ALA B 8 -28.12 -35.79 16.96
CA ALA B 8 -28.94 -35.36 18.07
C ALA B 8 -27.92 -34.81 19.04
N PRO B 9 -27.77 -33.49 19.15
CA PRO B 9 -26.49 -32.91 19.59
C PRO B 9 -25.92 -33.55 20.84
N VAL B 10 -24.74 -34.15 20.68
CA VAL B 10 -24.09 -34.83 21.80
C VAL B 10 -24.02 -33.87 22.98
N PHE B 11 -24.43 -34.36 24.15
CA PHE B 11 -24.56 -33.57 25.36
C PHE B 11 -23.55 -34.12 26.37
N THR B 12 -22.35 -33.56 26.36
CA THR B 12 -21.28 -33.99 27.25
C THR B 12 -21.29 -33.16 28.51
N VAL B 13 -21.01 -33.82 29.64
CA VAL B 13 -21.08 -33.19 30.96
C VAL B 13 -19.74 -33.30 31.64
N ARG B 14 -19.33 -32.23 32.31
CA ARG B 14 -18.09 -32.17 33.10
C ARG B 14 -18.45 -31.52 34.42
N THR B 15 -18.60 -32.31 35.48
CA THR B 15 -19.04 -31.82 36.78
C THR B 15 -17.86 -31.84 37.74
N GLN B 16 -17.52 -30.67 38.27
CA GLN B 16 -16.47 -30.54 39.29
C GLN B 16 -17.17 -30.40 40.63
N GLY B 17 -17.57 -31.54 41.20
CA GLY B 17 -18.30 -31.51 42.45
C GLY B 17 -19.72 -30.99 42.28
N ARG B 18 -20.27 -30.54 43.40
CA ARG B 18 -21.62 -30.03 43.46
C ARG B 18 -21.69 -28.51 43.31
N GLU B 19 -20.69 -27.90 42.67
CA GLU B 19 -20.66 -26.46 42.55
C GLU B 19 -20.52 -26.00 41.11
N TYR B 20 -19.74 -26.74 40.31
CA TYR B 20 -19.37 -26.31 38.97
C TYR B 20 -19.78 -27.37 37.96
N GLY B 21 -20.42 -26.92 36.88
CA GLY B 21 -20.76 -27.83 35.81
C GLY B 21 -20.63 -27.23 34.43
N GLU B 22 -19.96 -27.93 33.53
CA GLU B 22 -19.90 -27.54 32.12
C GLU B 22 -20.67 -28.55 31.29
N PHE B 23 -21.44 -28.05 30.34
CA PHE B 23 -22.27 -28.89 29.49
C PHE B 23 -22.10 -28.44 28.05
N VAL B 24 -21.73 -29.37 27.18
CA VAL B 24 -21.44 -29.08 25.79
C VAL B 24 -22.46 -29.78 24.91
N LEU B 25 -23.16 -29.00 24.10
CA LEU B 25 -24.09 -29.48 23.09
C LEU B 25 -23.41 -29.31 21.73
N GLU B 26 -23.20 -30.43 21.04
CA GLU B 26 -22.37 -30.44 19.85
C GLU B 26 -22.61 -31.67 18.99
N PRO B 27 -22.91 -31.52 17.69
CA PRO B 27 -23.08 -30.22 17.02
C PRO B 27 -24.53 -29.79 16.91
N LEU B 28 -24.73 -28.48 16.78
CA LEU B 28 -26.05 -27.90 16.67
C LEU B 28 -26.12 -27.06 15.40
N GLU B 29 -27.25 -27.14 14.72
CA GLU B 29 -27.41 -26.44 13.45
C GLU B 29 -27.41 -24.93 13.65
N ARG B 30 -27.27 -24.21 12.55
CA ARG B 30 -27.02 -22.78 12.58
C ARG B 30 -28.14 -22.02 13.29
N GLY B 31 -27.74 -21.09 14.15
CA GLY B 31 -28.66 -20.18 14.78
C GLY B 31 -29.34 -20.68 16.03
N PHE B 32 -29.38 -21.99 16.26
CA PHE B 32 -30.07 -22.51 17.43
C PHE B 32 -29.21 -22.54 18.68
N GLY B 33 -27.90 -22.32 18.55
CA GLY B 33 -27.07 -22.24 19.74
C GLY B 33 -27.54 -21.14 20.68
N VAL B 34 -27.70 -19.93 20.15
CA VAL B 34 -28.23 -18.84 20.96
C VAL B 34 -29.67 -19.11 21.33
N THR B 35 -30.46 -19.61 20.37
CA THR B 35 -31.87 -19.87 20.60
C THR B 35 -32.12 -20.82 21.76
N LEU B 36 -31.19 -21.73 22.03
CA LEU B 36 -31.33 -22.61 23.19
C LEU B 36 -30.63 -22.05 24.41
N GLY B 37 -29.45 -21.45 24.25
CA GLY B 37 -28.70 -20.98 25.40
C GLY B 37 -29.42 -19.85 26.14
N ASN B 38 -29.91 -18.86 25.41
CA ASN B 38 -30.46 -17.68 26.07
C ASN B 38 -31.66 -17.99 26.96
N PRO B 39 -32.71 -18.66 26.49
CA PRO B 39 -33.83 -18.94 27.39
C PRO B 39 -33.43 -19.80 28.56
N LEU B 40 -32.52 -20.74 28.37
CA LEU B 40 -32.07 -21.56 29.48
C LEU B 40 -31.37 -20.71 30.54
N ARG B 41 -30.54 -19.78 30.11
CA ARG B 41 -29.88 -18.90 31.06
C ARG B 41 -30.89 -18.06 31.82
N ARG B 42 -31.89 -17.52 31.11
CA ARG B 42 -32.91 -16.72 31.78
C ARG B 42 -33.68 -17.56 32.80
N ILE B 43 -34.04 -18.78 32.42
CA ILE B 43 -34.78 -19.67 33.32
C ILE B 43 -33.94 -19.95 34.57
N LEU B 44 -32.66 -20.30 34.38
CA LEU B 44 -31.81 -20.63 35.51
C LEU B 44 -31.63 -19.44 36.43
N LEU B 45 -31.46 -18.24 35.88
CA LEU B 45 -31.27 -17.06 36.70
C LEU B 45 -32.56 -16.45 37.22
N SER B 46 -33.72 -16.99 36.84
CA SER B 46 -34.96 -16.31 37.17
C SER B 46 -35.97 -17.16 37.95
N SER B 47 -36.03 -18.47 37.71
CA SER B 47 -37.18 -19.24 38.15
C SER B 47 -36.87 -20.49 38.96
N ILE B 48 -35.61 -20.84 39.17
CA ILE B 48 -35.28 -22.05 39.91
C ILE B 48 -35.72 -21.89 41.36
N PRO B 49 -36.41 -22.87 41.94
CA PRO B 49 -36.82 -22.74 43.34
C PRO B 49 -35.66 -22.98 44.30
N GLY B 50 -35.71 -22.29 45.43
CA GLY B 50 -34.67 -22.41 46.43
C GLY B 50 -35.04 -21.70 47.70
N THR B 51 -34.20 -21.90 48.72
CA THR B 51 -34.44 -21.39 50.06
C THR B 51 -33.39 -20.36 50.43
N ALA B 52 -33.80 -19.33 51.17
CA ALA B 52 -32.90 -18.26 51.55
C ALA B 52 -33.34 -17.67 52.88
N VAL B 53 -32.40 -17.01 53.55
CA VAL B 53 -32.66 -16.40 54.85
C VAL B 53 -33.48 -15.12 54.64
N THR B 54 -34.79 -15.22 54.88
CA THR B 54 -35.66 -14.08 54.59
C THR B 54 -35.44 -12.94 55.57
N SER B 55 -35.34 -13.24 56.87
CA SER B 55 -35.16 -12.17 57.83
C SER B 55 -34.48 -12.69 59.09
N VAL B 56 -34.00 -11.75 59.91
CA VAL B 56 -33.29 -12.08 61.14
C VAL B 56 -33.72 -11.08 62.21
N TYR B 57 -33.86 -11.57 63.44
CA TYR B 57 -34.06 -10.73 64.60
C TYR B 57 -33.02 -11.05 65.65
N ILE B 58 -32.39 -10.02 66.19
CA ILE B 58 -31.44 -10.16 67.29
C ILE B 58 -32.01 -9.41 68.49
N GLU B 59 -31.69 -9.90 69.68
CA GLU B 59 -32.35 -9.43 70.89
C GLU B 59 -32.10 -7.94 71.14
N ASP B 60 -30.86 -7.49 71.01
CA ASP B 60 -30.48 -6.15 71.42
C ASP B 60 -30.30 -5.17 70.27
N VAL B 61 -30.77 -5.52 69.07
CA VAL B 61 -30.61 -4.67 67.89
C VAL B 61 -31.84 -3.79 67.74
N LEU B 62 -31.62 -2.50 67.56
CA LEU B 62 -32.68 -1.54 67.31
C LEU B 62 -32.68 -1.01 65.88
N HIS B 63 -31.50 -0.75 65.31
CA HIS B 63 -31.36 -0.32 63.93
C HIS B 63 -30.41 -1.25 63.21
N GLU B 64 -30.55 -1.31 61.88
CA GLU B 64 -29.75 -2.20 61.07
C GLU B 64 -28.32 -1.73 60.89
N PHE B 65 -28.03 -0.45 61.18
CA PHE B 65 -26.68 0.09 61.06
C PHE B 65 -26.11 0.44 62.43
N SER B 66 -26.33 -0.42 63.41
CA SER B 66 -25.82 -0.24 64.76
C SER B 66 -24.65 -1.19 65.01
N THR B 67 -24.03 -1.02 66.17
CA THR B 67 -22.88 -1.83 66.57
C THR B 67 -23.25 -2.66 67.79
N ILE B 68 -22.89 -3.93 67.76
CA ILE B 68 -23.18 -4.86 68.85
C ILE B 68 -21.96 -4.95 69.76
N PRO B 69 -22.07 -4.54 71.03
CA PRO B 69 -20.95 -4.71 71.95
C PRO B 69 -20.66 -6.18 72.19
N GLY B 70 -19.37 -6.49 72.40
CA GLY B 70 -18.95 -7.85 72.64
C GLY B 70 -18.77 -8.68 71.39
N VAL B 71 -19.08 -8.14 70.22
CA VAL B 71 -18.88 -8.82 68.94
C VAL B 71 -18.26 -7.82 67.97
N LYS B 72 -17.14 -8.20 67.36
CA LYS B 72 -16.44 -7.27 66.48
C LYS B 72 -17.26 -6.95 65.24
N GLU B 73 -17.94 -7.94 64.67
CA GLU B 73 -18.77 -7.70 63.51
C GLU B 73 -19.99 -6.85 63.90
N ASP B 74 -20.31 -5.89 63.05
CA ASP B 74 -21.51 -5.09 63.24
C ASP B 74 -22.72 -5.83 62.65
N VAL B 75 -23.89 -5.18 62.73
CA VAL B 75 -25.11 -5.79 62.22
C VAL B 75 -24.98 -6.09 60.73
N VAL B 76 -24.42 -5.13 59.98
CA VAL B 76 -24.29 -5.30 58.54
C VAL B 76 -23.44 -6.51 58.22
N GLU B 77 -22.28 -6.63 58.87
CA GLU B 77 -21.42 -7.77 58.60
C GLU B 77 -22.10 -9.07 58.97
N ILE B 78 -22.90 -9.05 60.05
CA ILE B 78 -23.60 -10.26 60.47
C ILE B 78 -24.58 -10.70 59.39
N ILE B 79 -25.40 -9.77 58.90
CA ILE B 79 -26.41 -10.15 57.93
C ILE B 79 -25.77 -10.57 56.60
N LEU B 80 -24.70 -9.89 56.19
CA LEU B 80 -24.01 -10.30 54.98
C LEU B 80 -23.40 -11.69 55.13
N ASN B 81 -22.81 -11.99 56.28
CA ASN B 81 -22.28 -13.33 56.47
C ASN B 81 -23.41 -14.35 56.57
N LEU B 82 -24.60 -13.91 56.96
CA LEU B 82 -25.76 -14.77 56.97
C LEU B 82 -26.31 -15.04 55.57
N LYS B 83 -26.08 -14.12 54.63
CA LYS B 83 -26.66 -14.26 53.30
C LYS B 83 -26.31 -15.59 52.66
N GLU B 84 -25.05 -16.00 52.72
CA GLU B 84 -24.61 -17.18 51.99
C GLU B 84 -24.90 -18.48 52.73
N LEU B 85 -25.55 -18.43 53.89
CA LEU B 85 -25.98 -19.66 54.55
C LEU B 85 -26.94 -20.41 53.64
N VAL B 86 -26.61 -21.66 53.32
CA VAL B 86 -27.38 -22.47 52.39
C VAL B 86 -28.03 -23.61 53.15
N VAL B 87 -29.36 -23.72 53.03
CA VAL B 87 -30.14 -24.71 53.75
C VAL B 87 -31.05 -25.44 52.78
N ARG B 88 -31.10 -26.76 52.90
CA ARG B 88 -32.03 -27.58 52.14
C ARG B 88 -33.09 -28.15 53.07
N PHE B 89 -34.35 -27.98 52.70
CA PHE B 89 -35.43 -28.60 53.44
C PHE B 89 -35.53 -30.07 53.07
N LEU B 90 -36.03 -30.88 54.00
CA LEU B 90 -36.11 -32.32 53.78
C LEU B 90 -37.40 -32.76 53.11
N ASN B 91 -38.51 -32.10 53.37
CA ASN B 91 -39.77 -32.49 52.76
C ASN B 91 -40.44 -31.30 52.10
N PRO B 92 -41.23 -31.54 51.05
CA PRO B 92 -41.86 -30.43 50.32
C PRO B 92 -42.86 -29.65 51.17
N SER B 93 -43.35 -30.23 52.26
CA SER B 93 -44.38 -29.58 53.07
C SER B 93 -43.89 -28.29 53.72
N LEU B 94 -42.59 -28.08 53.85
CA LEU B 94 -42.07 -26.90 54.52
C LEU B 94 -42.25 -25.65 53.66
N GLN B 95 -42.73 -24.59 54.27
CA GLN B 95 -42.82 -23.28 53.63
C GLN B 95 -41.90 -22.26 54.30
N THR B 96 -41.96 -22.17 55.63
CA THR B 96 -41.09 -21.29 56.39
C THR B 96 -40.53 -22.05 57.59
N VAL B 97 -39.31 -21.72 57.98
CA VAL B 97 -38.67 -22.31 59.15
C VAL B 97 -37.98 -21.21 59.93
N THR B 98 -38.22 -21.16 61.23
CA THR B 98 -37.53 -20.22 62.11
C THR B 98 -36.49 -20.99 62.90
N LEU B 99 -35.23 -20.56 62.79
CA LEU B 99 -34.10 -21.25 63.38
C LEU B 99 -33.36 -20.27 64.29
N LEU B 100 -33.16 -20.66 65.55
CA LEU B 100 -32.60 -19.78 66.56
C LEU B 100 -31.14 -20.13 66.83
N LEU B 101 -30.46 -19.20 67.49
CA LEU B 101 -29.06 -19.36 67.86
C LEU B 101 -28.82 -18.65 69.18
N LYS B 102 -28.44 -19.44 70.19
CA LYS B 102 -28.01 -18.95 71.48
C LYS B 102 -26.51 -19.22 71.58
N ALA B 103 -25.72 -18.20 71.85
CA ALA B 103 -24.28 -18.36 71.87
C ALA B 103 -23.65 -17.32 72.79
N GLU B 104 -22.71 -17.78 73.62
CA GLU B 104 -21.97 -16.92 74.53
C GLU B 104 -20.59 -17.51 74.74
N GLY B 105 -19.69 -16.68 75.26
CA GLY B 105 -18.33 -17.09 75.53
C GLY B 105 -17.39 -16.69 74.42
N PRO B 106 -16.12 -16.47 74.76
CA PRO B 106 -15.16 -16.01 73.75
C PRO B 106 -14.84 -17.08 72.72
N LYS B 107 -15.74 -17.28 71.76
CA LYS B 107 -15.62 -18.36 70.79
C LYS B 107 -16.09 -17.90 69.42
N GLU B 108 -15.74 -18.68 68.41
CA GLU B 108 -16.24 -18.46 67.06
C GLU B 108 -17.59 -19.14 66.91
N VAL B 109 -18.57 -18.40 66.37
CA VAL B 109 -19.88 -18.96 66.08
C VAL B 109 -19.97 -19.24 64.60
N LYS B 110 -20.35 -20.47 64.25
CA LYS B 110 -20.39 -20.94 62.88
C LYS B 110 -21.77 -21.52 62.60
N ALA B 111 -22.00 -21.89 61.34
CA ALA B 111 -23.29 -22.43 60.94
C ALA B 111 -23.61 -23.72 61.68
N ARG B 112 -22.61 -24.57 61.87
CA ARG B 112 -22.79 -25.81 62.61
C ARG B 112 -23.27 -25.55 64.04
N ASP B 113 -23.01 -24.36 64.58
CA ASP B 113 -23.39 -24.03 65.93
C ASP B 113 -24.88 -23.74 66.09
N PHE B 114 -25.62 -23.65 64.99
CA PHE B 114 -27.06 -23.50 65.09
C PHE B 114 -27.68 -24.73 65.74
N LEU B 115 -28.77 -24.50 66.49
CA LEU B 115 -29.47 -25.61 67.10
C LEU B 115 -30.07 -26.49 66.00
N PRO B 116 -29.88 -27.80 66.06
CA PRO B 116 -30.38 -28.66 64.97
C PRO B 116 -31.90 -28.66 64.90
N VAL B 117 -32.40 -28.77 63.67
CA VAL B 117 -33.82 -28.98 63.40
C VAL B 117 -33.93 -30.22 62.54
N ALA B 118 -34.92 -31.07 62.84
CA ALA B 118 -35.01 -32.38 62.21
C ALA B 118 -35.21 -32.28 60.71
N ASP B 119 -36.02 -31.32 60.27
CA ASP B 119 -36.48 -31.27 58.89
C ASP B 119 -35.71 -30.26 58.02
N VAL B 120 -34.59 -29.73 58.50
CA VAL B 120 -33.74 -28.86 57.69
C VAL B 120 -32.31 -29.39 57.75
N GLU B 121 -31.52 -29.01 56.75
CA GLU B 121 -30.13 -29.42 56.68
C GLU B 121 -29.29 -28.27 56.15
N ILE B 122 -28.03 -28.23 56.56
CA ILE B 122 -27.12 -27.16 56.20
C ILE B 122 -25.97 -27.76 55.37
N MET B 123 -25.71 -27.18 54.21
CA MET B 123 -24.63 -27.62 53.34
C MET B 123 -23.26 -27.07 53.75
N ASN B 124 -23.21 -26.03 54.58
CA ASN B 124 -21.96 -25.40 54.98
C ASN B 124 -21.94 -25.20 56.49
N PRO B 125 -21.84 -26.28 57.25
CA PRO B 125 -21.79 -26.14 58.71
C PRO B 125 -20.60 -25.32 59.19
N ASP B 126 -19.49 -25.38 58.46
CA ASP B 126 -18.27 -24.68 58.82
C ASP B 126 -18.30 -23.21 58.41
N LEU B 127 -19.45 -22.69 57.98
CA LEU B 127 -19.54 -21.28 57.63
C LEU B 127 -19.36 -20.44 58.88
N HIS B 128 -18.24 -19.72 58.96
CA HIS B 128 -17.96 -18.88 60.11
C HIS B 128 -18.96 -17.73 60.14
N ILE B 129 -19.88 -17.76 61.10
CA ILE B 129 -20.88 -16.71 61.19
C ILE B 129 -20.28 -15.44 61.79
N ALA B 130 -19.63 -15.56 62.94
CA ALA B 130 -19.12 -14.38 63.63
C ALA B 130 -18.14 -14.81 64.72
N THR B 131 -17.62 -13.82 65.43
CA THR B 131 -16.69 -14.04 66.54
C THR B 131 -17.24 -13.36 67.79
N LEU B 132 -17.17 -14.06 68.91
CA LEU B 132 -17.57 -13.52 70.20
C LEU B 132 -16.32 -13.10 70.95
N GLU B 133 -16.27 -11.81 71.33
CA GLU B 133 -15.08 -11.29 71.99
C GLU B 133 -14.89 -11.90 73.37
N GLU B 134 -15.84 -11.65 74.27
CA GLU B 134 -15.74 -12.20 75.62
C GLU B 134 -17.17 -12.29 76.16
N GLY B 135 -17.72 -13.50 76.16
CA GLY B 135 -19.09 -13.69 76.63
C GLY B 135 -20.11 -12.91 75.84
N GLY B 136 -19.95 -12.84 74.53
CA GLY B 136 -20.85 -12.06 73.70
C GLY B 136 -22.27 -12.60 73.78
N ARG B 137 -23.22 -11.72 74.05
CA ARG B 137 -24.62 -12.11 74.10
C ARG B 137 -25.16 -12.28 72.68
N LEU B 138 -25.05 -13.49 72.14
CA LEU B 138 -25.53 -13.77 70.79
C LEU B 138 -26.87 -14.50 70.91
N ASN B 139 -27.94 -13.73 70.87
CA ASN B 139 -29.30 -14.28 70.93
C ASN B 139 -30.01 -13.84 69.66
N MET B 140 -30.13 -14.74 68.69
CA MET B 140 -30.69 -14.37 67.40
C MET B 140 -31.61 -15.45 66.90
N GLU B 141 -32.42 -15.09 65.91
CA GLU B 141 -33.24 -16.05 65.19
C GLU B 141 -33.36 -15.59 63.75
N VAL B 142 -33.50 -16.55 62.84
CA VAL B 142 -33.61 -16.27 61.41
C VAL B 142 -34.81 -17.02 60.86
N ARG B 143 -35.65 -16.31 60.11
CA ARG B 143 -36.74 -16.93 59.39
C ARG B 143 -36.31 -17.13 57.94
N VAL B 144 -36.46 -18.37 57.47
CA VAL B 144 -35.98 -18.81 56.17
C VAL B 144 -37.15 -19.43 55.43
N ASP B 145 -37.46 -18.90 54.25
CA ASP B 145 -38.55 -19.41 53.44
C ASP B 145 -37.99 -20.01 52.15
N ARG B 146 -38.89 -20.58 51.35
CA ARG B 146 -38.56 -21.05 50.02
C ARG B 146 -39.12 -20.08 48.98
N GLY B 147 -38.39 -19.91 47.90
CA GLY B 147 -38.79 -18.98 46.86
C GLY B 147 -38.02 -19.21 45.59
N VAL B 148 -38.09 -18.23 44.69
CA VAL B 148 -37.43 -18.30 43.40
C VAL B 148 -36.73 -16.97 43.12
N GLY B 149 -35.54 -17.06 42.54
CA GLY B 149 -34.86 -15.86 42.08
C GLY B 149 -34.27 -15.04 43.22
N TYR B 150 -34.29 -13.72 43.06
CA TYR B 150 -33.66 -12.79 43.98
C TYR B 150 -34.70 -11.77 44.42
N VAL B 151 -34.84 -11.61 45.73
CA VAL B 151 -35.85 -10.71 46.28
C VAL B 151 -35.20 -9.65 47.16
N PRO B 152 -35.22 -8.39 46.75
CA PRO B 152 -34.78 -7.31 47.65
C PRO B 152 -35.61 -7.28 48.92
N ALA B 153 -34.95 -6.94 50.03
CA ALA B 153 -35.61 -6.98 51.32
C ALA B 153 -36.72 -5.94 51.43
N GLU B 154 -36.60 -4.83 50.69
CA GLU B 154 -37.49 -3.70 50.90
C GLU B 154 -38.94 -4.05 50.57
N LYS B 155 -39.17 -4.67 49.41
CA LYS B 155 -40.54 -4.75 48.91
C LYS B 155 -41.36 -5.78 49.67
N HIS B 156 -40.78 -6.95 49.98
CA HIS B 156 -41.58 -8.00 50.59
C HIS B 156 -41.90 -7.67 52.05
N GLY B 157 -40.90 -7.22 52.80
CA GLY B 157 -41.12 -6.79 54.17
C GLY B 157 -41.74 -7.83 55.08
N ILE B 158 -41.27 -9.08 54.99
CA ILE B 158 -41.77 -10.13 55.87
C ILE B 158 -41.34 -9.84 57.30
N LYS B 159 -42.31 -9.81 58.22
CA LYS B 159 -42.07 -9.36 59.58
C LYS B 159 -42.50 -10.43 60.58
N ASP B 160 -41.64 -10.70 61.55
CA ASP B 160 -41.96 -11.57 62.68
C ASP B 160 -41.99 -10.84 64.00
N ARG B 161 -40.98 -10.02 64.29
CA ARG B 161 -40.93 -9.21 65.49
C ARG B 161 -41.03 -7.74 65.12
N ILE B 162 -41.33 -6.92 66.14
CA ILE B 162 -41.41 -5.48 65.91
C ILE B 162 -40.06 -4.94 65.47
N ASN B 163 -38.98 -5.38 66.12
CA ASN B 163 -37.64 -4.92 65.81
C ASN B 163 -36.87 -5.86 64.90
N ALA B 164 -37.52 -6.87 64.33
CA ALA B 164 -36.87 -7.72 63.34
C ALA B 164 -36.51 -6.92 62.10
N ILE B 165 -35.45 -7.32 61.42
CA ILE B 165 -34.95 -6.56 60.29
C ILE B 165 -35.06 -7.40 59.00
N PRO B 166 -35.52 -6.81 57.90
CA PRO B 166 -35.58 -7.56 56.65
C PRO B 166 -34.20 -7.87 56.10
N VAL B 167 -34.12 -8.99 55.39
CA VAL B 167 -32.87 -9.45 54.78
C VAL B 167 -33.14 -9.74 53.31
N ASP B 168 -32.27 -9.22 52.44
CA ASP B 168 -32.36 -9.55 51.02
C ASP B 168 -32.21 -11.05 50.83
N ALA B 169 -33.10 -11.64 50.04
CA ALA B 169 -33.18 -13.08 49.91
C ALA B 169 -32.63 -13.51 48.56
N VAL B 170 -31.71 -14.48 48.58
CA VAL B 170 -31.19 -15.07 47.36
C VAL B 170 -31.67 -16.50 47.28
N PHE B 171 -32.84 -16.69 46.65
CA PHE B 171 -33.43 -18.02 46.60
C PHE B 171 -32.74 -18.93 45.60
N SER B 172 -32.31 -18.38 44.47
CA SER B 172 -31.84 -19.21 43.37
C SER B 172 -30.61 -20.00 43.78
N PRO B 173 -30.63 -21.33 43.69
CA PRO B 173 -29.44 -22.11 44.03
C PRO B 173 -28.25 -21.77 43.16
N VAL B 174 -28.46 -21.44 41.89
CA VAL B 174 -27.35 -21.20 40.98
C VAL B 174 -26.68 -19.88 41.33
N ARG B 175 -25.38 -19.93 41.57
CA ARG B 175 -24.63 -18.70 41.81
C ARG B 175 -24.60 -17.83 40.56
N ARG B 176 -24.23 -18.42 39.43
CA ARG B 176 -24.28 -17.71 38.16
C ARG B 176 -24.06 -18.67 37.01
N VAL B 177 -24.55 -18.30 35.84
CA VAL B 177 -24.43 -19.13 34.65
C VAL B 177 -23.87 -18.27 33.52
N ALA B 178 -23.12 -18.90 32.63
CA ALA B 178 -22.60 -18.24 31.44
C ALA B 178 -22.61 -19.23 30.29
N PHE B 179 -23.16 -18.83 29.15
CA PHE B 179 -23.21 -19.68 27.98
C PHE B 179 -22.38 -19.04 26.87
N GLN B 180 -21.64 -19.87 26.15
CA GLN B 180 -20.85 -19.43 25.02
C GLN B 180 -21.15 -20.32 23.82
N VAL B 181 -21.47 -19.69 22.70
CA VAL B 181 -21.71 -20.41 21.45
C VAL B 181 -20.56 -20.09 20.51
N GLU B 182 -19.87 -21.13 20.04
CA GLU B 182 -18.74 -20.98 19.16
C GLU B 182 -18.93 -21.85 17.93
N ASP B 183 -18.54 -21.32 16.77
CA ASP B 183 -18.84 -21.95 15.49
C ASP B 183 -17.97 -23.18 15.29
N THR B 184 -18.56 -24.36 15.44
CA THR B 184 -17.87 -25.60 15.14
C THR B 184 -17.95 -25.87 13.64
N ARG B 185 -17.57 -27.08 13.22
CA ARG B 185 -17.71 -27.46 11.83
C ARG B 185 -17.85 -28.96 11.74
N LEU B 186 -18.57 -29.40 10.71
CA LEU B 186 -18.69 -30.80 10.37
C LEU B 186 -17.71 -31.12 9.25
N GLY B 187 -17.81 -32.32 8.69
CA GLY B 187 -16.87 -32.72 7.64
C GLY B 187 -16.96 -31.83 6.41
N GLN B 188 -18.15 -31.33 6.10
CA GLN B 188 -18.37 -30.58 4.87
C GLN B 188 -18.68 -29.10 5.08
N ARG B 189 -19.40 -28.73 6.13
CA ARG B 189 -19.82 -27.36 6.32
C ARG B 189 -19.39 -26.84 7.68
N THR B 190 -19.24 -25.52 7.77
CA THR B 190 -18.77 -24.85 8.97
C THR B 190 -19.86 -24.06 9.68
N ASP B 191 -20.98 -23.80 9.03
CA ASP B 191 -22.04 -23.02 9.65
C ASP B 191 -22.80 -23.84 10.68
N LEU B 192 -22.13 -24.22 11.76
CA LEU B 192 -22.73 -25.01 12.82
C LEU B 192 -22.40 -24.39 14.16
N ASP B 193 -23.16 -24.78 15.19
CA ASP B 193 -23.05 -24.17 16.50
C ASP B 193 -22.60 -25.20 17.53
N LYS B 194 -21.70 -24.77 18.40
CA LYS B 194 -21.27 -25.53 19.57
C LYS B 194 -21.65 -24.72 20.80
N LEU B 195 -22.49 -25.31 21.66
CA LEU B 195 -23.07 -24.60 22.80
C LEU B 195 -22.39 -25.08 24.07
N THR B 196 -21.89 -24.15 24.88
CA THR B 196 -21.29 -24.47 26.16
C THR B 196 -22.02 -23.72 27.26
N LEU B 197 -22.38 -24.44 28.31
CA LEU B 197 -23.03 -23.88 29.49
C LEU B 197 -22.12 -24.12 30.69
N ARG B 198 -21.74 -23.05 31.38
CA ARG B 198 -20.98 -23.15 32.62
C ARG B 198 -21.86 -22.63 33.74
N ILE B 199 -22.09 -23.46 34.74
CA ILE B 199 -23.03 -23.17 35.81
C ILE B 199 -22.32 -23.31 37.14
N TRP B 200 -22.44 -22.29 37.98
CA TRP B 200 -21.95 -22.30 39.35
C TRP B 200 -23.15 -22.21 40.28
N THR B 201 -23.26 -23.18 41.17
CA THR B 201 -24.40 -23.33 42.07
C THR B 201 -23.89 -23.39 43.50
N ASP B 202 -24.73 -22.95 44.45
CA ASP B 202 -24.31 -22.92 45.84
C ASP B 202 -23.96 -24.32 46.35
N GLY B 203 -24.66 -25.33 45.86
CA GLY B 203 -24.42 -26.69 46.31
C GLY B 203 -25.71 -27.37 46.72
N SER B 204 -26.80 -26.59 46.78
CA SER B 204 -28.09 -27.18 47.12
C SER B 204 -28.50 -28.22 46.10
N VAL B 205 -28.28 -27.94 44.82
CA VAL B 205 -28.60 -28.85 43.73
C VAL B 205 -27.42 -28.91 42.78
N THR B 206 -27.10 -30.10 42.30
CA THR B 206 -26.06 -30.25 41.31
C THR B 206 -26.48 -29.54 40.01
N PRO B 207 -25.52 -29.04 39.23
CA PRO B 207 -25.88 -28.34 38.00
C PRO B 207 -26.73 -29.16 37.05
N LEU B 208 -26.53 -30.48 37.02
CA LEU B 208 -27.40 -31.33 36.22
C LEU B 208 -28.86 -31.20 36.64
N GLU B 209 -29.11 -31.21 37.95
CA GLU B 209 -30.47 -31.08 38.45
C GLU B 209 -31.07 -29.74 38.08
N ALA B 210 -30.30 -28.66 38.21
CA ALA B 210 -30.80 -27.35 37.86
C ALA B 210 -31.12 -27.26 36.36
N LEU B 211 -30.25 -27.82 35.52
CA LEU B 211 -30.51 -27.79 34.09
C LEU B 211 -31.75 -28.62 33.74
N ASN B 212 -31.91 -29.77 34.38
CA ASN B 212 -33.09 -30.59 34.13
C ASN B 212 -34.36 -29.85 34.54
N GLN B 213 -34.32 -29.18 35.69
CA GLN B 213 -35.48 -28.40 36.11
C GLN B 213 -35.75 -27.27 35.13
N ALA B 214 -34.69 -26.64 34.61
CA ALA B 214 -34.88 -25.54 33.67
C ALA B 214 -35.53 -26.02 32.38
N VAL B 215 -35.03 -27.12 31.82
CA VAL B 215 -35.62 -27.62 30.58
C VAL B 215 -37.04 -28.12 30.83
N GLU B 216 -37.30 -28.70 31.99
CA GLU B 216 -38.67 -29.12 32.31
C GLU B 216 -39.60 -27.92 32.39
N ILE B 217 -39.14 -26.83 33.00
CA ILE B 217 -39.96 -25.62 33.09
C ILE B 217 -40.24 -25.08 31.69
N LEU B 218 -39.22 -25.02 30.84
CA LEU B 218 -39.43 -24.50 29.49
C LEU B 218 -40.38 -25.38 28.71
N ARG B 219 -40.24 -26.70 28.82
CA ARG B 219 -41.13 -27.60 28.09
C ARG B 219 -42.56 -27.47 28.58
N GLU B 220 -42.76 -27.39 29.90
CA GLU B 220 -44.11 -27.26 30.42
C GLU B 220 -44.71 -25.90 30.04
N HIS B 221 -43.88 -24.87 29.89
CA HIS B 221 -44.41 -23.59 29.44
C HIS B 221 -44.74 -23.62 27.96
N LEU B 222 -43.99 -24.42 27.18
CA LEU B 222 -44.34 -24.60 25.78
C LEU B 222 -45.67 -25.32 25.64
N THR B 223 -45.94 -26.28 26.52
CA THR B 223 -47.20 -27.02 26.45
C THR B 223 -48.43 -26.14 26.69
N TYR B 224 -48.26 -24.85 26.94
CA TYR B 224 -49.38 -23.93 27.10
C TYR B 224 -49.95 -23.42 25.79
N PHE B 225 -49.34 -23.76 24.65
CA PHE B 225 -49.92 -23.43 23.36
C PHE B 225 -50.82 -24.54 22.80
N SER B 226 -50.91 -25.67 23.50
CA SER B 226 -51.66 -26.81 22.97
C SER B 226 -53.15 -26.50 22.85
N ASN B 227 -53.73 -25.84 23.85
CA ASN B 227 -55.16 -25.58 23.85
C ASN B 227 -55.42 -24.15 23.44
N PRO B 228 -56.03 -23.91 22.28
CA PRO B 228 -56.31 -22.54 21.86
C PRO B 228 -57.67 -22.06 22.36
N GLN B 229 -57.77 -20.74 22.50
CA GLN B 229 -59.02 -20.09 22.90
C GLN B 229 -59.19 -18.78 22.14
N MET C 1 -45.07 7.44 -3.87
CA MET C 1 -43.74 7.96 -3.61
C MET C 1 -43.59 9.35 -4.22
N GLU C 2 -43.57 10.37 -3.37
CA GLU C 2 -43.35 11.75 -3.79
C GLU C 2 -41.87 12.08 -3.64
N ILE C 3 -41.50 13.25 -4.14
CA ILE C 3 -40.18 13.81 -3.94
C ILE C 3 -40.34 15.23 -3.43
N LYS C 4 -39.65 15.55 -2.35
CA LYS C 4 -39.69 16.88 -1.75
C LYS C 4 -38.33 17.53 -1.89
N ARG C 5 -38.29 18.77 -2.35
CA ARG C 5 -37.05 19.51 -2.50
C ARG C 5 -36.96 20.59 -1.44
N PHE C 6 -35.76 20.79 -0.90
CA PHE C 6 -35.54 21.69 0.22
C PHE C 6 -34.90 23.01 -0.16
N GLY C 7 -33.98 23.02 -1.10
CA GLY C 7 -33.24 24.22 -1.42
C GLY C 7 -34.07 25.40 -1.85
N ARG C 8 -33.77 26.58 -1.31
CA ARG C 8 -34.44 27.82 -1.71
C ARG C 8 -33.44 28.66 -2.50
N ILE C 9 -33.31 28.32 -3.78
CA ILE C 9 -32.46 29.02 -4.74
C ILE C 9 -33.00 28.74 -6.12
N ARG C 10 -33.01 29.76 -6.97
CA ARG C 10 -33.50 29.62 -8.34
C ARG C 10 -32.30 29.50 -9.27
N GLU C 11 -32.12 28.33 -9.86
CA GLU C 11 -31.07 28.11 -10.85
C GLU C 11 -31.42 28.90 -12.10
N VAL C 12 -30.79 30.06 -12.28
CA VAL C 12 -31.13 30.93 -13.40
C VAL C 12 -30.83 30.23 -14.72
N ILE C 13 -29.82 29.37 -14.77
CA ILE C 13 -29.56 28.57 -15.96
C ILE C 13 -29.34 27.12 -15.54
N PRO C 14 -29.63 26.15 -16.40
CA PRO C 14 -29.37 24.75 -16.07
C PRO C 14 -27.92 24.40 -16.35
N LEU C 15 -27.59 23.15 -16.09
CA LEU C 15 -26.24 22.68 -16.39
C LEU C 15 -26.03 22.63 -17.90
N PRO C 16 -24.94 23.20 -18.39
CA PRO C 16 -24.60 23.04 -19.80
C PRO C 16 -24.27 21.58 -20.11
N PRO C 17 -24.33 21.17 -21.38
CA PRO C 17 -24.04 19.77 -21.72
C PRO C 17 -22.75 19.28 -21.09
N LEU C 18 -22.87 18.28 -20.23
CA LEU C 18 -21.74 17.86 -19.41
C LEU C 18 -20.56 17.38 -20.23
N THR C 19 -20.80 16.95 -21.47
CA THR C 19 -19.71 16.50 -22.34
C THR C 19 -19.51 17.41 -23.53
N GLU C 20 -19.92 18.68 -23.43
CA GLU C 20 -19.83 19.56 -24.59
C GLU C 20 -18.40 19.88 -24.97
N ILE C 21 -17.45 19.74 -24.05
CA ILE C 21 -16.09 20.19 -24.31
C ILE C 21 -15.48 19.40 -25.47
N GLN C 22 -15.53 18.07 -25.38
CA GLN C 22 -14.95 17.24 -26.43
C GLN C 22 -15.75 17.33 -27.71
N VAL C 23 -17.09 17.35 -27.60
CA VAL C 23 -17.92 17.40 -28.79
C VAL C 23 -17.66 18.67 -29.57
N GLU C 24 -17.71 19.82 -28.89
CA GLU C 24 -17.48 21.09 -29.57
C GLU C 24 -16.05 21.18 -30.10
N SER C 25 -15.08 20.70 -29.34
CA SER C 25 -13.70 20.75 -29.80
C SER C 25 -13.52 19.97 -31.10
N TYR C 26 -13.99 18.72 -31.12
CA TYR C 26 -13.80 17.90 -32.31
C TYR C 26 -14.64 18.40 -33.48
N ARG C 27 -15.86 18.89 -33.22
CA ARG C 27 -16.68 19.41 -34.29
C ARG C 27 -16.10 20.68 -34.88
N ARG C 28 -15.37 21.46 -34.09
CA ARG C 28 -14.68 22.61 -34.65
C ARG C 28 -13.40 22.20 -35.37
N ALA C 29 -12.75 21.13 -34.91
CA ALA C 29 -11.56 20.64 -35.59
C ALA C 29 -11.90 20.09 -36.97
N LEU C 30 -12.92 19.24 -37.05
CA LEU C 30 -13.39 18.68 -38.31
C LEU C 30 -14.57 19.50 -38.80
N GLN C 31 -14.38 20.24 -39.89
CA GLN C 31 -15.44 21.07 -40.45
C GLN C 31 -16.23 20.33 -41.52
N ALA C 32 -16.38 19.01 -41.39
CA ALA C 32 -16.98 18.21 -42.45
C ALA C 32 -18.40 18.65 -42.75
N ASP C 33 -19.18 18.99 -41.72
CA ASP C 33 -20.58 19.32 -41.94
C ASP C 33 -20.74 20.57 -42.81
N VAL C 34 -19.94 21.60 -42.56
CA VAL C 34 -20.05 22.83 -43.33
C VAL C 34 -19.43 22.60 -44.71
N PRO C 35 -19.91 23.29 -45.74
CA PRO C 35 -19.27 23.17 -47.04
C PRO C 35 -17.84 23.67 -46.99
N PRO C 36 -16.94 23.10 -47.81
CA PRO C 36 -15.54 23.54 -47.78
C PRO C 36 -15.36 25.00 -48.15
N GLU C 37 -16.34 25.62 -48.80
CA GLU C 37 -16.24 27.03 -49.14
C GLU C 37 -16.34 27.93 -47.92
N LYS C 38 -16.85 27.42 -46.79
CA LYS C 38 -17.16 28.26 -45.66
C LYS C 38 -15.90 28.88 -45.05
N ARG C 39 -16.08 30.04 -44.42
CA ARG C 39 -14.96 30.81 -43.91
C ARG C 39 -14.20 30.06 -42.81
N GLU C 40 -14.87 29.14 -42.12
CA GLU C 40 -14.25 28.38 -41.04
C GLU C 40 -12.98 27.71 -41.52
N ASN C 41 -11.84 28.09 -40.95
CA ASN C 41 -10.54 27.60 -41.38
C ASN C 41 -9.69 27.01 -40.26
N VAL C 42 -9.96 27.37 -39.01
CA VAL C 42 -9.14 26.88 -37.90
C VAL C 42 -9.28 25.37 -37.77
N GLY C 43 -8.26 24.74 -37.21
CA GLY C 43 -8.25 23.30 -37.05
C GLY C 43 -7.42 22.63 -38.13
N ILE C 44 -7.97 21.56 -38.72
CA ILE C 44 -7.24 20.81 -39.73
C ILE C 44 -7.06 21.65 -40.99
N GLN C 45 -8.09 22.42 -41.36
CA GLN C 45 -7.95 23.32 -42.49
C GLN C 45 -6.89 24.39 -42.23
N ALA C 46 -6.75 24.81 -40.97
CA ALA C 46 -5.68 25.75 -40.64
C ALA C 46 -4.32 25.13 -40.90
N ALA C 47 -4.14 23.87 -40.52
CA ALA C 47 -2.88 23.19 -40.78
C ALA C 47 -2.61 23.08 -42.27
N PHE C 48 -3.62 22.68 -43.04
CA PHE C 48 -3.49 22.62 -44.49
C PHE C 48 -3.07 23.97 -45.05
N ARG C 49 -3.85 25.01 -44.80
CA ARG C 49 -3.53 26.33 -45.34
C ARG C 49 -2.20 26.85 -44.82
N GLU C 50 -1.73 26.37 -43.67
CA GLU C 50 -0.50 26.89 -43.09
C GLU C 50 0.74 26.25 -43.71
N THR C 51 0.78 24.93 -43.81
CA THR C 51 2.03 24.27 -44.17
C THR C 51 2.01 23.66 -45.56
N PHE C 52 0.92 22.99 -45.92
CA PHE C 52 0.89 22.21 -47.15
C PHE C 52 1.17 23.02 -48.42
N PRO C 53 0.70 24.28 -48.59
CA PRO C 53 0.98 24.98 -49.86
C PRO C 53 2.45 25.28 -50.00
N ILE C 54 3.23 24.27 -50.37
CA ILE C 54 4.65 24.48 -50.61
C ILE C 54 4.84 25.25 -51.91
N GLU C 55 5.78 26.17 -51.91
CA GLU C 55 6.22 26.87 -53.11
C GLU C 55 7.71 26.67 -53.28
N GLU C 56 8.13 26.48 -54.53
CA GLU C 56 9.55 26.45 -54.87
C GLU C 56 9.77 27.49 -55.95
N GLU C 57 10.57 28.52 -55.64
CA GLU C 57 10.77 29.62 -56.57
C GLU C 57 11.75 29.23 -57.67
N ASP C 58 12.97 28.85 -57.29
CA ASP C 58 14.00 28.49 -58.27
C ASP C 58 14.95 27.44 -57.70
N LYS C 59 14.66 26.17 -57.99
CA LYS C 59 15.55 25.06 -57.67
C LYS C 59 15.40 24.02 -58.76
N GLY C 60 16.35 24.01 -59.70
CA GLY C 60 16.27 23.10 -60.83
C GLY C 60 15.07 23.40 -61.71
N LYS C 61 14.09 22.50 -61.70
CA LYS C 61 12.82 22.75 -62.38
C LYS C 61 11.99 23.64 -61.47
N GLY C 62 12.10 24.95 -61.67
CA GLY C 62 11.46 25.91 -60.80
C GLY C 62 9.99 26.11 -61.12
N GLY C 63 9.39 27.05 -60.41
CA GLY C 63 7.98 27.32 -60.55
C GLY C 63 7.07 26.35 -59.82
N LEU C 64 7.63 25.41 -59.05
CA LEU C 64 6.83 24.45 -58.31
C LEU C 64 5.84 25.16 -57.38
N VAL C 65 4.55 25.00 -57.67
CA VAL C 65 3.51 25.53 -56.81
C VAL C 65 2.48 24.44 -56.56
N LEU C 66 2.55 23.82 -55.39
CA LEU C 66 1.57 22.82 -54.95
C LEU C 66 0.62 23.52 -53.99
N ASP C 67 -0.62 23.72 -54.44
CA ASP C 67 -1.59 24.55 -53.72
C ASP C 67 -2.74 23.69 -53.21
N PHE C 68 -3.43 24.21 -52.20
CA PHE C 68 -4.55 23.55 -51.57
C PHE C 68 -5.86 24.20 -52.02
N LEU C 69 -6.86 23.38 -52.31
CA LEU C 69 -8.18 23.87 -52.70
C LEU C 69 -9.26 23.53 -51.67
N GLU C 70 -9.46 22.24 -51.38
CA GLU C 70 -10.52 21.81 -50.48
C GLU C 70 -10.14 20.47 -49.86
N TYR C 71 -10.99 20.01 -48.95
CA TYR C 71 -10.82 18.68 -48.37
C TYR C 71 -12.21 18.12 -48.09
N ARG C 72 -12.29 16.80 -48.02
CA ARG C 72 -13.57 16.15 -47.81
C ARG C 72 -13.36 14.76 -47.21
N LEU C 73 -14.40 14.30 -46.52
CA LEU C 73 -14.49 12.95 -45.96
C LEU C 73 -15.94 12.70 -45.56
N GLY C 74 -16.52 11.58 -46.00
CA GLY C 74 -17.93 11.39 -45.76
C GLY C 74 -18.44 9.99 -45.50
N GLU C 75 -17.57 8.99 -45.49
CA GLU C 75 -18.01 7.59 -45.38
C GLU C 75 -17.01 6.76 -44.61
N PRO C 76 -17.32 6.39 -43.39
CA PRO C 76 -16.58 5.32 -42.72
C PRO C 76 -16.76 4.02 -43.48
N PRO C 77 -15.70 3.22 -43.60
CA PRO C 77 -15.84 1.93 -44.30
C PRO C 77 -16.82 0.99 -43.63
N PHE C 78 -16.91 1.03 -42.31
CA PHE C 78 -17.78 0.11 -41.59
C PHE C 78 -18.50 0.84 -40.46
N PRO C 79 -19.68 0.36 -40.09
CA PRO C 79 -20.34 0.90 -38.89
C PRO C 79 -19.57 0.53 -37.64
N GLN C 80 -19.72 1.38 -36.63
CA GLN C 80 -18.95 1.22 -35.39
C GLN C 80 -19.27 -0.09 -34.68
N ASP C 81 -20.43 -0.69 -34.94
CA ASP C 81 -20.76 -1.97 -34.34
C ASP C 81 -19.79 -3.05 -34.78
N GLU C 82 -19.60 -3.20 -36.09
CA GLU C 82 -18.58 -4.11 -36.59
C GLU C 82 -17.18 -3.63 -36.20
N CYS C 83 -16.98 -2.32 -36.13
CA CYS C 83 -15.69 -1.77 -35.73
C CYS C 83 -15.33 -2.17 -34.31
N ARG C 84 -16.31 -2.51 -33.47
CA ARG C 84 -16.00 -3.06 -32.17
C ARG C 84 -15.99 -4.60 -32.19
N GLU C 85 -16.89 -5.21 -32.95
CA GLU C 85 -16.86 -6.67 -33.08
C GLU C 85 -15.57 -7.11 -33.75
N LYS C 86 -15.17 -6.43 -34.81
CA LYS C 86 -13.89 -6.64 -35.46
C LYS C 86 -12.99 -5.45 -35.17
N ASP C 87 -11.77 -5.71 -34.72
CA ASP C 87 -10.94 -4.67 -34.09
C ASP C 87 -10.42 -3.66 -35.11
N LEU C 88 -11.31 -2.83 -35.62
CA LEU C 88 -10.97 -1.77 -36.56
C LEU C 88 -10.96 -0.43 -35.82
N THR C 89 -10.84 0.65 -36.60
CA THR C 89 -10.87 2.01 -36.10
C THR C 89 -12.05 2.72 -36.73
N TYR C 90 -12.92 3.29 -35.89
CA TYR C 90 -14.06 4.02 -36.42
C TYR C 90 -13.56 5.33 -37.01
N GLN C 91 -13.17 5.29 -38.29
CA GLN C 91 -12.48 6.37 -38.95
C GLN C 91 -13.15 6.71 -40.27
N ALA C 92 -12.67 7.78 -40.90
CA ALA C 92 -13.04 8.12 -42.26
C ALA C 92 -11.78 8.45 -43.04
N PRO C 93 -11.67 8.01 -44.28
CA PRO C 93 -10.53 8.43 -45.12
C PRO C 93 -10.66 9.89 -45.49
N LEU C 94 -9.50 10.55 -45.57
CA LEU C 94 -9.43 11.98 -45.86
C LEU C 94 -8.98 12.18 -47.30
N TYR C 95 -9.68 13.05 -48.02
CA TYR C 95 -9.34 13.38 -49.39
C TYR C 95 -9.06 14.87 -49.49
N ALA C 96 -8.03 15.23 -50.25
CA ALA C 96 -7.62 16.61 -50.42
C ALA C 96 -7.56 16.97 -51.89
N ARG C 97 -8.14 18.10 -52.25
CA ARG C 97 -8.11 18.62 -53.62
C ARG C 97 -6.86 19.48 -53.78
N LEU C 98 -5.82 18.90 -54.38
CA LEU C 98 -4.56 19.61 -54.53
C LEU C 98 -4.30 19.84 -56.02
N GLN C 99 -3.38 20.76 -56.31
CA GLN C 99 -3.13 21.12 -57.70
C GLN C 99 -1.72 21.66 -57.82
N LEU C 100 -1.10 21.37 -58.96
CA LEU C 100 0.30 21.66 -59.22
C LEU C 100 0.44 22.65 -60.35
N ILE C 101 1.28 23.67 -60.13
CA ILE C 101 1.55 24.73 -61.10
C ILE C 101 3.07 24.85 -61.26
N HIS C 102 3.50 25.09 -62.50
CA HIS C 102 4.88 25.44 -62.79
C HIS C 102 4.94 26.86 -63.34
N LYS C 103 6.15 27.42 -63.40
CA LYS C 103 6.32 28.71 -64.05
C LYS C 103 5.97 28.62 -65.53
N ASP C 104 6.25 27.50 -66.16
CA ASP C 104 5.80 27.24 -67.51
C ASP C 104 4.33 26.79 -67.49
N THR C 105 3.82 26.44 -68.65
CA THR C 105 2.42 26.03 -68.75
C THR C 105 2.20 24.72 -67.99
N GLY C 106 0.98 24.56 -67.47
CA GLY C 106 0.62 23.35 -66.76
C GLY C 106 -0.13 23.60 -65.47
N LEU C 107 -1.32 23.02 -65.37
CA LEU C 107 -2.16 23.06 -64.18
C LEU C 107 -2.63 21.62 -63.96
N ILE C 108 -1.87 20.85 -63.21
CA ILE C 108 -2.17 19.43 -62.99
C ILE C 108 -2.88 19.34 -61.65
N LYS C 109 -4.20 19.28 -61.68
CA LYS C 109 -5.01 19.30 -60.48
C LYS C 109 -5.58 17.91 -60.21
N GLU C 110 -5.26 17.36 -59.04
CA GLU C 110 -5.79 16.08 -58.59
C GLU C 110 -6.79 16.35 -57.48
N ASP C 111 -8.07 16.05 -57.75
CA ASP C 111 -9.12 16.37 -56.79
C ASP C 111 -9.09 15.44 -55.59
N GLU C 112 -8.81 14.16 -55.82
CA GLU C 112 -8.95 13.15 -54.78
C GLU C 112 -7.62 12.43 -54.58
N VAL C 113 -7.01 12.63 -53.42
CA VAL C 113 -5.90 11.82 -52.95
C VAL C 113 -6.22 11.38 -51.53
N PHE C 114 -6.11 10.08 -51.27
CA PHE C 114 -6.27 9.59 -49.92
C PHE C 114 -4.95 9.76 -49.18
N LEU C 115 -4.98 10.56 -48.13
CA LEU C 115 -3.78 10.88 -47.35
C LEU C 115 -4.10 10.58 -45.89
N GLY C 116 -3.86 9.32 -45.50
CA GLY C 116 -4.15 8.87 -44.16
C GLY C 116 -5.63 8.69 -43.88
N HIS C 117 -5.93 7.97 -42.82
CA HIS C 117 -7.28 7.79 -42.30
C HIS C 117 -7.39 8.44 -40.94
N ILE C 118 -8.42 9.26 -40.74
CA ILE C 118 -8.54 9.93 -39.44
C ILE C 118 -9.73 9.40 -38.66
N PRO C 119 -9.56 9.10 -37.37
CA PRO C 119 -10.66 8.54 -36.59
C PRO C 119 -11.78 9.55 -36.37
N LEU C 120 -12.99 9.02 -36.23
CA LEU C 120 -14.18 9.82 -35.98
C LEU C 120 -14.69 9.57 -34.58
N MET C 121 -15.09 10.64 -33.91
CA MET C 121 -15.57 10.53 -32.54
C MET C 121 -17.03 10.08 -32.52
N THR C 122 -17.35 9.20 -31.59
CA THR C 122 -18.71 8.69 -31.48
C THR C 122 -19.63 9.78 -30.91
N GLU C 123 -20.90 9.42 -30.74
CA GLU C 123 -21.87 10.38 -30.25
C GLU C 123 -21.57 10.81 -28.82
N ASP C 124 -21.19 9.85 -27.96
CA ASP C 124 -20.92 10.17 -26.57
C ASP C 124 -19.67 11.03 -26.41
N GLY C 125 -18.65 10.77 -27.22
CA GLY C 125 -17.43 11.54 -27.13
C GLY C 125 -16.17 10.72 -27.11
N SER C 126 -16.28 9.43 -27.38
CA SER C 126 -15.14 8.53 -27.38
C SER C 126 -14.63 8.28 -28.80
N PHE C 127 -13.51 7.56 -28.87
CA PHE C 127 -12.90 7.12 -30.11
C PHE C 127 -12.67 5.62 -30.04
N ILE C 128 -12.98 4.92 -31.13
CA ILE C 128 -12.71 3.50 -31.25
C ILE C 128 -11.45 3.35 -32.09
N ILE C 129 -10.45 2.65 -31.54
CA ILE C 129 -9.14 2.63 -32.18
C ILE C 129 -8.81 1.25 -32.71
N ASN C 130 -8.70 0.26 -31.82
CA ASN C 130 -8.51 -1.14 -32.24
C ASN C 130 -9.43 -2.00 -31.39
N GLY C 131 -10.69 -2.13 -31.82
CA GLY C 131 -11.67 -2.87 -31.06
C GLY C 131 -12.18 -2.07 -29.87
N ALA C 132 -11.33 -1.91 -28.86
CA ALA C 132 -11.68 -1.11 -27.70
C ALA C 132 -11.72 0.37 -28.06
N ASP C 133 -12.32 1.15 -27.18
CA ASP C 133 -12.45 2.58 -27.37
C ASP C 133 -11.69 3.33 -26.29
N ARG C 134 -11.18 4.50 -26.65
CA ARG C 134 -10.37 5.31 -25.75
C ARG C 134 -10.91 6.73 -25.72
N VAL C 135 -10.37 7.52 -24.80
CA VAL C 135 -10.69 8.93 -24.68
C VAL C 135 -9.39 9.71 -24.60
N ILE C 136 -9.35 10.88 -25.22
CA ILE C 136 -8.20 11.76 -25.18
C ILE C 136 -8.51 12.86 -24.18
N VAL C 137 -7.78 12.87 -23.08
CA VAL C 137 -8.03 13.80 -21.98
C VAL C 137 -7.47 15.16 -22.34
N SER C 138 -8.18 16.21 -21.96
CA SER C 138 -7.68 17.56 -22.19
C SER C 138 -6.41 17.79 -21.38
N GLN C 139 -5.61 18.75 -21.84
CA GLN C 139 -4.36 19.05 -21.16
C GLN C 139 -4.29 20.54 -20.84
N ILE C 140 -3.59 20.87 -19.78
CA ILE C 140 -3.44 22.24 -19.31
C ILE C 140 -1.96 22.59 -19.27
N HIS C 141 -1.60 23.74 -19.83
CA HIS C 141 -0.23 24.20 -19.72
C HIS C 141 -0.20 25.72 -19.88
N ARG C 142 0.99 26.27 -20.09
CA ARG C 142 1.15 27.72 -20.16
C ARG C 142 0.44 28.26 -21.39
N SER C 143 -0.39 29.27 -21.19
CA SER C 143 -0.98 29.96 -22.32
C SER C 143 0.10 30.73 -23.08
N PRO C 144 0.15 30.61 -24.39
CA PRO C 144 1.19 31.32 -25.15
C PRO C 144 1.02 32.83 -25.04
N GLY C 145 2.14 33.53 -25.04
CA GLY C 145 2.11 34.97 -24.94
C GLY C 145 3.30 35.47 -24.14
N VAL C 146 3.06 36.59 -23.45
CA VAL C 146 4.10 37.36 -22.80
C VAL C 146 3.91 37.28 -21.29
N TYR C 147 4.96 36.87 -20.58
CA TYR C 147 4.89 36.79 -19.13
C TYR C 147 6.12 37.43 -18.50
N PHE C 148 5.95 37.96 -17.29
CA PHE C 148 7.01 38.62 -16.56
C PHE C 148 7.22 37.90 -15.24
N THR C 149 8.42 37.37 -15.01
CA THR C 149 8.65 36.63 -13.78
C THR C 149 9.83 37.21 -13.04
N PRO C 150 9.79 37.26 -11.71
CA PRO C 150 10.92 37.79 -10.96
C PRO C 150 12.17 36.94 -11.17
N ASP C 151 13.32 37.58 -11.08
CA ASP C 151 14.58 36.87 -11.22
C ASP C 151 14.71 35.84 -10.13
N PRO C 152 15.13 34.61 -10.45
CA PRO C 152 15.27 33.58 -9.40
C PRO C 152 16.24 33.98 -8.31
N ALA C 153 17.27 34.76 -8.63
CA ALA C 153 18.25 35.21 -7.64
C ALA C 153 18.15 36.70 -7.36
N ARG C 154 18.20 37.53 -8.40
CA ARG C 154 18.26 38.98 -8.20
C ARG C 154 16.89 39.51 -7.77
N PRO C 155 16.79 40.14 -6.60
CA PRO C 155 15.48 40.61 -6.13
C PRO C 155 15.04 41.95 -6.72
N GLY C 156 15.95 42.75 -7.24
CA GLY C 156 15.60 44.07 -7.72
C GLY C 156 15.02 44.05 -9.12
N ARG C 157 15.42 43.07 -9.93
CA ARG C 157 14.98 42.96 -11.30
C ARG C 157 14.29 41.62 -11.56
N TYR C 158 13.94 41.41 -12.83
CA TYR C 158 13.12 40.29 -13.26
C TYR C 158 13.38 40.06 -14.74
N ILE C 159 12.61 39.15 -15.34
CA ILE C 159 12.76 38.78 -16.75
C ILE C 159 11.40 38.73 -17.41
N ALA C 160 11.41 38.78 -18.73
CA ALA C 160 10.21 38.60 -19.55
C ALA C 160 10.44 37.45 -20.51
N SER C 161 9.40 36.65 -20.73
CA SER C 161 9.47 35.55 -21.68
C SER C 161 8.28 35.63 -22.63
N ILE C 162 8.56 35.59 -23.93
CA ILE C 162 7.56 35.42 -24.96
C ILE C 162 7.63 33.98 -25.43
N ILE C 163 6.56 33.24 -25.22
CA ILE C 163 6.53 31.79 -25.37
C ILE C 163 5.53 31.42 -26.45
N PRO C 164 5.98 31.24 -27.68
CA PRO C 164 5.11 30.69 -28.72
C PRO C 164 5.15 29.17 -28.74
N LEU C 165 4.46 28.56 -29.70
CA LEU C 165 4.46 27.12 -29.91
C LEU C 165 4.59 26.87 -31.40
N PRO C 166 5.23 25.76 -31.81
CA PRO C 166 5.78 24.61 -31.08
C PRO C 166 7.04 24.90 -30.27
N LYS C 167 7.42 23.92 -29.44
CA LYS C 167 8.68 24.01 -28.71
C LYS C 167 9.86 24.14 -29.67
N ARG C 168 9.81 23.42 -30.79
CA ARG C 168 10.79 23.61 -31.87
C ARG C 168 10.46 24.91 -32.61
N GLY C 169 10.60 26.01 -31.89
CA GLY C 169 10.26 27.32 -32.41
C GLY C 169 10.81 28.42 -31.55
N PRO C 170 10.24 29.62 -31.65
CA PRO C 170 10.75 30.76 -30.91
C PRO C 170 10.57 30.59 -29.41
N TRP C 171 11.49 31.19 -28.65
CA TRP C 171 11.29 31.38 -27.22
C TRP C 171 12.15 32.58 -26.83
N ILE C 172 11.51 33.74 -26.72
CA ILE C 172 12.23 35.00 -26.54
C ILE C 172 12.35 35.28 -25.04
N ASP C 173 13.54 35.67 -24.60
CA ASP C 173 13.78 36.01 -23.21
C ASP C 173 14.43 37.38 -23.16
N LEU C 174 13.83 38.31 -22.43
CA LEU C 174 14.40 39.64 -22.22
C LEU C 174 14.78 39.77 -20.76
N GLU C 175 15.99 40.28 -20.50
CA GLU C 175 16.44 40.54 -19.15
C GLU C 175 17.30 41.79 -19.12
N VAL C 176 17.35 42.44 -17.96
CA VAL C 176 18.04 43.71 -17.81
C VAL C 176 19.22 43.51 -16.88
N GLU C 177 20.42 43.78 -17.39
CA GLU C 177 21.65 43.79 -16.61
C GLU C 177 22.04 45.23 -16.33
N PRO C 178 22.26 45.58 -15.05
CA PRO C 178 22.27 47.00 -14.66
C PRO C 178 23.37 47.82 -15.30
N ASN C 179 24.42 47.20 -15.83
CA ASN C 179 25.49 47.96 -16.47
C ASN C 179 25.05 48.64 -17.76
N GLY C 180 23.77 48.55 -18.11
CA GLY C 180 23.28 49.11 -19.35
C GLY C 180 23.16 48.05 -20.43
N VAL C 181 22.69 46.87 -20.05
CA VAL C 181 22.60 45.72 -20.96
C VAL C 181 21.17 45.25 -21.02
N VAL C 182 20.64 45.10 -22.22
CA VAL C 182 19.36 44.43 -22.42
C VAL C 182 19.62 43.09 -23.09
N SER C 183 19.79 42.05 -22.29
CA SER C 183 20.18 40.74 -22.80
C SER C 183 18.96 39.99 -23.31
N MET C 184 19.18 39.22 -24.38
CA MET C 184 18.11 38.45 -25.00
C MET C 184 18.72 37.20 -25.61
N LYS C 185 18.45 36.04 -25.01
CA LYS C 185 18.93 34.77 -25.53
C LYS C 185 17.83 34.14 -26.37
N VAL C 186 18.18 33.74 -27.59
CA VAL C 186 17.18 33.23 -28.53
C VAL C 186 16.84 31.78 -28.20
N ASN C 187 17.82 30.88 -28.34
CA ASN C 187 17.61 29.48 -28.01
C ASN C 187 18.58 28.97 -26.97
N LYS C 188 19.88 29.09 -27.21
CA LYS C 188 20.90 28.60 -26.29
C LYS C 188 22.03 29.59 -26.04
N ARG C 189 22.18 30.62 -26.86
CA ARG C 189 23.27 31.58 -26.72
C ARG C 189 22.70 32.98 -26.55
N LYS C 190 23.14 33.66 -25.49
CA LYS C 190 22.62 35.00 -25.22
C LYS C 190 23.10 35.98 -26.28
N PHE C 191 22.37 37.08 -26.40
CA PHE C 191 22.60 38.03 -27.48
C PHE C 191 22.12 39.42 -27.08
N PRO C 192 22.94 40.45 -27.26
CA PRO C 192 22.51 41.81 -26.91
C PRO C 192 21.35 42.25 -27.79
N LEU C 193 20.20 42.46 -27.14
CA LEU C 193 18.96 42.73 -27.88
C LEU C 193 19.02 44.01 -28.68
N VAL C 194 19.90 44.94 -28.32
CA VAL C 194 19.93 46.25 -29.00
C VAL C 194 20.22 46.09 -30.49
N LEU C 195 21.01 45.08 -30.85
CA LEU C 195 21.25 44.81 -32.26
C LEU C 195 19.96 44.47 -32.99
N LEU C 196 19.16 43.58 -32.39
CA LEU C 196 17.88 43.21 -33.00
C LEU C 196 16.91 44.38 -33.01
N LEU C 197 16.94 45.22 -31.97
CA LEU C 197 16.11 46.42 -31.98
C LEU C 197 16.48 47.33 -33.14
N ARG C 198 17.78 47.47 -33.40
CA ARG C 198 18.21 48.21 -34.59
C ARG C 198 17.74 47.54 -35.86
N VAL C 199 17.73 46.20 -35.90
CA VAL C 199 17.28 45.48 -37.09
C VAL C 199 15.85 45.88 -37.43
N LEU C 200 14.99 46.02 -36.42
CA LEU C 200 13.62 46.42 -36.67
C LEU C 200 13.48 47.87 -37.09
N GLY C 201 14.58 48.62 -37.16
CA GLY C 201 14.56 49.95 -37.72
C GLY C 201 14.19 51.07 -36.79
N TYR C 202 14.39 50.92 -35.48
CA TYR C 202 14.10 51.98 -34.54
C TYR C 202 15.35 52.84 -34.33
N ASP C 203 15.20 54.14 -34.57
CA ASP C 203 16.25 55.12 -34.37
C ASP C 203 16.14 55.77 -32.99
N GLN C 204 17.21 56.45 -32.60
CA GLN C 204 17.37 56.88 -31.22
C GLN C 204 16.44 58.04 -30.82
N GLU C 205 16.19 59.00 -31.71
CA GLU C 205 15.49 60.21 -31.28
C GLU C 205 14.04 59.91 -30.89
N THR C 206 13.30 59.17 -31.71
CA THR C 206 11.94 58.80 -31.33
C THR C 206 11.94 57.77 -30.21
N LEU C 207 13.00 56.97 -30.10
CA LEU C 207 13.11 56.03 -28.99
C LEU C 207 13.18 56.77 -27.66
N ALA C 208 13.95 57.84 -27.61
CA ALA C 208 14.01 58.65 -26.39
C ALA C 208 12.73 59.47 -26.21
N ARG C 209 12.16 59.96 -27.30
CA ARG C 209 10.96 60.80 -27.20
C ARG C 209 9.78 60.01 -26.65
N GLU C 210 9.59 58.77 -27.10
CA GLU C 210 8.38 58.02 -26.79
C GLU C 210 8.59 56.95 -25.74
N LEU C 211 9.83 56.51 -25.50
CA LEU C 211 10.12 55.48 -24.52
C LEU C 211 10.95 56.00 -23.34
N GLY C 212 12.03 56.72 -23.62
CA GLY C 212 12.88 57.20 -22.56
C GLY C 212 12.45 58.48 -21.90
N ALA C 213 11.31 59.04 -22.31
CA ALA C 213 10.86 60.32 -21.76
C ALA C 213 10.54 60.21 -20.27
N TYR C 214 9.87 59.13 -19.87
CA TYR C 214 9.42 58.95 -18.50
C TYR C 214 10.39 58.16 -17.64
N GLY C 215 11.02 57.12 -18.20
CA GLY C 215 11.90 56.26 -17.44
C GLY C 215 13.36 56.63 -17.59
N GLU C 216 14.09 56.56 -16.49
CA GLU C 216 15.51 56.86 -16.48
C GLU C 216 16.36 55.62 -16.74
N LEU C 217 15.74 54.46 -16.92
CA LEU C 217 16.48 53.27 -17.31
C LEU C 217 16.70 53.18 -18.81
N VAL C 218 16.35 54.24 -19.55
CA VAL C 218 16.64 54.28 -20.98
C VAL C 218 18.13 54.20 -21.24
N GLN C 219 18.94 54.65 -20.27
CA GLN C 219 20.39 54.51 -20.38
C GLN C 219 20.83 53.06 -20.43
N GLY C 220 19.97 52.13 -20.04
CA GLY C 220 20.26 50.72 -20.21
C GLY C 220 20.33 50.29 -21.66
N LEU C 221 19.77 51.10 -22.57
CA LEU C 221 19.87 50.85 -24.00
C LEU C 221 20.45 52.00 -24.79
N MET C 222 20.20 53.25 -24.36
CA MET C 222 20.77 54.39 -25.07
C MET C 222 22.28 54.46 -24.94
N ASP C 223 22.85 53.74 -23.97
CA ASP C 223 24.30 53.68 -23.83
C ASP C 223 24.94 53.05 -25.06
N GLU C 224 24.34 51.98 -25.60
CA GLU C 224 24.88 51.30 -26.78
C GLU C 224 24.45 52.08 -28.02
N SER C 225 25.16 53.16 -28.28
CA SER C 225 24.96 53.95 -29.49
C SER C 225 26.06 53.74 -30.53
N VAL C 226 27.04 52.89 -30.22
CA VAL C 226 28.14 52.68 -31.16
C VAL C 226 27.67 51.92 -32.39
N PHE C 227 26.81 50.92 -32.22
CA PHE C 227 26.37 50.06 -33.30
C PHE C 227 24.86 50.16 -33.53
N ALA C 228 24.31 51.36 -33.34
CA ALA C 228 22.90 51.62 -33.59
C ALA C 228 22.69 52.49 -34.82
N MET C 229 23.70 52.64 -35.67
CA MET C 229 23.57 53.33 -36.95
C MET C 229 23.75 52.37 -38.12
N ARG C 230 23.40 51.09 -37.95
CA ARG C 230 23.64 50.08 -38.97
C ARG C 230 22.32 49.45 -39.41
N PRO C 231 21.74 49.89 -40.53
CA PRO C 231 20.44 49.37 -40.95
C PRO C 231 20.45 47.90 -41.34
N GLU C 232 21.27 47.53 -42.32
CA GLU C 232 21.23 46.17 -42.87
C GLU C 232 22.44 45.33 -42.52
N GLU C 233 23.64 45.92 -42.39
CA GLU C 233 24.80 45.15 -41.98
C GLU C 233 24.62 44.56 -40.58
N ALA C 234 23.70 45.12 -39.80
CA ALA C 234 23.32 44.49 -38.55
C ALA C 234 22.76 43.09 -38.78
N LEU C 235 22.04 42.89 -39.89
CA LEU C 235 21.53 41.56 -40.22
C LEU C 235 22.69 40.59 -40.45
N ILE C 236 23.70 41.04 -41.18
CA ILE C 236 24.88 40.21 -41.43
C ILE C 236 25.59 39.89 -40.13
N ARG C 237 25.77 40.87 -39.25
CA ARG C 237 26.44 40.58 -37.98
C ARG C 237 25.62 39.62 -37.13
N LEU C 238 24.30 39.78 -37.12
CA LEU C 238 23.46 38.91 -36.30
C LEU C 238 23.49 37.49 -36.83
N PHE C 239 23.48 37.32 -38.15
CA PHE C 239 23.60 35.99 -38.72
C PHE C 239 24.99 35.40 -38.45
N THR C 240 26.02 36.26 -38.42
CA THR C 240 27.35 35.80 -38.06
C THR C 240 27.41 35.38 -36.59
N LEU C 241 26.55 35.97 -35.75
CA LEU C 241 26.45 35.51 -34.37
C LEU C 241 26.04 34.04 -34.33
N LEU C 242 25.07 33.66 -35.15
CA LEU C 242 24.82 32.25 -35.40
C LEU C 242 26.02 31.65 -36.12
N ARG C 243 26.26 30.35 -35.87
CA ARG C 243 27.43 29.67 -36.41
C ARG C 243 27.00 28.49 -37.27
N PRO C 244 26.44 28.75 -38.46
CA PRO C 244 26.18 27.65 -39.41
C PRO C 244 27.30 27.51 -40.43
N GLY C 245 28.23 28.46 -40.44
CA GLY C 245 29.31 28.48 -41.42
C GLY C 245 28.90 28.95 -42.80
N ASP C 246 27.62 29.26 -43.01
CA ASP C 246 27.07 29.66 -44.29
C ASP C 246 27.48 31.10 -44.62
N PRO C 247 27.50 31.46 -45.90
CA PRO C 247 27.86 32.83 -46.28
C PRO C 247 26.83 33.83 -45.78
N PRO C 248 27.26 35.03 -45.42
CA PRO C 248 26.31 36.03 -44.90
C PRO C 248 25.34 36.56 -45.94
N LYS C 249 25.49 36.21 -47.22
CA LYS C 249 24.61 36.72 -48.26
C LYS C 249 23.31 35.91 -48.30
N ARG C 250 22.68 35.80 -47.13
CA ARG C 250 21.37 35.20 -46.96
C ARG C 250 20.58 36.17 -46.09
N ASP C 251 19.93 37.14 -46.74
CA ASP C 251 19.29 38.23 -46.01
C ASP C 251 18.15 37.72 -45.12
N LYS C 252 17.37 36.77 -45.63
CA LYS C 252 16.19 36.28 -44.93
C LYS C 252 16.30 34.79 -44.61
N ALA C 253 17.46 34.36 -44.14
CA ALA C 253 17.64 32.96 -43.79
C ALA C 253 17.08 32.64 -42.41
N VAL C 254 17.64 33.28 -41.38
CA VAL C 254 17.20 33.06 -40.00
C VAL C 254 16.62 34.36 -39.47
N ALA C 255 17.02 35.48 -40.06
CA ALA C 255 16.46 36.76 -39.66
C ALA C 255 14.97 36.82 -39.95
N TYR C 256 14.53 36.15 -41.03
CA TYR C 256 13.12 36.14 -41.40
C TYR C 256 12.40 34.87 -40.97
N VAL C 257 13.12 33.81 -40.59
CA VAL C 257 12.44 32.58 -40.20
C VAL C 257 11.54 32.82 -39.00
N TYR C 258 11.75 33.93 -38.28
CA TYR C 258 10.85 34.42 -37.24
C TYR C 258 9.84 35.41 -37.82
N GLY C 259 9.39 35.15 -39.05
CA GLY C 259 8.56 36.08 -39.77
C GLY C 259 7.08 35.82 -39.60
N LEU C 260 6.41 35.37 -40.65
CA LEU C 260 4.95 35.30 -40.66
C LEU C 260 4.39 33.94 -40.28
N ILE C 261 4.94 32.85 -40.84
CA ILE C 261 4.31 31.54 -40.79
C ILE C 261 5.16 30.52 -40.04
N ALA C 262 6.41 30.35 -40.46
CA ALA C 262 7.17 29.16 -40.07
C ALA C 262 7.38 29.03 -38.57
N ASP C 263 8.19 29.89 -37.98
CA ASP C 263 8.50 29.76 -36.56
C ASP C 263 7.42 30.33 -35.63
N PRO C 264 7.03 31.59 -35.75
CA PRO C 264 6.22 32.21 -34.71
C PRO C 264 4.84 31.59 -34.64
N ARG C 265 4.27 31.63 -33.43
CA ARG C 265 3.00 30.96 -33.19
C ARG C 265 1.89 31.58 -34.03
N ARG C 266 0.97 30.73 -34.50
CA ARG C 266 -0.26 31.17 -35.14
C ARG C 266 -1.41 31.17 -34.14
N TYR C 267 -1.12 31.54 -32.89
CA TYR C 267 -2.13 31.64 -31.85
C TYR C 267 -3.35 32.40 -32.33
N ASP C 268 -4.53 31.89 -31.98
CA ASP C 268 -5.76 32.39 -32.55
C ASP C 268 -5.89 33.88 -32.29
N LEU C 269 -6.33 34.62 -33.31
CA LEU C 269 -6.33 36.06 -33.26
C LEU C 269 -7.21 36.57 -32.12
N GLY C 270 -6.71 37.59 -31.42
CA GLY C 270 -7.45 38.20 -30.33
C GLY C 270 -7.14 37.65 -28.95
N GLU C 271 -7.10 36.34 -28.79
CA GLU C 271 -7.01 35.79 -27.44
C GLU C 271 -5.76 34.96 -27.16
N ALA C 272 -5.47 33.95 -27.98
CA ALA C 272 -4.51 32.92 -27.56
C ALA C 272 -3.17 33.52 -27.18
N GLY C 273 -2.72 34.54 -27.92
CA GLY C 273 -1.59 35.32 -27.49
C GLY C 273 -1.88 36.80 -27.45
N ARG C 274 -2.88 37.23 -28.23
CA ARG C 274 -3.16 38.66 -28.30
C ARG C 274 -3.86 39.17 -27.04
N TYR C 275 -4.82 38.41 -26.52
CA TYR C 275 -5.37 38.77 -25.22
C TYR C 275 -4.30 38.73 -24.15
N LYS C 276 -3.43 37.72 -24.22
CA LYS C 276 -2.24 37.71 -23.38
C LYS C 276 -1.31 38.85 -23.71
N ALA C 277 -1.47 39.49 -24.87
CA ALA C 277 -0.66 40.66 -25.22
C ALA C 277 -1.43 41.96 -25.06
N GLU C 278 -2.52 42.13 -25.81
CA GLU C 278 -3.08 43.46 -26.00
C GLU C 278 -3.63 44.04 -24.69
N GLU C 279 -4.32 43.22 -23.89
CA GLU C 279 -4.74 43.70 -22.58
C GLU C 279 -3.55 43.78 -21.62
N LYS C 280 -2.68 42.78 -21.66
CA LYS C 280 -1.52 42.77 -20.77
C LYS C 280 -0.63 43.97 -21.04
N LEU C 281 -0.47 44.36 -22.30
CA LEU C 281 0.36 45.50 -22.64
C LEU C 281 -0.10 46.07 -23.97
N GLY C 282 0.08 47.38 -24.11
CA GLY C 282 -0.30 48.03 -25.35
C GLY C 282 -1.81 48.05 -25.54
N ILE C 283 -2.21 48.15 -26.80
CA ILE C 283 -3.60 48.23 -27.19
C ILE C 283 -4.02 47.06 -28.06
N ARG C 284 -3.25 46.78 -29.12
CA ARG C 284 -3.62 45.74 -30.06
C ARG C 284 -2.40 45.34 -30.88
N LEU C 285 -2.36 44.08 -31.29
CA LEU C 285 -1.25 43.49 -32.03
C LEU C 285 -1.79 43.08 -33.40
N SER C 286 -1.62 43.97 -34.39
CA SER C 286 -2.11 43.68 -35.73
C SER C 286 -1.38 42.47 -36.32
N GLY C 287 -2.11 41.69 -37.10
CA GLY C 287 -1.56 40.48 -37.66
C GLY C 287 -1.40 39.39 -36.61
N ARG C 288 -0.65 38.36 -36.99
CA ARG C 288 -0.47 37.19 -36.15
C ARG C 288 0.77 37.27 -35.27
N THR C 289 1.82 37.96 -35.73
CA THR C 289 3.07 38.03 -35.01
C THR C 289 3.86 39.21 -35.54
N LEU C 290 5.11 39.33 -35.09
CA LEU C 290 5.99 40.42 -35.51
C LEU C 290 6.75 40.00 -36.75
N ALA C 291 6.61 40.78 -37.83
CA ALA C 291 7.21 40.42 -39.11
C ALA C 291 7.01 41.57 -40.09
N ARG C 292 7.85 41.58 -41.12
CA ARG C 292 7.69 42.47 -42.26
C ARG C 292 8.55 41.93 -43.39
N PHE C 293 7.94 41.65 -44.54
CA PHE C 293 8.69 41.18 -45.69
C PHE C 293 8.19 41.78 -47.00
N GLU C 294 7.38 42.84 -46.94
CA GLU C 294 6.95 43.53 -48.14
C GLU C 294 8.02 44.45 -48.71
N ASP C 295 9.02 44.82 -47.90
CA ASP C 295 10.07 45.73 -48.34
C ASP C 295 11.47 45.21 -48.02
N GLY C 296 11.59 43.97 -47.54
CA GLY C 296 12.89 43.44 -47.16
C GLY C 296 13.26 43.83 -45.74
N GLU C 297 12.94 45.06 -45.34
CA GLU C 297 13.17 45.51 -43.99
C GLU C 297 12.21 44.83 -43.03
N PHE C 298 12.33 45.17 -41.75
CA PHE C 298 11.54 44.53 -40.70
C PHE C 298 10.75 45.55 -39.91
N LYS C 299 9.55 45.15 -39.49
CA LYS C 299 8.70 45.92 -38.60
C LYS C 299 8.14 44.98 -37.54
N ASP C 300 7.78 45.55 -36.39
CA ASP C 300 7.21 44.78 -35.31
C ASP C 300 6.10 45.56 -34.62
N GLU C 301 5.27 44.83 -33.88
CA GLU C 301 4.31 45.45 -32.98
C GLU C 301 4.40 44.86 -31.58
N VAL C 302 5.44 44.09 -31.28
CA VAL C 302 5.59 43.39 -30.02
C VAL C 302 6.77 43.92 -29.21
N PHE C 303 7.96 43.96 -29.82
CA PHE C 303 9.18 44.21 -29.05
C PHE C 303 9.17 45.60 -28.42
N LEU C 304 8.74 46.61 -29.16
CA LEU C 304 8.69 47.95 -28.59
C LEU C 304 7.76 48.03 -27.39
N PRO C 305 6.49 47.57 -27.47
CA PRO C 305 5.66 47.58 -26.25
C PRO C 305 6.22 46.70 -25.14
N THR C 306 6.81 45.54 -25.46
CA THR C 306 7.33 44.69 -24.40
C THR C 306 8.45 45.36 -23.64
N LEU C 307 9.41 45.96 -24.36
CA LEU C 307 10.50 46.64 -23.67
C LEU C 307 10.01 47.86 -22.93
N ARG C 308 9.08 48.62 -23.53
CA ARG C 308 8.51 49.79 -22.85
C ARG C 308 7.86 49.38 -21.54
N TYR C 309 7.01 48.37 -21.57
CA TYR C 309 6.20 48.04 -20.41
C TYR C 309 7.03 47.30 -19.36
N LEU C 310 8.03 46.53 -19.79
CA LEU C 310 8.99 45.97 -18.84
C LEU C 310 9.78 47.07 -18.13
N PHE C 311 10.23 48.08 -18.89
CA PHE C 311 10.94 49.18 -18.25
C PHE C 311 10.03 49.94 -17.29
N ALA C 312 8.77 50.10 -17.66
CA ALA C 312 7.81 50.74 -16.77
C ALA C 312 7.65 49.93 -15.48
N LEU C 313 7.56 48.61 -15.59
CA LEU C 313 7.41 47.78 -14.40
C LEU C 313 8.67 47.83 -13.53
N THR C 314 9.85 47.73 -14.13
CA THR C 314 11.07 47.69 -13.32
C THR C 314 11.41 49.05 -12.73
N ALA C 315 10.99 50.14 -13.37
CA ALA C 315 11.24 51.48 -12.86
C ALA C 315 10.06 52.00 -12.04
N GLY C 316 8.91 52.13 -12.66
CA GLY C 316 7.69 52.56 -11.98
C GLY C 316 6.79 51.39 -11.66
N VAL C 317 5.48 51.61 -11.78
CA VAL C 317 4.51 50.54 -11.55
C VAL C 317 3.20 50.83 -12.28
N PRO C 318 3.04 50.31 -13.50
CA PRO C 318 1.70 50.27 -14.09
C PRO C 318 0.72 49.43 -13.27
N GLY C 319 1.22 48.40 -12.58
CA GLY C 319 0.37 47.61 -11.70
C GLY C 319 1.17 46.46 -11.13
N HIS C 320 0.48 45.65 -10.32
CA HIS C 320 1.07 44.43 -9.80
C HIS C 320 1.14 43.40 -10.92
N GLU C 321 1.92 43.74 -11.94
CA GLU C 321 1.82 43.10 -13.25
C GLU C 321 2.87 42.00 -13.41
N VAL C 322 2.86 41.09 -12.45
CA VAL C 322 3.70 39.89 -12.47
C VAL C 322 2.78 38.69 -12.67
N ASP C 323 3.05 37.90 -13.70
CA ASP C 323 2.15 36.81 -14.08
C ASP C 323 2.48 35.56 -13.28
N ASP C 324 1.49 35.08 -12.53
CA ASP C 324 1.65 33.84 -11.79
C ASP C 324 1.77 32.66 -12.75
N ILE C 325 2.68 31.73 -12.42
CA ILE C 325 2.85 30.55 -13.26
C ILE C 325 1.62 29.67 -13.22
N ASP C 326 0.87 29.69 -12.12
CA ASP C 326 -0.26 28.79 -11.94
C ASP C 326 -1.61 29.50 -12.01
N HIS C 327 -1.63 30.82 -12.16
CA HIS C 327 -2.88 31.54 -12.33
C HIS C 327 -3.62 31.00 -13.53
N LEU C 328 -4.93 30.76 -13.36
CA LEU C 328 -5.67 30.07 -14.42
C LEU C 328 -5.95 30.96 -15.62
N GLY C 329 -5.97 32.28 -15.44
CA GLY C 329 -6.07 33.17 -16.58
C GLY C 329 -4.84 33.14 -17.47
N ASN C 330 -3.71 32.71 -16.93
CA ASN C 330 -2.48 32.57 -17.70
C ASN C 330 -2.18 31.11 -18.04
N ARG C 331 -3.15 30.22 -17.89
CA ARG C 331 -3.00 28.84 -18.30
C ARG C 331 -4.11 28.49 -19.27
N ARG C 332 -3.81 27.57 -20.18
CA ARG C 332 -4.66 27.29 -21.33
C ARG C 332 -4.81 25.79 -21.51
N ILE C 333 -5.99 25.39 -21.93
CA ILE C 333 -6.37 23.99 -22.06
C ILE C 333 -6.42 23.62 -23.54
N ARG C 334 -5.56 22.71 -23.93
CA ARG C 334 -5.62 22.08 -25.25
C ARG C 334 -6.56 20.89 -25.15
N THR C 335 -7.70 21.00 -25.84
CA THR C 335 -8.69 19.93 -25.87
C THR C 335 -8.22 18.84 -26.84
N VAL C 336 -9.10 17.87 -27.12
CA VAL C 336 -8.74 16.81 -28.05
C VAL C 336 -8.54 17.38 -29.45
N GLY C 337 -9.32 18.39 -29.81
CA GLY C 337 -9.16 18.99 -31.12
C GLY C 337 -7.79 19.59 -31.34
N GLU C 338 -7.29 20.33 -30.36
CA GLU C 338 -5.98 20.96 -30.49
C GLU C 338 -4.87 19.93 -30.57
N LEU C 339 -4.93 18.89 -29.74
CA LEU C 339 -3.90 17.85 -29.78
C LEU C 339 -3.91 17.15 -31.13
N MET C 340 -5.10 16.82 -31.63
CA MET C 340 -5.21 16.18 -32.93
C MET C 340 -4.68 17.09 -34.03
N THR C 341 -5.01 18.37 -33.96
CA THR C 341 -4.55 19.31 -34.98
C THR C 341 -3.03 19.43 -34.97
N ASP C 342 -2.42 19.50 -33.78
CA ASP C 342 -0.97 19.60 -33.72
C ASP C 342 -0.30 18.35 -34.27
N GLN C 343 -0.80 17.17 -33.90
CA GLN C 343 -0.23 15.95 -34.45
C GLN C 343 -0.42 15.88 -35.96
N PHE C 344 -1.58 16.31 -36.44
CA PHE C 344 -1.84 16.34 -37.87
C PHE C 344 -0.88 17.27 -38.59
N ARG C 345 -0.60 18.44 -38.01
CA ARG C 345 0.30 19.37 -38.68
C ARG C 345 1.74 18.87 -38.63
N VAL C 346 2.12 18.14 -37.60
CA VAL C 346 3.44 17.51 -37.58
C VAL C 346 3.55 16.49 -38.71
N GLY C 347 2.56 15.62 -38.84
CA GLY C 347 2.57 14.65 -39.94
C GLY C 347 2.53 15.33 -41.29
N LEU C 348 1.79 16.43 -41.40
CA LEU C 348 1.69 17.14 -42.67
C LEU C 348 3.01 17.79 -43.04
N ALA C 349 3.74 18.32 -42.05
CA ALA C 349 5.07 18.85 -42.33
C ALA C 349 6.03 17.75 -42.75
N ARG C 350 5.93 16.58 -42.13
CA ARG C 350 6.74 15.44 -42.58
C ARG C 350 6.44 15.12 -44.05
N LEU C 351 5.15 15.10 -44.40
CA LEU C 351 4.76 14.87 -45.78
C LEU C 351 5.29 15.98 -46.70
N ALA C 352 5.34 17.22 -46.21
CA ALA C 352 5.86 18.31 -47.01
C ALA C 352 7.34 18.13 -47.30
N ARG C 353 8.11 17.72 -46.29
CA ARG C 353 9.52 17.43 -46.54
C ARG C 353 9.68 16.28 -47.52
N GLY C 354 8.86 15.25 -47.37
CA GLY C 354 8.93 14.13 -48.30
C GLY C 354 8.64 14.53 -49.73
N VAL C 355 7.60 15.34 -49.93
CA VAL C 355 7.26 15.76 -51.29
C VAL C 355 8.31 16.70 -51.84
N ARG C 356 8.94 17.52 -50.98
CA ARG C 356 10.04 18.36 -51.45
C ARG C 356 11.19 17.50 -51.96
N GLU C 357 11.54 16.44 -51.21
CA GLU C 357 12.59 15.56 -51.67
C GLU C 357 12.20 14.87 -52.98
N ARG C 358 10.95 14.43 -53.08
CA ARG C 358 10.49 13.73 -54.28
C ARG C 358 10.55 14.65 -55.50
N MET C 359 10.16 15.90 -55.33
CA MET C 359 10.30 16.87 -56.43
C MET C 359 11.76 17.11 -56.76
N LEU C 360 12.62 17.24 -55.75
CA LEU C 360 14.03 17.49 -55.99
C LEU C 360 14.64 16.38 -56.82
N MET C 361 14.30 15.13 -56.50
CA MET C 361 14.74 14.00 -57.31
C MET C 361 13.84 13.73 -58.51
N GLY C 362 12.73 14.46 -58.63
CA GLY C 362 11.85 14.26 -59.77
C GLY C 362 12.40 14.89 -61.04
N SER C 363 12.18 14.19 -62.16
CA SER C 363 12.69 14.64 -63.45
C SER C 363 11.63 15.32 -64.29
N GLU C 364 10.53 14.62 -64.58
CA GLU C 364 9.48 15.15 -65.43
C GLU C 364 8.49 15.93 -64.56
N ASP C 365 7.33 16.28 -65.14
CA ASP C 365 6.37 17.13 -64.46
C ASP C 365 5.01 16.49 -64.23
N SER C 366 4.51 15.70 -65.18
CA SER C 366 3.17 15.11 -65.06
C SER C 366 3.19 13.94 -64.07
N LEU C 367 3.43 14.28 -62.80
CA LEU C 367 3.57 13.29 -61.73
C LEU C 367 2.89 13.76 -60.45
N THR C 368 1.85 14.59 -60.57
CA THR C 368 1.31 15.28 -59.39
C THR C 368 0.75 14.33 -58.33
N PRO C 369 -0.21 13.45 -58.63
CA PRO C 369 -0.83 12.67 -57.56
C PRO C 369 0.11 11.67 -56.91
N ALA C 370 0.75 10.84 -57.74
CA ALA C 370 1.47 9.68 -57.21
C ALA C 370 2.88 10.05 -56.76
N LYS C 371 3.70 10.55 -57.68
CA LYS C 371 5.12 10.76 -57.42
C LYS C 371 5.39 11.92 -56.47
N LEU C 372 4.36 12.52 -55.88
CA LEU C 372 4.54 13.63 -54.95
C LEU C 372 4.11 13.28 -53.54
N VAL C 373 2.88 12.80 -53.36
CA VAL C 373 2.28 12.65 -52.04
C VAL C 373 2.19 11.17 -51.69
N ASN C 374 2.73 10.82 -50.53
CA ASN C 374 2.55 9.49 -49.95
C ASN C 374 1.88 9.64 -48.59
N SER C 375 0.88 8.79 -48.34
CA SER C 375 0.09 8.89 -47.12
C SER C 375 0.79 8.35 -45.90
N ARG C 376 1.92 7.66 -46.07
CA ARG C 376 2.56 6.97 -44.94
C ARG C 376 2.91 7.89 -43.78
N PRO C 377 3.56 9.05 -43.98
CA PRO C 377 3.96 9.84 -42.80
C PRO C 377 2.79 10.35 -41.97
N LEU C 378 1.83 11.02 -42.62
CA LEU C 378 0.70 11.60 -41.90
C LEU C 378 -0.14 10.51 -41.26
N GLU C 379 -0.37 9.41 -41.99
CA GLU C 379 -1.13 8.30 -41.43
C GLU C 379 -0.43 7.72 -40.21
N ALA C 380 0.89 7.54 -40.28
CA ALA C 380 1.62 7.01 -39.14
C ALA C 380 1.55 7.96 -37.95
N ALA C 381 1.67 9.26 -38.19
CA ALA C 381 1.59 10.22 -37.10
C ALA C 381 0.22 10.19 -36.43
N ILE C 382 -0.85 10.19 -37.23
CA ILE C 382 -2.19 10.17 -36.66
C ILE C 382 -2.41 8.88 -35.89
N ARG C 383 -2.00 7.75 -36.47
CA ARG C 383 -2.21 6.47 -35.81
C ARG C 383 -1.45 6.38 -34.50
N GLU C 384 -0.20 6.85 -34.48
CA GLU C 384 0.57 6.78 -33.24
C GLU C 384 -0.03 7.71 -32.19
N PHE C 385 -0.51 8.89 -32.60
CA PHE C 385 -1.12 9.79 -31.62
C PHE C 385 -2.39 9.19 -31.04
N PHE C 386 -3.20 8.54 -31.87
CA PHE C 386 -4.45 7.99 -31.36
C PHE C 386 -4.28 6.63 -30.71
N SER C 387 -3.11 6.00 -30.83
CA SER C 387 -2.90 4.68 -30.26
C SER C 387 -2.01 4.70 -29.02
N ARG C 388 -0.80 5.26 -29.15
CA ARG C 388 0.21 5.13 -28.11
C ARG C 388 0.56 6.44 -27.42
N SER C 389 -0.19 7.51 -27.67
CA SER C 389 0.09 8.75 -26.97
C SER C 389 -0.30 8.62 -25.50
N GLN C 390 0.19 9.56 -24.69
CA GLN C 390 -0.06 9.50 -23.26
C GLN C 390 -1.50 9.88 -22.93
N LEU C 391 -2.05 10.86 -23.63
CA LEU C 391 -3.37 11.38 -23.29
C LEU C 391 -4.52 10.54 -23.85
N SER C 392 -4.25 9.66 -24.80
CA SER C 392 -5.30 8.78 -25.35
C SER C 392 -5.30 7.51 -24.51
N GLN C 393 -6.21 7.46 -23.54
CA GLN C 393 -6.22 6.41 -22.54
C GLN C 393 -7.50 5.60 -22.61
N PHE C 394 -7.39 4.37 -22.11
CA PHE C 394 -8.50 3.42 -22.11
C PHE C 394 -9.70 4.01 -21.38
N LYS C 395 -10.86 3.94 -22.01
CA LYS C 395 -12.07 4.46 -21.39
C LYS C 395 -12.51 3.58 -20.23
N ASP C 396 -12.96 4.21 -19.14
CA ASP C 396 -13.44 3.48 -17.96
C ASP C 396 -14.96 3.45 -17.98
N GLU C 397 -15.49 2.46 -18.69
CA GLU C 397 -16.95 2.32 -18.81
C GLU C 397 -17.51 1.43 -17.71
N THR C 398 -17.15 1.70 -16.46
CA THR C 398 -17.74 0.98 -15.35
C THR C 398 -19.19 1.40 -15.12
N ASN C 399 -19.47 2.68 -15.24
CA ASN C 399 -20.81 3.23 -15.09
C ASN C 399 -20.85 4.57 -15.80
N PRO C 400 -22.05 5.10 -16.09
CA PRO C 400 -22.12 6.39 -16.80
C PRO C 400 -21.34 7.49 -16.13
N LEU C 401 -21.35 7.55 -14.79
CA LEU C 401 -20.62 8.60 -14.10
C LEU C 401 -19.12 8.49 -14.35
N SER C 402 -18.60 7.26 -14.33
CA SER C 402 -17.17 7.07 -14.57
C SER C 402 -16.77 7.58 -15.95
N SER C 403 -17.51 7.17 -16.97
CA SER C 403 -17.19 7.59 -18.33
C SER C 403 -17.32 9.10 -18.48
N LEU C 404 -18.35 9.70 -17.88
CA LEU C 404 -18.53 11.14 -18.00
C LEU C 404 -17.38 11.90 -17.35
N ARG C 405 -17.03 11.52 -16.12
CA ARG C 405 -15.94 12.21 -15.44
C ARG C 405 -14.62 12.02 -16.21
N HIS C 406 -14.39 10.81 -16.72
CA HIS C 406 -13.20 10.57 -17.53
C HIS C 406 -13.18 11.47 -18.76
N LYS C 407 -14.33 11.67 -19.39
CA LYS C 407 -14.41 12.55 -20.55
C LYS C 407 -14.16 14.00 -20.18
N ARG C 408 -14.48 14.41 -18.95
CA ARG C 408 -14.25 15.79 -18.53
C ARG C 408 -13.12 15.90 -17.52
N ARG C 409 -12.07 15.13 -17.71
CA ARG C 409 -10.92 15.14 -16.80
C ARG C 409 -9.76 15.90 -17.42
N ILE C 410 -9.17 16.81 -16.66
CA ILE C 410 -8.10 17.67 -17.12
C ILE C 410 -6.80 17.21 -16.49
N SER C 411 -5.76 17.05 -17.32
CA SER C 411 -4.47 16.58 -16.86
C SER C 411 -3.41 17.67 -17.00
N ALA C 412 -2.56 17.80 -16.00
CA ALA C 412 -1.44 18.72 -16.03
C ALA C 412 -0.22 18.09 -16.71
N LEU C 413 0.01 16.81 -16.48
CA LEU C 413 1.03 16.08 -17.22
C LEU C 413 0.55 15.79 -18.64
N GLY C 414 1.33 15.02 -19.39
CA GLY C 414 1.01 14.74 -20.76
C GLY C 414 2.12 14.03 -21.50
N PRO C 415 2.50 14.56 -22.66
CA PRO C 415 3.59 13.94 -23.43
C PRO C 415 4.89 13.80 -22.67
N GLY C 416 5.16 14.68 -21.70
CA GLY C 416 6.32 14.53 -20.85
C GLY C 416 7.15 15.78 -20.69
N GLY C 417 7.28 16.57 -21.75
CA GLY C 417 8.05 17.80 -21.67
C GLY C 417 7.35 18.93 -20.95
N LEU C 418 6.08 18.76 -20.61
CA LEU C 418 5.31 19.78 -19.91
C LEU C 418 5.37 19.60 -18.40
N THR C 419 4.93 18.45 -17.91
CA THR C 419 5.06 18.12 -16.49
C THR C 419 5.07 16.60 -16.35
N ARG C 420 5.87 16.11 -15.41
CA ARG C 420 6.08 14.69 -15.19
C ARG C 420 5.94 14.34 -13.71
N GLU C 421 6.07 13.05 -13.42
CA GLU C 421 5.64 12.49 -12.13
C GLU C 421 6.56 12.88 -10.98
N ARG C 422 7.85 13.07 -11.24
CA ARG C 422 8.83 13.05 -10.17
C ARG C 422 8.56 14.13 -9.12
N ALA C 423 8.62 15.40 -9.52
CA ALA C 423 8.46 16.52 -8.61
C ALA C 423 7.49 17.53 -9.21
N GLY C 424 6.34 17.71 -8.57
CA GLY C 424 5.35 18.68 -9.00
C GLY C 424 4.68 19.38 -7.83
N PHE C 425 5.31 19.29 -6.66
CA PHE C 425 4.68 19.73 -5.42
C PHE C 425 4.33 21.22 -5.46
N ASP C 426 5.04 22.01 -6.26
CA ASP C 426 4.75 23.44 -6.32
C ASP C 426 3.42 23.73 -6.99
N VAL C 427 3.03 22.88 -7.95
CA VAL C 427 1.82 23.13 -8.73
C VAL C 427 0.65 22.25 -8.31
N ARG C 428 0.89 21.21 -7.50
CA ARG C 428 -0.19 20.31 -7.11
C ARG C 428 -1.28 21.04 -6.34
N ASP C 429 -0.94 22.13 -5.65
CA ASP C 429 -1.91 22.84 -4.84
C ASP C 429 -2.83 23.69 -5.72
N VAL C 430 -4.05 23.91 -5.22
CA VAL C 430 -5.01 24.72 -5.96
C VAL C 430 -4.72 26.20 -5.75
N HIS C 431 -5.37 27.02 -6.57
CA HIS C 431 -5.18 28.46 -6.55
C HIS C 431 -6.51 29.15 -6.31
N ARG C 432 -6.44 30.45 -6.03
CA ARG C 432 -7.63 31.24 -5.77
C ARG C 432 -8.53 31.37 -6.99
N THR C 433 -8.01 31.13 -8.19
CA THR C 433 -8.82 31.19 -9.40
C THR C 433 -9.45 29.86 -9.76
N HIS C 434 -9.12 28.78 -9.05
CA HIS C 434 -9.80 27.51 -9.27
C HIS C 434 -11.27 27.57 -8.88
N TYR C 435 -11.68 28.62 -8.16
CA TYR C 435 -13.06 28.78 -7.73
C TYR C 435 -13.98 28.91 -8.94
N GLY C 436 -14.82 27.90 -9.16
CA GLY C 436 -15.76 27.92 -10.26
C GLY C 436 -15.23 27.39 -11.57
N ARG C 437 -13.97 27.00 -11.63
CA ARG C 437 -13.37 26.47 -12.85
C ARG C 437 -12.84 25.06 -12.67
N ILE C 438 -12.14 24.78 -11.58
CA ILE C 438 -11.54 23.48 -11.33
C ILE C 438 -11.98 23.01 -9.95
N CYS C 439 -12.42 21.77 -9.85
CA CYS C 439 -12.86 21.24 -8.58
C CYS C 439 -11.65 20.97 -7.69
N PRO C 440 -11.56 21.57 -6.50
CA PRO C 440 -10.41 21.33 -5.63
C PRO C 440 -10.46 20.00 -4.90
N VAL C 441 -11.37 19.10 -5.27
CA VAL C 441 -11.60 17.87 -4.51
C VAL C 441 -11.43 16.66 -5.40
N GLU C 442 -11.46 16.86 -6.73
CA GLU C 442 -11.48 15.74 -7.66
C GLU C 442 -10.15 15.02 -7.81
N THR C 443 -9.07 15.57 -7.28
CA THR C 443 -7.76 14.99 -7.55
C THR C 443 -7.69 13.57 -6.99
N PRO C 444 -7.15 12.62 -7.74
CA PRO C 444 -7.06 11.24 -7.25
C PRO C 444 -5.89 11.07 -6.29
N GLU C 445 -6.15 10.43 -5.16
CA GLU C 445 -5.10 10.17 -4.20
C GLU C 445 -4.07 9.20 -4.77
N GLY C 446 -2.81 9.41 -4.39
CA GLY C 446 -1.70 8.63 -4.88
C GLY C 446 -0.63 9.54 -5.44
N ALA C 447 0.17 9.00 -6.36
CA ALA C 447 1.22 9.79 -6.98
C ALA C 447 0.65 10.94 -7.79
N ASN C 448 -0.44 10.68 -8.52
CA ASN C 448 -1.03 11.68 -9.42
C ASN C 448 -2.06 12.53 -8.68
N ILE C 449 -1.64 13.13 -7.58
CA ILE C 449 -2.50 14.01 -6.82
C ILE C 449 -2.23 15.45 -7.23
N GLY C 450 -3.30 16.18 -7.54
CA GLY C 450 -3.17 17.56 -7.96
C GLY C 450 -2.87 17.73 -9.43
N LEU C 451 -2.08 16.81 -10.00
CA LEU C 451 -1.79 16.87 -11.43
C LEU C 451 -3.05 16.58 -12.25
N ILE C 452 -3.73 15.48 -11.93
CA ILE C 452 -4.97 15.10 -12.59
C ILE C 452 -6.11 15.79 -11.86
N THR C 453 -6.98 16.45 -12.61
CA THR C 453 -8.12 17.13 -12.00
C THR C 453 -9.29 17.11 -12.98
N SER C 454 -10.40 17.71 -12.56
CA SER C 454 -11.58 17.81 -13.38
C SER C 454 -12.14 19.21 -13.24
N LEU C 455 -12.78 19.70 -14.30
CA LEU C 455 -13.32 21.06 -14.26
C LEU C 455 -14.66 21.08 -13.55
N ALA C 456 -15.12 22.29 -13.28
CA ALA C 456 -16.40 22.50 -12.61
C ALA C 456 -17.55 22.10 -13.54
N ALA C 457 -18.71 21.85 -12.94
CA ALA C 457 -19.89 21.48 -13.72
C ALA C 457 -20.33 22.63 -14.60
N TYR C 458 -20.50 23.81 -14.02
CA TYR C 458 -20.88 24.99 -14.78
C TYR C 458 -19.74 25.55 -15.61
N ALA C 459 -18.53 25.01 -15.48
CA ALA C 459 -17.39 25.50 -16.23
C ALA C 459 -17.58 25.26 -17.72
N ARG C 460 -17.01 26.16 -18.51
CA ARG C 460 -17.11 26.07 -19.97
C ARG C 460 -15.89 26.71 -20.60
N VAL C 461 -15.16 25.93 -21.41
CA VAL C 461 -14.10 26.49 -22.23
C VAL C 461 -14.72 27.23 -23.41
N ASP C 462 -14.32 28.47 -23.62
CA ASP C 462 -15.03 29.29 -24.60
C ASP C 462 -14.55 29.01 -26.02
N GLU C 463 -13.32 29.38 -26.34
CA GLU C 463 -12.71 28.92 -27.59
C GLU C 463 -11.23 28.56 -27.46
N LEU C 464 -10.50 29.14 -26.49
CA LEU C 464 -9.06 28.92 -26.37
C LEU C 464 -8.74 28.60 -24.91
N GLY C 465 -8.93 27.34 -24.53
CA GLY C 465 -8.45 26.83 -23.26
C GLY C 465 -8.62 27.73 -22.06
N PHE C 466 -9.59 28.63 -22.10
CA PHE C 466 -9.78 29.65 -21.06
C PHE C 466 -11.13 29.39 -20.41
N ILE C 467 -11.12 28.76 -19.24
CA ILE C 467 -12.36 28.37 -18.59
C ILE C 467 -13.10 29.61 -18.12
N ARG C 468 -14.41 29.63 -18.33
CA ARG C 468 -15.27 30.73 -17.90
C ARG C 468 -16.28 30.20 -16.89
N THR C 469 -16.45 30.94 -15.80
CA THR C 469 -17.43 30.60 -14.77
C THR C 469 -18.68 31.46 -14.97
N PRO C 470 -19.87 30.89 -14.85
CA PRO C 470 -21.08 31.70 -14.99
C PRO C 470 -21.25 32.64 -13.81
N TYR C 471 -21.89 33.79 -14.08
CA TYR C 471 -22.16 34.78 -13.06
C TYR C 471 -23.42 35.54 -13.43
N ARG C 472 -24.25 35.81 -12.44
CA ARG C 472 -25.44 36.62 -12.61
C ARG C 472 -25.09 38.09 -12.42
N ARG C 473 -25.47 38.90 -13.38
CA ARG C 473 -25.22 40.33 -13.31
C ARG C 473 -26.12 40.96 -12.26
N VAL C 474 -25.54 41.73 -11.36
CA VAL C 474 -26.26 42.38 -10.28
C VAL C 474 -26.19 43.88 -10.52
N VAL C 475 -27.35 44.51 -10.69
CA VAL C 475 -27.45 45.94 -10.91
C VAL C 475 -28.09 46.54 -9.66
N GLY C 476 -27.35 47.38 -8.96
CA GLY C 476 -27.88 47.95 -7.73
C GLY C 476 -28.17 46.84 -6.73
N GLY C 477 -29.39 46.79 -6.23
CA GLY C 477 -29.81 45.75 -5.31
C GLY C 477 -30.61 44.62 -5.92
N VAL C 478 -30.84 44.64 -7.24
CA VAL C 478 -31.63 43.63 -7.91
C VAL C 478 -30.69 42.67 -8.64
N VAL C 479 -30.97 41.38 -8.54
CA VAL C 479 -30.21 40.35 -9.21
C VAL C 479 -30.90 40.04 -10.53
N THR C 480 -30.22 40.33 -11.63
CA THR C 480 -30.78 40.15 -12.96
C THR C 480 -30.57 38.72 -13.44
N ASP C 481 -31.53 38.23 -14.23
CA ASP C 481 -31.43 36.90 -14.82
C ASP C 481 -30.34 36.80 -15.87
N GLU C 482 -29.82 37.93 -16.36
CA GLU C 482 -28.74 37.90 -17.33
C GLU C 482 -27.53 37.15 -16.77
N VAL C 483 -27.00 36.22 -17.56
CA VAL C 483 -25.91 35.36 -17.13
C VAL C 483 -24.74 35.61 -18.08
N VAL C 484 -23.55 35.82 -17.52
CA VAL C 484 -22.35 36.04 -18.30
C VAL C 484 -21.29 35.04 -17.85
N TYR C 485 -20.62 34.41 -18.81
CA TYR C 485 -19.49 33.54 -18.53
C TYR C 485 -18.23 34.40 -18.50
N MET C 486 -17.49 34.32 -17.40
CA MET C 486 -16.41 35.25 -17.13
C MET C 486 -15.08 34.50 -17.07
N THR C 487 -14.02 35.14 -17.53
CA THR C 487 -12.68 34.56 -17.43
C THR C 487 -12.00 35.04 -16.15
N ALA C 488 -10.92 34.36 -15.79
CA ALA C 488 -10.23 34.69 -14.55
C ALA C 488 -9.70 36.11 -14.56
N THR C 489 -9.00 36.49 -15.62
CA THR C 489 -8.45 37.83 -15.70
C THR C 489 -9.54 38.89 -15.70
N GLU C 490 -10.63 38.63 -16.43
CA GLU C 490 -11.79 39.51 -16.34
C GLU C 490 -12.38 39.48 -14.94
N GLU C 491 -12.44 38.29 -14.32
CA GLU C 491 -13.08 38.15 -13.01
C GLU C 491 -12.37 38.96 -11.95
N ASP C 492 -11.04 39.06 -12.04
CA ASP C 492 -10.26 39.68 -10.97
C ASP C 492 -10.52 41.17 -10.82
N ARG C 493 -11.47 41.76 -11.53
CA ARG C 493 -11.68 43.19 -11.49
C ARG C 493 -12.99 43.62 -10.84
N TYR C 494 -13.89 42.69 -10.50
CA TYR C 494 -15.17 43.02 -9.90
C TYR C 494 -15.31 42.36 -8.53
N THR C 495 -16.39 42.73 -7.84
CA THR C 495 -16.74 42.14 -6.56
C THR C 495 -17.85 41.12 -6.78
N ILE C 496 -17.64 39.90 -6.30
CA ILE C 496 -18.52 38.78 -6.57
C ILE C 496 -19.26 38.41 -5.30
N ALA C 497 -20.59 38.37 -5.37
CA ALA C 497 -21.40 38.00 -4.22
C ALA C 497 -21.41 36.49 -4.05
N GLN C 498 -22.29 35.99 -3.19
CA GLN C 498 -22.44 34.55 -2.96
C GLN C 498 -23.90 34.16 -3.10
N ALA C 499 -24.13 32.96 -3.63
CA ALA C 499 -25.48 32.52 -3.95
C ALA C 499 -26.37 32.37 -2.73
N ASN C 500 -25.80 32.12 -1.55
CA ASN C 500 -26.60 31.87 -0.36
C ASN C 500 -27.07 33.14 0.32
N THR C 501 -26.68 34.31 -0.17
CA THR C 501 -27.09 35.55 0.45
C THR C 501 -28.62 35.68 0.40
N PRO C 502 -29.22 36.19 1.47
CA PRO C 502 -30.68 36.33 1.49
C PRO C 502 -31.17 37.25 0.38
N LEU C 503 -32.31 36.88 -0.20
CA LEU C 503 -32.84 37.58 -1.36
C LEU C 503 -34.33 37.80 -1.16
N GLU C 504 -34.80 39.00 -1.51
CA GLU C 504 -36.22 39.35 -1.47
C GLU C 504 -36.90 39.09 -2.80
N GLY C 505 -36.40 38.13 -3.57
CA GLY C 505 -36.84 37.98 -4.94
C GLY C 505 -35.91 38.74 -5.85
N ASN C 506 -36.28 39.97 -6.21
CA ASN C 506 -35.45 40.85 -7.02
C ASN C 506 -34.80 41.92 -6.16
N ARG C 507 -34.39 41.57 -4.94
CA ARG C 507 -33.77 42.55 -4.07
C ARG C 507 -32.95 41.83 -3.01
N ILE C 508 -31.75 42.34 -2.74
CA ILE C 508 -30.90 41.78 -1.70
C ILE C 508 -31.51 42.09 -0.34
N ALA C 509 -31.64 41.07 0.50
CA ALA C 509 -32.31 41.18 1.78
C ALA C 509 -31.36 41.41 2.95
N ALA C 510 -30.06 41.49 2.71
CA ALA C 510 -29.09 41.63 3.77
C ALA C 510 -28.51 43.04 3.79
N GLU C 511 -27.95 43.42 4.94
CA GLU C 511 -27.21 44.66 5.05
C GLU C 511 -25.72 44.42 4.79
N ARG C 512 -25.16 43.40 5.44
CA ARG C 512 -23.78 42.99 5.21
C ARG C 512 -23.78 41.76 4.31
N VAL C 513 -23.15 41.87 3.15
CA VAL C 513 -23.14 40.81 2.15
C VAL C 513 -21.71 40.29 2.00
N VAL C 514 -21.57 38.97 2.09
CA VAL C 514 -20.27 38.35 1.86
C VAL C 514 -19.90 38.47 0.39
N ALA C 515 -18.60 38.55 0.12
CA ALA C 515 -18.12 38.72 -1.24
C ALA C 515 -16.68 38.27 -1.32
N ARG C 516 -16.17 38.18 -2.54
CA ARG C 516 -14.75 37.95 -2.80
C ARG C 516 -14.23 39.14 -3.57
N ARG C 517 -13.46 40.01 -2.91
CA ARG C 517 -12.94 41.19 -3.57
C ARG C 517 -12.04 40.76 -4.72
N LYS C 518 -10.92 40.12 -4.40
CA LYS C 518 -10.11 39.41 -5.40
C LYS C 518 -9.67 38.11 -4.74
N GLY C 519 -10.50 37.09 -4.85
CA GLY C 519 -10.21 35.82 -4.21
C GLY C 519 -10.06 35.89 -2.71
N GLU C 520 -10.49 36.99 -2.08
CA GLU C 520 -10.34 37.19 -0.64
C GLU C 520 -11.71 37.36 0.00
N PRO C 521 -12.12 36.47 0.89
CA PRO C 521 -13.43 36.63 1.52
C PRO C 521 -13.54 37.89 2.36
N VAL C 522 -14.40 38.82 1.92
CA VAL C 522 -14.63 40.08 2.62
C VAL C 522 -16.12 40.28 2.79
N ILE C 523 -16.50 41.35 3.49
CA ILE C 523 -17.88 41.71 3.72
C ILE C 523 -18.07 43.15 3.28
N VAL C 524 -19.11 43.41 2.50
CA VAL C 524 -19.37 44.72 1.94
C VAL C 524 -20.86 45.03 2.07
N SER C 525 -21.25 46.18 1.54
CA SER C 525 -22.64 46.56 1.43
C SER C 525 -23.17 46.21 0.05
N PRO C 526 -24.49 46.05 -0.10
CA PRO C 526 -25.02 45.61 -1.40
C PRO C 526 -24.69 46.53 -2.55
N GLU C 527 -24.52 47.83 -2.30
CA GLU C 527 -24.29 48.78 -3.37
C GLU C 527 -22.95 48.55 -4.08
N GLU C 528 -22.00 47.88 -3.42
CA GLU C 528 -20.69 47.64 -3.99
C GLU C 528 -20.53 46.24 -4.55
N VAL C 529 -21.63 45.60 -4.95
CA VAL C 529 -21.59 44.27 -5.54
C VAL C 529 -21.99 44.39 -7.00
N GLU C 530 -21.28 43.68 -7.87
CA GLU C 530 -21.59 43.67 -9.29
C GLU C 530 -22.00 42.32 -9.83
N PHE C 531 -21.44 41.23 -9.31
CA PHE C 531 -21.70 39.90 -9.85
C PHE C 531 -22.03 38.92 -8.74
N MET C 532 -22.80 37.90 -9.09
CA MET C 532 -23.31 36.92 -8.15
C MET C 532 -23.04 35.52 -8.65
N ASP C 533 -22.73 34.61 -7.74
CA ASP C 533 -22.60 33.21 -8.13
C ASP C 533 -23.94 32.65 -8.56
N VAL C 534 -23.92 31.85 -9.62
CA VAL C 534 -25.15 31.25 -10.13
C VAL C 534 -25.66 30.18 -9.17
N SER C 535 -24.76 29.33 -8.68
CA SER C 535 -25.14 28.21 -7.84
C SER C 535 -23.92 27.67 -7.10
N PRO C 536 -24.09 27.13 -5.90
CA PRO C 536 -22.97 26.45 -5.24
C PRO C 536 -22.42 25.30 -6.06
N LYS C 537 -23.25 24.64 -6.87
CA LYS C 537 -22.80 23.51 -7.66
C LYS C 537 -21.63 23.87 -8.57
N GLN C 538 -21.50 25.13 -8.95
CA GLN C 538 -20.42 25.54 -9.85
C GLN C 538 -19.07 25.51 -9.17
N VAL C 539 -19.01 25.46 -7.85
CA VAL C 539 -17.71 25.45 -7.17
C VAL C 539 -17.14 24.05 -7.06
N PHE C 540 -17.92 23.02 -7.38
CA PHE C 540 -17.45 21.65 -7.33
C PHE C 540 -17.73 20.96 -8.65
N SER C 541 -17.21 19.75 -8.79
CA SER C 541 -17.34 19.02 -10.03
C SER C 541 -18.71 18.38 -10.13
N VAL C 542 -18.92 17.64 -11.22
CA VAL C 542 -20.12 16.84 -11.37
C VAL C 542 -20.13 15.70 -10.36
N ASN C 543 -19.02 14.97 -10.27
CA ASN C 543 -18.96 13.82 -9.37
C ASN C 543 -19.08 14.26 -7.92
N THR C 544 -18.56 15.44 -7.59
CA THR C 544 -18.71 15.97 -6.24
C THR C 544 -20.13 16.46 -5.98
N ASN C 545 -20.76 17.08 -6.97
CA ASN C 545 -22.11 17.60 -6.77
C ASN C 545 -23.15 16.52 -6.54
N LEU C 546 -22.77 15.25 -6.50
CA LEU C 546 -23.71 14.20 -6.20
C LEU C 546 -23.77 13.86 -4.72
N ILE C 547 -22.89 14.42 -3.89
CA ILE C 547 -22.88 14.13 -2.46
C ILE C 547 -23.94 15.00 -1.79
N PRO C 548 -24.92 14.41 -1.10
CA PRO C 548 -26.05 15.20 -0.60
C PRO C 548 -25.67 16.23 0.45
N PHE C 549 -25.09 15.78 1.55
CA PHE C 549 -24.73 16.65 2.67
C PHE C 549 -23.24 16.94 2.64
N LEU C 550 -22.85 17.83 1.73
CA LEU C 550 -21.44 18.19 1.63
C LEU C 550 -21.05 19.21 2.69
N GLU C 551 -21.97 20.07 3.09
CA GLU C 551 -21.67 21.12 4.07
C GLU C 551 -21.26 20.54 5.42
N HIS C 552 -21.56 19.27 5.68
CA HIS C 552 -21.24 18.65 6.96
C HIS C 552 -20.30 17.47 6.75
N ASP C 553 -19.25 17.67 5.97
CA ASP C 553 -18.32 16.60 5.66
C ASP C 553 -16.93 17.17 5.48
N ASP C 554 -15.93 16.31 5.62
CA ASP C 554 -14.54 16.72 5.52
C ASP C 554 -14.07 16.70 4.07
N ALA C 555 -13.03 17.49 3.79
CA ALA C 555 -12.53 17.59 2.43
C ALA C 555 -11.93 16.28 1.94
N ASN C 556 -11.10 15.64 2.78
CA ASN C 556 -10.46 14.39 2.36
C ASN C 556 -11.49 13.29 2.15
N ARG C 557 -12.43 13.17 3.09
CA ARG C 557 -13.46 12.16 2.94
C ARG C 557 -14.35 12.45 1.73
N ALA C 558 -14.63 13.72 1.45
CA ALA C 558 -15.35 14.05 0.23
C ALA C 558 -14.57 13.62 -0.99
N LEU C 559 -13.26 13.86 -0.99
CA LEU C 559 -12.41 13.43 -2.09
C LEU C 559 -12.53 11.94 -2.34
N MET C 560 -12.31 11.14 -1.30
CA MET C 560 -12.36 9.70 -1.54
C MET C 560 -13.77 9.23 -1.86
N GLY C 561 -14.80 9.81 -1.24
CA GLY C 561 -16.15 9.41 -1.57
C GLY C 561 -16.50 9.69 -3.01
N SER C 562 -16.10 10.85 -3.51
CA SER C 562 -16.33 11.16 -4.92
C SER C 562 -15.54 10.21 -5.81
N ASN C 563 -14.35 9.79 -5.37
CA ASN C 563 -13.60 8.83 -6.17
C ASN C 563 -14.26 7.46 -6.19
N MET C 564 -14.79 6.99 -5.05
CA MET C 564 -15.47 5.70 -5.06
C MET C 564 -16.79 5.75 -5.80
N GLN C 565 -17.47 6.90 -5.81
CA GLN C 565 -18.67 7.02 -6.62
C GLN C 565 -18.40 6.67 -8.07
N THR C 566 -17.19 6.99 -8.54
CA THR C 566 -16.83 6.71 -9.93
C THR C 566 -16.73 5.21 -10.18
N GLN C 567 -16.25 4.44 -9.21
CA GLN C 567 -15.99 3.02 -9.41
C GLN C 567 -17.05 2.14 -8.77
N ALA C 568 -18.32 2.53 -8.87
CA ALA C 568 -19.42 1.73 -8.34
C ALA C 568 -20.00 0.88 -9.46
N VAL C 569 -19.95 -0.43 -9.30
CA VAL C 569 -20.44 -1.35 -10.33
C VAL C 569 -21.96 -1.27 -10.40
N PRO C 570 -22.57 -1.27 -11.58
CA PRO C 570 -24.03 -1.22 -11.65
C PRO C 570 -24.65 -2.55 -11.23
N LEU C 571 -25.81 -2.45 -10.59
CA LEU C 571 -26.47 -3.62 -10.02
C LEU C 571 -27.67 -4.05 -10.88
N ILE C 572 -28.11 -5.29 -10.66
CA ILE C 572 -29.22 -5.84 -11.43
C ILE C 572 -30.48 -5.03 -11.20
N ARG C 573 -30.82 -4.78 -9.94
CA ARG C 573 -31.93 -3.90 -9.59
C ARG C 573 -31.35 -2.78 -8.72
N ALA C 574 -30.85 -1.75 -9.38
CA ALA C 574 -30.36 -0.56 -8.72
C ALA C 574 -31.52 0.39 -8.48
N GLN C 575 -31.38 1.28 -7.51
CA GLN C 575 -32.43 2.23 -7.21
C GLN C 575 -31.80 3.56 -6.80
N ALA C 576 -32.50 4.64 -7.10
CA ALA C 576 -32.00 5.97 -6.81
C ALA C 576 -31.91 6.18 -5.29
N PRO C 577 -30.97 7.01 -4.86
CA PRO C 577 -30.82 7.25 -3.42
C PRO C 577 -32.07 7.91 -2.84
N VAL C 578 -32.34 7.60 -1.57
CA VAL C 578 -33.44 8.26 -0.87
C VAL C 578 -33.21 9.76 -0.82
N VAL C 579 -31.98 10.16 -0.50
CA VAL C 579 -31.59 11.56 -0.47
C VAL C 579 -30.73 11.83 -1.70
N MET C 580 -31.21 12.72 -2.55
CA MET C 580 -30.50 13.06 -3.77
C MET C 580 -30.19 14.54 -3.80
N THR C 581 -29.33 14.93 -4.74
CA THR C 581 -28.93 16.32 -4.89
C THR C 581 -29.67 17.04 -6.00
N GLY C 582 -30.08 16.32 -7.05
CA GLY C 582 -30.78 16.91 -8.17
C GLY C 582 -30.04 16.83 -9.49
N LEU C 583 -28.88 16.17 -9.55
CA LEU C 583 -28.12 16.05 -10.77
C LEU C 583 -28.19 14.67 -11.40
N GLU C 584 -28.92 13.74 -10.80
CA GLU C 584 -28.96 12.38 -11.31
C GLU C 584 -29.62 12.32 -12.68
N GLU C 585 -30.75 13.03 -12.84
CA GLU C 585 -31.41 13.05 -14.14
C GLU C 585 -30.54 13.73 -15.19
N ARG C 586 -29.85 14.80 -14.81
CA ARG C 586 -28.96 15.46 -15.76
C ARG C 586 -27.82 14.55 -16.16
N VAL C 587 -27.29 13.78 -15.21
CA VAL C 587 -26.19 12.88 -15.53
C VAL C 587 -26.65 11.78 -16.48
N VAL C 588 -27.82 11.19 -16.22
CA VAL C 588 -28.25 10.10 -17.10
C VAL C 588 -28.64 10.63 -18.47
N ARG C 589 -29.18 11.86 -18.55
CA ARG C 589 -29.50 12.41 -19.85
C ARG C 589 -28.25 12.77 -20.62
N ASP C 590 -27.32 13.49 -19.98
CA ASP C 590 -26.17 14.03 -20.71
C ASP C 590 -25.19 12.94 -21.11
N SER C 591 -25.01 11.93 -20.28
CA SER C 591 -24.30 10.73 -20.70
C SER C 591 -25.25 9.87 -21.51
N LEU C 592 -24.89 9.57 -22.75
CA LEU C 592 -25.81 8.87 -23.64
C LEU C 592 -25.91 7.40 -23.24
N ALA C 593 -26.59 7.14 -22.13
CA ALA C 593 -26.80 5.77 -21.65
C ALA C 593 -28.24 5.29 -21.80
N ALA C 594 -29.21 6.20 -21.70
CA ALA C 594 -30.60 5.84 -21.84
C ALA C 594 -31.11 6.27 -23.21
N LEU C 595 -32.37 5.93 -23.49
CA LEU C 595 -33.03 6.30 -24.74
C LEU C 595 -34.12 7.30 -24.45
N TYR C 596 -34.21 8.34 -25.27
CA TYR C 596 -35.17 9.40 -25.05
C TYR C 596 -35.98 9.62 -26.33
N ALA C 597 -37.22 10.05 -26.14
CA ALA C 597 -38.12 10.32 -27.26
C ALA C 597 -37.76 11.66 -27.88
N GLU C 598 -37.26 11.63 -29.11
CA GLU C 598 -36.81 12.86 -29.77
C GLU C 598 -37.97 13.80 -30.10
N GLU C 599 -39.18 13.28 -30.20
CA GLU C 599 -40.32 14.11 -30.57
C GLU C 599 -41.58 13.52 -29.94
N ASP C 600 -42.58 14.37 -29.77
CA ASP C 600 -43.86 13.91 -29.27
C ASP C 600 -44.43 12.85 -30.21
N GLY C 601 -45.00 11.81 -29.62
CA GLY C 601 -45.53 10.72 -30.41
C GLY C 601 -46.07 9.62 -29.53
N GLU C 602 -46.36 8.49 -30.17
CA GLU C 602 -46.88 7.31 -29.49
C GLU C 602 -46.02 6.10 -29.85
N VAL C 603 -45.76 5.26 -28.84
CA VAL C 603 -44.98 4.06 -29.06
C VAL C 603 -45.79 3.05 -29.84
N ALA C 604 -45.16 2.39 -30.80
CA ALA C 604 -45.83 1.35 -31.59
C ALA C 604 -45.58 -0.03 -31.00
N LYS C 605 -44.32 -0.44 -30.88
CA LYS C 605 -43.98 -1.76 -30.39
C LYS C 605 -42.83 -1.66 -29.39
N VAL C 606 -42.91 -2.46 -28.33
CA VAL C 606 -41.86 -2.55 -27.33
C VAL C 606 -41.51 -4.02 -27.13
N ASP C 607 -40.26 -4.37 -27.42
CA ASP C 607 -39.78 -5.73 -27.26
C ASP C 607 -38.55 -5.71 -26.36
N GLY C 608 -38.01 -6.90 -26.09
CA GLY C 608 -36.85 -7.00 -25.23
C GLY C 608 -35.57 -6.50 -25.84
N ASN C 609 -35.56 -6.25 -27.15
CA ASN C 609 -34.35 -5.81 -27.83
C ASN C 609 -34.53 -4.60 -28.74
N ARG C 610 -35.74 -4.27 -29.16
CA ARG C 610 -35.94 -3.08 -29.98
C ARG C 610 -37.23 -2.40 -29.60
N ILE C 611 -37.32 -1.11 -29.87
CA ILE C 611 -38.52 -0.31 -29.65
C ILE C 611 -38.83 0.45 -30.92
N VAL C 612 -40.02 0.25 -31.46
CA VAL C 612 -40.47 0.93 -32.66
C VAL C 612 -41.45 2.01 -32.24
N VAL C 613 -41.13 3.26 -32.55
CA VAL C 613 -41.93 4.41 -32.13
C VAL C 613 -42.35 5.19 -33.36
N ARG C 614 -43.65 5.45 -33.49
CA ARG C 614 -44.17 6.28 -34.57
C ARG C 614 -44.35 7.70 -34.04
N TYR C 615 -43.56 8.63 -34.57
CA TYR C 615 -43.64 10.02 -34.15
C TYR C 615 -44.91 10.66 -34.68
N GLU C 616 -45.11 11.93 -34.34
CA GLU C 616 -46.31 12.64 -34.79
C GLU C 616 -46.24 12.98 -36.27
N ASP C 617 -45.05 12.94 -36.88
CA ASP C 617 -44.94 13.16 -38.31
C ASP C 617 -45.46 11.98 -39.13
N GLY C 618 -45.80 10.87 -38.49
CA GLY C 618 -46.14 9.66 -39.19
C GLY C 618 -44.97 8.75 -39.48
N ARG C 619 -43.74 9.22 -39.26
CA ARG C 619 -42.55 8.43 -39.48
C ARG C 619 -42.29 7.54 -38.26
N LEU C 620 -42.10 6.25 -38.51
CA LEU C 620 -41.77 5.31 -37.46
C LEU C 620 -40.27 5.03 -37.48
N VAL C 621 -39.65 5.03 -36.31
CA VAL C 621 -38.22 4.82 -36.17
C VAL C 621 -38.00 3.69 -35.17
N GLU C 622 -37.01 2.85 -35.45
CA GLU C 622 -36.72 1.69 -34.62
C GLU C 622 -35.41 1.92 -33.88
N TYR C 623 -35.45 1.73 -32.56
CA TYR C 623 -34.30 1.90 -31.68
C TYR C 623 -33.86 0.53 -31.22
N PRO C 624 -32.67 0.06 -31.57
CA PRO C 624 -32.16 -1.19 -31.01
C PRO C 624 -31.57 -0.97 -29.62
N LEU C 625 -31.36 -2.07 -28.92
CA LEU C 625 -30.84 -2.05 -27.56
C LEU C 625 -29.60 -2.92 -27.47
N ARG C 626 -28.52 -2.36 -26.92
CA ARG C 626 -27.39 -3.20 -26.55
C ARG C 626 -27.79 -4.00 -25.33
N ARG C 627 -28.31 -5.20 -25.55
CA ARG C 627 -28.98 -5.92 -24.48
C ARG C 627 -28.01 -6.31 -23.36
N PHE C 628 -26.86 -6.87 -23.72
CA PHE C 628 -25.81 -7.18 -22.75
C PHE C 628 -24.48 -6.91 -23.44
N TYR C 629 -23.97 -5.70 -23.26
CA TYR C 629 -22.76 -5.25 -23.93
C TYR C 629 -21.62 -5.19 -22.92
N ARG C 630 -20.55 -5.94 -23.18
CA ARG C 630 -19.41 -5.93 -22.29
C ARG C 630 -18.72 -4.57 -22.31
N SER C 631 -18.41 -4.06 -21.13
CA SER C 631 -17.72 -2.79 -21.02
C SER C 631 -16.22 -2.99 -21.16
N ASN C 632 -15.49 -1.88 -21.10
CA ASN C 632 -14.03 -1.96 -21.08
C ASN C 632 -13.54 -2.67 -19.83
N GLN C 633 -14.16 -2.41 -18.69
CA GLN C 633 -13.75 -2.98 -17.42
C GLN C 633 -14.41 -4.33 -17.14
N GLY C 634 -15.29 -4.79 -18.02
CA GLY C 634 -15.92 -6.09 -17.85
C GLY C 634 -17.31 -6.07 -17.30
N THR C 635 -17.90 -4.90 -17.07
CA THR C 635 -19.26 -4.81 -16.57
C THR C 635 -20.23 -5.05 -17.72
N ALA C 636 -21.50 -4.80 -17.49
CA ALA C 636 -22.54 -5.02 -18.49
C ALA C 636 -23.31 -3.73 -18.73
N LEU C 637 -23.60 -3.43 -19.99
CA LEU C 637 -24.37 -2.27 -20.37
C LEU C 637 -25.68 -2.75 -20.98
N ASP C 638 -26.79 -2.50 -20.29
CA ASP C 638 -28.10 -2.94 -20.70
C ASP C 638 -29.04 -1.75 -20.80
N GLN C 639 -29.91 -1.77 -21.80
CA GLN C 639 -31.01 -0.81 -21.90
C GLN C 639 -32.31 -1.56 -21.65
N ARG C 640 -32.94 -1.29 -20.51
CA ARG C 640 -34.19 -1.94 -20.17
C ARG C 640 -35.35 -1.06 -20.60
N PRO C 641 -36.29 -1.57 -21.39
CA PRO C 641 -37.40 -0.73 -21.85
C PRO C 641 -38.23 -0.23 -20.68
N ARG C 642 -38.71 1.01 -20.81
CA ARG C 642 -39.49 1.64 -19.75
C ARG C 642 -40.86 2.09 -20.21
N VAL C 643 -41.33 1.60 -21.35
CA VAL C 643 -42.61 1.99 -21.90
C VAL C 643 -43.39 0.76 -22.32
N VAL C 644 -44.70 0.93 -22.46
CA VAL C 644 -45.60 -0.16 -22.80
C VAL C 644 -46.13 0.08 -24.21
N VAL C 645 -46.60 -1.00 -24.83
CA VAL C 645 -47.12 -0.91 -26.19
C VAL C 645 -48.28 0.07 -26.24
N GLY C 646 -48.28 0.92 -27.26
CA GLY C 646 -49.34 1.89 -27.41
C GLY C 646 -49.39 2.93 -26.31
N GLN C 647 -48.24 3.44 -25.90
CA GLN C 647 -48.15 4.44 -24.84
C GLN C 647 -47.70 5.77 -25.42
N ARG C 648 -48.46 6.83 -25.13
CA ARG C 648 -48.08 8.15 -25.59
C ARG C 648 -46.85 8.64 -24.84
N VAL C 649 -45.96 9.32 -25.56
CA VAL C 649 -44.73 9.86 -24.99
C VAL C 649 -44.62 11.33 -25.36
N ARG C 650 -43.80 12.04 -24.60
CA ARG C 650 -43.55 13.46 -24.82
C ARG C 650 -42.16 13.65 -25.39
N LYS C 651 -41.90 14.87 -25.87
CA LYS C 651 -40.58 15.19 -26.39
C LYS C 651 -39.55 15.12 -25.29
N GLY C 652 -38.47 14.37 -25.53
CA GLY C 652 -37.44 14.21 -24.52
C GLY C 652 -37.80 13.26 -23.40
N ASP C 653 -38.90 12.53 -23.51
CA ASP C 653 -39.30 11.62 -22.46
C ASP C 653 -38.47 10.35 -22.49
N LEU C 654 -38.38 9.69 -21.34
CA LEU C 654 -37.59 8.48 -21.22
C LEU C 654 -38.23 7.34 -22.00
N LEU C 655 -37.40 6.49 -22.58
CA LEU C 655 -37.86 5.30 -23.29
C LEU C 655 -37.33 4.02 -22.68
N ALA C 656 -36.04 3.94 -22.41
CA ALA C 656 -35.45 2.74 -21.82
C ALA C 656 -34.40 3.15 -20.80
N ASP C 657 -34.22 2.33 -19.77
CA ASP C 657 -33.23 2.62 -18.75
C ASP C 657 -31.82 2.52 -19.30
N GLY C 658 -30.90 3.22 -18.66
CA GLY C 658 -29.49 3.04 -18.90
C GLY C 658 -28.98 1.87 -18.10
N PRO C 659 -27.67 1.64 -18.12
CA PRO C 659 -27.09 0.55 -17.32
C PRO C 659 -27.33 0.71 -15.83
N ALA C 660 -27.32 1.95 -15.32
CA ALA C 660 -27.41 2.21 -13.89
C ALA C 660 -28.40 3.34 -13.61
N SER C 661 -29.59 3.25 -14.17
CA SER C 661 -30.63 4.24 -13.96
C SER C 661 -31.93 3.55 -13.56
N GLU C 662 -32.66 4.13 -12.62
CA GLU C 662 -33.94 3.57 -12.23
C GLU C 662 -35.06 4.05 -13.15
N ASN C 663 -35.35 5.35 -13.11
CA ASN C 663 -36.28 5.98 -14.06
C ASN C 663 -35.72 7.37 -14.33
N GLY C 664 -34.84 7.48 -15.32
CA GLY C 664 -34.20 8.74 -15.62
C GLY C 664 -33.46 9.33 -14.44
N PHE C 665 -32.99 8.48 -13.53
CA PHE C 665 -32.26 8.91 -12.34
C PHE C 665 -31.04 8.04 -12.15
N LEU C 666 -29.89 8.66 -11.89
CA LEU C 666 -28.65 7.92 -11.68
C LEU C 666 -28.77 7.01 -10.46
N ALA C 667 -28.80 5.71 -10.70
CA ALA C 667 -29.02 4.72 -9.65
C ALA C 667 -27.89 3.70 -9.72
N LEU C 668 -26.90 3.85 -8.84
CA LEU C 668 -25.79 2.92 -8.73
C LEU C 668 -25.57 2.68 -7.24
N GLY C 669 -26.23 1.65 -6.73
CA GLY C 669 -26.25 1.35 -5.31
C GLY C 669 -27.64 0.97 -4.89
N GLN C 670 -27.85 0.95 -3.57
CA GLN C 670 -29.14 0.55 -3.00
C GLN C 670 -29.45 1.44 -1.81
N ASN C 671 -30.71 1.46 -1.43
CA ASN C 671 -31.16 2.11 -0.20
C ASN C 671 -31.47 1.04 0.83
N VAL C 672 -30.79 1.10 1.97
CA VAL C 672 -30.90 0.05 2.98
C VAL C 672 -31.10 0.66 4.36
N LEU C 673 -31.66 -0.14 5.26
CA LEU C 673 -31.78 0.23 6.67
C LEU C 673 -30.44 0.01 7.36
N VAL C 674 -29.82 1.09 7.78
CA VAL C 674 -28.53 1.07 8.45
C VAL C 674 -28.73 1.50 9.90
N ALA C 675 -28.12 0.74 10.81
CA ALA C 675 -28.11 1.06 12.23
C ALA C 675 -26.68 1.34 12.65
N ILE C 676 -26.44 2.50 13.26
CA ILE C 676 -25.08 2.92 13.60
C ILE C 676 -24.85 2.55 15.07
N MET C 677 -24.34 1.34 15.28
CA MET C 677 -24.01 0.85 16.61
C MET C 677 -23.01 -0.28 16.46
N PRO C 678 -22.02 -0.37 17.35
CA PRO C 678 -20.96 -1.37 17.18
C PRO C 678 -21.48 -2.76 17.48
N PHE C 679 -21.42 -3.65 16.50
CA PHE C 679 -21.77 -5.03 16.74
C PHE C 679 -20.58 -5.72 17.40
N ASP C 680 -20.60 -7.04 17.48
CA ASP C 680 -19.67 -7.75 18.35
C ASP C 680 -18.22 -7.40 18.05
N GLY C 681 -17.72 -7.83 16.91
CA GLY C 681 -16.42 -7.37 16.46
C GLY C 681 -16.39 -7.27 14.96
N TYR C 682 -17.51 -7.64 14.35
CA TYR C 682 -17.57 -7.78 12.91
C TYR C 682 -17.58 -6.45 12.19
N ASN C 683 -17.91 -5.36 12.87
CA ASN C 683 -17.59 -4.03 12.39
C ASN C 683 -16.60 -3.45 13.38
N PHE C 684 -15.33 -3.82 13.19
CA PHE C 684 -14.28 -3.46 14.15
C PHE C 684 -13.74 -2.05 13.90
N GLU C 685 -13.13 -1.83 12.75
CA GLU C 685 -12.51 -0.55 12.44
C GLU C 685 -13.21 0.13 11.28
N ASP C 686 -13.35 -0.55 10.15
CA ASP C 686 -14.14 -0.04 9.04
C ASP C 686 -14.98 -1.12 8.39
N ALA C 687 -14.94 -2.35 8.91
CA ALA C 687 -15.71 -3.44 8.32
C ALA C 687 -17.20 -3.16 8.43
N ILE C 688 -18.00 -4.02 7.79
CA ILE C 688 -19.43 -3.83 7.64
C ILE C 688 -20.14 -5.15 7.88
N VAL C 689 -21.29 -5.09 8.53
CA VAL C 689 -22.12 -6.25 8.82
C VAL C 689 -23.42 -6.13 8.04
N ILE C 690 -23.79 -7.19 7.32
CA ILE C 690 -24.99 -7.17 6.48
C ILE C 690 -25.84 -8.39 6.78
N SER C 691 -27.13 -8.28 6.48
CA SER C 691 -28.09 -9.36 6.61
C SER C 691 -28.06 -10.27 5.39
N GLU C 692 -28.68 -11.43 5.52
CA GLU C 692 -29.01 -12.23 4.36
C GLU C 692 -30.24 -11.70 3.63
N GLU C 693 -30.93 -10.72 4.20
CA GLU C 693 -32.07 -10.12 3.50
C GLU C 693 -31.62 -9.50 2.19
N LEU C 694 -30.49 -8.80 2.20
CA LEU C 694 -29.93 -8.26 0.97
C LEU C 694 -29.51 -9.36 0.00
N LEU C 695 -29.38 -10.59 0.46
CA LEU C 695 -29.05 -11.72 -0.39
C LEU C 695 -30.24 -12.63 -0.67
N LYS C 696 -31.17 -12.76 0.27
CA LYS C 696 -32.35 -13.58 0.03
C LYS C 696 -33.16 -13.03 -1.12
N ARG C 697 -33.35 -11.71 -1.15
CA ARG C 697 -33.77 -11.02 -2.36
C ARG C 697 -32.51 -10.47 -3.02
N ASP C 698 -32.34 -10.76 -4.30
CA ASP C 698 -31.11 -10.34 -4.97
C ASP C 698 -31.07 -8.82 -5.02
N PHE C 699 -30.22 -8.23 -4.19
CA PHE C 699 -30.25 -6.80 -3.97
C PHE C 699 -28.91 -6.12 -4.20
N TYR C 700 -27.80 -6.82 -3.95
CA TYR C 700 -26.48 -6.40 -4.39
C TYR C 700 -25.97 -7.51 -5.30
N THR C 701 -26.38 -7.47 -6.55
CA THR C 701 -26.04 -8.50 -7.52
C THR C 701 -25.64 -7.82 -8.82
N SER C 702 -24.59 -8.32 -9.46
CA SER C 702 -24.05 -7.69 -10.65
C SER C 702 -23.65 -8.74 -11.67
N ILE C 703 -23.54 -8.33 -12.92
CA ILE C 703 -23.13 -9.22 -14.00
C ILE C 703 -21.70 -8.86 -14.41
N HIS C 704 -20.85 -9.87 -14.53
CA HIS C 704 -19.47 -9.66 -14.90
C HIS C 704 -19.13 -10.57 -16.07
N ILE C 705 -18.54 -10.00 -17.13
CA ILE C 705 -18.24 -10.71 -18.36
C ILE C 705 -16.74 -10.66 -18.59
N GLU C 706 -16.14 -11.84 -18.78
CA GLU C 706 -14.73 -11.99 -19.08
C GLU C 706 -14.57 -12.43 -20.52
N ARG C 707 -13.66 -11.77 -21.23
CA ARG C 707 -13.46 -12.00 -22.67
C ARG C 707 -12.15 -12.74 -22.87
N TYR C 708 -12.23 -14.04 -23.07
CA TYR C 708 -11.05 -14.84 -23.40
C TYR C 708 -10.82 -14.83 -24.91
N GLU C 709 -9.59 -15.11 -25.30
CA GLU C 709 -9.19 -15.00 -26.69
C GLU C 709 -8.13 -16.05 -26.98
N ILE C 710 -8.15 -16.62 -28.18
CA ILE C 710 -7.08 -17.54 -28.58
C ILE C 710 -6.85 -17.42 -30.08
N GLU C 711 -5.61 -17.70 -30.48
CA GLU C 711 -5.13 -17.54 -31.84
C GLU C 711 -4.73 -18.89 -32.40
N ALA C 712 -5.04 -19.12 -33.68
CA ALA C 712 -4.42 -20.17 -34.46
C ALA C 712 -3.56 -19.52 -35.53
N ARG C 713 -2.27 -19.83 -35.52
CA ARG C 713 -1.30 -19.14 -36.36
C ARG C 713 -0.45 -20.15 -37.10
N ASP C 714 0.16 -19.69 -38.19
CA ASP C 714 0.98 -20.52 -39.05
C ASP C 714 2.40 -20.53 -38.50
N THR C 715 2.88 -21.70 -38.08
CA THR C 715 4.23 -21.86 -37.57
C THR C 715 5.12 -22.50 -38.64
N LYS C 716 6.43 -22.45 -38.39
CA LYS C 716 7.36 -23.11 -39.29
C LYS C 716 7.13 -24.62 -39.30
N LEU C 717 6.75 -25.19 -38.16
CA LEU C 717 6.36 -26.60 -38.13
C LEU C 717 5.11 -26.84 -38.96
N GLY C 718 4.14 -25.93 -38.89
CA GLY C 718 2.91 -26.07 -39.63
C GLY C 718 1.76 -25.31 -39.00
N PRO C 719 0.68 -25.14 -39.75
CA PRO C 719 -0.47 -24.39 -39.23
C PRO C 719 -1.13 -25.12 -38.08
N GLU C 720 -1.76 -24.34 -37.19
CA GLU C 720 -2.55 -24.89 -36.09
C GLU C 720 -4.02 -24.84 -36.47
N ARG C 721 -4.69 -25.98 -36.39
CA ARG C 721 -6.09 -26.09 -36.74
C ARG C 721 -6.93 -26.19 -35.48
N ILE C 722 -7.96 -25.33 -35.39
CA ILE C 722 -8.91 -25.37 -34.28
C ILE C 722 -9.98 -26.38 -34.67
N THR C 723 -9.94 -27.55 -34.04
CA THR C 723 -10.84 -28.64 -34.38
C THR C 723 -11.51 -29.17 -33.13
N ARG C 724 -12.67 -29.80 -33.34
CA ARG C 724 -13.36 -30.47 -32.24
C ARG C 724 -12.52 -31.60 -31.68
N ASP C 725 -11.76 -32.29 -32.52
CA ASP C 725 -10.97 -33.43 -32.08
C ASP C 725 -9.89 -33.00 -31.09
N ILE C 726 -9.65 -33.85 -30.10
CA ILE C 726 -8.57 -33.67 -29.14
C ILE C 726 -7.56 -34.79 -29.38
N PRO C 727 -6.27 -34.48 -29.45
CA PRO C 727 -5.28 -35.50 -29.82
C PRO C 727 -5.24 -36.73 -28.93
N HIS C 728 -4.96 -36.55 -27.64
CA HIS C 728 -4.54 -37.70 -26.84
C HIS C 728 -5.69 -38.35 -26.07
N LEU C 729 -6.31 -37.61 -25.14
CA LEU C 729 -7.21 -38.25 -24.18
C LEU C 729 -8.64 -37.71 -24.21
N SER C 730 -8.82 -36.40 -24.05
CA SER C 730 -10.11 -35.87 -23.63
C SER C 730 -11.15 -36.07 -24.73
N GLU C 731 -12.07 -37.01 -24.50
CA GLU C 731 -13.20 -37.23 -25.40
C GLU C 731 -14.50 -37.21 -24.62
N ALA C 732 -14.48 -37.71 -23.38
CA ALA C 732 -15.66 -37.65 -22.53
C ALA C 732 -16.03 -36.20 -22.21
N ALA C 733 -15.02 -35.38 -21.89
CA ALA C 733 -15.26 -33.96 -21.66
C ALA C 733 -15.46 -33.19 -22.95
N LEU C 734 -15.21 -33.81 -24.10
CA LEU C 734 -15.40 -33.16 -25.38
C LEU C 734 -16.87 -32.92 -25.71
N ARG C 735 -17.79 -33.55 -24.98
CA ARG C 735 -19.20 -33.38 -25.25
C ARG C 735 -19.64 -31.92 -25.12
N ASP C 736 -18.94 -31.16 -24.27
CA ASP C 736 -19.25 -29.73 -24.17
C ASP C 736 -18.80 -28.98 -25.43
N LEU C 737 -17.71 -29.42 -26.05
CA LEU C 737 -17.21 -28.81 -27.28
C LEU C 737 -18.05 -29.35 -28.42
N ASP C 738 -19.25 -28.80 -28.58
CA ASP C 738 -20.21 -29.36 -29.54
C ASP C 738 -19.75 -29.15 -30.97
N GLU C 739 -19.54 -27.90 -31.36
CA GLU C 739 -19.14 -27.57 -32.72
C GLU C 739 -17.65 -27.81 -32.89
N GLU C 740 -17.10 -27.37 -34.02
CA GLU C 740 -15.71 -27.64 -34.35
C GLU C 740 -14.81 -26.71 -33.55
N GLY C 741 -14.23 -27.23 -32.47
CA GLY C 741 -13.28 -26.50 -31.66
C GLY C 741 -13.86 -25.56 -30.62
N VAL C 742 -14.98 -24.93 -30.93
CA VAL C 742 -15.59 -23.94 -30.05
C VAL C 742 -16.61 -24.63 -29.16
N VAL C 743 -16.74 -24.16 -27.92
CA VAL C 743 -17.73 -24.69 -27.00
C VAL C 743 -19.10 -24.15 -27.35
N ARG C 744 -20.13 -24.95 -27.09
CA ARG C 744 -21.49 -24.55 -27.40
C ARG C 744 -21.94 -23.40 -26.50
N ILE C 745 -22.78 -22.52 -27.07
CA ILE C 745 -23.28 -21.38 -26.32
C ILE C 745 -24.25 -21.84 -25.24
N GLY C 746 -24.25 -21.14 -24.12
CA GLY C 746 -25.16 -21.45 -23.03
C GLY C 746 -24.75 -22.61 -22.15
N ALA C 747 -23.52 -23.06 -22.23
CA ALA C 747 -23.04 -24.18 -21.44
C ALA C 747 -22.22 -23.66 -20.27
N GLU C 748 -22.58 -24.07 -19.06
CA GLU C 748 -21.84 -23.68 -17.88
C GLU C 748 -20.43 -24.26 -17.93
N VAL C 749 -19.45 -23.47 -17.48
CA VAL C 749 -18.05 -23.86 -17.56
C VAL C 749 -17.41 -23.69 -16.18
N LYS C 750 -16.61 -24.67 -15.80
CA LYS C 750 -15.84 -24.67 -14.57
C LYS C 750 -14.36 -24.48 -14.88
N PRO C 751 -13.58 -23.99 -13.93
CA PRO C 751 -12.13 -23.87 -14.15
C PRO C 751 -11.52 -25.23 -14.50
N GLY C 752 -10.62 -25.22 -15.47
CA GLY C 752 -9.99 -26.44 -15.92
C GLY C 752 -10.74 -27.21 -16.99
N ASP C 753 -11.75 -26.61 -17.61
CA ASP C 753 -12.51 -27.25 -18.66
C ASP C 753 -12.07 -26.72 -20.03
N ILE C 754 -12.05 -27.61 -21.02
CA ILE C 754 -11.65 -27.21 -22.36
C ILE C 754 -12.65 -26.20 -22.90
N LEU C 755 -12.13 -25.12 -23.50
CA LEU C 755 -12.96 -24.07 -24.06
C LEU C 755 -12.80 -23.95 -25.57
N VAL C 756 -11.57 -23.96 -26.07
CA VAL C 756 -11.28 -23.99 -27.50
C VAL C 756 -10.24 -25.07 -27.76
N GLY C 757 -10.54 -25.98 -28.69
CA GLY C 757 -9.63 -27.06 -28.99
C GLY C 757 -8.71 -26.75 -30.16
N ARG C 758 -7.46 -26.42 -29.88
CA ARG C 758 -6.47 -26.08 -30.88
C ARG C 758 -5.35 -27.11 -30.88
N THR C 759 -4.96 -27.56 -32.06
CA THR C 759 -3.99 -28.64 -32.23
C THR C 759 -2.72 -28.10 -32.86
N SER C 760 -1.58 -28.58 -32.36
CA SER C 760 -0.27 -28.22 -32.89
C SER C 760 0.51 -29.48 -33.23
N PHE C 761 1.72 -29.28 -33.75
CA PHE C 761 2.59 -30.39 -34.11
C PHE C 761 3.58 -30.70 -33.00
N VAL C 785 0.77 -35.09 -33.05
CA VAL C 785 -0.02 -33.88 -32.88
C VAL C 785 -0.05 -33.49 -31.41
N LYS C 786 0.26 -32.23 -31.11
CA LYS C 786 0.34 -31.73 -29.75
C LYS C 786 -0.89 -30.89 -29.45
N ASP C 787 -1.45 -31.09 -28.26
CA ASP C 787 -2.68 -30.41 -27.85
C ASP C 787 -2.33 -29.13 -27.11
N THR C 788 -2.67 -27.99 -27.71
CA THR C 788 -2.52 -26.68 -27.08
C THR C 788 -3.90 -26.03 -27.13
N SER C 789 -4.73 -26.32 -26.13
CA SER C 789 -6.12 -25.89 -26.12
C SER C 789 -6.35 -24.87 -25.02
N LEU C 790 -7.03 -23.78 -25.36
CA LEU C 790 -7.39 -22.78 -24.37
C LEU C 790 -8.42 -23.37 -23.40
N ARG C 791 -8.14 -23.28 -22.10
CA ARG C 791 -9.01 -23.82 -21.07
C ARG C 791 -9.40 -22.71 -20.11
N VAL C 792 -10.44 -22.97 -19.34
CA VAL C 792 -10.91 -22.02 -18.34
C VAL C 792 -9.81 -21.85 -17.30
N PRO C 793 -9.40 -20.62 -16.99
CA PRO C 793 -8.31 -20.43 -16.04
C PRO C 793 -8.73 -20.88 -14.66
N PRO C 794 -7.78 -21.30 -13.82
CA PRO C 794 -8.12 -21.67 -12.44
C PRO C 794 -8.76 -20.49 -11.72
N GLY C 795 -9.76 -20.79 -10.91
CA GLY C 795 -10.56 -19.73 -10.33
C GLY C 795 -12.04 -19.93 -10.57
N GLU C 796 -12.64 -19.09 -11.39
CA GLU C 796 -14.07 -19.05 -11.56
C GLU C 796 -14.43 -19.10 -13.04
N GLY C 797 -15.65 -19.56 -13.31
CA GLY C 797 -16.19 -19.57 -14.65
C GLY C 797 -17.70 -19.47 -14.60
N GLY C 798 -18.27 -18.82 -15.60
CA GLY C 798 -19.71 -18.60 -15.63
C GLY C 798 -20.42 -19.26 -16.78
N ILE C 799 -21.17 -18.49 -17.55
CA ILE C 799 -21.97 -18.99 -18.66
C ILE C 799 -21.46 -18.34 -19.94
N VAL C 800 -21.13 -19.17 -20.93
CA VAL C 800 -20.70 -18.67 -22.22
C VAL C 800 -21.89 -18.05 -22.95
N VAL C 801 -21.70 -16.85 -23.49
CA VAL C 801 -22.78 -16.09 -24.10
C VAL C 801 -22.52 -15.83 -25.59
N ARG C 802 -21.29 -15.52 -25.96
CA ARG C 802 -20.98 -15.14 -27.34
C ARG C 802 -19.62 -15.71 -27.74
N THR C 803 -19.52 -16.07 -29.01
CA THR C 803 -18.28 -16.53 -29.60
C THR C 803 -18.14 -15.89 -30.97
N VAL C 804 -16.97 -15.31 -31.26
CA VAL C 804 -16.70 -14.69 -32.54
C VAL C 804 -15.46 -15.32 -33.13
N ARG C 805 -15.53 -15.70 -34.41
CA ARG C 805 -14.45 -16.35 -35.13
C ARG C 805 -14.09 -15.52 -36.34
N LEU C 806 -12.82 -15.12 -36.44
CA LEU C 806 -12.30 -14.36 -37.56
C LEU C 806 -11.17 -15.14 -38.21
N ARG C 807 -11.37 -15.55 -39.46
CA ARG C 807 -10.41 -16.38 -40.18
C ARG C 807 -9.76 -15.57 -41.31
N ARG C 808 -8.92 -16.25 -42.08
CA ARG C 808 -8.23 -15.59 -43.20
C ARG C 808 -9.18 -15.07 -44.25
N GLY C 809 -10.39 -15.63 -44.35
CA GLY C 809 -11.36 -15.14 -45.31
C GLY C 809 -11.91 -13.81 -44.89
N ASP C 810 -11.07 -12.79 -44.96
CA ASP C 810 -11.36 -11.49 -44.38
C ASP C 810 -12.44 -10.78 -45.18
N PRO C 811 -13.62 -10.52 -44.62
CA PRO C 811 -14.59 -9.64 -45.30
C PRO C 811 -14.10 -8.21 -45.32
N GLY C 812 -13.71 -7.71 -44.14
CA GLY C 812 -13.11 -6.40 -44.02
C GLY C 812 -12.14 -6.36 -42.86
N VAL C 813 -11.81 -7.51 -42.31
CA VAL C 813 -11.03 -7.63 -41.10
C VAL C 813 -9.57 -7.87 -41.46
N GLU C 814 -8.67 -7.57 -40.52
CA GLU C 814 -7.26 -7.87 -40.66
C GLU C 814 -6.79 -8.69 -39.46
N LEU C 815 -5.73 -9.46 -39.66
CA LEU C 815 -5.16 -10.28 -38.62
C LEU C 815 -3.68 -9.99 -38.50
N LYS C 816 -3.11 -10.37 -37.36
CA LYS C 816 -1.67 -10.26 -37.19
C LYS C 816 -0.99 -11.21 -38.17
N PRO C 817 0.09 -10.78 -38.82
CA PRO C 817 0.73 -11.62 -39.84
C PRO C 817 1.16 -12.96 -39.27
N GLY C 818 0.93 -14.02 -40.05
CA GLY C 818 1.22 -15.36 -39.62
C GLY C 818 0.12 -16.04 -38.83
N VAL C 819 -0.97 -15.33 -38.54
CA VAL C 819 -2.09 -15.87 -37.77
C VAL C 819 -3.23 -16.17 -38.72
N ARG C 820 -3.58 -17.45 -38.85
CA ARG C 820 -4.62 -17.82 -39.79
C ARG C 820 -6.02 -17.50 -39.26
N GLU C 821 -6.25 -17.63 -37.96
CA GLU C 821 -7.58 -17.34 -37.43
C GLU C 821 -7.50 -17.03 -35.94
N VAL C 822 -8.60 -16.48 -35.43
CA VAL C 822 -8.73 -16.09 -34.03
C VAL C 822 -10.15 -16.37 -33.59
N VAL C 823 -10.32 -16.74 -32.32
CA VAL C 823 -11.66 -16.85 -31.75
C VAL C 823 -11.67 -16.21 -30.37
N ARG C 824 -12.69 -15.40 -30.12
CA ARG C 824 -12.90 -14.73 -28.84
C ARG C 824 -14.20 -15.23 -28.22
N VAL C 825 -14.16 -15.55 -26.93
CA VAL C 825 -15.28 -16.14 -26.22
C VAL C 825 -15.60 -15.27 -25.02
N TYR C 826 -16.88 -14.95 -24.85
CA TYR C 826 -17.35 -14.15 -23.74
C TYR C 826 -18.06 -15.04 -22.73
N VAL C 827 -17.64 -14.97 -21.47
CA VAL C 827 -18.24 -15.75 -20.40
C VAL C 827 -18.82 -14.78 -19.39
N ALA C 828 -20.10 -14.95 -19.08
CA ALA C 828 -20.80 -14.07 -18.15
C ALA C 828 -21.12 -14.83 -16.87
N GLN C 829 -21.05 -14.13 -15.75
CA GLN C 829 -21.35 -14.71 -14.45
C GLN C 829 -22.06 -13.69 -13.58
N LYS C 830 -22.87 -14.18 -12.66
CA LYS C 830 -23.71 -13.34 -11.81
C LYS C 830 -23.08 -13.29 -10.42
N ARG C 831 -22.27 -12.27 -10.18
CA ARG C 831 -21.67 -12.10 -8.87
C ARG C 831 -22.70 -11.60 -7.87
N LYS C 832 -22.79 -12.28 -6.73
CA LYS C 832 -23.65 -11.86 -5.63
C LYS C 832 -22.80 -11.41 -4.47
N LEU C 833 -23.35 -10.52 -3.66
CA LEU C 833 -22.61 -9.97 -2.53
C LEU C 833 -22.18 -11.05 -1.57
N GLN C 834 -20.94 -10.99 -1.13
CA GLN C 834 -20.37 -12.00 -0.25
C GLN C 834 -19.34 -11.32 0.65
N VAL C 835 -18.60 -12.14 1.40
CA VAL C 835 -17.68 -11.60 2.41
C VAL C 835 -16.56 -10.80 1.75
N GLY C 836 -15.98 -11.33 0.68
CA GLY C 836 -14.82 -10.68 0.09
C GLY C 836 -15.08 -9.27 -0.40
N ASP C 837 -16.32 -8.98 -0.80
CA ASP C 837 -16.62 -7.73 -1.49
C ASP C 837 -16.50 -6.54 -0.54
N LYS C 838 -16.53 -5.35 -1.12
CA LYS C 838 -16.45 -4.11 -0.38
C LYS C 838 -17.62 -3.22 -0.77
N LEU C 839 -18.02 -2.35 0.15
CA LEU C 839 -19.13 -1.44 -0.07
C LEU C 839 -18.73 -0.06 0.42
N ALA C 840 -19.46 0.96 -0.02
CA ALA C 840 -19.16 2.30 0.43
C ALA C 840 -20.35 3.20 0.20
N ASN C 841 -20.42 4.27 0.98
CA ASN C 841 -21.45 5.27 0.78
C ASN C 841 -20.90 6.41 -0.06
N ARG C 842 -21.68 7.46 -0.22
CA ARG C 842 -21.22 8.64 -0.96
C ARG C 842 -20.31 9.53 -0.12
N HIS C 843 -20.14 9.25 1.16
CA HIS C 843 -19.32 10.06 2.04
C HIS C 843 -17.98 9.40 2.36
N GLY C 844 -17.53 8.46 1.55
CA GLY C 844 -16.20 7.91 1.68
C GLY C 844 -16.05 6.84 2.73
N ASN C 845 -17.13 6.44 3.40
CA ASN C 845 -17.04 5.44 4.46
C ASN C 845 -16.83 4.08 3.82
N LYS C 846 -15.59 3.85 3.36
CA LYS C 846 -15.21 2.56 2.82
C LYS C 846 -15.53 1.45 3.81
N GLY C 847 -15.72 0.25 3.30
CA GLY C 847 -15.96 -0.88 4.17
C GLY C 847 -15.74 -2.17 3.43
N VAL C 848 -15.81 -3.26 4.19
CA VAL C 848 -15.77 -4.61 3.65
C VAL C 848 -16.81 -5.44 4.40
N VAL C 849 -17.58 -6.23 3.67
CA VAL C 849 -18.49 -7.17 4.32
C VAL C 849 -17.68 -8.15 5.14
N ALA C 850 -17.87 -8.12 6.46
CA ALA C 850 -17.13 -9.02 7.34
C ALA C 850 -17.92 -10.26 7.72
N LYS C 851 -19.24 -10.15 7.86
CA LYS C 851 -20.06 -11.30 8.17
C LYS C 851 -21.46 -11.04 7.65
N ILE C 852 -22.08 -12.08 7.10
CA ILE C 852 -23.45 -12.00 6.61
C ILE C 852 -24.33 -12.73 7.63
N LEU C 853 -25.02 -11.97 8.43
CA LEU C 853 -25.80 -12.55 9.50
C LEU C 853 -27.16 -13.02 9.00
N PRO C 854 -27.69 -14.10 9.56
CA PRO C 854 -29.06 -14.49 9.25
C PRO C 854 -30.04 -13.44 9.74
N VAL C 855 -31.25 -13.49 9.20
CA VAL C 855 -32.23 -12.44 9.50
C VAL C 855 -32.66 -12.48 10.96
N GLU C 856 -32.70 -13.66 11.56
CA GLU C 856 -33.28 -13.78 12.90
C GLU C 856 -32.44 -13.05 13.94
N ASP C 857 -31.12 -13.16 13.86
CA ASP C 857 -30.25 -12.59 14.89
C ASP C 857 -29.74 -11.20 14.54
N MET C 858 -30.43 -10.48 13.77
CA MET C 858 -30.01 -9.10 13.59
C MET C 858 -30.91 -8.17 14.40
N PRO C 859 -30.39 -7.01 14.78
CA PRO C 859 -31.21 -6.04 15.51
C PRO C 859 -32.44 -5.67 14.70
N HIS C 860 -33.57 -5.53 15.39
CA HIS C 860 -34.82 -5.21 14.73
C HIS C 860 -35.58 -4.19 15.56
N LEU C 861 -36.44 -3.44 14.89
CA LEU C 861 -37.26 -2.44 15.54
C LEU C 861 -38.25 -3.10 16.49
N PRO C 862 -39.02 -2.32 17.24
CA PRO C 862 -40.16 -2.91 17.94
C PRO C 862 -41.10 -3.61 17.00
N ASP C 863 -41.31 -3.06 15.81
CA ASP C 863 -41.95 -3.78 14.73
C ASP C 863 -41.03 -4.91 14.25
N GLY C 864 -41.61 -5.86 13.53
CA GLY C 864 -40.84 -7.02 13.13
C GLY C 864 -39.73 -6.76 12.13
N THR C 865 -39.67 -5.56 11.57
CA THR C 865 -38.71 -5.29 10.50
C THR C 865 -37.28 -5.27 11.05
N PRO C 866 -36.38 -6.09 10.51
CA PRO C 866 -34.98 -6.04 10.92
C PRO C 866 -34.17 -5.10 10.04
N VAL C 867 -33.13 -4.53 10.65
CA VAL C 867 -32.25 -3.65 9.90
C VAL C 867 -31.42 -4.46 8.92
N ASP C 868 -30.93 -3.78 7.89
CA ASP C 868 -30.17 -4.42 6.81
C ASP C 868 -28.68 -4.45 7.06
N VAL C 869 -28.09 -3.32 7.49
CA VAL C 869 -26.65 -3.20 7.61
C VAL C 869 -26.33 -2.45 8.89
N ILE C 870 -25.25 -2.88 9.55
CA ILE C 870 -24.79 -2.32 10.81
C ILE C 870 -23.47 -1.61 10.58
N LEU C 871 -23.38 -0.35 11.01
CA LEU C 871 -22.18 0.45 10.82
C LEU C 871 -21.53 0.77 12.16
N ASN C 872 -20.21 0.69 12.19
CA ASN C 872 -19.45 0.98 13.40
C ASN C 872 -19.40 2.49 13.61
N PRO C 873 -19.87 3.01 14.75
CA PRO C 873 -19.83 4.46 14.97
C PRO C 873 -18.44 5.03 15.07
N LEU C 874 -17.45 4.22 15.48
CA LEU C 874 -16.12 4.77 15.75
C LEU C 874 -15.45 5.34 14.50
N GLY C 875 -15.95 4.98 13.32
CA GLY C 875 -15.40 5.57 12.11
C GLY C 875 -15.84 7.00 11.85
N VAL C 876 -16.85 7.47 12.56
CA VAL C 876 -17.40 8.82 12.36
C VAL C 876 -16.56 9.90 13.04
N PRO C 877 -16.13 9.74 14.31
CA PRO C 877 -15.36 10.82 14.94
C PRO C 877 -13.91 10.86 14.51
N SER C 878 -13.34 9.71 14.16
CA SER C 878 -11.95 9.68 13.72
C SER C 878 -11.76 10.50 12.46
N ARG C 879 -12.56 10.21 11.43
CA ARG C 879 -12.71 11.13 10.32
C ARG C 879 -13.71 12.21 10.72
N MET C 880 -14.11 13.04 9.77
CA MET C 880 -15.16 14.03 10.03
C MET C 880 -16.17 13.94 8.89
N ASN C 881 -17.13 13.04 9.02
CA ASN C 881 -18.20 12.90 8.04
C ASN C 881 -19.54 12.86 8.78
N LEU C 882 -20.06 14.04 9.10
CA LEU C 882 -21.40 14.15 9.65
C LEU C 882 -22.47 14.17 8.57
N GLY C 883 -22.08 14.22 7.31
CA GLY C 883 -23.07 14.17 6.26
C GLY C 883 -23.87 12.88 6.28
N GLN C 884 -23.20 11.76 6.54
CA GLN C 884 -23.91 10.48 6.56
C GLN C 884 -24.90 10.41 7.71
N ILE C 885 -24.64 11.12 8.82
CA ILE C 885 -25.60 11.13 9.91
C ILE C 885 -26.89 11.83 9.49
N LEU C 886 -26.77 13.00 8.87
CA LEU C 886 -27.95 13.70 8.38
C LEU C 886 -28.67 12.86 7.33
N GLU C 887 -27.90 12.23 6.44
CA GLU C 887 -28.50 11.35 5.45
C GLU C 887 -29.27 10.21 6.10
N THR C 888 -28.73 9.64 7.18
CA THR C 888 -29.40 8.54 7.85
C THR C 888 -30.68 9.02 8.52
N HIS C 889 -30.66 10.20 9.14
CA HIS C 889 -31.89 10.72 9.72
C HIS C 889 -32.95 10.97 8.65
N LEU C 890 -32.56 11.57 7.54
CA LEU C 890 -33.53 11.85 6.49
C LEU C 890 -34.04 10.57 5.86
N GLY C 891 -33.17 9.56 5.73
CA GLY C 891 -33.61 8.28 5.25
C GLY C 891 -34.56 7.59 6.20
N LEU C 892 -34.33 7.75 7.50
CA LEU C 892 -35.29 7.26 8.49
C LEU C 892 -36.66 7.89 8.28
N ALA C 893 -36.68 9.22 8.13
CA ALA C 893 -37.96 9.89 7.89
C ALA C 893 -38.61 9.38 6.61
N GLY C 894 -37.83 9.24 5.55
CA GLY C 894 -38.38 8.78 4.29
C GLY C 894 -38.88 7.36 4.32
N TYR C 895 -38.30 6.50 5.16
CA TYR C 895 -38.70 5.11 5.18
C TYR C 895 -40.14 4.96 5.66
N PHE C 896 -40.56 5.79 6.61
CA PHE C 896 -41.93 5.73 7.07
C PHE C 896 -42.83 6.62 6.24
N LEU C 897 -42.40 7.84 5.92
CA LEU C 897 -43.21 8.71 5.10
C LEU C 897 -43.30 8.24 3.66
N GLY C 898 -42.43 7.32 3.24
CA GLY C 898 -42.47 6.77 1.90
C GLY C 898 -42.24 7.80 0.82
N GLN C 899 -41.23 8.65 0.98
CA GLN C 899 -40.97 9.69 0.00
C GLN C 899 -39.48 9.92 -0.10
N ARG C 900 -39.05 10.50 -1.22
CA ARG C 900 -37.67 10.83 -1.49
C ARG C 900 -37.44 12.33 -1.33
N TYR C 901 -36.19 12.71 -1.19
CA TYR C 901 -35.83 14.10 -0.93
C TYR C 901 -34.69 14.53 -1.82
N ILE C 902 -34.71 15.81 -2.19
CA ILE C 902 -33.67 16.44 -2.98
C ILE C 902 -33.18 17.65 -2.21
N SER C 903 -31.88 17.69 -1.94
CA SER C 903 -31.28 18.78 -1.19
C SER C 903 -30.03 19.27 -1.92
N PRO C 904 -29.93 20.55 -2.24
CA PRO C 904 -28.70 21.07 -2.81
C PRO C 904 -27.55 20.95 -1.80
N ILE C 905 -26.33 20.90 -2.33
CA ILE C 905 -25.17 20.61 -1.50
C ILE C 905 -24.99 21.66 -0.42
N PHE C 906 -25.13 22.94 -0.77
CA PHE C 906 -24.94 24.02 0.18
C PHE C 906 -26.22 24.81 0.41
N ASP C 907 -27.35 24.26 0.01
CA ASP C 907 -28.66 24.83 0.33
C ASP C 907 -29.62 23.73 0.76
N GLY C 908 -29.10 22.76 1.52
CA GLY C 908 -29.91 21.63 1.92
C GLY C 908 -30.98 21.96 2.93
N ALA C 909 -31.42 20.94 3.68
CA ALA C 909 -32.48 21.10 4.66
C ALA C 909 -31.91 21.46 6.01
N LYS C 910 -32.43 22.53 6.61
CA LYS C 910 -32.02 22.89 7.96
C LYS C 910 -32.49 21.85 8.96
N GLU C 911 -31.86 21.87 10.14
CA GLU C 911 -32.23 20.91 11.18
C GLU C 911 -33.70 21.00 11.59
N PRO C 912 -34.31 22.17 11.76
CA PRO C 912 -35.75 22.18 12.11
C PRO C 912 -36.62 21.50 11.07
N GLU C 913 -36.27 21.61 9.78
CA GLU C 913 -37.08 21.01 8.74
C GLU C 913 -37.08 19.48 8.85
N ILE C 914 -35.89 18.89 8.96
CA ILE C 914 -35.81 17.44 9.09
C ILE C 914 -36.39 17.00 10.42
N LYS C 915 -36.29 17.84 11.45
CA LYS C 915 -36.94 17.52 12.71
C LYS C 915 -38.44 17.43 12.56
N GLU C 916 -39.04 18.39 11.85
CA GLU C 916 -40.49 18.35 11.63
C GLU C 916 -40.88 17.14 10.79
N LEU C 917 -40.08 16.82 9.77
CA LEU C 917 -40.35 15.64 8.97
C LEU C 917 -40.28 14.38 9.83
N LEU C 918 -39.30 14.30 10.72
CA LEU C 918 -39.20 13.17 11.63
C LEU C 918 -40.38 13.12 12.57
N ALA C 919 -40.87 14.28 13.00
CA ALA C 919 -42.06 14.31 13.85
C ALA C 919 -43.27 13.73 13.12
N GLN C 920 -43.47 14.11 11.87
CA GLN C 920 -44.57 13.54 11.08
C GLN C 920 -44.38 12.04 10.88
N ALA C 921 -43.15 11.62 10.60
CA ALA C 921 -42.87 10.20 10.42
C ALA C 921 -43.18 9.41 11.69
N PHE C 922 -42.80 9.95 12.84
CA PHE C 922 -43.13 9.28 14.10
C PHE C 922 -44.62 9.26 14.34
N GLU C 923 -45.31 10.35 14.00
CA GLU C 923 -46.76 10.36 14.09
C GLU C 923 -47.34 9.18 13.34
N VAL C 924 -46.93 9.01 12.08
CA VAL C 924 -47.42 7.91 11.26
C VAL C 924 -47.07 6.57 11.89
N TYR C 925 -45.81 6.41 12.29
CA TYR C 925 -45.31 5.12 12.75
C TYR C 925 -46.01 4.70 14.05
N PHE C 926 -46.08 5.60 15.01
CA PHE C 926 -46.68 5.24 16.29
C PHE C 926 -48.19 5.20 16.20
N GLY C 927 -48.81 5.95 15.30
CA GLY C 927 -50.23 5.79 15.06
C GLY C 927 -50.56 4.43 14.49
N LYS C 928 -49.73 3.95 13.56
CA LYS C 928 -49.90 2.59 13.07
C LYS C 928 -49.67 1.58 14.18
N ARG C 929 -48.72 1.87 15.07
CA ARG C 929 -48.50 0.98 16.23
C ARG C 929 -49.73 0.92 17.12
N LYS C 930 -50.36 2.07 17.39
CA LYS C 930 -51.53 2.13 18.25
C LYS C 930 -52.78 1.58 17.60
N GLY C 931 -52.89 1.67 16.26
CA GLY C 931 -54.07 1.14 15.60
C GLY C 931 -54.24 -0.35 15.81
N GLU C 932 -53.13 -1.08 15.90
CA GLU C 932 -53.17 -2.49 16.25
C GLU C 932 -53.55 -2.71 17.70
N GLY C 933 -53.57 -1.66 18.52
CA GLY C 933 -53.98 -1.77 19.91
C GLY C 933 -52.84 -2.12 20.84
N PHE C 934 -51.74 -1.38 20.75
CA PHE C 934 -50.58 -1.62 21.60
C PHE C 934 -50.04 -0.30 22.13
N GLY C 935 -49.55 -0.33 23.36
CA GLY C 935 -48.97 0.85 23.98
C GLY C 935 -47.46 0.86 23.90
N VAL C 936 -46.81 0.76 25.06
CA VAL C 936 -45.35 0.79 25.15
C VAL C 936 -44.89 -0.50 25.82
N ASP C 937 -43.95 -1.19 25.18
CA ASP C 937 -43.41 -2.42 25.73
C ASP C 937 -42.63 -2.15 27.01
N LYS C 938 -42.58 -3.15 27.88
CA LYS C 938 -41.83 -3.01 29.12
C LYS C 938 -40.34 -2.79 28.85
N ARG C 939 -39.79 -3.52 27.87
CA ARG C 939 -38.41 -3.29 27.45
C ARG C 939 -38.23 -1.82 27.06
N GLU C 940 -39.16 -1.28 26.30
CA GLU C 940 -39.09 0.13 25.94
C GLU C 940 -39.20 1.01 27.18
N VAL C 941 -40.01 0.61 28.16
CA VAL C 941 -40.16 1.41 29.37
C VAL C 941 -38.84 1.53 30.10
N GLU C 942 -38.15 0.39 30.28
CA GLU C 942 -36.89 0.45 31.02
C GLU C 942 -35.80 1.13 30.20
N VAL C 943 -35.82 0.99 28.88
CA VAL C 943 -34.87 1.73 28.06
C VAL C 943 -35.13 3.23 28.16
N LEU C 944 -36.40 3.63 28.22
CA LEU C 944 -36.73 5.03 28.43
C LEU C 944 -36.23 5.52 29.78
N ARG C 945 -36.38 4.72 30.84
CA ARG C 945 -35.87 5.16 32.13
C ARG C 945 -34.34 5.30 32.09
N ARG C 946 -33.66 4.37 31.42
CA ARG C 946 -32.20 4.45 31.32
C ARG C 946 -31.79 5.71 30.55
N ALA C 947 -32.46 5.98 29.43
CA ALA C 947 -32.15 7.19 28.66
C ALA C 947 -32.47 8.44 29.46
N GLU C 948 -33.50 8.38 30.31
CA GLU C 948 -33.81 9.51 31.17
C GLU C 948 -32.66 9.75 32.14
N LYS C 949 -32.07 8.68 32.67
CA LYS C 949 -30.89 8.85 33.52
C LYS C 949 -29.69 9.37 32.74
N LEU C 950 -29.69 9.24 31.42
CA LEU C 950 -28.60 9.72 30.59
C LEU C 950 -28.84 11.11 30.03
N GLY C 951 -29.95 11.74 30.37
CA GLY C 951 -30.22 13.09 29.95
C GLY C 951 -30.68 13.25 28.51
N LEU C 952 -30.89 12.15 27.79
CA LEU C 952 -31.38 12.25 26.42
C LEU C 952 -32.79 12.81 26.37
N VAL C 953 -33.67 12.35 27.26
CA VAL C 953 -35.07 12.70 27.25
C VAL C 953 -35.41 13.46 28.53
N THR C 954 -36.21 14.51 28.40
CA THR C 954 -36.61 15.29 29.55
C THR C 954 -37.45 14.43 30.49
N PRO C 955 -37.25 14.56 31.81
CA PRO C 955 -38.02 13.74 32.75
C PRO C 955 -39.39 14.34 33.01
N GLY C 956 -40.23 13.53 33.68
CA GLY C 956 -41.56 13.96 34.03
C GLY C 956 -42.59 13.81 32.94
N LYS C 957 -42.25 13.18 31.82
CA LYS C 957 -43.17 13.01 30.71
C LYS C 957 -43.52 11.53 30.52
N THR C 958 -44.69 11.31 29.92
CA THR C 958 -45.16 9.96 29.66
C THR C 958 -44.30 9.32 28.57
N PRO C 959 -44.31 7.99 28.46
CA PRO C 959 -43.52 7.33 27.42
C PRO C 959 -43.88 7.79 26.01
N GLU C 960 -45.11 8.25 25.79
CA GLU C 960 -45.49 8.76 24.47
C GLU C 960 -44.57 9.88 24.02
N GLU C 961 -44.59 11.00 24.74
CA GLU C 961 -43.82 12.16 24.28
C GLU C 961 -42.34 11.97 24.54
N GLN C 962 -41.97 11.19 25.54
CA GLN C 962 -40.56 10.86 25.72
C GLN C 962 -40.02 10.12 24.51
N LEU C 963 -40.76 9.11 24.04
CA LEU C 963 -40.34 8.37 22.86
C LEU C 963 -40.39 9.25 21.61
N LYS C 964 -41.33 10.17 21.54
CA LYS C 964 -41.35 11.10 20.40
C LYS C 964 -40.10 11.97 20.40
N GLU C 965 -39.72 12.48 21.57
CA GLU C 965 -38.50 13.28 21.67
C GLU C 965 -37.28 12.45 21.31
N LEU C 966 -37.28 11.17 21.70
CA LEU C 966 -36.18 10.30 21.32
C LEU C 966 -36.13 10.11 19.81
N PHE C 967 -37.29 9.97 19.17
CA PHE C 967 -37.35 9.86 17.72
C PHE C 967 -36.82 11.12 17.06
N LEU C 968 -37.16 12.29 17.60
CA LEU C 968 -36.65 13.55 17.07
C LEU C 968 -35.14 13.57 17.03
N GLN C 969 -34.48 12.90 17.98
CA GLN C 969 -33.03 12.77 17.93
C GLN C 969 -32.57 11.86 16.80
N GLY C 970 -33.49 11.14 16.16
CA GLY C 970 -33.10 10.14 15.19
C GLY C 970 -32.76 8.79 15.80
N LYS C 971 -33.04 8.60 17.07
CA LYS C 971 -32.74 7.35 17.77
C LYS C 971 -34.03 6.65 18.12
N VAL C 972 -34.06 5.34 17.91
CA VAL C 972 -35.22 4.52 18.25
C VAL C 972 -34.73 3.27 18.96
N VAL C 973 -35.62 2.68 19.75
CA VAL C 973 -35.29 1.48 20.49
C VAL C 973 -35.14 0.30 19.53
N LEU C 974 -34.13 -0.52 19.77
CA LEU C 974 -33.90 -1.72 18.98
C LEU C 974 -33.78 -2.92 19.90
N TYR C 975 -34.10 -4.09 19.38
CA TYR C 975 -34.00 -5.32 20.13
C TYR C 975 -32.88 -6.17 19.55
N ASP C 976 -32.15 -6.87 20.42
CA ASP C 976 -30.92 -7.53 19.99
C ASP C 976 -31.22 -8.64 18.99
N GLY C 977 -32.28 -9.40 19.20
CA GLY C 977 -32.61 -10.48 18.31
C GLY C 977 -31.93 -11.79 18.65
N ARG C 978 -30.69 -11.71 19.14
CA ARG C 978 -30.06 -12.90 19.69
C ARG C 978 -30.52 -13.15 21.12
N THR C 979 -30.58 -12.10 21.93
CA THR C 979 -31.02 -12.24 23.32
C THR C 979 -32.48 -11.90 23.52
N GLY C 980 -33.07 -11.08 22.64
CA GLY C 980 -34.39 -10.55 22.84
C GLY C 980 -34.41 -9.30 23.70
N GLU C 981 -33.46 -9.17 24.60
CA GLU C 981 -33.39 -7.99 25.45
C GLU C 981 -33.08 -6.76 24.58
N PRO C 982 -33.61 -5.60 24.93
CA PRO C 982 -33.33 -4.41 24.14
C PRO C 982 -31.89 -3.97 24.29
N ILE C 983 -31.38 -3.32 23.25
CA ILE C 983 -30.06 -2.72 23.33
C ILE C 983 -30.12 -1.53 24.28
N GLU C 984 -29.35 -1.60 25.37
CA GLU C 984 -29.34 -0.52 26.33
C GLU C 984 -28.98 0.78 25.65
N GLY C 985 -29.75 1.82 25.91
CA GLY C 985 -29.57 3.07 25.22
C GLY C 985 -30.10 3.02 23.80
N PRO C 986 -30.61 4.14 23.32
CA PRO C 986 -31.16 4.18 21.97
C PRO C 986 -30.08 4.12 20.91
N ILE C 987 -30.49 3.73 19.70
CA ILE C 987 -29.61 3.62 18.56
C ILE C 987 -30.17 4.46 17.43
N VAL C 988 -29.29 5.12 16.68
CA VAL C 988 -29.69 5.82 15.45
C VAL C 988 -29.78 4.80 14.33
N VAL C 989 -30.91 4.84 13.61
CA VAL C 989 -31.15 3.97 12.48
C VAL C 989 -31.79 4.81 11.39
N GLY C 990 -31.68 4.36 10.15
CA GLY C 990 -32.27 5.09 9.05
C GLY C 990 -32.05 4.39 7.74
N GLN C 991 -32.27 5.12 6.65
CA GLN C 991 -32.04 4.61 5.31
C GLN C 991 -30.85 5.32 4.71
N MET C 992 -29.88 4.56 4.22
CA MET C 992 -28.69 5.10 3.60
C MET C 992 -28.48 4.48 2.23
N PHE C 993 -27.84 5.24 1.35
CA PHE C 993 -27.54 4.77 -0.01
C PHE C 993 -26.11 4.23 0.00
N ILE C 994 -25.98 2.94 -0.26
CA ILE C 994 -24.69 2.25 -0.25
C ILE C 994 -24.49 1.57 -1.59
N MET C 995 -23.33 1.79 -2.20
CA MET C 995 -22.99 1.22 -3.50
C MET C 995 -21.87 0.20 -3.34
N LYS C 996 -21.93 -0.84 -4.16
CA LYS C 996 -20.86 -1.82 -4.23
C LYS C 996 -19.81 -1.32 -5.21
N LEU C 997 -18.56 -1.26 -4.77
CA LEU C 997 -17.51 -0.68 -5.57
C LEU C 997 -16.99 -1.67 -6.62
N TYR C 998 -16.35 -1.12 -7.65
CA TYR C 998 -15.80 -1.95 -8.72
C TYR C 998 -14.87 -3.00 -8.14
N HIS C 999 -15.11 -4.25 -8.53
CA HIS C 999 -14.49 -5.41 -7.90
C HIS C 999 -13.72 -6.16 -8.99
N MET C 1000 -12.51 -5.71 -9.27
CA MET C 1000 -11.65 -6.38 -10.24
C MET C 1000 -10.88 -7.51 -9.54
N VAL C 1001 -9.82 -7.99 -10.19
CA VAL C 1001 -9.00 -9.09 -9.69
C VAL C 1001 -8.36 -8.77 -8.33
N GLU C 1002 -8.53 -7.55 -7.81
CA GLU C 1002 -7.88 -7.15 -6.57
C GLU C 1002 -8.10 -8.17 -5.46
N ASP C 1003 -9.34 -8.64 -5.30
CA ASP C 1003 -9.63 -9.61 -4.25
C ASP C 1003 -9.20 -11.02 -4.63
N LYS C 1004 -9.09 -11.30 -5.93
CA LYS C 1004 -8.93 -12.67 -6.39
C LYS C 1004 -7.67 -13.29 -5.80
N MET C 1005 -7.79 -14.56 -5.43
CA MET C 1005 -6.78 -15.24 -4.66
C MET C 1005 -5.64 -15.66 -5.58
N HIS C 1006 -4.57 -14.87 -5.59
CA HIS C 1006 -3.36 -15.24 -6.32
C HIS C 1006 -2.57 -16.25 -5.52
N ALA C 1007 -3.25 -17.34 -5.16
CA ALA C 1007 -2.69 -18.36 -4.28
C ALA C 1007 -2.32 -19.59 -5.10
N ARG C 1008 -1.03 -19.87 -5.18
CA ARG C 1008 -0.52 -21.00 -5.97
C ARG C 1008 0.49 -21.78 -5.15
N SER C 1009 0.70 -23.03 -5.58
CA SER C 1009 1.75 -23.86 -5.01
C SER C 1009 2.87 -24.17 -6.00
N THR C 1010 2.54 -24.69 -7.18
CA THR C 1010 3.55 -25.05 -8.15
C THR C 1010 3.02 -24.78 -9.55
N GLY C 1011 3.71 -23.92 -10.29
CA GLY C 1011 3.28 -23.53 -11.62
C GLY C 1011 4.45 -23.31 -12.55
N PRO C 1012 4.21 -22.59 -13.64
CA PRO C 1012 5.29 -22.30 -14.59
C PRO C 1012 6.40 -21.47 -13.95
N TYR C 1013 7.62 -21.71 -14.39
CA TYR C 1013 8.79 -21.00 -13.92
C TYR C 1013 9.37 -20.14 -15.04
N SER C 1014 10.14 -19.13 -14.65
CA SER C 1014 10.74 -18.24 -15.63
C SER C 1014 11.87 -18.93 -16.38
N LEU C 1015 12.27 -18.35 -17.50
CA LEU C 1015 13.24 -18.96 -18.39
C LEU C 1015 14.66 -18.49 -18.12
N ILE C 1016 14.89 -17.17 -18.10
CA ILE C 1016 16.23 -16.65 -17.87
C ILE C 1016 16.73 -17.07 -16.50
N THR C 1017 16.01 -16.70 -15.45
CA THR C 1017 16.23 -17.23 -14.12
C THR C 1017 15.10 -18.19 -13.75
N GLN C 1018 15.34 -18.99 -12.73
CA GLN C 1018 14.38 -20.00 -12.32
C GLN C 1018 13.37 -19.49 -11.29
N GLN C 1019 13.15 -18.19 -11.24
CA GLN C 1019 12.14 -17.64 -10.35
C GLN C 1019 10.76 -18.06 -10.83
N PRO C 1020 9.87 -18.53 -9.96
CA PRO C 1020 8.56 -18.96 -10.41
C PRO C 1020 7.65 -17.78 -10.75
N LEU C 1021 7.09 -17.82 -11.96
CA LEU C 1021 6.18 -16.76 -12.40
C LEU C 1021 5.18 -17.35 -13.38
N GLY C 1022 3.91 -17.08 -13.14
CA GLY C 1022 2.85 -17.61 -13.99
C GLY C 1022 2.15 -16.55 -14.80
N GLY C 1023 0.98 -16.11 -14.34
CA GLY C 1023 0.19 -15.15 -15.07
C GLY C 1023 -1.07 -15.78 -15.64
N LYS C 1024 -1.10 -15.99 -16.96
CA LYS C 1024 -2.27 -16.59 -17.60
C LYS C 1024 -2.50 -18.02 -17.12
N ALA C 1025 -1.43 -18.81 -17.05
CA ALA C 1025 -1.57 -20.20 -16.65
C ALA C 1025 -1.82 -20.32 -15.15
N GLN C 1026 -0.90 -19.80 -14.34
CA GLN C 1026 -1.01 -19.82 -12.90
C GLN C 1026 -0.90 -18.40 -12.36
N PHE C 1027 -1.39 -18.19 -11.14
CA PHE C 1027 -1.40 -16.85 -10.56
C PHE C 1027 0.00 -16.26 -10.47
N GLY C 1028 0.99 -17.08 -10.18
CA GLY C 1028 2.31 -16.54 -9.92
C GLY C 1028 2.55 -16.33 -8.44
N GLY C 1029 3.82 -16.25 -8.08
CA GLY C 1029 4.21 -16.10 -6.70
C GLY C 1029 3.83 -14.73 -6.14
N GLN C 1030 4.37 -14.46 -4.96
CA GLN C 1030 4.15 -13.17 -4.30
C GLN C 1030 5.48 -12.42 -4.19
N ARG C 1031 5.39 -11.09 -4.31
CA ARG C 1031 6.55 -10.25 -4.06
C ARG C 1031 7.10 -10.54 -2.68
N PHE C 1032 8.39 -10.78 -2.60
CA PHE C 1032 9.06 -10.93 -1.31
C PHE C 1032 10.17 -9.90 -1.12
N GLY C 1033 10.54 -9.17 -2.15
CA GLY C 1033 11.33 -7.96 -2.15
C GLY C 1033 12.52 -8.02 -1.22
N GLU C 1034 12.87 -6.87 -0.67
CA GLU C 1034 13.96 -6.77 0.30
C GLU C 1034 13.48 -6.38 1.68
N MET C 1035 12.44 -5.56 1.79
CA MET C 1035 11.92 -5.19 3.10
C MET C 1035 11.42 -6.41 3.85
N GLU C 1036 10.77 -7.33 3.14
CA GLU C 1036 10.39 -8.58 3.77
C GLU C 1036 11.61 -9.42 4.14
N VAL C 1037 12.67 -9.37 3.34
CA VAL C 1037 13.92 -10.03 3.74
C VAL C 1037 14.44 -9.42 5.03
N TRP C 1038 14.43 -8.09 5.11
CA TRP C 1038 14.92 -7.42 6.31
C TRP C 1038 14.10 -7.79 7.53
N ALA C 1039 12.77 -7.80 7.40
CA ALA C 1039 11.92 -8.14 8.52
C ALA C 1039 12.11 -9.58 8.94
N LEU C 1040 12.15 -10.50 7.98
CA LEU C 1040 12.35 -11.90 8.30
C LEU C 1040 13.69 -12.13 8.98
N GLU C 1041 14.71 -11.39 8.58
CA GLU C 1041 16.02 -11.58 9.17
C GLU C 1041 16.25 -10.75 10.41
N ALA C 1042 15.34 -9.82 10.73
CA ALA C 1042 15.38 -9.17 12.03
C ALA C 1042 15.05 -10.16 13.13
N TYR C 1043 14.09 -11.04 12.89
CA TYR C 1043 13.94 -12.22 13.72
C TYR C 1043 15.20 -13.07 13.58
N GLY C 1044 15.28 -14.09 14.42
CA GLY C 1044 16.39 -14.99 14.23
C GLY C 1044 16.21 -15.98 13.10
N ALA C 1045 15.20 -15.79 12.25
CA ALA C 1045 14.92 -16.70 11.15
C ALA C 1045 16.10 -16.80 10.19
N ALA C 1046 16.72 -17.98 10.13
CA ALA C 1046 17.86 -18.20 9.27
C ALA C 1046 17.58 -19.19 8.16
N HIS C 1047 17.29 -20.43 8.52
CA HIS C 1047 16.91 -21.40 7.49
C HIS C 1047 15.64 -21.00 6.78
N THR C 1048 14.72 -20.30 7.44
CA THR C 1048 13.51 -19.88 6.75
C THR C 1048 13.82 -19.01 5.55
N LEU C 1049 14.67 -18.00 5.76
CA LEU C 1049 15.09 -17.13 4.66
C LEU C 1049 15.83 -17.93 3.60
N GLN C 1050 16.66 -18.89 4.03
CA GLN C 1050 17.41 -19.69 3.08
C GLN C 1050 16.49 -20.50 2.17
N GLU C 1051 15.48 -21.16 2.75
CA GLU C 1051 14.55 -21.92 1.93
C GLU C 1051 13.71 -21.01 1.05
N MET C 1052 13.29 -19.87 1.59
CA MET C 1052 12.39 -19.01 0.83
C MET C 1052 13.13 -18.21 -0.25
N LEU C 1053 14.45 -18.17 -0.20
CA LEU C 1053 15.21 -17.52 -1.25
C LEU C 1053 15.82 -18.50 -2.23
N THR C 1054 16.11 -19.73 -1.80
CA THR C 1054 16.74 -20.71 -2.68
C THR C 1054 15.86 -21.90 -2.97
N LEU C 1055 15.37 -22.60 -1.94
CA LEU C 1055 14.58 -23.79 -2.18
C LEU C 1055 13.26 -23.47 -2.86
N LYS C 1056 12.58 -22.42 -2.42
CA LYS C 1056 11.26 -22.10 -2.92
C LYS C 1056 11.25 -21.12 -4.08
N SER C 1057 12.42 -20.56 -4.43
CA SER C 1057 12.41 -19.49 -5.42
C SER C 1057 13.36 -19.74 -6.58
N ASP C 1058 14.54 -20.26 -6.32
CA ASP C 1058 15.55 -20.24 -7.37
C ASP C 1058 16.08 -21.62 -7.75
N ASP C 1059 16.38 -22.48 -6.78
CA ASP C 1059 17.14 -23.69 -7.07
C ASP C 1059 16.21 -24.71 -7.71
N ILE C 1060 16.43 -24.99 -9.01
CA ILE C 1060 15.57 -25.90 -9.74
C ILE C 1060 15.63 -27.31 -9.15
N GLU C 1061 16.83 -27.85 -8.98
CA GLU C 1061 16.95 -29.20 -8.45
C GLU C 1061 16.55 -29.22 -6.98
N GLY C 1062 16.80 -28.12 -6.26
CA GLY C 1062 16.38 -28.04 -4.88
C GLY C 1062 14.87 -28.10 -4.73
N ARG C 1063 14.15 -27.32 -5.54
CA ARG C 1063 12.70 -27.34 -5.44
C ARG C 1063 12.12 -28.66 -5.95
N ASN C 1064 12.74 -29.25 -6.98
CA ASN C 1064 12.29 -30.57 -7.41
C ASN C 1064 12.49 -31.61 -6.31
N ALA C 1065 13.64 -31.58 -5.64
CA ALA C 1065 13.90 -32.52 -4.55
C ALA C 1065 12.97 -32.27 -3.37
N ALA C 1066 12.69 -30.99 -3.08
CA ALA C 1066 11.76 -30.68 -2.00
C ALA C 1066 10.36 -31.22 -2.31
N TYR C 1067 9.90 -31.02 -3.55
CA TYR C 1067 8.60 -31.54 -3.94
C TYR C 1067 8.57 -33.07 -3.85
N GLU C 1068 9.62 -33.72 -4.34
CA GLU C 1068 9.66 -35.18 -4.27
C GLU C 1068 9.67 -35.67 -2.82
N ALA C 1069 10.45 -35.00 -1.97
CA ALA C 1069 10.55 -35.43 -0.58
C ALA C 1069 9.24 -35.21 0.17
N ILE C 1070 8.58 -34.06 -0.05
CA ILE C 1070 7.32 -33.82 0.63
C ILE C 1070 6.25 -34.78 0.12
N ILE C 1071 6.32 -35.19 -1.15
CA ILE C 1071 5.48 -36.29 -1.60
C ILE C 1071 5.83 -37.57 -0.84
N LYS C 1072 7.12 -37.80 -0.61
CA LYS C 1072 7.56 -38.97 0.14
C LYS C 1072 7.43 -38.78 1.64
N GLY C 1073 6.99 -37.62 2.11
CA GLY C 1073 6.81 -37.39 3.52
C GLY C 1073 8.08 -37.40 4.33
N GLU C 1074 9.12 -36.74 3.85
CA GLU C 1074 10.40 -36.65 4.54
C GLU C 1074 10.81 -35.20 4.67
N ASP C 1075 11.75 -34.95 5.57
CA ASP C 1075 12.31 -33.61 5.70
C ASP C 1075 13.04 -33.22 4.42
N VAL C 1076 12.89 -31.95 4.04
CA VAL C 1076 13.52 -31.46 2.81
C VAL C 1076 15.03 -31.51 2.99
N PRO C 1077 15.79 -31.82 1.95
CA PRO C 1077 17.25 -31.87 2.08
C PRO C 1077 17.84 -30.49 2.21
N GLU C 1078 19.03 -30.43 2.79
CA GLU C 1078 19.74 -29.16 2.86
C GLU C 1078 20.12 -28.74 1.44
N PRO C 1079 20.10 -27.44 1.15
CA PRO C 1079 20.69 -26.99 -0.12
C PRO C 1079 22.20 -27.17 -0.07
N SER C 1080 22.78 -27.32 -1.25
CA SER C 1080 24.23 -27.38 -1.39
C SER C 1080 24.78 -25.97 -1.17
N VAL C 1081 26.07 -25.79 -1.41
CA VAL C 1081 26.51 -24.41 -1.60
C VAL C 1081 25.74 -23.83 -2.78
N PRO C 1082 24.76 -22.96 -2.55
CA PRO C 1082 23.63 -22.85 -3.45
C PRO C 1082 24.03 -22.48 -4.87
N GLU C 1083 23.23 -22.95 -5.82
CA GLU C 1083 23.50 -22.69 -7.22
C GLU C 1083 23.48 -21.20 -7.53
N SER C 1084 22.88 -20.39 -6.67
CA SER C 1084 23.08 -18.95 -6.77
C SER C 1084 24.56 -18.61 -6.62
N PHE C 1085 25.20 -19.10 -5.56
CA PHE C 1085 26.61 -18.81 -5.39
C PHE C 1085 27.51 -19.60 -6.33
N ARG C 1086 27.11 -20.81 -6.73
CA ARG C 1086 27.90 -21.50 -7.74
C ARG C 1086 27.84 -20.77 -9.08
N VAL C 1087 26.68 -20.21 -9.42
CA VAL C 1087 26.57 -19.35 -10.59
C VAL C 1087 27.45 -18.12 -10.43
N LEU C 1088 27.46 -17.53 -9.23
CA LEU C 1088 28.31 -16.37 -8.99
C LEU C 1088 29.79 -16.71 -9.19
N VAL C 1089 30.22 -17.85 -8.64
CA VAL C 1089 31.60 -18.29 -8.80
C VAL C 1089 31.94 -18.54 -10.25
N LYS C 1090 31.05 -19.20 -10.98
CA LYS C 1090 31.32 -19.49 -12.38
C LYS C 1090 31.27 -18.23 -13.23
N GLU C 1091 30.54 -17.21 -12.78
CA GLU C 1091 30.53 -15.95 -13.51
C GLU C 1091 31.82 -15.19 -13.29
N LEU C 1092 32.33 -15.17 -12.06
CA LEU C 1092 33.67 -14.62 -11.84
C LEU C 1092 34.70 -15.42 -12.62
N GLN C 1093 34.54 -16.74 -12.67
CA GLN C 1093 35.34 -17.61 -13.51
C GLN C 1093 35.27 -17.23 -14.98
N ALA C 1094 34.12 -16.73 -15.44
CA ALA C 1094 33.98 -16.40 -16.86
C ALA C 1094 34.95 -15.30 -17.26
N LEU C 1095 35.08 -14.28 -16.43
CA LEU C 1095 36.06 -13.23 -16.68
C LEU C 1095 37.45 -13.72 -16.26
N ALA C 1096 38.42 -12.81 -16.30
CA ALA C 1096 39.78 -13.12 -15.89
C ALA C 1096 39.92 -13.33 -14.39
N LEU C 1097 38.82 -13.38 -13.64
CA LEU C 1097 38.88 -13.33 -12.19
C LEU C 1097 39.26 -14.69 -11.61
N ASP C 1098 39.42 -14.68 -10.28
CA ASP C 1098 39.81 -15.87 -9.51
C ASP C 1098 39.02 -15.89 -8.22
N VAL C 1099 38.07 -16.82 -8.10
CA VAL C 1099 37.28 -16.96 -6.89
C VAL C 1099 37.29 -18.41 -6.45
N GLN C 1100 37.80 -18.65 -5.24
CA GLN C 1100 37.74 -19.96 -4.61
C GLN C 1100 37.51 -19.78 -3.12
N THR C 1101 36.81 -20.75 -2.53
CA THR C 1101 36.49 -20.69 -1.11
C THR C 1101 37.61 -21.31 -0.30
N LEU C 1102 37.99 -20.66 0.79
CA LEU C 1102 39.12 -21.08 1.60
C LEU C 1102 38.63 -21.69 2.91
N ASP C 1103 39.43 -22.62 3.42
CA ASP C 1103 39.23 -23.18 4.75
C ASP C 1103 39.82 -22.23 5.78
N GLU C 1104 39.98 -22.70 7.01
CA GLU C 1104 40.60 -21.89 8.06
C GLU C 1104 42.01 -21.47 7.67
N LYS C 1105 42.79 -22.39 7.13
CA LYS C 1105 44.12 -22.05 6.64
C LYS C 1105 44.09 -21.84 5.13
N ASP C 1106 45.25 -21.44 4.59
CA ASP C 1106 45.39 -21.12 3.17
C ASP C 1106 45.49 -22.41 2.34
N ASN C 1107 44.43 -23.19 2.39
CA ASN C 1107 44.27 -24.34 1.48
C ASN C 1107 42.88 -24.30 0.86
N PRO C 1108 42.78 -24.20 -0.46
CA PRO C 1108 41.47 -24.01 -1.10
C PRO C 1108 40.56 -25.21 -0.85
N VAL C 1109 39.27 -24.91 -0.72
CA VAL C 1109 38.24 -25.92 -0.59
C VAL C 1109 37.42 -25.93 -1.87
N ASP C 1110 37.38 -27.09 -2.53
CA ASP C 1110 36.61 -27.22 -3.76
C ASP C 1110 35.12 -27.24 -3.42
N ILE C 1111 34.38 -26.26 -3.93
CA ILE C 1111 32.94 -26.23 -3.73
C ILE C 1111 32.29 -27.45 -4.37
N PHE C 1112 32.80 -27.85 -5.53
CA PHE C 1112 32.18 -28.90 -6.32
C PHE C 1112 32.70 -30.26 -5.89
N GLU C 1113 31.90 -31.29 -6.16
CA GLU C 1113 32.25 -32.64 -5.70
C GLU C 1113 33.54 -33.11 -6.35
N GLY C 1114 33.50 -33.38 -7.65
CA GLY C 1114 34.68 -33.72 -8.41
C GLY C 1114 34.61 -33.12 -9.79
N LEU C 1115 33.61 -32.27 -9.99
CA LEU C 1115 33.33 -31.72 -11.32
C LEU C 1115 34.35 -30.67 -11.73
N ALA C 1116 35.00 -30.01 -10.77
CA ALA C 1116 36.04 -29.05 -11.11
C ALA C 1116 37.28 -29.74 -11.66
N SER C 1117 37.59 -30.94 -11.17
CA SER C 1117 38.73 -31.68 -11.67
C SER C 1117 38.49 -32.13 -13.10
N LYS C 1118 39.53 -32.02 -13.92
CA LYS C 1118 39.44 -32.46 -15.31
C LYS C 1118 39.67 -33.96 -15.40
N ARG C 1119 38.81 -34.64 -16.15
CA ARG C 1119 38.84 -36.10 -16.31
C ARG C 1119 38.82 -36.83 -14.97
N LYS D 2 33.52 -30.09 3.01
CA LYS D 2 33.04 -30.36 4.36
C LYS D 2 33.27 -29.15 5.27
N LYS D 3 34.50 -28.63 5.22
CA LYS D 3 34.86 -27.49 6.06
C LYS D 3 34.05 -26.26 5.67
N GLU D 4 33.69 -25.48 6.67
CA GLU D 4 32.88 -24.28 6.47
C GLU D 4 33.67 -23.24 5.69
N VAL D 5 32.98 -22.57 4.77
CA VAL D 5 33.58 -21.46 4.04
C VAL D 5 33.66 -20.25 4.95
N ARG D 6 34.85 -19.70 5.09
CA ARG D 6 35.08 -18.54 5.94
C ARG D 6 35.60 -17.34 5.18
N LYS D 7 36.47 -17.56 4.20
CA LYS D 7 37.01 -16.48 3.39
C LYS D 7 36.84 -16.82 1.91
N VAL D 8 36.51 -15.80 1.12
CA VAL D 8 36.45 -15.91 -0.33
C VAL D 8 37.49 -14.99 -0.90
N ARG D 9 38.49 -15.56 -1.58
CA ARG D 9 39.60 -14.81 -2.12
C ARG D 9 39.37 -14.53 -3.59
N ILE D 10 39.40 -13.27 -3.97
CA ILE D 10 39.26 -12.84 -5.36
C ILE D 10 40.60 -12.29 -5.81
N ALA D 11 41.07 -12.76 -6.97
CA ALA D 11 42.40 -12.41 -7.45
C ALA D 11 42.42 -12.47 -8.97
N LEU D 12 43.59 -12.16 -9.53
CA LEU D 12 43.77 -12.17 -10.97
C LEU D 12 44.20 -13.56 -11.44
N ALA D 13 44.15 -13.77 -12.75
CA ALA D 13 44.40 -15.09 -13.34
C ALA D 13 45.64 -15.06 -14.22
N SER D 14 46.50 -16.06 -14.05
CA SER D 14 47.60 -16.30 -14.98
C SER D 14 47.09 -17.06 -16.21
N PRO D 15 47.79 -16.95 -17.34
CA PRO D 15 47.39 -17.76 -18.50
C PRO D 15 47.46 -19.25 -18.19
N GLU D 16 48.46 -19.67 -17.42
CA GLU D 16 48.55 -21.05 -16.98
C GLU D 16 47.34 -21.41 -16.13
N LYS D 17 46.89 -20.46 -15.30
CA LYS D 17 45.69 -20.69 -14.51
C LYS D 17 44.48 -20.90 -15.41
N ILE D 18 44.35 -20.08 -16.47
CA ILE D 18 43.24 -20.24 -17.40
C ILE D 18 43.29 -21.61 -18.07
N ARG D 19 44.48 -22.02 -18.51
CA ARG D 19 44.62 -23.31 -19.18
C ARG D 19 44.26 -24.46 -18.26
N SER D 20 44.73 -24.42 -17.01
CA SER D 20 44.37 -25.45 -16.05
C SER D 20 42.88 -25.44 -15.77
N TRP D 21 42.27 -24.26 -15.73
CA TRP D 21 40.84 -24.15 -15.43
C TRP D 21 40.00 -24.79 -16.52
N SER D 22 40.30 -24.48 -17.78
CA SER D 22 39.43 -24.91 -18.87
C SER D 22 39.76 -26.33 -19.32
N TYR D 23 38.77 -26.96 -19.94
CA TYR D 23 38.86 -28.33 -20.43
C TYR D 23 38.65 -28.29 -21.94
N GLY D 24 39.72 -28.01 -22.69
CA GLY D 24 39.62 -27.89 -24.13
C GLY D 24 39.40 -26.47 -24.61
N GLU D 25 39.49 -26.31 -25.93
CA GLU D 25 39.42 -25.02 -26.58
C GLU D 25 38.31 -25.02 -27.62
N VAL D 26 37.63 -23.89 -27.76
CA VAL D 26 36.54 -23.72 -28.72
C VAL D 26 37.04 -22.82 -29.85
N GLU D 27 36.85 -23.28 -31.09
CA GLU D 27 37.41 -22.59 -32.24
C GLU D 27 36.52 -22.54 -33.47
N LYS D 28 35.28 -23.13 -33.43
CA LYS D 28 34.29 -22.85 -34.46
C LYS D 28 33.23 -21.88 -33.94
N PRO D 29 32.69 -20.98 -34.79
CA PRO D 29 31.55 -20.15 -34.40
C PRO D 29 30.19 -20.80 -34.69
N GLU D 30 30.04 -22.05 -34.29
CA GLU D 30 28.82 -22.83 -34.56
C GLU D 30 28.30 -23.39 -33.24
N THR D 31 27.41 -22.64 -32.58
CA THR D 31 26.76 -23.12 -31.37
C THR D 31 25.91 -24.35 -31.67
N ILE D 32 24.83 -24.16 -32.43
CA ILE D 32 23.87 -25.20 -32.75
C ILE D 32 23.18 -24.84 -34.06
N ASN D 33 23.12 -25.79 -35.00
CA ASN D 33 22.39 -25.57 -36.24
C ASN D 33 20.90 -25.76 -36.03
N TYR D 34 20.10 -25.06 -36.85
CA TYR D 34 18.66 -25.22 -36.77
C TYR D 34 18.24 -26.65 -37.15
N ARG D 35 18.91 -27.24 -38.15
CA ARG D 35 18.62 -28.62 -38.52
C ARG D 35 19.06 -29.59 -37.43
N THR D 36 20.36 -29.58 -37.12
CA THR D 36 20.91 -30.44 -36.08
C THR D 36 20.79 -29.72 -34.74
N LEU D 37 19.72 -30.06 -34.00
CA LEU D 37 19.49 -29.42 -32.71
C LEU D 37 20.62 -29.70 -31.72
N LYS D 38 21.36 -30.78 -31.92
CA LYS D 38 22.52 -31.05 -31.10
C LYS D 38 23.61 -30.03 -31.41
N PRO D 39 24.52 -29.79 -30.46
CA PRO D 39 25.70 -28.99 -30.75
C PRO D 39 26.31 -29.37 -32.08
N GLU D 40 26.57 -28.36 -32.90
CA GLU D 40 27.00 -28.59 -34.29
C GLU D 40 28.44 -29.06 -34.33
N ARG D 41 29.36 -28.23 -33.87
CA ARG D 41 30.79 -28.50 -33.95
C ARG D 41 31.39 -27.91 -32.67
N ASP D 42 32.71 -27.67 -32.67
CA ASP D 42 33.45 -27.30 -31.48
C ASP D 42 33.06 -25.93 -30.94
N GLY D 43 31.96 -25.37 -31.44
CA GLY D 43 31.50 -24.05 -31.05
C GLY D 43 31.04 -23.88 -29.61
N LEU D 44 30.25 -22.83 -29.37
CA LEU D 44 29.97 -22.34 -28.03
C LEU D 44 29.15 -23.32 -27.18
N PHE D 45 28.56 -24.36 -27.78
CA PHE D 45 27.74 -25.31 -27.05
C PHE D 45 28.20 -26.75 -27.26
N ASP D 46 29.44 -26.94 -27.71
CA ASP D 46 29.89 -28.28 -28.12
C ASP D 46 29.73 -29.29 -26.98
N GLU D 47 29.38 -30.52 -27.37
CA GLU D 47 29.03 -31.55 -26.40
C GLU D 47 30.23 -31.99 -25.58
N ARG D 48 31.28 -32.48 -26.24
CA ARG D 48 32.38 -33.14 -25.57
C ARG D 48 33.30 -32.17 -24.83
N ILE D 49 33.13 -30.87 -25.00
CA ILE D 49 34.00 -29.92 -24.33
C ILE D 49 33.35 -29.34 -23.07
N PHE D 50 32.02 -29.31 -23.01
CA PHE D 50 31.30 -28.76 -21.87
C PHE D 50 30.59 -29.81 -21.03
N GLY D 51 30.65 -31.08 -21.42
CA GLY D 51 29.92 -32.13 -20.75
C GLY D 51 28.67 -32.49 -21.50
N PRO D 52 28.17 -33.71 -21.27
CA PRO D 52 27.01 -34.19 -22.03
C PRO D 52 25.75 -33.39 -21.70
N ILE D 53 24.90 -33.21 -22.71
CA ILE D 53 23.62 -32.56 -22.51
C ILE D 53 22.55 -33.52 -22.03
N LYS D 54 22.78 -34.82 -22.14
CA LYS D 54 21.82 -35.83 -21.70
C LYS D 54 21.97 -36.07 -20.20
N ASP D 55 21.25 -37.06 -19.69
CA ASP D 55 21.29 -37.40 -18.28
C ASP D 55 22.30 -38.52 -18.02
N THR D 81 27.39 -37.68 -15.22
CA THR D 81 27.12 -36.41 -14.56
C THR D 81 25.91 -35.71 -15.17
N LYS D 82 25.36 -34.75 -14.44
CA LYS D 82 24.20 -34.01 -14.90
C LYS D 82 24.63 -32.92 -15.89
N SER D 83 23.68 -32.04 -16.22
CA SER D 83 23.99 -30.88 -17.05
C SER D 83 24.77 -29.81 -16.29
N ILE D 84 24.97 -29.99 -14.97
CA ILE D 84 25.66 -28.98 -14.17
C ILE D 84 27.13 -28.86 -14.53
N VAL D 85 27.71 -29.86 -15.20
CA VAL D 85 29.03 -29.67 -15.79
C VAL D 85 28.96 -28.61 -16.88
N ARG D 86 27.93 -28.68 -17.73
CA ARG D 86 27.62 -27.59 -18.64
C ARG D 86 27.17 -26.34 -17.91
N ARG D 87 27.05 -26.39 -16.59
CA ARG D 87 26.97 -25.20 -15.76
C ARG D 87 28.29 -24.87 -15.09
N TYR D 88 29.13 -25.87 -14.84
CA TYR D 88 30.41 -25.65 -14.18
C TYR D 88 31.60 -25.69 -15.12
N ARG D 89 31.76 -26.77 -15.88
CA ARG D 89 32.91 -26.87 -16.78
C ARG D 89 32.86 -25.78 -17.83
N MET D 90 33.99 -25.08 -18.01
CA MET D 90 34.09 -23.94 -18.89
C MET D 90 35.12 -24.22 -19.96
N GLY D 91 35.00 -23.50 -21.08
CA GLY D 91 35.93 -23.61 -22.17
C GLY D 91 36.96 -22.49 -22.13
N HIS D 92 37.73 -22.40 -23.20
CA HIS D 92 38.64 -21.27 -23.35
C HIS D 92 38.96 -21.06 -24.83
N ILE D 93 39.43 -19.86 -25.13
CA ILE D 93 39.90 -19.48 -26.46
C ILE D 93 41.35 -19.02 -26.32
N GLU D 94 42.25 -19.67 -27.06
CA GLU D 94 43.66 -19.32 -27.05
C GLU D 94 43.91 -18.29 -28.14
N LEU D 95 43.76 -17.02 -27.79
CA LEU D 95 43.99 -15.95 -28.74
C LEU D 95 45.45 -15.95 -29.19
N ALA D 96 45.66 -15.84 -30.51
CA ALA D 96 47.01 -15.68 -31.02
C ALA D 96 47.60 -14.34 -30.61
N THR D 97 46.75 -13.33 -30.42
CA THR D 97 47.18 -12.01 -30.03
C THR D 97 46.73 -11.73 -28.60
N PRO D 98 47.61 -11.22 -27.74
CA PRO D 98 47.21 -10.91 -26.37
C PRO D 98 46.16 -9.80 -26.32
N ALA D 99 45.42 -9.79 -25.22
CA ALA D 99 44.41 -8.77 -24.99
C ALA D 99 44.45 -8.36 -23.53
N ALA D 100 43.96 -7.15 -23.25
CA ALA D 100 43.91 -6.61 -21.91
C ALA D 100 42.46 -6.44 -21.47
N HIS D 101 42.19 -6.76 -20.21
CA HIS D 101 40.84 -6.62 -19.67
C HIS D 101 40.40 -5.18 -19.73
N ILE D 102 39.14 -4.96 -20.12
CA ILE D 102 38.62 -3.61 -20.31
C ILE D 102 38.57 -2.85 -18.98
N TRP D 103 38.31 -3.56 -17.88
CA TRP D 103 38.21 -2.88 -16.59
C TRP D 103 39.53 -2.22 -16.21
N PHE D 104 40.65 -2.90 -16.46
CA PHE D 104 41.95 -2.38 -16.06
C PHE D 104 42.48 -1.31 -17.02
N VAL D 105 41.79 -1.03 -18.12
CA VAL D 105 42.18 0.04 -19.03
C VAL D 105 41.19 1.19 -19.03
N LYS D 106 39.94 0.96 -18.61
CA LYS D 106 38.90 1.96 -18.70
C LYS D 106 38.38 2.44 -17.36
N ASP D 107 38.84 1.85 -16.25
CA ASP D 107 38.43 2.30 -14.94
C ASP D 107 38.91 3.74 -14.72
N VAL D 108 38.18 4.46 -13.87
CA VAL D 108 38.50 5.88 -13.64
C VAL D 108 39.96 6.08 -13.23
N PRO D 109 40.50 5.33 -12.25
CA PRO D 109 41.96 5.19 -12.17
C PRO D 109 42.41 4.08 -13.11
N SER D 110 43.04 4.45 -14.21
CA SER D 110 43.48 3.47 -15.19
C SER D 110 44.57 2.61 -14.58
N LYS D 111 44.26 1.33 -14.36
CA LYS D 111 45.19 0.46 -13.66
C LYS D 111 46.51 0.33 -14.41
N ILE D 112 46.45 0.15 -15.72
CA ILE D 112 47.67 0.28 -16.52
C ILE D 112 48.15 1.72 -16.56
N GLY D 113 47.20 2.66 -16.65
CA GLY D 113 47.56 4.06 -16.74
C GLY D 113 48.10 4.64 -15.44
N THR D 114 47.83 3.98 -14.31
CA THR D 114 48.42 4.38 -13.05
C THR D 114 49.63 3.53 -12.69
N LEU D 115 49.69 2.29 -13.17
CA LEU D 115 50.88 1.48 -12.97
C LEU D 115 52.01 1.94 -13.88
N LEU D 116 51.68 2.32 -15.12
CA LEU D 116 52.64 2.87 -16.07
C LEU D 116 52.43 4.37 -16.20
N ASP D 117 53.40 5.03 -16.82
CA ASP D 117 53.34 6.48 -17.04
C ASP D 117 52.70 6.75 -18.40
N LEU D 118 51.39 6.47 -18.47
CA LEU D 118 50.64 6.60 -19.70
C LEU D 118 49.31 7.29 -19.44
N SER D 119 48.90 8.16 -20.37
CA SER D 119 47.64 8.88 -20.23
C SER D 119 46.48 7.99 -20.68
N ALA D 120 45.48 7.88 -19.80
CA ALA D 120 44.37 6.97 -20.06
C ALA D 120 43.44 7.50 -21.13
N THR D 121 43.13 8.80 -21.09
CA THR D 121 42.04 9.33 -21.89
C THR D 121 42.28 9.16 -23.39
N GLU D 122 43.49 9.46 -23.86
CA GLU D 122 43.81 9.23 -25.26
C GLU D 122 45.02 8.34 -25.46
N LEU D 123 46.10 8.53 -24.70
CA LEU D 123 47.34 7.82 -24.99
C LEU D 123 47.17 6.31 -24.86
N GLU D 124 46.57 5.84 -23.76
CA GLU D 124 46.46 4.41 -23.55
C GLU D 124 45.55 3.77 -24.60
N GLN D 125 44.42 4.41 -24.89
CA GLN D 125 43.50 3.84 -25.88
C GLN D 125 44.07 3.94 -27.28
N VAL D 126 44.77 5.03 -27.60
CA VAL D 126 45.32 5.18 -28.95
C VAL D 126 46.47 4.20 -29.15
N LEU D 127 47.16 3.84 -28.08
CA LEU D 127 48.16 2.77 -28.20
C LEU D 127 47.49 1.40 -28.28
N TYR D 128 46.41 1.21 -27.53
CA TYR D 128 45.79 -0.09 -27.36
C TYR D 128 44.75 -0.41 -28.42
N PHE D 129 44.22 0.60 -29.10
CA PHE D 129 43.38 0.39 -30.28
C PHE D 129 44.04 0.93 -31.54
N SER D 130 44.39 2.21 -31.57
CA SER D 130 44.98 2.82 -32.76
C SER D 130 46.47 2.47 -32.84
N LYS D 131 47.20 3.21 -33.68
CA LYS D 131 48.58 2.86 -33.99
C LYS D 131 49.53 3.99 -33.59
N TYR D 132 50.01 3.94 -32.34
CA TYR D 132 51.15 4.73 -31.90
C TYR D 132 52.22 3.80 -31.32
N ILE D 133 53.33 4.41 -30.91
CA ILE D 133 54.53 3.68 -30.51
C ILE D 133 54.91 4.08 -29.09
N VAL D 134 55.18 3.07 -28.25
CA VAL D 134 55.80 3.26 -26.96
C VAL D 134 57.02 2.37 -26.89
N LEU D 135 58.12 2.95 -26.40
CA LEU D 135 59.41 2.26 -26.44
C LEU D 135 60.35 2.92 -25.46
N ASP D 136 60.85 2.15 -24.50
CA ASP D 136 61.77 2.66 -23.50
C ASP D 136 63.21 2.85 -23.99
N PRO D 137 63.89 1.80 -24.50
CA PRO D 137 65.35 1.72 -24.37
C PRO D 137 66.14 2.96 -24.79
N LYS D 138 65.99 3.39 -26.05
CA LYS D 138 66.93 4.34 -26.63
C LYS D 138 66.18 5.40 -27.42
N GLY D 139 66.58 6.66 -27.25
CA GLY D 139 65.98 7.76 -27.98
C GLY D 139 66.90 8.91 -28.33
N ALA D 140 68.22 8.72 -28.18
CA ALA D 140 69.15 9.83 -28.40
C ALA D 140 69.20 10.28 -29.85
N ILE D 141 68.61 9.51 -30.77
CA ILE D 141 68.41 10.00 -32.13
C ILE D 141 67.61 11.29 -32.10
N LEU D 142 68.07 12.28 -32.85
CA LEU D 142 67.49 13.61 -32.81
C LEU D 142 66.73 13.91 -34.09
N ASN D 143 65.51 14.41 -33.93
CA ASN D 143 64.71 14.99 -35.00
C ASN D 143 64.35 16.41 -34.64
N GLY D 144 65.32 17.13 -34.08
CA GLY D 144 65.05 18.38 -33.41
C GLY D 144 64.56 18.23 -31.99
N VAL D 145 64.52 17.00 -31.47
CA VAL D 145 63.98 16.71 -30.15
C VAL D 145 64.99 15.85 -29.39
N PRO D 146 65.24 16.11 -28.10
CA PRO D 146 66.26 15.36 -27.37
C PRO D 146 65.93 13.90 -27.14
N VAL D 147 66.75 13.24 -26.32
CA VAL D 147 66.68 11.80 -26.11
C VAL D 147 65.28 11.40 -25.63
N GLU D 148 64.86 10.21 -26.03
CA GLU D 148 63.59 9.63 -25.61
C GLU D 148 63.82 8.49 -24.63
N LYS D 149 63.09 8.53 -23.51
CA LYS D 149 63.14 7.50 -22.49
C LYS D 149 61.83 6.72 -22.39
N ARG D 150 60.69 7.41 -22.32
CA ARG D 150 59.39 6.77 -22.40
C ARG D 150 58.40 7.63 -23.18
N GLN D 151 58.89 8.44 -24.10
CA GLN D 151 58.02 9.30 -24.89
C GLN D 151 57.34 8.52 -26.01
N LEU D 152 56.16 9.01 -26.39
CA LEU D 152 55.37 8.42 -27.47
C LEU D 152 55.59 9.20 -28.75
N LEU D 153 55.93 8.50 -29.82
CA LEU D 153 55.95 9.07 -31.16
C LEU D 153 55.06 8.24 -32.06
N THR D 154 54.42 8.89 -33.03
CA THR D 154 53.51 8.19 -33.91
C THR D 154 54.25 7.18 -34.78
N ASP D 155 53.51 6.17 -35.23
CA ASP D 155 54.11 5.12 -36.06
C ASP D 155 54.70 5.66 -37.35
N GLU D 156 54.11 6.72 -37.91
CA GLU D 156 54.60 7.30 -39.15
C GLU D 156 56.04 7.80 -39.01
N GLU D 157 56.26 8.75 -38.10
CA GLU D 157 57.62 9.21 -37.89
C GLU D 157 58.49 8.12 -37.30
N TYR D 158 57.87 7.12 -36.65
CA TYR D 158 58.66 5.98 -36.19
C TYR D 158 59.32 5.25 -37.34
N ARG D 159 58.56 4.81 -38.34
CA ARG D 159 59.20 4.04 -39.40
C ARG D 159 59.89 4.95 -40.39
N GLU D 160 59.66 6.26 -40.29
CA GLU D 160 60.54 7.21 -40.98
C GLU D 160 61.93 7.21 -40.36
N LEU D 161 62.01 7.32 -39.04
CA LEU D 161 63.29 7.26 -38.34
C LEU D 161 63.89 5.87 -38.36
N ARG D 162 63.07 4.85 -38.62
CA ARG D 162 63.53 3.47 -38.59
C ARG D 162 64.49 3.16 -39.74
N TYR D 163 64.33 3.85 -40.87
CA TYR D 163 65.07 3.54 -42.08
C TYR D 163 65.68 4.78 -42.73
N GLY D 164 66.09 5.74 -41.92
CA GLY D 164 66.89 6.87 -42.40
C GLY D 164 66.02 7.91 -43.11
N LYS D 165 66.52 8.42 -44.24
CA LYS D 165 65.82 9.47 -44.98
C LYS D 165 65.67 8.99 -46.42
N GLN D 166 64.43 8.95 -46.89
CA GLN D 166 64.08 8.40 -48.20
C GLN D 166 63.45 9.48 -49.08
N GLU D 167 64.13 9.84 -50.16
CA GLU D 167 63.48 10.57 -51.24
C GLU D 167 63.92 9.97 -52.57
N THR D 168 62.96 9.70 -53.45
CA THR D 168 63.23 9.02 -54.71
C THR D 168 62.70 9.84 -55.88
N TYR D 169 63.51 9.91 -56.95
CA TYR D 169 63.10 10.60 -58.17
C TYR D 169 63.45 9.75 -59.38
N PRO D 170 62.46 9.19 -60.07
CA PRO D 170 62.77 8.25 -61.17
C PRO D 170 63.44 8.95 -62.35
N LEU D 171 64.16 8.14 -63.14
CA LEU D 171 64.88 8.59 -64.32
C LEU D 171 64.49 7.75 -65.53
N PRO D 172 64.42 8.34 -66.71
CA PRO D 172 64.10 7.56 -67.93
C PRO D 172 65.19 6.55 -68.24
N PRO D 173 64.82 5.42 -68.82
CA PRO D 173 65.84 4.40 -69.15
C PRO D 173 66.70 4.82 -70.34
N GLY D 174 67.89 4.23 -70.41
CA GLY D 174 68.80 4.49 -71.50
C GLY D 174 69.55 5.80 -71.42
N VAL D 175 69.48 6.50 -70.30
CA VAL D 175 70.13 7.79 -70.13
C VAL D 175 71.11 7.68 -68.97
N ASP D 176 72.38 8.02 -69.22
CA ASP D 176 73.39 8.09 -68.18
C ASP D 176 73.46 9.53 -67.71
N ALA D 177 72.73 9.84 -66.63
CA ALA D 177 72.60 11.22 -66.17
C ALA D 177 73.91 11.74 -65.61
N LEU D 178 73.99 13.06 -65.49
CA LEU D 178 75.18 13.72 -64.96
C LEU D 178 75.47 13.34 -63.51
N VAL D 179 74.48 12.85 -62.78
CA VAL D 179 74.65 12.49 -61.38
C VAL D 179 75.21 11.08 -61.30
N LYS D 180 76.30 10.92 -60.54
CA LYS D 180 76.91 9.61 -60.34
C LYS D 180 76.47 9.03 -59.00
N ASP D 181 77.04 7.88 -58.63
CA ASP D 181 76.52 7.11 -57.51
C ASP D 181 76.71 7.83 -56.17
N GLY D 182 77.67 8.75 -56.09
CA GLY D 182 77.99 9.36 -54.81
C GLY D 182 78.04 10.88 -54.82
N GLU D 183 77.10 11.52 -55.52
CA GLU D 183 77.07 12.97 -55.64
C GLU D 183 76.35 13.58 -54.43
N GLU D 184 76.84 14.72 -53.96
CA GLU D 184 76.13 15.48 -52.93
C GLU D 184 75.26 16.54 -53.58
N VAL D 185 74.11 16.82 -52.96
CA VAL D 185 73.09 17.71 -53.53
C VAL D 185 72.57 18.63 -52.44
N VAL D 186 72.45 19.91 -52.78
CA VAL D 186 71.91 20.92 -51.88
C VAL D 186 70.71 21.57 -52.55
N LYS D 187 70.01 22.43 -51.83
CA LYS D 187 68.86 23.13 -52.38
C LYS D 187 69.30 24.12 -53.46
N GLY D 188 68.51 24.23 -54.53
CA GLY D 188 68.77 25.17 -55.59
C GLY D 188 69.56 24.62 -56.75
N GLN D 189 70.28 23.51 -56.53
CA GLN D 189 71.02 22.89 -57.61
C GLN D 189 70.07 22.20 -58.58
N GLU D 190 70.36 22.33 -59.88
CA GLU D 190 69.55 21.72 -60.93
C GLU D 190 70.01 20.26 -61.08
N LEU D 191 69.24 19.34 -60.50
CA LEU D 191 69.53 17.92 -60.71
C LEU D 191 69.35 17.52 -62.15
N ALA D 192 68.48 18.22 -62.87
CA ALA D 192 68.17 18.01 -64.27
C ALA D 192 67.75 19.38 -64.80
N PRO D 193 67.46 19.54 -66.09
CA PRO D 193 66.95 20.85 -66.56
C PRO D 193 65.70 21.31 -65.85
N GLY D 194 65.04 20.47 -65.07
CA GLY D 194 63.83 20.89 -64.37
C GLY D 194 63.66 20.43 -62.94
N VAL D 195 64.60 19.63 -62.42
CA VAL D 195 64.45 18.99 -61.13
C VAL D 195 65.33 19.68 -60.09
N VAL D 196 64.76 19.96 -58.93
CA VAL D 196 65.47 20.61 -57.82
C VAL D 196 65.12 19.88 -56.53
N SER D 197 66.11 19.66 -55.68
CA SER D 197 65.91 18.94 -54.43
C SER D 197 65.27 19.86 -53.38
N ARG D 198 65.21 19.39 -52.13
CA ARG D 198 64.52 20.09 -51.05
C ARG D 198 65.35 20.27 -49.78
N LEU D 199 66.40 19.49 -49.57
CA LEU D 199 67.23 19.63 -48.38
C LEU D 199 68.64 19.15 -48.69
N ASP D 200 69.58 19.56 -47.85
CA ASP D 200 70.98 19.22 -48.07
C ASP D 200 71.22 17.75 -47.76
N GLY D 201 71.92 17.06 -48.66
CA GLY D 201 72.17 15.64 -48.46
C GLY D 201 72.91 14.98 -49.59
N VAL D 202 72.79 13.67 -49.73
CA VAL D 202 73.48 12.92 -50.76
C VAL D 202 72.45 12.29 -51.69
N ALA D 203 72.68 12.42 -52.99
CA ALA D 203 71.81 11.84 -54.01
C ALA D 203 72.57 10.73 -54.72
N LEU D 204 72.16 9.49 -54.45
CA LEU D 204 72.73 8.31 -55.07
C LEU D 204 72.07 8.08 -56.42
N TYR D 205 72.85 7.63 -57.39
CA TYR D 205 72.37 7.40 -58.75
C TYR D 205 72.17 5.91 -58.99
N ARG D 206 71.04 5.56 -59.58
CA ARG D 206 70.73 4.19 -59.96
C ARG D 206 70.46 4.16 -61.46
N PHE D 207 71.35 3.51 -62.21
CA PHE D 207 71.27 3.43 -63.66
C PHE D 207 71.11 4.79 -64.32
N ALA D 391 66.86 2.85 -61.41
CA ALA D 391 67.13 4.04 -62.22
C ALA D 391 66.49 5.28 -61.61
N SER D 392 67.14 5.86 -60.61
CA SER D 392 66.55 7.00 -59.92
C SER D 392 67.63 7.79 -59.19
N ILE D 393 67.21 8.92 -58.63
CA ILE D 393 68.02 9.74 -57.75
C ILE D 393 67.50 9.57 -56.34
N LEU D 394 68.40 9.25 -55.41
CA LEU D 394 68.05 8.90 -54.04
C LEU D 394 68.63 9.94 -53.09
N VAL D 395 67.75 10.79 -52.54
CA VAL D 395 68.16 11.82 -51.59
C VAL D 395 68.04 11.24 -50.18
N VAL D 396 69.16 11.22 -49.47
CA VAL D 396 69.25 10.74 -48.10
C VAL D 396 70.07 11.74 -47.30
N LYS D 397 69.76 11.88 -46.01
CA LYS D 397 70.58 12.67 -45.09
C LYS D 397 71.50 11.71 -44.31
N ALA D 398 72.39 11.06 -45.08
CA ALA D 398 73.27 10.02 -44.56
C ALA D 398 74.72 10.38 -44.87
N ARG D 399 75.64 9.54 -44.42
CA ARG D 399 77.06 9.78 -44.57
C ARG D 399 77.72 8.66 -45.36
N VAL D 400 78.46 9.02 -46.39
CA VAL D 400 79.16 8.05 -47.23
C VAL D 400 80.62 8.00 -46.79
N TYR D 401 81.24 6.84 -46.99
CA TYR D 401 82.62 6.61 -46.57
C TYR D 401 83.33 5.68 -47.56
N PRO D 402 84.26 6.20 -48.36
CA PRO D 402 85.08 5.32 -49.18
C PRO D 402 86.11 4.58 -48.34
N PHE D 403 86.55 3.43 -48.86
CA PHE D 403 87.57 2.64 -48.19
C PHE D 403 88.19 1.72 -49.22
N GLU D 404 89.38 1.20 -48.90
CA GLU D 404 90.14 0.39 -49.85
C GLU D 404 90.56 -0.96 -49.29
N ASP D 405 90.14 -1.31 -48.07
CA ASP D 405 90.53 -2.58 -47.46
C ASP D 405 89.31 -3.36 -47.00
N ASP D 406 89.55 -4.42 -46.23
CA ASP D 406 88.50 -5.30 -45.75
C ASP D 406 87.43 -4.52 -44.98
N VAL D 407 86.26 -5.12 -44.87
CA VAL D 407 85.14 -4.54 -44.14
C VAL D 407 85.08 -5.13 -42.74
N GLU D 408 84.97 -4.25 -41.75
CA GLU D 408 84.75 -4.69 -40.37
C GLU D 408 83.27 -4.77 -40.04
N VAL D 409 82.47 -3.83 -40.56
CA VAL D 409 81.03 -3.83 -40.40
C VAL D 409 80.40 -4.13 -41.76
N SER D 410 79.63 -5.22 -41.83
CA SER D 410 79.03 -5.66 -43.07
C SER D 410 77.68 -4.99 -43.29
N THR D 411 76.96 -5.46 -44.30
CA THR D 411 75.65 -4.90 -44.64
C THR D 411 74.60 -5.40 -43.66
N GLY D 412 73.89 -4.47 -43.03
CA GLY D 412 72.84 -4.82 -42.09
C GLY D 412 73.10 -4.34 -40.69
N ASP D 413 74.37 -4.38 -40.27
CA ASP D 413 74.72 -3.94 -38.93
C ASP D 413 74.51 -2.44 -38.78
N ARG D 414 74.05 -2.05 -37.59
CA ARG D 414 73.84 -0.65 -37.25
C ARG D 414 74.84 -0.25 -36.19
N VAL D 415 75.58 0.83 -36.45
CA VAL D 415 76.81 1.13 -35.73
C VAL D 415 76.72 2.51 -35.06
N ALA D 416 77.42 2.64 -33.87
CA ALA D 416 77.67 3.78 -33.00
C ALA D 416 79.00 4.43 -33.31
N PRO D 417 79.16 5.72 -33.03
CA PRO D 417 80.43 6.40 -33.35
C PRO D 417 81.59 5.80 -32.57
N GLY D 418 82.76 5.82 -33.20
CA GLY D 418 83.97 5.29 -32.61
C GLY D 418 84.23 3.84 -32.90
N ASP D 419 83.21 3.10 -33.34
CA ASP D 419 83.39 1.71 -33.72
C ASP D 419 83.99 1.63 -35.12
N VAL D 420 84.84 0.62 -35.33
CA VAL D 420 85.52 0.46 -36.61
C VAL D 420 84.50 0.05 -37.66
N LEU D 421 84.47 0.78 -38.78
CA LEU D 421 83.62 0.42 -39.90
C LEU D 421 84.32 -0.55 -40.85
N ALA D 422 85.50 -0.17 -41.33
CA ALA D 422 86.26 -0.99 -42.26
C ALA D 422 87.70 -0.50 -42.27
N ASP D 423 88.56 -1.27 -42.95
CA ASP D 423 89.96 -0.89 -43.16
C ASP D 423 90.72 -0.77 -41.84
N GLY D 424 90.28 -1.49 -40.81
CA GLY D 424 90.89 -1.35 -39.51
C GLY D 424 90.64 0.03 -38.93
N GLY D 425 91.64 0.55 -38.22
CA GLY D 425 91.53 1.85 -37.60
C GLY D 425 91.48 3.02 -38.55
N LYS D 426 91.69 2.79 -39.84
CA LYS D 426 91.65 3.88 -40.82
C LYS D 426 90.26 4.52 -40.88
N VAL D 427 89.21 3.69 -40.90
CA VAL D 427 87.84 4.17 -41.02
C VAL D 427 87.05 3.65 -39.81
N LYS D 428 86.39 4.57 -39.10
CA LYS D 428 85.57 4.22 -37.96
C LYS D 428 84.26 5.01 -38.03
N SER D 429 83.26 4.49 -37.35
CA SER D 429 81.92 5.07 -37.39
C SER D 429 81.89 6.42 -36.69
N ASP D 430 81.01 7.30 -37.18
CA ASP D 430 80.87 8.65 -36.65
C ASP D 430 79.48 8.96 -36.13
N VAL D 431 78.44 8.26 -36.59
CA VAL D 431 77.06 8.52 -36.19
C VAL D 431 76.36 7.19 -35.96
N TYR D 432 75.18 7.27 -35.34
CA TYR D 432 74.29 6.13 -35.27
C TYR D 432 73.71 5.83 -36.66
N GLY D 433 73.47 4.56 -36.92
CA GLY D 433 72.74 4.21 -38.13
C GLY D 433 73.18 2.88 -38.70
N ARG D 434 72.44 2.44 -39.70
CA ARG D 434 72.66 1.17 -40.37
C ARG D 434 73.75 1.32 -41.42
N VAL D 435 74.47 0.23 -41.67
CA VAL D 435 75.63 0.20 -42.56
C VAL D 435 75.29 -0.65 -43.78
N GLU D 436 75.53 -0.09 -44.97
CA GLU D 436 75.38 -0.84 -46.20
C GLU D 436 76.66 -0.71 -47.02
N VAL D 437 77.25 -1.84 -47.37
CA VAL D 437 78.51 -1.88 -48.11
C VAL D 437 78.19 -2.23 -49.55
N ASP D 438 78.65 -1.40 -50.49
CA ASP D 438 78.47 -1.64 -51.91
C ASP D 438 79.84 -1.88 -52.53
N LEU D 439 80.03 -3.07 -53.09
CA LEU D 439 81.31 -3.42 -53.69
C LEU D 439 81.44 -2.94 -55.13
N VAL D 440 80.35 -2.44 -55.72
CA VAL D 440 80.44 -1.85 -57.06
C VAL D 440 81.36 -0.63 -57.04
N ARG D 441 81.19 0.22 -56.03
CA ARG D 441 82.10 1.34 -55.79
C ARG D 441 82.95 1.15 -54.55
N ASN D 442 82.79 0.04 -53.84
CA ASN D 442 83.61 -0.31 -52.68
C ASN D 442 83.53 0.77 -51.61
N VAL D 443 82.30 1.07 -51.20
CA VAL D 443 82.00 2.21 -50.35
C VAL D 443 80.92 1.82 -49.34
N VAL D 444 80.98 2.42 -48.15
CA VAL D 444 79.97 2.21 -47.10
C VAL D 444 79.07 3.43 -47.03
N ARG D 445 77.77 3.21 -47.16
CA ARG D 445 76.78 4.23 -46.87
C ARG D 445 76.21 3.96 -45.47
N VAL D 446 76.25 4.96 -44.61
CA VAL D 446 75.74 4.89 -43.25
C VAL D 446 74.53 5.82 -43.17
N VAL D 447 73.34 5.23 -43.16
CA VAL D 447 72.11 5.96 -42.92
C VAL D 447 72.05 6.30 -41.44
N GLU D 448 71.11 7.16 -41.06
CA GLU D 448 70.99 7.62 -39.68
C GLU D 448 69.95 6.83 -38.89
N SER D 449 69.76 5.55 -39.21
CA SER D 449 68.74 4.72 -38.58
C SER D 449 69.41 3.56 -37.86
N TYR D 450 69.28 3.55 -36.54
CA TYR D 450 69.86 2.52 -35.69
C TYR D 450 68.79 1.51 -35.27
N ASP D 451 69.26 0.44 -34.64
CA ASP D 451 68.38 -0.64 -34.19
C ASP D 451 67.50 -0.17 -33.04
N ILE D 452 66.21 0.01 -33.29
CA ILE D 452 65.30 0.65 -32.34
C ILE D 452 64.09 -0.25 -32.13
N ASP D 453 63.63 -0.32 -30.87
CA ASP D 453 62.56 -1.23 -30.50
C ASP D 453 61.22 -0.79 -31.08
N ALA D 454 60.36 -1.76 -31.37
CA ALA D 454 59.03 -1.50 -31.93
C ALA D 454 58.06 -2.56 -31.44
N ARG D 455 56.96 -2.13 -30.81
CA ARG D 455 55.90 -3.04 -30.42
C ARG D 455 54.55 -2.35 -30.56
N MET D 456 53.50 -3.16 -30.67
CA MET D 456 52.15 -2.68 -30.95
C MET D 456 51.15 -3.36 -30.04
N GLY D 457 50.29 -2.57 -29.41
CA GLY D 457 49.14 -3.14 -28.72
C GLY D 457 49.49 -3.90 -27.45
N ALA D 458 48.68 -4.91 -27.17
CA ALA D 458 48.71 -5.58 -25.87
C ALA D 458 50.07 -6.19 -25.57
N GLU D 459 50.69 -6.84 -26.56
CA GLU D 459 52.02 -7.41 -26.36
C GLU D 459 52.99 -6.33 -25.87
N ALA D 460 52.93 -5.14 -26.48
CA ALA D 460 53.71 -4.02 -26.00
C ALA D 460 53.44 -3.77 -24.52
N ILE D 461 52.15 -3.64 -24.17
CA ILE D 461 51.77 -3.53 -22.76
C ILE D 461 52.35 -4.70 -21.97
N GLN D 462 52.19 -5.91 -22.50
CA GLN D 462 52.76 -7.08 -21.85
C GLN D 462 54.26 -6.90 -21.70
N GLN D 463 54.94 -6.49 -22.78
CA GLN D 463 56.35 -6.16 -22.68
C GLN D 463 56.60 -5.20 -21.54
N LEU D 464 55.83 -4.11 -21.49
CA LEU D 464 55.94 -3.17 -20.38
C LEU D 464 55.76 -3.90 -19.07
N LEU D 465 54.66 -4.64 -18.94
CA LEU D 465 54.41 -5.37 -17.70
C LEU D 465 55.47 -6.42 -17.45
N LYS D 466 56.09 -6.96 -18.50
CA LYS D 466 57.18 -7.89 -18.29
C LYS D 466 58.46 -7.16 -17.90
N GLU D 467 58.69 -5.97 -18.44
CA GLU D 467 59.91 -5.24 -18.12
C GLU D 467 59.79 -4.39 -16.87
N LEU D 468 58.59 -4.23 -16.33
CA LEU D 468 58.40 -3.48 -15.10
C LEU D 468 58.55 -4.42 -13.90
N ASP D 469 59.42 -4.05 -12.98
CA ASP D 469 59.63 -4.79 -11.75
C ASP D 469 59.04 -4.00 -10.59
N LEU D 470 58.22 -4.67 -9.77
CA LEU D 470 57.43 -3.99 -8.76
C LEU D 470 58.27 -3.46 -7.60
N GLU D 471 59.36 -4.15 -7.25
CA GLU D 471 60.11 -3.75 -6.06
C GLU D 471 60.84 -2.42 -6.27
N ALA D 472 61.58 -2.29 -7.38
CA ALA D 472 62.28 -1.04 -7.64
C ALA D 472 61.29 0.08 -7.90
N LEU D 473 60.19 -0.23 -8.57
CA LEU D 473 59.11 0.74 -8.72
C LEU D 473 58.62 1.22 -7.36
N GLU D 474 58.48 0.29 -6.41
CA GLU D 474 57.99 0.66 -5.09
C GLU D 474 58.97 1.57 -4.36
N LYS D 475 60.26 1.22 -4.42
CA LYS D 475 61.26 2.09 -3.79
C LYS D 475 61.28 3.47 -4.42
N GLU D 476 61.18 3.55 -5.74
CA GLU D 476 61.28 4.87 -6.38
C GLU D 476 60.01 5.67 -6.17
N LEU D 477 58.86 4.98 -6.03
CA LEU D 477 57.66 5.67 -5.57
C LEU D 477 57.83 6.21 -4.16
N LEU D 478 58.45 5.43 -3.27
CA LEU D 478 58.71 5.91 -1.92
C LEU D 478 59.55 7.18 -1.94
N GLU D 479 60.61 7.17 -2.75
CA GLU D 479 61.44 8.36 -2.87
C GLU D 479 60.67 9.53 -3.47
N GLU D 480 59.86 9.27 -4.49
CA GLU D 480 59.13 10.33 -5.17
C GLU D 480 57.98 10.87 -4.32
N MET D 481 57.57 10.15 -3.27
CA MET D 481 56.53 10.68 -2.41
C MET D 481 57.09 11.32 -1.14
N LYS D 482 58.22 10.82 -0.63
CA LYS D 482 58.74 11.33 0.63
C LYS D 482 59.37 12.71 0.46
N HIS D 483 60.04 12.94 -0.67
CA HIS D 483 60.83 14.16 -0.85
C HIS D 483 59.96 15.38 -1.15
N PRO D 484 59.14 15.40 -2.22
CA PRO D 484 58.45 16.64 -2.59
C PRO D 484 57.23 16.93 -1.73
N SER D 485 56.50 17.96 -2.09
CA SER D 485 55.32 18.38 -1.33
C SER D 485 54.14 17.44 -1.63
N ARG D 486 52.96 17.81 -1.14
CA ARG D 486 51.81 16.91 -1.20
C ARG D 486 51.28 16.74 -2.61
N ALA D 487 51.53 17.72 -3.50
CA ALA D 487 50.89 17.72 -4.80
C ALA D 487 51.20 16.45 -5.59
N ARG D 488 52.48 16.10 -5.69
CA ARG D 488 52.84 14.86 -6.37
C ARG D 488 52.60 13.65 -5.49
N ARG D 489 52.78 13.78 -4.18
CA ARG D 489 52.70 12.60 -3.31
C ARG D 489 51.29 12.06 -3.18
N ALA D 490 50.26 12.89 -3.43
CA ALA D 490 48.89 12.37 -3.41
C ALA D 490 48.70 11.32 -4.49
N LYS D 491 49.02 11.65 -5.74
CA LYS D 491 48.94 10.65 -6.80
C LYS D 491 50.00 9.57 -6.63
N ALA D 492 51.12 9.91 -5.97
CA ALA D 492 52.12 8.90 -5.66
C ALA D 492 51.53 7.80 -4.78
N ARG D 493 50.78 8.18 -3.75
CA ARG D 493 50.05 7.20 -2.96
C ARG D 493 48.95 6.53 -3.78
N LYS D 494 48.28 7.29 -4.63
CA LYS D 494 47.19 6.75 -5.43
C LYS D 494 47.65 5.60 -6.31
N ARG D 495 48.89 5.66 -6.78
CA ARG D 495 49.44 4.54 -7.54
C ARG D 495 50.27 3.60 -6.68
N LEU D 496 50.73 4.06 -5.52
CA LEU D 496 51.51 3.21 -4.63
C LEU D 496 50.65 2.17 -3.96
N GLU D 497 49.39 2.49 -3.68
CA GLU D 497 48.49 1.46 -3.18
C GLU D 497 48.31 0.36 -4.23
N VAL D 498 48.23 0.73 -5.50
CA VAL D 498 48.14 -0.26 -6.57
C VAL D 498 49.40 -1.12 -6.60
N VAL D 499 50.56 -0.46 -6.51
CA VAL D 499 51.82 -1.21 -6.55
C VAL D 499 51.93 -2.16 -5.37
N ARG D 500 51.58 -1.68 -4.18
CA ARG D 500 51.65 -2.51 -2.98
C ARG D 500 50.65 -3.65 -3.06
N ALA D 501 49.47 -3.41 -3.61
CA ALA D 501 48.50 -4.48 -3.79
C ALA D 501 49.02 -5.54 -4.74
N PHE D 502 49.62 -5.12 -5.85
CA PHE D 502 50.18 -6.09 -6.79
C PHE D 502 51.31 -6.89 -6.16
N LEU D 503 52.18 -6.22 -5.41
CA LEU D 503 53.36 -6.89 -4.86
C LEU D 503 52.98 -7.84 -3.72
N ASP D 504 52.09 -7.40 -2.84
CA ASP D 504 51.80 -8.11 -1.61
C ASP D 504 50.75 -9.21 -1.80
N SER D 505 50.04 -9.21 -2.91
CA SER D 505 48.96 -10.18 -3.12
C SER D 505 49.38 -11.37 -3.97
N GLY D 506 50.65 -11.50 -4.31
CA GLY D 506 51.03 -12.60 -5.18
C GLY D 506 51.04 -12.20 -6.63
N ASN D 507 49.91 -12.44 -7.30
CA ASN D 507 49.72 -12.26 -8.74
C ASN D 507 50.44 -11.03 -9.28
N ARG D 508 51.35 -11.24 -10.21
CA ARG D 508 52.05 -10.17 -10.89
C ARG D 508 51.18 -9.59 -11.99
N PRO D 509 51.41 -8.33 -12.36
CA PRO D 509 50.58 -7.71 -13.41
C PRO D 509 50.84 -8.24 -14.81
N GLU D 510 51.78 -9.17 -14.98
CA GLU D 510 52.07 -9.70 -16.31
C GLU D 510 50.83 -10.32 -16.93
N TRP D 511 50.10 -11.12 -16.16
CA TRP D 511 48.85 -11.71 -16.61
C TRP D 511 47.65 -10.82 -16.29
N MET D 512 47.90 -9.60 -15.82
CA MET D 512 46.81 -8.65 -15.61
C MET D 512 46.21 -8.24 -16.95
N ILE D 513 46.92 -8.49 -18.05
CA ILE D 513 46.31 -8.61 -19.35
C ILE D 513 46.22 -10.10 -19.67
N LEU D 514 45.17 -10.48 -20.39
CA LEU D 514 44.79 -11.88 -20.51
C LEU D 514 45.14 -12.43 -21.89
N GLU D 515 45.69 -13.65 -21.90
CA GLU D 515 46.08 -14.34 -23.12
C GLU D 515 45.04 -15.36 -23.57
N ALA D 516 44.55 -16.19 -22.66
CA ALA D 516 43.52 -17.18 -22.95
C ALA D 516 42.22 -16.72 -22.30
N VAL D 517 41.17 -16.57 -23.10
CA VAL D 517 39.90 -16.02 -22.66
C VAL D 517 39.02 -17.17 -22.19
N PRO D 518 38.56 -17.18 -20.94
CA PRO D 518 37.63 -18.23 -20.50
C PRO D 518 36.29 -18.13 -21.21
N VAL D 519 35.63 -19.27 -21.33
CA VAL D 519 34.37 -19.39 -22.07
C VAL D 519 33.32 -19.93 -21.13
N LEU D 520 32.22 -19.20 -20.99
CA LEU D 520 31.19 -19.51 -20.00
C LEU D 520 30.54 -20.85 -20.33
N PRO D 521 30.19 -21.62 -19.30
CA PRO D 521 29.46 -22.86 -19.54
C PRO D 521 28.14 -22.58 -20.25
N PRO D 522 27.71 -23.48 -21.14
CA PRO D 522 26.56 -23.16 -22.01
C PRO D 522 25.27 -22.88 -21.26
N ASP D 523 24.98 -23.61 -20.18
CA ASP D 523 23.68 -23.44 -19.52
C ASP D 523 23.55 -22.09 -18.84
N LEU D 524 24.67 -21.41 -18.54
CA LEU D 524 24.58 -20.05 -18.04
C LEU D 524 24.15 -19.06 -19.12
N ARG D 525 24.35 -19.41 -20.39
CA ARG D 525 23.94 -18.59 -21.51
C ARG D 525 23.24 -19.46 -22.56
N PRO D 526 22.07 -20.01 -22.25
CA PRO D 526 21.44 -20.96 -23.17
C PRO D 526 20.55 -20.30 -24.21
N MET D 527 20.56 -20.90 -25.40
CA MET D 527 19.59 -20.56 -26.45
C MET D 527 18.44 -21.56 -26.35
N VAL D 528 17.31 -21.10 -25.81
CA VAL D 528 16.17 -21.97 -25.52
C VAL D 528 15.03 -21.59 -26.46
N GLN D 529 14.40 -22.59 -27.07
CA GLN D 529 13.35 -22.34 -28.03
C GLN D 529 12.14 -21.69 -27.37
N VAL D 530 11.50 -20.78 -28.09
CA VAL D 530 10.28 -20.13 -27.63
C VAL D 530 9.09 -20.74 -28.35
N ASP D 531 9.05 -20.59 -29.68
CA ASP D 531 7.93 -21.10 -30.47
C ASP D 531 8.36 -21.17 -31.93
N GLY D 532 7.90 -22.22 -32.61
CA GLY D 532 8.13 -22.35 -34.04
C GLY D 532 9.58 -22.47 -34.44
N GLY D 533 10.43 -23.05 -33.60
CA GLY D 533 11.83 -23.24 -33.89
C GLY D 533 12.73 -22.07 -33.55
N ARG D 534 12.17 -20.89 -33.30
CA ARG D 534 12.98 -19.74 -32.93
C ARG D 534 13.52 -19.90 -31.52
N PHE D 535 14.75 -19.45 -31.29
CA PHE D 535 15.44 -19.61 -30.02
C PHE D 535 15.70 -18.25 -29.41
N ALA D 536 15.19 -18.03 -28.20
CA ALA D 536 15.57 -16.88 -27.41
C ALA D 536 16.95 -17.13 -26.82
N THR D 537 17.84 -16.16 -26.96
CA THR D 537 19.25 -16.34 -26.61
C THR D 537 19.71 -15.21 -25.69
N SER D 538 20.59 -15.59 -24.77
CA SER D 538 21.39 -14.58 -24.08
C SER D 538 22.41 -14.00 -25.05
N ASP D 539 22.57 -12.67 -24.99
CA ASP D 539 23.48 -12.00 -25.93
C ASP D 539 24.91 -12.44 -25.75
N LEU D 540 25.23 -13.08 -24.63
CA LEU D 540 26.58 -13.62 -24.44
C LEU D 540 26.95 -14.60 -25.54
N ASN D 541 25.99 -15.41 -25.98
CA ASN D 541 26.26 -16.32 -27.08
C ASN D 541 26.57 -15.56 -28.36
N ASP D 542 25.83 -14.48 -28.64
CA ASP D 542 26.11 -13.68 -29.83
C ASP D 542 27.49 -13.06 -29.77
N LEU D 543 27.87 -12.51 -28.61
CA LEU D 543 29.19 -11.90 -28.47
C LEU D 543 30.30 -12.93 -28.59
N TYR D 544 30.09 -14.12 -28.00
CA TYR D 544 31.09 -15.18 -28.13
C TYR D 544 31.23 -15.63 -29.58
N ARG D 545 30.12 -15.75 -30.30
CA ARG D 545 30.19 -16.12 -31.72
C ARG D 545 30.95 -15.07 -32.51
N ARG D 546 30.67 -13.79 -32.24
CA ARG D 546 31.38 -12.71 -32.93
C ARG D 546 32.87 -12.79 -32.64
N LEU D 547 33.23 -13.01 -31.38
CA LEU D 547 34.65 -13.10 -31.02
C LEU D 547 35.32 -14.29 -31.68
N ILE D 548 34.64 -15.44 -31.72
CA ILE D 548 35.21 -16.62 -32.34
C ILE D 548 35.41 -16.38 -33.84
N ASN D 549 34.44 -15.75 -34.49
CA ASN D 549 34.60 -15.43 -35.91
C ASN D 549 35.78 -14.50 -36.13
N ARG D 550 35.91 -13.47 -35.29
CA ARG D 550 37.02 -12.54 -35.44
C ARG D 550 38.36 -13.24 -35.23
N ASN D 551 38.43 -14.10 -34.21
CA ASN D 551 39.68 -14.79 -33.90
C ASN D 551 40.06 -15.76 -35.01
N ASN D 552 39.08 -16.46 -35.58
CA ASN D 552 39.36 -17.37 -36.69
C ASN D 552 39.81 -16.59 -37.92
N ARG D 553 39.21 -15.43 -38.17
CA ARG D 553 39.66 -14.60 -39.28
C ARG D 553 41.10 -14.17 -39.07
N LEU D 554 41.44 -13.73 -37.85
CA LEU D 554 42.83 -13.36 -37.56
C LEU D 554 43.76 -14.55 -37.72
N LYS D 555 43.34 -15.74 -37.27
CA LYS D 555 44.18 -16.93 -37.38
C LYS D 555 44.49 -17.24 -38.84
N LYS D 556 43.47 -17.33 -39.68
CA LYS D 556 43.72 -17.65 -41.08
C LYS D 556 44.47 -16.53 -41.78
N LEU D 557 44.23 -15.28 -41.37
CA LEU D 557 44.95 -14.16 -41.96
C LEU D 557 46.44 -14.26 -41.68
N LEU D 558 46.81 -14.50 -40.43
CA LEU D 558 48.24 -14.64 -40.12
C LEU D 558 48.81 -15.89 -40.79
N ALA D 559 47.98 -16.93 -40.96
CA ALA D 559 48.46 -18.14 -41.61
C ALA D 559 48.80 -17.91 -43.07
N GLN D 560 47.95 -17.18 -43.80
CA GLN D 560 48.16 -17.03 -45.25
C GLN D 560 49.16 -15.93 -45.57
N GLY D 561 48.85 -14.68 -45.23
CA GLY D 561 49.72 -13.58 -45.61
C GLY D 561 49.48 -12.38 -44.72
N ALA D 562 50.41 -11.42 -44.81
CA ALA D 562 50.45 -10.29 -43.89
C ALA D 562 50.44 -8.97 -44.67
N PRO D 563 49.29 -8.54 -45.19
CA PRO D 563 49.16 -7.14 -45.61
C PRO D 563 49.10 -6.24 -44.40
N GLU D 564 50.14 -5.42 -44.21
CA GLU D 564 50.38 -4.80 -42.90
C GLU D 564 49.20 -3.94 -42.46
N ILE D 565 48.67 -3.12 -43.37
CA ILE D 565 47.56 -2.25 -43.01
C ILE D 565 46.32 -3.07 -42.67
N ILE D 566 46.06 -4.13 -43.44
CA ILE D 566 44.95 -5.02 -43.14
C ILE D 566 45.17 -5.73 -41.81
N ILE D 567 46.40 -6.11 -41.53
CA ILE D 567 46.70 -6.76 -40.24
C ILE D 567 46.40 -5.81 -39.09
N ARG D 568 46.81 -4.55 -39.21
CA ARG D 568 46.50 -3.58 -38.16
C ARG D 568 44.99 -3.40 -38.01
N ASN D 569 44.28 -3.31 -39.14
CA ASN D 569 42.83 -3.12 -39.08
C ASN D 569 42.14 -4.28 -38.38
N GLU D 570 42.56 -5.51 -38.70
CA GLU D 570 41.91 -6.66 -38.07
C GLU D 570 42.37 -6.85 -36.63
N LYS D 571 43.57 -6.40 -36.27
CA LYS D 571 43.96 -6.35 -34.87
C LYS D 571 43.04 -5.42 -34.10
N ARG D 572 42.76 -4.24 -34.65
CA ARG D 572 41.81 -3.33 -34.02
C ARG D 572 40.44 -3.97 -33.92
N MET D 573 40.03 -4.68 -34.97
CA MET D 573 38.74 -5.37 -34.97
C MET D 573 38.66 -6.40 -33.86
N LEU D 574 39.69 -7.24 -33.70
CA LEU D 574 39.68 -8.22 -32.63
C LEU D 574 39.67 -7.57 -31.27
N GLN D 575 40.46 -6.50 -31.10
CA GLN D 575 40.52 -5.85 -29.80
C GLN D 575 39.17 -5.26 -29.44
N GLU D 576 38.49 -4.62 -30.39
CA GLU D 576 37.16 -4.09 -30.12
C GLU D 576 36.16 -5.22 -29.88
N ALA D 577 36.32 -6.36 -30.54
CA ALA D 577 35.43 -7.49 -30.28
C ALA D 577 35.60 -8.00 -28.86
N VAL D 578 36.85 -8.11 -28.38
CA VAL D 578 37.09 -8.52 -27.01
C VAL D 578 36.52 -7.50 -26.03
N ASP D 579 36.71 -6.22 -26.34
CA ASP D 579 36.11 -5.16 -25.52
C ASP D 579 34.61 -5.34 -25.41
N ALA D 580 33.94 -5.55 -26.54
CA ALA D 580 32.49 -5.71 -26.52
C ALA D 580 32.07 -6.95 -25.74
N LEU D 581 32.83 -8.05 -25.89
CA LEU D 581 32.53 -9.25 -25.13
C LEU D 581 32.60 -9.00 -23.63
N LEU D 582 33.69 -8.37 -23.18
CA LEU D 582 33.84 -8.14 -21.75
C LEU D 582 32.76 -7.20 -21.22
N ASP D 583 32.45 -6.15 -21.98
CA ASP D 583 31.36 -5.25 -21.62
C ASP D 583 30.98 -4.41 -22.83
N ASN D 584 29.70 -4.14 -22.97
CA ASN D 584 29.17 -3.36 -24.08
C ASN D 584 28.82 -1.95 -23.62
N GLY D 585 29.10 -0.97 -24.48
CA GLY D 585 28.68 0.41 -24.27
C GLY D 585 29.82 1.39 -24.11
N ARG D 586 30.97 0.94 -23.60
CA ARG D 586 32.05 1.87 -23.30
C ARG D 586 32.72 2.42 -24.55
N ARG D 587 32.85 1.62 -25.60
CA ARG D 587 33.45 2.07 -26.86
C ARG D 587 32.46 1.75 -27.97
N GLY D 588 31.68 2.75 -28.37
CA GLY D 588 30.60 2.53 -29.30
C GLY D 588 29.44 1.83 -28.61
N ALA D 589 28.46 1.44 -29.42
CA ALA D 589 27.29 0.68 -28.95
C ALA D 589 27.04 -0.49 -29.88
N PRO D 590 27.86 -1.55 -29.80
CA PRO D 590 27.56 -2.76 -30.57
C PRO D 590 26.18 -3.28 -30.23
N VAL D 591 25.44 -3.69 -31.26
CA VAL D 591 24.02 -3.98 -31.16
C VAL D 591 23.77 -5.34 -31.81
N THR D 592 22.53 -5.79 -31.76
CA THR D 592 22.13 -7.06 -32.34
C THR D 592 22.08 -6.91 -33.86
N ASN D 593 21.49 -7.90 -34.53
CA ASN D 593 21.35 -7.82 -35.98
C ASN D 593 20.62 -6.53 -36.35
N PRO D 594 21.07 -5.85 -37.41
CA PRO D 594 20.49 -4.53 -37.74
C PRO D 594 18.99 -4.62 -37.96
N GLY D 595 18.28 -3.58 -37.49
CA GLY D 595 16.84 -3.58 -37.43
C GLY D 595 16.30 -3.72 -36.02
N SER D 596 17.11 -4.18 -35.08
CA SER D 596 16.76 -4.29 -33.68
C SER D 596 17.78 -3.48 -32.89
N ASP D 597 17.48 -2.20 -32.66
CA ASP D 597 18.43 -1.30 -32.01
C ASP D 597 18.40 -1.46 -30.48
N ARG D 598 18.55 -2.69 -30.01
CA ARG D 598 18.65 -2.98 -28.59
C ARG D 598 20.06 -3.41 -28.27
N PRO D 599 20.80 -2.66 -27.46
CA PRO D 599 22.21 -3.01 -27.20
C PRO D 599 22.33 -4.41 -26.60
N LEU D 600 23.38 -5.11 -27.01
CA LEU D 600 23.61 -6.46 -26.53
C LEU D 600 23.95 -6.46 -25.05
N ARG D 601 23.70 -7.59 -24.40
CA ARG D 601 23.92 -7.76 -22.97
C ARG D 601 25.24 -8.49 -22.77
N SER D 602 26.12 -7.92 -21.95
CA SER D 602 27.47 -8.42 -21.77
C SER D 602 27.64 -8.96 -20.35
N LEU D 603 28.87 -9.37 -20.03
CA LEU D 603 29.16 -9.92 -18.71
C LEU D 603 28.92 -8.89 -17.61
N THR D 604 29.37 -7.65 -17.85
CA THR D 604 29.12 -6.58 -16.88
C THR D 604 27.62 -6.34 -16.70
N ASP D 605 26.86 -6.40 -17.80
CA ASP D 605 25.41 -6.23 -17.69
C ASP D 605 24.79 -7.33 -16.84
N ILE D 606 25.24 -8.56 -17.02
CA ILE D 606 24.72 -9.67 -16.22
C ILE D 606 25.09 -9.49 -14.75
N LEU D 607 26.33 -9.11 -14.48
CA LEU D 607 26.77 -8.97 -13.09
C LEU D 607 26.20 -7.71 -12.47
N SER D 608 26.50 -6.56 -13.06
CA SER D 608 26.07 -5.28 -12.51
C SER D 608 24.62 -5.01 -12.87
N GLY D 609 24.17 -3.79 -12.60
CA GLY D 609 22.84 -3.37 -12.96
C GLY D 609 21.84 -3.54 -11.82
N LYS D 610 20.72 -2.83 -11.95
CA LYS D 610 19.65 -2.93 -10.97
C LYS D 610 19.05 -4.34 -10.91
N GLN D 611 19.11 -5.08 -12.03
CA GLN D 611 18.66 -6.46 -12.08
C GLN D 611 19.83 -7.28 -12.59
N GLY D 612 20.74 -7.64 -11.68
CA GLY D 612 21.90 -8.44 -12.00
C GLY D 612 22.05 -9.62 -11.06
N ARG D 613 23.22 -10.25 -11.15
CA ARG D 613 23.50 -11.39 -10.29
C ARG D 613 23.51 -11.00 -8.82
N PHE D 614 24.07 -9.83 -8.51
CA PHE D 614 24.10 -9.37 -7.12
C PHE D 614 22.74 -8.88 -6.67
N ARG D 615 22.03 -8.15 -7.53
CA ARG D 615 20.80 -7.46 -7.14
C ARG D 615 19.55 -8.30 -7.35
N GLN D 616 19.65 -9.57 -7.72
CA GLN D 616 18.48 -10.40 -7.92
C GLN D 616 18.36 -11.53 -6.92
N ASN D 617 19.46 -12.02 -6.37
CA ASN D 617 19.43 -12.91 -5.22
C ASN D 617 19.13 -12.15 -3.94
N LEU D 618 19.43 -10.85 -3.91
CA LEU D 618 19.23 -10.05 -2.70
C LEU D 618 17.77 -9.81 -2.40
N LEU D 619 16.89 -9.93 -3.40
CA LEU D 619 15.46 -9.76 -3.18
C LEU D 619 14.65 -11.02 -3.37
N GLY D 620 14.90 -11.80 -4.43
CA GLY D 620 14.11 -12.99 -4.68
C GLY D 620 12.64 -12.65 -4.80
N LYS D 621 12.28 -11.94 -5.87
CA LYS D 621 10.96 -11.32 -5.98
C LYS D 621 9.83 -12.34 -6.04
N ARG D 622 10.13 -13.61 -6.27
CA ARG D 622 9.11 -14.62 -6.49
C ARG D 622 9.30 -15.77 -5.49
N VAL D 623 8.19 -16.30 -4.98
CA VAL D 623 8.19 -17.44 -4.09
C VAL D 623 7.06 -18.39 -4.51
N ASP D 624 7.28 -19.68 -4.30
CA ASP D 624 6.38 -20.68 -4.84
C ASP D 624 5.10 -20.81 -4.00
N TYR D 625 5.25 -21.10 -2.71
CA TYR D 625 4.11 -21.33 -1.83
C TYR D 625 3.69 -20.01 -1.20
N SER D 626 2.90 -19.24 -1.96
CA SER D 626 2.43 -17.95 -1.52
C SER D 626 1.06 -17.68 -2.10
N GLY D 627 0.33 -16.80 -1.44
CA GLY D 627 -0.98 -16.36 -1.89
C GLY D 627 -1.27 -14.99 -1.32
N ARG D 628 -2.37 -14.41 -1.77
CA ARG D 628 -2.78 -13.10 -1.27
C ARG D 628 -4.28 -13.00 -1.34
N SER D 629 -4.86 -12.16 -0.48
CA SER D 629 -6.31 -11.99 -0.45
C SER D 629 -6.65 -10.77 0.37
N VAL D 630 -7.91 -10.34 0.27
CA VAL D 630 -8.41 -9.29 1.15
C VAL D 630 -8.63 -9.88 2.53
N ILE D 631 -8.53 -9.03 3.54
CA ILE D 631 -8.56 -9.45 4.94
C ILE D 631 -9.80 -8.88 5.62
N VAL D 632 -10.37 -9.65 6.53
CA VAL D 632 -11.52 -9.24 7.31
C VAL D 632 -11.26 -9.54 8.78
N VAL D 633 -12.03 -8.88 9.65
CA VAL D 633 -11.84 -9.03 11.08
C VAL D 633 -12.24 -10.44 11.52
N GLY D 634 -11.48 -11.00 12.45
CA GLY D 634 -11.65 -12.37 12.88
C GLY D 634 -11.98 -12.53 14.36
N PRO D 635 -12.92 -11.74 14.87
CA PRO D 635 -13.05 -11.59 16.33
C PRO D 635 -13.26 -12.89 17.08
N GLN D 636 -13.85 -13.90 16.43
CA GLN D 636 -14.07 -15.18 17.11
C GLN D 636 -12.79 -15.98 17.28
N LEU D 637 -11.68 -15.59 16.66
CA LEU D 637 -10.43 -16.31 16.77
C LEU D 637 -9.60 -15.79 17.94
N LYS D 638 -8.74 -16.65 18.46
CA LYS D 638 -7.78 -16.23 19.46
C LYS D 638 -6.60 -15.53 18.80
N LEU D 639 -5.73 -14.95 19.63
CA LEU D 639 -4.65 -14.12 19.12
C LEU D 639 -3.59 -14.93 18.38
N HIS D 640 -3.50 -16.23 18.64
CA HIS D 640 -2.51 -17.08 17.99
C HIS D 640 -3.07 -17.76 16.75
N GLN D 641 -4.08 -17.17 16.12
CA GLN D 641 -4.78 -17.83 15.03
C GLN D 641 -5.10 -16.83 13.93
N CYS D 642 -5.27 -17.36 12.72
CA CYS D 642 -5.71 -16.57 11.58
C CYS D 642 -6.66 -17.41 10.75
N GLY D 643 -7.67 -16.74 10.19
CA GLY D 643 -8.69 -17.42 9.42
C GLY D 643 -8.28 -17.51 7.95
N LEU D 644 -8.23 -18.74 7.45
CA LEU D 644 -7.73 -19.02 6.11
C LEU D 644 -8.86 -19.60 5.27
N PRO D 645 -9.18 -19.01 4.13
CA PRO D 645 -10.24 -19.57 3.28
C PRO D 645 -9.91 -20.99 2.86
N LYS D 646 -10.95 -21.82 2.79
CA LYS D 646 -10.74 -23.25 2.62
C LYS D 646 -10.07 -23.58 1.29
N ARG D 647 -10.36 -22.82 0.23
CA ARG D 647 -9.80 -23.15 -1.07
C ARG D 647 -8.29 -22.85 -1.13
N MET D 648 -7.87 -21.67 -0.67
CA MET D 648 -6.44 -21.42 -0.67
C MET D 648 -5.72 -22.28 0.35
N ALA D 649 -6.40 -22.63 1.45
CA ALA D 649 -5.81 -23.56 2.40
C ALA D 649 -5.59 -24.93 1.75
N LEU D 650 -6.57 -25.38 0.96
CA LEU D 650 -6.43 -26.66 0.28
C LEU D 650 -5.29 -26.63 -0.73
N GLU D 651 -5.21 -25.56 -1.52
CA GLU D 651 -4.22 -25.55 -2.60
C GLU D 651 -2.81 -25.28 -2.08
N LEU D 652 -2.69 -24.49 -1.01
CA LEU D 652 -1.38 -24.12 -0.49
C LEU D 652 -0.63 -25.35 0.02
N PHE D 653 -1.32 -26.22 0.75
CA PHE D 653 -0.71 -27.42 1.31
C PHE D 653 -0.86 -28.62 0.39
N LYS D 654 -0.93 -28.39 -0.92
CA LYS D 654 -1.28 -29.45 -1.86
C LYS D 654 -0.38 -30.68 -1.73
N PRO D 655 0.95 -30.57 -1.72
CA PRO D 655 1.75 -31.79 -1.50
C PRO D 655 1.52 -32.42 -0.15
N PHE D 656 1.33 -31.60 0.89
CA PHE D 656 0.98 -32.13 2.20
C PHE D 656 -0.32 -32.91 2.14
N LEU D 657 -1.32 -32.35 1.44
CA LEU D 657 -2.59 -33.05 1.29
C LEU D 657 -2.39 -34.37 0.57
N LEU D 658 -1.63 -34.36 -0.54
CA LEU D 658 -1.41 -35.58 -1.30
C LEU D 658 -0.80 -36.66 -0.42
N LYS D 659 0.27 -36.32 0.30
CA LYS D 659 0.92 -37.32 1.14
C LYS D 659 0.00 -37.81 2.25
N LYS D 660 -0.72 -36.90 2.90
CA LYS D 660 -1.54 -37.30 4.04
C LYS D 660 -2.71 -38.19 3.61
N MET D 661 -3.35 -37.88 2.49
CA MET D 661 -4.43 -38.72 2.02
C MET D 661 -3.90 -39.98 1.34
N GLU D 662 -2.62 -40.01 0.98
CA GLU D 662 -1.99 -41.27 0.61
C GLU D 662 -1.70 -42.13 1.83
N GLU D 663 -1.50 -41.51 2.99
CA GLU D 663 -1.36 -42.29 4.23
C GLU D 663 -2.58 -43.16 4.48
N LYS D 664 -3.76 -42.65 4.14
CA LYS D 664 -4.99 -43.42 4.19
C LYS D 664 -5.35 -43.90 2.79
N GLY D 665 -6.49 -44.57 2.67
CA GLY D 665 -6.86 -45.22 1.43
C GLY D 665 -7.72 -44.40 0.50
N ILE D 666 -7.65 -43.07 0.61
CA ILE D 666 -8.49 -42.22 -0.22
C ILE D 666 -8.13 -42.40 -1.69
N ALA D 667 -6.84 -42.42 -2.01
CA ALA D 667 -6.38 -42.69 -3.36
C ALA D 667 -5.24 -43.69 -3.31
N PRO D 668 -5.08 -44.50 -4.37
CA PRO D 668 -3.99 -45.48 -4.38
C PRO D 668 -2.61 -44.85 -4.42
N ASN D 669 -2.40 -43.90 -5.32
CA ASN D 669 -1.10 -43.27 -5.50
C ASN D 669 -1.27 -41.76 -5.63
N VAL D 670 -0.14 -41.06 -5.70
CA VAL D 670 -0.16 -39.60 -5.75
C VAL D 670 -0.79 -39.12 -7.06
N LYS D 671 -0.55 -39.83 -8.15
CA LYS D 671 -1.14 -39.43 -9.43
C LYS D 671 -2.66 -39.50 -9.40
N ALA D 672 -3.20 -40.58 -8.82
CA ALA D 672 -4.65 -40.67 -8.67
C ALA D 672 -5.16 -39.56 -7.77
N ALA D 673 -4.40 -39.23 -6.73
CA ALA D 673 -4.79 -38.13 -5.84
C ALA D 673 -4.87 -36.81 -6.61
N ARG D 674 -3.85 -36.52 -7.42
CA ARG D 674 -3.84 -35.29 -8.19
C ARG D 674 -5.00 -35.26 -9.18
N ARG D 675 -5.29 -36.39 -9.83
CA ARG D 675 -6.39 -36.43 -10.78
C ARG D 675 -7.74 -36.29 -10.09
N MET D 676 -7.88 -36.81 -8.87
CA MET D 676 -9.15 -36.70 -8.17
C MET D 676 -9.35 -35.29 -7.63
N LEU D 677 -8.29 -34.67 -7.11
CA LEU D 677 -8.35 -33.31 -6.61
C LEU D 677 -8.30 -32.26 -7.71
N GLU D 678 -8.06 -32.67 -8.96
CA GLU D 678 -7.94 -31.68 -10.05
C GLU D 678 -9.26 -30.98 -10.34
N ARG D 679 -10.38 -31.54 -9.89
CA ARG D 679 -11.69 -30.94 -10.09
C ARG D 679 -12.41 -30.87 -8.76
N GLN D 680 -13.13 -29.76 -8.52
CA GLN D 680 -13.82 -29.58 -7.26
C GLN D 680 -15.18 -30.29 -7.21
N ARG D 681 -15.62 -30.87 -8.33
CA ARG D 681 -16.86 -31.64 -8.30
C ARG D 681 -16.72 -32.96 -7.57
N ASP D 682 -15.48 -33.42 -7.33
CA ASP D 682 -15.23 -34.69 -6.67
C ASP D 682 -14.79 -34.54 -5.22
N ILE D 683 -14.95 -33.35 -4.63
CA ILE D 683 -14.53 -33.15 -3.26
C ILE D 683 -15.39 -33.99 -2.32
N LYS D 684 -14.79 -34.42 -1.21
CA LYS D 684 -15.48 -35.24 -0.23
C LYS D 684 -15.10 -34.75 1.15
N ASP D 685 -15.97 -35.03 2.13
CA ASP D 685 -15.67 -34.62 3.50
C ASP D 685 -14.46 -35.36 4.05
N GLU D 686 -14.15 -36.54 3.55
CA GLU D 686 -12.90 -37.19 3.92
C GLU D 686 -11.71 -36.34 3.53
N VAL D 687 -11.78 -35.66 2.39
CA VAL D 687 -10.71 -34.77 1.98
C VAL D 687 -10.54 -33.64 2.98
N TRP D 688 -11.66 -33.08 3.46
CA TRP D 688 -11.57 -31.99 4.42
C TRP D 688 -11.05 -32.46 5.77
N ASP D 689 -11.40 -33.69 6.16
CA ASP D 689 -10.82 -34.26 7.37
C ASP D 689 -9.32 -34.44 7.22
N ALA D 690 -8.87 -34.87 6.04
CA ALA D 690 -7.44 -34.96 5.78
C ALA D 690 -6.80 -33.58 5.85
N LEU D 691 -7.48 -32.56 5.33
CA LEU D 691 -6.97 -31.20 5.39
C LEU D 691 -6.78 -30.74 6.83
N GLU D 692 -7.80 -30.92 7.67
CA GLU D 692 -7.65 -30.50 9.06
C GLU D 692 -6.62 -31.34 9.79
N GLU D 693 -6.41 -32.58 9.34
CA GLU D 693 -5.32 -33.39 9.88
C GLU D 693 -3.97 -32.80 9.52
N VAL D 694 -3.83 -32.30 8.29
CA VAL D 694 -2.54 -31.82 7.80
C VAL D 694 -2.05 -30.63 8.61
N ILE D 695 -2.92 -29.65 8.82
CA ILE D 695 -2.50 -28.36 9.35
C ILE D 695 -2.78 -28.25 10.85
N HIS D 696 -2.87 -29.38 11.55
CA HIS D 696 -3.16 -29.35 12.98
C HIS D 696 -2.09 -28.58 13.75
N GLY D 697 -0.84 -28.74 13.35
CA GLY D 697 0.24 -28.06 14.04
C GLY D 697 1.01 -27.06 13.20
N LYS D 698 0.71 -26.98 11.91
CA LYS D 698 1.44 -26.09 11.03
C LYS D 698 1.09 -24.64 11.30
N VAL D 699 1.95 -23.74 10.82
CA VAL D 699 1.74 -22.30 10.91
C VAL D 699 2.06 -21.68 9.57
N VAL D 700 1.52 -20.50 9.33
CA VAL D 700 1.76 -19.77 8.08
C VAL D 700 2.13 -18.33 8.43
N LEU D 701 2.86 -17.68 7.53
CA LEU D 701 3.37 -16.34 7.75
C LEU D 701 2.50 -15.35 6.99
N LEU D 702 1.86 -14.44 7.72
CA LEU D 702 1.07 -13.39 7.10
C LEU D 702 1.95 -12.16 6.95
N ASN D 703 1.80 -11.49 5.81
CA ASN D 703 2.70 -10.43 5.38
C ASN D 703 1.92 -9.28 4.76
N ARG D 704 2.23 -8.08 5.18
CA ARG D 704 1.64 -6.87 4.61
C ARG D 704 2.65 -6.27 3.64
N ALA D 705 2.14 -5.73 2.52
CA ALA D 705 3.03 -5.36 1.42
C ALA D 705 4.07 -4.33 1.82
N PRO D 706 3.75 -3.18 2.42
CA PRO D 706 4.81 -2.32 2.97
C PRO D 706 5.24 -2.84 4.33
N THR D 707 6.42 -3.46 4.37
CA THR D 707 6.93 -4.08 5.59
C THR D 707 7.88 -3.10 6.26
N LEU D 708 7.31 -2.19 7.05
CA LEU D 708 8.09 -1.09 7.60
C LEU D 708 8.92 -1.51 8.80
N HIS D 709 8.60 -2.65 9.43
CA HIS D 709 9.33 -3.06 10.62
C HIS D 709 9.25 -4.58 10.75
N ARG D 710 9.67 -5.08 11.91
CA ARG D 710 9.79 -6.51 12.10
C ARG D 710 8.43 -7.20 12.19
N LEU D 711 7.43 -6.50 12.69
CA LEU D 711 6.13 -7.12 12.92
C LEU D 711 5.26 -7.16 11.68
N GLY D 712 5.74 -6.64 10.56
CA GLY D 712 5.04 -6.79 9.29
C GLY D 712 4.99 -8.22 8.80
N ILE D 713 5.77 -9.11 9.38
CA ILE D 713 5.69 -10.54 9.14
C ILE D 713 5.29 -11.19 10.45
N GLN D 714 4.20 -11.95 10.46
CA GLN D 714 3.78 -12.59 11.70
C GLN D 714 3.23 -13.98 11.42
N ALA D 715 3.69 -14.95 12.19
CA ALA D 715 3.20 -16.31 12.05
C ALA D 715 1.85 -16.45 12.73
N PHE D 716 1.07 -17.42 12.25
CA PHE D 716 -0.24 -17.69 12.79
C PHE D 716 -0.59 -19.15 12.58
N GLN D 717 -1.56 -19.63 13.34
CA GLN D 717 -2.12 -20.96 13.12
C GLN D 717 -3.35 -20.83 12.23
N PRO D 718 -3.40 -21.53 11.10
CA PRO D 718 -4.56 -21.39 10.22
C PRO D 718 -5.76 -22.14 10.76
N VAL D 719 -6.93 -21.53 10.58
CA VAL D 719 -8.20 -22.17 10.92
C VAL D 719 -9.05 -22.17 9.65
N LEU D 720 -9.52 -23.35 9.26
CA LEU D 720 -10.31 -23.47 8.04
C LEU D 720 -11.62 -22.72 8.19
N VAL D 721 -11.89 -21.83 7.23
CA VAL D 721 -13.11 -21.03 7.23
C VAL D 721 -13.74 -21.12 5.85
N GLU D 722 -15.01 -20.74 5.78
CA GLU D 722 -15.77 -20.73 4.54
C GLU D 722 -15.89 -19.29 4.07
N GLY D 723 -15.35 -19.00 2.90
CA GLY D 723 -15.44 -17.65 2.36
C GLY D 723 -14.30 -17.40 1.38
N GLN D 724 -14.08 -16.11 1.12
CA GLN D 724 -13.04 -15.67 0.21
C GLN D 724 -11.88 -14.96 0.90
N SER D 725 -12.16 -14.23 1.98
CA SER D 725 -11.15 -13.38 2.59
C SER D 725 -10.46 -14.10 3.75
N ILE D 726 -9.31 -13.55 4.13
CA ILE D 726 -8.54 -14.04 5.26
C ILE D 726 -9.04 -13.36 6.52
N GLN D 727 -9.44 -14.14 7.51
CA GLN D 727 -9.90 -13.58 8.78
C GLN D 727 -8.71 -13.31 9.68
N LEU D 728 -8.61 -12.07 10.15
CA LEU D 728 -7.47 -11.61 10.94
C LEU D 728 -7.94 -11.18 12.31
N HIS D 729 -7.15 -11.52 13.32
CA HIS D 729 -7.46 -11.10 14.68
C HIS D 729 -7.40 -9.58 14.77
N PRO D 730 -8.41 -8.93 15.36
CA PRO D 730 -8.42 -7.46 15.35
C PRO D 730 -7.26 -6.83 16.08
N LEU D 731 -6.69 -7.50 17.08
CA LEU D 731 -5.66 -6.88 17.90
C LEU D 731 -4.36 -6.64 17.13
N VAL D 732 -4.15 -7.33 16.01
CA VAL D 732 -2.93 -7.12 15.23
C VAL D 732 -3.22 -6.09 14.14
N CYS D 733 -4.35 -5.41 14.25
CA CYS D 733 -4.68 -4.37 13.27
C CYS D 733 -3.72 -3.19 13.33
N GLU D 734 -2.91 -3.10 14.38
CA GLU D 734 -1.89 -2.06 14.46
C GLU D 734 -0.46 -2.60 14.36
N ALA D 735 -0.24 -3.88 14.64
CA ALA D 735 1.06 -4.48 14.36
C ALA D 735 1.36 -4.39 12.87
N PHE D 736 0.45 -4.88 12.05
CA PHE D 736 0.36 -4.43 10.67
C PHE D 736 -0.27 -3.05 10.64
N ASN D 737 0.14 -2.24 9.68
CA ASN D 737 -0.55 -0.96 9.52
C ASN D 737 -1.72 -1.15 8.57
N ALA D 738 -2.55 -2.15 8.85
CA ALA D 738 -3.59 -2.61 7.94
C ALA D 738 -4.96 -2.32 8.56
N ASP D 739 -5.73 -1.47 7.91
CA ASP D 739 -7.13 -1.27 8.23
C ASP D 739 -7.96 -2.30 7.46
N PHE D 740 -9.27 -2.16 7.48
CA PHE D 740 -10.16 -3.06 6.77
C PHE D 740 -10.92 -2.34 5.66
N ASP D 741 -10.28 -1.38 5.00
CA ASP D 741 -10.85 -0.68 3.87
C ASP D 741 -10.69 -1.46 2.57
N GLY D 742 -10.39 -2.75 2.65
CA GLY D 742 -10.25 -3.58 1.47
C GLY D 742 -8.82 -3.89 1.08
N ASP D 743 -7.82 -3.31 1.72
CA ASP D 743 -6.43 -3.59 1.36
C ASP D 743 -6.10 -5.05 1.64
N GLN D 744 -5.21 -5.61 0.82
CA GLN D 744 -4.94 -7.03 0.82
C GLN D 744 -3.71 -7.35 1.64
N MET D 745 -3.56 -8.64 1.95
CA MET D 745 -2.42 -9.14 2.70
C MET D 745 -2.13 -10.56 2.21
N ALA D 746 -0.88 -10.98 2.33
CA ALA D 746 -0.38 -12.19 1.70
C ALA D 746 -0.03 -13.24 2.73
N VAL D 747 0.07 -14.48 2.27
CA VAL D 747 0.34 -15.64 3.12
C VAL D 747 1.45 -16.47 2.48
N HIS D 748 2.39 -16.91 3.31
CA HIS D 748 3.45 -17.82 2.89
C HIS D 748 3.41 -19.04 3.80
N VAL D 749 3.92 -20.16 3.29
CA VAL D 749 3.93 -21.42 4.02
C VAL D 749 5.35 -21.98 4.01
N PRO D 750 6.09 -21.88 5.11
CA PRO D 750 7.37 -22.58 5.20
C PRO D 750 7.16 -24.08 5.28
N LEU D 751 8.04 -24.82 4.59
CA LEU D 751 7.93 -26.26 4.50
C LEU D 751 8.73 -27.00 5.57
N SER D 752 10.02 -26.73 5.67
CA SER D 752 10.89 -27.53 6.51
C SER D 752 10.48 -27.45 7.97
N SER D 753 10.49 -28.61 8.63
CA SER D 753 10.14 -28.68 10.04
C SER D 753 11.02 -27.75 10.87
N PHE D 754 12.26 -27.56 10.46
CA PHE D 754 13.12 -26.62 11.15
C PHE D 754 12.55 -25.22 11.06
N ALA D 755 12.14 -24.82 9.85
CA ALA D 755 11.56 -23.49 9.67
C ALA D 755 10.21 -23.37 10.37
N GLN D 756 9.45 -24.46 10.41
CA GLN D 756 8.21 -24.45 11.19
C GLN D 756 8.51 -24.19 12.66
N ALA D 757 9.56 -24.82 13.19
CA ALA D 757 9.96 -24.53 14.57
C ALA D 757 10.34 -23.06 14.73
N GLU D 758 11.10 -22.52 13.78
CA GLU D 758 11.45 -21.11 13.84
C GLU D 758 10.20 -20.24 13.95
N ALA D 759 9.27 -20.44 13.02
CA ALA D 759 8.10 -19.56 12.96
C ALA D 759 7.24 -19.72 14.19
N ARG D 760 7.03 -20.96 14.64
CA ARG D 760 6.14 -21.18 15.77
C ARG D 760 6.76 -20.69 17.08
N ILE D 761 8.09 -20.63 17.16
CA ILE D 761 8.72 -20.25 18.41
C ILE D 761 8.90 -18.74 18.50
N GLN D 762 9.52 -18.13 17.48
CA GLN D 762 9.93 -16.75 17.62
C GLN D 762 9.21 -15.78 16.70
N MET D 763 8.43 -16.27 15.74
CA MET D 763 7.60 -15.39 14.92
C MET D 763 6.12 -15.53 15.19
N LEU D 764 5.71 -16.48 16.02
CA LEU D 764 4.30 -16.60 16.38
C LEU D 764 3.85 -15.34 17.09
N SER D 765 2.66 -14.85 16.72
CA SER D 765 2.24 -13.54 17.21
C SER D 765 1.89 -13.55 18.69
N ALA D 766 1.55 -14.70 19.26
CA ALA D 766 1.26 -14.77 20.68
C ALA D 766 2.48 -14.49 21.54
N HIS D 767 3.68 -14.63 20.97
CA HIS D 767 4.91 -14.43 21.72
C HIS D 767 5.51 -13.05 21.56
N ASN D 768 5.08 -12.28 20.56
CA ASN D 768 5.63 -10.95 20.31
C ASN D 768 4.53 -9.95 20.65
N LEU D 769 4.44 -9.59 21.92
CA LEU D 769 3.42 -8.64 22.37
C LEU D 769 3.97 -7.25 22.64
N LEU D 770 5.28 -7.09 22.68
CA LEU D 770 5.91 -5.82 22.98
C LEU D 770 6.74 -5.34 21.80
N SER D 771 6.87 -4.02 21.69
CA SER D 771 7.63 -3.45 20.60
C SER D 771 9.11 -3.82 20.71
N PRO D 772 9.82 -3.89 19.59
CA PRO D 772 11.29 -3.81 19.66
C PRO D 772 11.80 -2.39 19.68
N ALA D 773 10.98 -1.42 19.26
CA ALA D 773 11.39 -0.03 19.31
C ALA D 773 11.35 0.53 20.72
N SER D 774 10.50 -0.03 21.58
CA SER D 774 10.40 0.38 22.97
C SER D 774 9.71 -0.73 23.73
N GLY D 775 9.53 -0.52 25.03
CA GLY D 775 8.85 -1.52 25.83
C GLY D 775 7.34 -1.53 25.69
N GLU D 776 6.77 -0.59 24.93
CA GLU D 776 5.33 -0.49 24.82
C GLU D 776 4.76 -1.74 24.17
N PRO D 777 3.60 -2.21 24.60
CA PRO D 777 2.96 -3.34 23.91
C PRO D 777 2.37 -2.92 22.58
N LEU D 778 2.32 -3.88 21.66
CA LEU D 778 1.60 -3.72 20.41
C LEU D 778 0.28 -4.47 20.38
N ALA D 779 0.11 -5.48 21.22
CA ALA D 779 -1.15 -6.20 21.34
C ALA D 779 -2.10 -5.54 22.31
N LYS D 780 -1.95 -4.23 22.52
CA LYS D 780 -2.82 -3.52 23.44
C LYS D 780 -4.27 -3.57 22.95
N PRO D 781 -5.24 -3.51 23.86
CA PRO D 781 -6.64 -3.46 23.44
C PRO D 781 -6.88 -2.27 22.52
N SER D 782 -7.65 -2.50 21.47
CA SER D 782 -7.86 -1.52 20.43
C SER D 782 -9.07 -0.65 20.74
N ARG D 783 -9.52 0.12 19.75
CA ARG D 783 -10.51 1.17 19.96
C ARG D 783 -11.81 0.61 20.54
N ASP D 784 -12.35 -0.42 19.90
CA ASP D 784 -13.66 -0.93 20.30
C ASP D 784 -13.63 -1.49 21.71
N ILE D 785 -12.64 -2.31 22.02
CA ILE D 785 -12.55 -2.90 23.36
C ILE D 785 -12.35 -1.81 24.39
N ILE D 786 -11.55 -0.81 24.07
CA ILE D 786 -11.33 0.31 24.99
C ILE D 786 -12.66 0.99 25.30
N LEU D 787 -13.45 1.26 24.27
CA LEU D 787 -14.74 1.93 24.49
C LEU D 787 -15.66 1.06 25.32
N GLY D 788 -15.72 -0.23 25.02
CA GLY D 788 -16.58 -1.12 25.79
C GLY D 788 -16.21 -1.17 27.27
N LEU D 789 -14.92 -1.32 27.55
CA LEU D 789 -14.50 -1.43 28.95
C LEU D 789 -14.57 -0.09 29.66
N TYR D 790 -14.40 1.01 28.95
CA TYR D 790 -14.65 2.30 29.58
C TYR D 790 -16.11 2.42 29.95
N TYR D 791 -17.00 1.91 29.10
CA TYR D 791 -18.43 2.00 29.40
C TYR D 791 -18.80 1.12 30.58
N ILE D 792 -18.20 -0.06 30.68
CA ILE D 792 -18.55 -0.96 31.78
C ILE D 792 -17.95 -0.51 33.11
N THR D 793 -16.83 0.22 33.09
CA THR D 793 -16.18 0.61 34.35
C THR D 793 -16.22 2.11 34.53
N GLN D 794 -17.36 2.72 34.25
CA GLN D 794 -17.57 4.14 34.49
C GLN D 794 -18.64 4.30 35.55
N VAL D 795 -18.54 5.37 36.33
CA VAL D 795 -19.53 5.70 37.35
C VAL D 795 -20.14 7.05 37.01
N ARG D 796 -21.46 7.10 36.99
CA ARG D 796 -22.21 8.30 36.64
C ARG D 796 -22.41 9.13 37.91
N LYS D 797 -22.93 10.34 37.73
CA LYS D 797 -23.31 11.17 38.87
C LYS D 797 -24.27 12.26 38.39
N GLU D 798 -25.39 12.41 39.09
CA GLU D 798 -26.47 13.25 38.58
C GLU D 798 -26.74 14.49 39.43
N LYS D 799 -27.09 14.35 40.71
CA LYS D 799 -27.74 15.47 41.39
C LYS D 799 -27.93 15.25 42.88
N LYS D 800 -27.89 16.33 43.65
CA LYS D 800 -28.30 16.33 45.05
C LYS D 800 -29.07 17.60 45.33
N GLY D 801 -30.40 17.49 45.42
CA GLY D 801 -31.23 18.62 45.74
C GLY D 801 -31.64 18.64 47.21
N ALA D 802 -31.31 17.58 47.92
CA ALA D 802 -31.63 17.47 49.35
C ALA D 802 -30.37 17.75 50.17
N GLY D 803 -30.56 17.75 51.49
CA GLY D 803 -29.44 17.87 52.41
C GLY D 803 -28.47 16.71 52.25
N LEU D 804 -27.30 16.98 51.68
CA LEU D 804 -26.34 15.91 51.42
C LEU D 804 -25.69 15.36 52.68
N GLU D 805 -25.80 16.05 53.81
CA GLU D 805 -25.18 15.61 55.05
C GLU D 805 -25.74 14.26 55.48
N PHE D 806 -24.87 13.25 55.53
CA PHE D 806 -25.25 11.93 56.02
C PHE D 806 -24.38 11.42 57.16
N ALA D 807 -23.13 11.86 57.28
CA ALA D 807 -22.25 11.31 58.30
C ALA D 807 -22.83 11.52 59.71
N THR D 808 -23.46 12.67 59.94
CA THR D 808 -23.95 13.01 61.27
C THR D 808 -25.20 12.22 61.66
N PRO D 809 -26.30 12.28 60.90
CA PRO D 809 -27.53 11.65 61.40
C PRO D 809 -27.62 10.17 61.05
N GLU D 810 -27.98 9.37 62.05
CA GLU D 810 -28.24 7.96 61.81
C GLU D 810 -29.68 7.67 61.41
N GLU D 811 -30.62 8.55 61.75
CA GLU D 811 -31.94 8.49 61.13
C GLU D 811 -31.88 8.90 59.67
N ALA D 812 -30.78 9.53 59.25
CA ALA D 812 -30.60 9.88 57.85
C ALA D 812 -30.59 8.67 56.94
N LEU D 813 -30.22 7.49 57.44
CA LEU D 813 -30.35 6.29 56.62
C LEU D 813 -31.82 6.04 56.28
N ALA D 814 -32.68 6.03 57.30
CA ALA D 814 -34.10 5.83 57.06
C ALA D 814 -34.73 7.06 56.41
N ALA D 815 -34.33 8.25 56.85
CA ALA D 815 -34.89 9.47 56.30
C ALA D 815 -34.60 9.58 54.81
N HIS D 816 -33.37 9.31 54.41
CA HIS D 816 -33.02 9.40 52.99
C HIS D 816 -33.44 8.16 52.21
N GLU D 817 -33.65 7.03 52.87
CA GLU D 817 -34.32 5.93 52.19
C GLU D 817 -35.76 6.32 51.84
N ARG D 818 -36.45 6.99 52.77
CA ARG D 818 -37.76 7.53 52.48
C ARG D 818 -37.70 8.59 51.39
N GLY D 819 -36.66 9.43 51.41
CA GLY D 819 -36.50 10.41 50.36
C GLY D 819 -36.30 9.78 49.00
N GLU D 820 -35.54 8.68 48.95
CA GLU D 820 -35.37 7.94 47.70
C GLU D 820 -36.64 7.22 47.30
N VAL D 821 -37.50 6.90 48.27
CA VAL D 821 -38.83 6.39 47.94
C VAL D 821 -39.59 7.42 47.12
N ALA D 822 -39.52 8.68 47.54
CA ALA D 822 -39.97 9.79 46.72
C ALA D 822 -38.83 10.19 45.79
N LEU D 823 -38.94 11.37 45.17
CA LEU D 823 -37.91 11.87 44.28
C LEU D 823 -36.97 12.85 44.98
N ASN D 824 -36.83 12.74 46.30
CA ASN D 824 -35.99 13.67 47.04
C ASN D 824 -34.52 13.52 46.67
N ALA D 825 -34.03 12.29 46.59
CA ALA D 825 -32.63 12.03 46.29
C ALA D 825 -32.52 10.81 45.37
N PRO D 826 -31.70 10.90 44.32
CA PRO D 826 -31.52 9.75 43.43
C PRO D 826 -30.79 8.61 44.12
N ILE D 827 -30.85 7.45 43.49
CA ILE D 827 -30.21 6.26 44.05
C ILE D 827 -28.70 6.44 44.09
N LYS D 828 -28.12 6.99 43.03
CA LYS D 828 -26.73 7.44 43.06
C LYS D 828 -26.66 8.92 43.39
N VAL D 829 -27.04 9.24 44.61
CA VAL D 829 -27.08 10.64 45.03
C VAL D 829 -25.68 11.07 45.47
N ALA D 830 -25.44 12.38 45.44
CA ALA D 830 -24.15 12.93 45.83
C ALA D 830 -24.15 13.26 47.32
N GLY D 831 -24.22 12.20 48.13
CA GLY D 831 -24.26 12.36 49.57
C GLY D 831 -22.92 12.83 50.11
N ARG D 832 -22.97 13.33 51.35
CA ARG D 832 -21.78 13.89 51.98
C ARG D 832 -20.70 12.83 52.16
N GLU D 833 -21.05 11.69 52.73
CA GLU D 833 -20.11 10.59 52.88
C GLU D 833 -20.39 9.45 51.91
N THR D 834 -21.64 9.01 51.82
CA THR D 834 -22.01 7.89 50.96
C THR D 834 -23.29 8.21 50.22
N SER D 835 -23.45 7.55 49.07
CA SER D 835 -24.70 7.60 48.34
C SER D 835 -25.71 6.63 48.94
N VAL D 836 -27.00 6.95 48.77
CA VAL D 836 -28.05 6.08 49.28
C VAL D 836 -28.02 4.73 48.60
N GLY D 837 -27.41 4.64 47.42
CA GLY D 837 -27.22 3.33 46.81
C GLY D 837 -26.28 2.46 47.61
N ARG D 838 -25.25 3.07 48.20
CA ARG D 838 -24.34 2.31 49.06
C ARG D 838 -25.07 1.77 50.29
N LEU D 839 -25.97 2.57 50.85
CA LEU D 839 -26.72 2.12 52.03
C LEU D 839 -27.74 1.05 51.66
N LYS D 840 -28.50 1.28 50.60
CA LYS D 840 -29.67 0.45 50.32
C LYS D 840 -29.28 -0.96 49.96
N TYR D 841 -28.27 -1.13 49.11
CA TYR D 841 -27.85 -2.45 48.64
C TYR D 841 -26.47 -2.76 49.18
N VAL D 842 -26.35 -3.94 49.80
CA VAL D 842 -25.08 -4.47 50.25
C VAL D 842 -25.04 -5.94 49.87
N PHE D 843 -23.95 -6.36 49.22
CA PHE D 843 -23.89 -7.67 48.59
C PHE D 843 -22.81 -8.51 49.24
N ALA D 844 -23.16 -9.74 49.62
CA ALA D 844 -22.21 -10.62 50.28
C ALA D 844 -21.06 -11.00 49.36
N ASN D 845 -21.36 -11.30 48.11
CA ASN D 845 -20.37 -11.76 47.15
C ASN D 845 -20.52 -10.98 45.86
N PRO D 846 -19.48 -10.96 45.03
CA PRO D 846 -19.66 -10.42 43.67
C PRO D 846 -20.74 -11.13 42.88
N ASP D 847 -20.91 -12.43 43.09
CA ASP D 847 -21.94 -13.18 42.37
C ASP D 847 -23.32 -12.62 42.68
N GLU D 848 -23.59 -12.31 43.96
CA GLU D 848 -24.87 -11.74 44.33
C GLU D 848 -25.08 -10.39 43.65
N ALA D 849 -24.05 -9.55 43.62
CA ALA D 849 -24.19 -8.25 42.99
C ALA D 849 -24.49 -8.37 41.50
N LEU D 850 -23.75 -9.25 40.81
CA LEU D 850 -23.96 -9.39 39.38
C LEU D 850 -25.29 -10.06 39.07
N LEU D 851 -25.74 -10.97 39.92
CA LEU D 851 -27.05 -11.58 39.73
C LEU D 851 -28.17 -10.57 39.96
N ALA D 852 -27.99 -9.68 40.94
CA ALA D 852 -28.97 -8.62 41.12
C ALA D 852 -28.97 -7.65 39.95
N VAL D 853 -27.81 -7.44 39.33
CA VAL D 853 -27.78 -6.66 38.09
C VAL D 853 -28.52 -7.40 36.99
N ALA D 854 -28.38 -8.72 36.94
CA ALA D 854 -29.10 -9.51 35.95
C ALA D 854 -30.60 -9.36 36.08
N HIS D 855 -31.09 -9.08 37.28
CA HIS D 855 -32.51 -8.85 37.51
C HIS D 855 -32.90 -7.40 37.34
N GLY D 856 -32.02 -6.57 36.78
CA GLY D 856 -32.37 -5.20 36.47
C GLY D 856 -32.59 -4.31 37.67
N ILE D 857 -32.20 -4.74 38.86
CA ILE D 857 -32.39 -3.91 40.05
C ILE D 857 -31.43 -2.73 40.01
N VAL D 858 -30.16 -2.99 39.72
CA VAL D 858 -29.13 -1.95 39.67
C VAL D 858 -28.28 -2.16 38.42
N ASP D 859 -27.83 -1.07 37.82
CA ASP D 859 -27.01 -1.13 36.63
C ASP D 859 -25.57 -1.51 36.99
N LEU D 860 -24.79 -1.81 35.96
CA LEU D 860 -23.36 -2.03 36.14
C LEU D 860 -22.63 -0.72 36.47
N GLN D 861 -23.29 0.42 36.38
CA GLN D 861 -22.66 1.71 36.61
C GLN D 861 -23.09 2.32 37.94
N ASP D 862 -23.65 1.53 38.85
CA ASP D 862 -24.22 2.01 40.10
C ASP D 862 -23.30 1.64 41.25
N VAL D 863 -22.96 2.61 42.08
CA VAL D 863 -22.10 2.33 43.24
C VAL D 863 -22.88 1.61 44.32
N VAL D 864 -22.20 0.69 44.99
CA VAL D 864 -22.84 -0.23 45.93
C VAL D 864 -21.74 -0.82 46.79
N THR D 865 -22.10 -1.23 48.00
CA THR D 865 -21.17 -1.85 48.93
C THR D 865 -21.18 -3.36 48.73
N VAL D 866 -20.05 -3.89 48.27
CA VAL D 866 -19.90 -5.32 48.03
C VAL D 866 -18.76 -5.82 48.89
N ARG D 867 -19.00 -6.92 49.60
CA ARG D 867 -17.97 -7.53 50.43
C ARG D 867 -17.12 -8.40 49.53
N TYR D 868 -15.94 -7.90 49.17
CA TYR D 868 -15.02 -8.67 48.34
C TYR D 868 -14.33 -9.70 49.23
N MET D 869 -13.23 -10.29 48.75
CA MET D 869 -12.66 -11.44 49.46
C MET D 869 -12.34 -11.12 50.91
N GLY D 870 -11.96 -9.88 51.20
CA GLY D 870 -11.65 -9.52 52.57
C GLY D 870 -12.13 -8.17 53.04
N LYS D 871 -12.71 -7.38 52.14
CA LYS D 871 -13.02 -6.00 52.45
C LYS D 871 -14.37 -5.62 51.89
N ARG D 872 -14.92 -4.53 52.42
CA ARG D 872 -16.17 -3.95 51.92
C ARG D 872 -15.82 -2.78 51.02
N LEU D 873 -16.15 -2.91 49.73
CA LEU D 873 -15.77 -1.94 48.72
C LEU D 873 -17.02 -1.21 48.23
N GLU D 874 -16.90 0.11 48.11
CA GLU D 874 -17.97 0.95 47.60
C GLU D 874 -17.71 1.20 46.12
N THR D 875 -18.05 0.20 45.30
CA THR D 875 -17.74 0.23 43.89
C THR D 875 -18.96 -0.17 43.07
N SER D 876 -18.83 -0.06 41.79
CA SER D 876 -19.91 -0.50 40.92
C SER D 876 -19.75 -1.99 40.60
N PRO D 877 -20.85 -2.67 40.30
CA PRO D 877 -20.73 -4.06 39.80
C PRO D 877 -19.96 -4.13 38.51
N GLY D 878 -19.89 -3.05 37.73
CA GLY D 878 -19.06 -3.06 36.54
C GLY D 878 -17.59 -3.22 36.86
N ARG D 879 -17.10 -2.45 37.84
CA ARG D 879 -15.71 -2.56 38.23
C ARG D 879 -15.41 -3.93 38.84
N ILE D 880 -16.33 -4.43 39.65
CA ILE D 880 -16.18 -5.77 40.22
C ILE D 880 -16.13 -6.81 39.11
N LEU D 881 -16.98 -6.66 38.10
CA LEU D 881 -16.97 -7.60 36.99
C LEU D 881 -15.68 -7.52 36.20
N PHE D 882 -15.15 -6.31 36.02
CA PHE D 882 -13.87 -6.16 35.32
C PHE D 882 -12.75 -6.85 36.09
N ALA D 883 -12.72 -6.65 37.40
CA ALA D 883 -11.74 -7.35 38.23
C ALA D 883 -11.93 -8.85 38.13
N ARG D 884 -13.17 -9.31 38.08
CA ARG D 884 -13.44 -10.73 37.95
C ARG D 884 -12.94 -11.26 36.61
N ILE D 885 -13.11 -10.48 35.54
CA ILE D 885 -12.61 -10.90 34.23
C ILE D 885 -11.09 -11.04 34.28
N VAL D 886 -10.42 -10.05 34.87
CA VAL D 886 -8.97 -10.10 34.98
C VAL D 886 -8.55 -11.32 35.78
N ALA D 887 -9.24 -11.60 36.89
CA ALA D 887 -8.89 -12.72 37.76
C ALA D 887 -9.23 -14.06 37.16
N GLU D 888 -10.23 -14.13 36.28
CA GLU D 888 -10.55 -15.36 35.58
C GLU D 888 -9.60 -15.66 34.44
N ALA D 889 -9.17 -14.63 33.72
CA ALA D 889 -8.22 -14.84 32.62
C ALA D 889 -6.91 -15.42 33.14
N VAL D 890 -6.47 -14.96 34.30
CA VAL D 890 -5.30 -15.50 34.95
C VAL D 890 -5.76 -16.48 36.02
N GLU D 891 -4.81 -17.23 36.60
CA GLU D 891 -5.20 -18.24 37.58
C GLU D 891 -5.46 -17.64 38.95
N ASP D 892 -4.47 -16.94 39.51
CA ASP D 892 -4.61 -16.38 40.84
C ASP D 892 -5.29 -15.02 40.80
N GLU D 893 -5.99 -14.70 41.88
CA GLU D 893 -6.74 -13.45 41.97
C GLU D 893 -6.06 -12.40 42.83
N LYS D 894 -5.29 -12.81 43.84
CA LYS D 894 -4.55 -11.84 44.65
C LYS D 894 -3.58 -11.05 43.78
N VAL D 895 -2.83 -11.75 42.93
CA VAL D 895 -1.97 -11.07 41.98
C VAL D 895 -2.81 -10.21 41.04
N ALA D 896 -3.92 -10.75 40.55
CA ALA D 896 -4.80 -9.98 39.66
C ALA D 896 -5.36 -8.77 40.40
N TRP D 897 -5.75 -8.95 41.66
CA TRP D 897 -6.27 -7.83 42.42
C TRP D 897 -5.22 -6.74 42.59
N GLU D 898 -3.96 -7.14 42.77
CA GLU D 898 -2.91 -6.17 43.02
C GLU D 898 -2.39 -5.50 41.76
N LEU D 899 -2.56 -6.11 40.58
CA LEU D 899 -2.03 -5.52 39.36
C LEU D 899 -3.07 -4.73 38.58
N ILE D 900 -4.20 -4.39 39.21
CA ILE D 900 -5.22 -3.57 38.58
C ILE D 900 -5.45 -2.33 39.44
N GLN D 901 -6.15 -1.36 38.85
CA GLN D 901 -6.50 -0.12 39.52
C GLN D 901 -8.02 0.03 39.40
N LEU D 902 -8.75 -0.56 40.35
CA LEU D 902 -10.20 -0.70 40.25
C LEU D 902 -10.96 0.48 40.82
N ASP D 903 -10.36 1.67 40.91
CA ASP D 903 -11.07 2.86 41.37
C ASP D 903 -11.15 3.95 40.32
N VAL D 904 -10.74 3.68 39.08
CA VAL D 904 -10.78 4.66 38.01
C VAL D 904 -11.30 4.01 36.75
N PRO D 905 -11.85 4.80 35.82
CA PRO D 905 -12.27 4.25 34.53
C PRO D 905 -11.09 3.65 33.78
N GLN D 906 -11.36 2.58 33.05
CA GLN D 906 -10.31 1.84 32.35
C GLN D 906 -10.01 2.54 31.03
N GLU D 907 -9.24 3.62 31.12
CA GLU D 907 -8.78 4.33 29.93
C GLU D 907 -7.66 3.53 29.26
N LYS D 908 -7.33 3.91 28.03
CA LYS D 908 -6.38 3.13 27.25
C LYS D 908 -5.00 3.06 27.90
N ASN D 909 -4.58 4.14 28.57
CA ASN D 909 -3.32 4.08 29.29
C ASN D 909 -3.38 3.05 30.40
N SER D 910 -4.51 2.98 31.11
CA SER D 910 -4.66 1.99 32.16
C SER D 910 -4.60 0.58 31.59
N LEU D 911 -5.24 0.35 30.43
CA LEU D 911 -5.17 -0.96 29.81
C LEU D 911 -3.75 -1.31 29.41
N LYS D 912 -3.02 -0.35 28.86
CA LYS D 912 -1.63 -0.62 28.46
C LYS D 912 -0.77 -0.95 29.66
N ASP D 913 -0.92 -0.19 30.76
CA ASP D 913 -0.17 -0.48 31.97
C ASP D 913 -0.54 -1.85 32.51
N LEU D 914 -1.83 -2.18 32.49
CA LEU D 914 -2.28 -3.50 32.94
C LEU D 914 -1.62 -4.61 32.14
N VAL D 915 -1.62 -4.48 30.82
CA VAL D 915 -1.05 -5.51 29.97
C VAL D 915 0.44 -5.64 30.23
N TYR D 916 1.14 -4.51 30.34
CA TYR D 916 2.58 -4.56 30.58
C TYR D 916 2.89 -5.21 31.92
N GLN D 917 2.15 -4.86 32.96
CA GLN D 917 2.39 -5.43 34.28
C GLN D 917 2.11 -6.93 34.27
N ALA D 918 1.03 -7.35 33.62
CA ALA D 918 0.72 -8.76 33.52
C ALA D 918 1.83 -9.51 32.79
N PHE D 919 2.34 -8.91 31.72
CA PHE D 919 3.45 -9.52 31.00
C PHE D 919 4.66 -9.68 31.91
N LEU D 920 4.97 -8.64 32.70
CA LEU D 920 6.13 -8.71 33.58
C LEU D 920 5.96 -9.79 34.63
N ARG D 921 4.78 -9.89 35.24
CA ARG D 921 4.61 -10.72 36.42
C ARG D 921 4.05 -12.11 36.12
N LEU D 922 3.59 -12.36 34.90
CA LEU D 922 3.01 -13.66 34.57
C LEU D 922 3.70 -14.35 33.41
N GLY D 923 4.04 -13.62 32.34
CA GLY D 923 4.81 -14.17 31.25
C GLY D 923 4.06 -14.12 29.93
N MET D 924 4.20 -15.18 29.14
CA MET D 924 3.70 -15.22 27.77
C MET D 924 2.25 -15.68 27.68
N GLU D 925 1.98 -16.90 28.15
CA GLU D 925 0.65 -17.49 27.95
C GLU D 925 -0.42 -16.69 28.68
N LYS D 926 -0.15 -16.31 29.93
CA LYS D 926 -1.16 -15.65 30.73
C LYS D 926 -1.52 -14.29 30.15
N THR D 927 -0.53 -13.56 29.63
CA THR D 927 -0.85 -12.27 29.01
C THR D 927 -1.71 -12.47 27.76
N ALA D 928 -1.41 -13.50 26.97
CA ALA D 928 -2.21 -13.76 25.79
C ALA D 928 -3.65 -14.12 26.15
N ARG D 929 -3.83 -14.97 27.16
CA ARG D 929 -5.18 -15.32 27.57
C ARG D 929 -5.92 -14.12 28.15
N LEU D 930 -5.21 -13.28 28.90
CA LEU D 930 -5.81 -12.06 29.39
C LEU D 930 -6.27 -11.17 28.26
N LEU D 931 -5.43 -11.02 27.24
CA LEU D 931 -5.82 -10.20 26.09
C LEU D 931 -7.03 -10.78 25.38
N ASP D 932 -7.05 -12.10 25.20
CA ASP D 932 -8.20 -12.73 24.55
C ASP D 932 -9.49 -12.48 25.31
N ALA D 933 -9.49 -12.77 26.61
CA ALA D 933 -10.71 -12.59 27.39
C ALA D 933 -11.10 -11.13 27.46
N LEU D 934 -10.12 -10.24 27.63
CA LEU D 934 -10.39 -8.82 27.70
C LEU D 934 -11.03 -8.31 26.42
N LYS D 935 -10.49 -8.72 25.27
CA LYS D 935 -11.09 -8.32 23.99
C LYS D 935 -12.50 -8.86 23.86
N TYR D 936 -12.71 -10.13 24.23
CA TYR D 936 -14.03 -10.74 24.07
C TYR D 936 -15.07 -9.98 24.89
N TYR D 937 -14.77 -9.71 26.16
CA TYR D 937 -15.72 -9.01 27.00
C TYR D 937 -15.90 -7.56 26.56
N GLY D 938 -14.83 -6.91 26.10
CA GLY D 938 -14.98 -5.57 25.58
C GLY D 938 -15.92 -5.52 24.40
N PHE D 939 -15.79 -6.48 23.48
CA PHE D 939 -16.72 -6.57 22.36
C PHE D 939 -18.15 -6.78 22.82
N THR D 940 -18.37 -7.75 23.72
CA THR D 940 -19.74 -8.05 24.12
C THR D 940 -20.40 -6.86 24.79
N PHE D 941 -19.69 -6.19 25.69
CA PHE D 941 -20.30 -5.06 26.39
C PHE D 941 -20.40 -3.83 25.52
N SER D 942 -19.51 -3.66 24.53
CA SER D 942 -19.67 -2.59 23.57
C SER D 942 -20.91 -2.81 22.72
N THR D 943 -21.18 -4.05 22.34
CA THR D 943 -22.41 -4.37 21.63
C THR D 943 -23.63 -4.06 22.47
N THR D 944 -23.77 -4.76 23.60
CA THR D 944 -24.99 -4.65 24.39
C THR D 944 -25.17 -3.28 25.02
N SER D 945 -24.09 -2.52 25.18
CA SER D 945 -24.18 -1.23 25.85
C SER D 945 -24.78 -0.15 24.97
N GLY D 946 -24.68 -0.28 23.65
CA GLY D 946 -25.33 0.64 22.75
C GLY D 946 -24.74 2.04 22.70
N ILE D 947 -23.53 2.16 22.16
CA ILE D 947 -22.91 3.45 21.90
C ILE D 947 -23.21 3.83 20.47
N THR D 948 -23.84 4.97 20.26
CA THR D 948 -24.24 5.39 18.92
C THR D 948 -24.02 6.88 18.76
N ILE D 949 -23.87 7.30 17.50
CA ILE D 949 -23.58 8.69 17.16
C ILE D 949 -24.75 9.24 16.37
N GLY D 950 -25.38 10.28 16.90
CA GLY D 950 -26.40 11.00 16.18
C GLY D 950 -25.99 12.45 16.02
N ILE D 951 -26.76 13.22 15.22
CA ILE D 951 -26.40 14.62 15.01
C ILE D 951 -26.51 15.41 16.30
N ASP D 952 -27.35 14.97 17.22
CA ASP D 952 -27.49 15.66 18.50
C ASP D 952 -26.38 15.33 19.48
N ASP D 953 -25.61 14.27 19.23
CA ASP D 953 -24.51 13.93 20.13
C ASP D 953 -23.39 14.96 20.06
N ALA D 954 -23.22 15.61 18.91
CA ALA D 954 -22.24 16.68 18.77
C ALA D 954 -22.83 17.95 19.35
N VAL D 955 -22.90 17.98 20.69
CA VAL D 955 -23.54 19.09 21.39
C VAL D 955 -22.68 20.34 21.28
N ILE D 956 -23.33 21.48 21.07
CA ILE D 956 -22.66 22.77 20.93
C ILE D 956 -22.80 23.51 22.27
N PRO D 957 -21.69 23.73 22.99
CA PRO D 957 -21.78 24.53 24.22
C PRO D 957 -22.16 25.97 23.91
N GLU D 958 -23.12 26.48 24.69
CA GLU D 958 -23.66 27.81 24.46
C GLU D 958 -22.75 28.93 24.96
N GLU D 959 -21.99 28.69 26.04
CA GLU D 959 -21.16 29.75 26.61
C GLU D 959 -20.15 30.28 25.61
N LYS D 960 -19.59 29.38 24.78
CA LYS D 960 -18.65 29.80 23.76
C LYS D 960 -19.17 30.96 22.93
N LYS D 961 -20.50 31.06 22.80
CA LYS D 961 -21.10 32.13 22.02
C LYS D 961 -20.61 33.50 22.50
N GLN D 962 -20.76 33.78 23.80
CA GLN D 962 -20.31 35.09 24.25
C GLN D 962 -18.81 35.23 24.07
N TYR D 963 -18.07 34.12 24.21
CA TYR D 963 -16.64 34.15 23.92
C TYR D 963 -16.40 34.74 22.54
N LEU D 964 -17.11 34.23 21.53
CA LEU D 964 -16.96 34.75 20.18
C LEU D 964 -17.17 36.25 20.17
N GLU D 965 -18.25 36.72 20.80
CA GLU D 965 -18.54 38.15 20.82
C GLU D 965 -17.36 38.91 21.38
N GLU D 966 -16.84 38.47 22.53
CA GLU D 966 -15.67 39.14 23.10
C GLU D 966 -14.54 39.15 22.10
N ALA D 967 -14.24 37.97 21.51
CA ALA D 967 -13.23 37.92 20.47
C ALA D 967 -13.56 38.91 19.38
N ASP D 968 -14.80 38.89 18.89
CA ASP D 968 -15.22 39.86 17.88
C ASP D 968 -14.93 41.27 18.35
N ARG D 969 -15.38 41.61 19.56
CA ARG D 969 -15.16 42.97 20.06
C ARG D 969 -13.67 43.29 20.03
N LYS D 970 -12.84 42.36 20.51
CA LYS D 970 -11.41 42.62 20.55
C LYS D 970 -10.89 42.97 19.16
N LEU D 971 -11.32 42.19 18.15
CA LEU D 971 -10.88 42.46 16.79
C LEU D 971 -11.10 43.92 16.43
N LEU D 972 -12.29 44.43 16.76
CA LEU D 972 -12.61 45.82 16.42
C LEU D 972 -11.55 46.77 16.96
N GLN D 973 -11.24 46.69 18.26
CA GLN D 973 -10.20 47.59 18.78
C GLN D 973 -8.89 47.33 18.06
N ILE D 974 -8.52 46.06 17.87
CA ILE D 974 -7.32 45.76 17.13
C ILE D 974 -7.41 46.39 15.74
N GLU D 975 -8.55 46.23 15.08
CA GLU D 975 -8.72 46.90 13.79
C GLU D 975 -8.58 48.40 13.96
N GLN D 976 -9.24 48.96 14.97
CA GLN D 976 -9.05 50.38 15.27
C GLN D 976 -7.61 50.66 15.64
N ALA D 977 -6.97 49.76 16.41
CA ALA D 977 -5.55 49.94 16.72
C ALA D 977 -4.72 49.92 15.45
N TYR D 978 -5.16 49.15 14.44
CA TYR D 978 -4.45 49.16 13.18
C TYR D 978 -4.87 50.36 12.33
N GLU D 979 -6.07 50.88 12.58
CA GLU D 979 -6.54 52.05 11.85
C GLU D 979 -5.81 53.32 12.29
N MET D 980 -5.40 53.40 13.55
CA MET D 980 -4.65 54.55 14.03
C MET D 980 -3.17 54.48 13.66
N GLY D 981 -2.71 53.37 13.12
CA GLY D 981 -1.33 53.24 12.71
C GLY D 981 -0.36 52.82 13.79
N PHE D 982 -0.85 52.43 14.96
CA PHE D 982 0.04 51.98 16.03
C PHE D 982 0.68 50.62 15.72
N LEU D 983 0.11 49.86 14.79
CA LEU D 983 0.55 48.51 14.52
C LEU D 983 1.02 48.38 13.08
N THR D 984 2.08 47.59 12.89
CA THR D 984 2.53 47.20 11.56
C THR D 984 1.87 45.89 11.16
N ASP D 985 2.07 45.49 9.91
CA ASP D 985 1.40 44.31 9.39
C ASP D 985 1.84 43.06 10.15
N ARG D 986 3.14 42.91 10.38
CA ARG D 986 3.64 41.70 11.03
C ARG D 986 3.11 41.58 12.45
N GLU D 987 3.19 42.65 13.24
CA GLU D 987 2.74 42.58 14.62
C GLU D 987 1.22 42.47 14.71
N ARG D 988 0.50 43.13 13.79
CA ARG D 988 -0.95 42.95 13.76
C ARG D 988 -1.33 41.50 13.47
N TYR D 989 -0.65 40.88 12.50
CA TYR D 989 -0.90 39.47 12.21
C TYR D 989 -0.58 38.60 13.40
N ASP D 990 0.52 38.89 14.09
CA ASP D 990 0.87 38.12 15.29
C ASP D 990 -0.19 38.28 16.37
N GLN D 991 -0.70 39.50 16.56
CA GLN D 991 -1.73 39.74 17.56
C GLN D 991 -3.00 38.97 17.22
N ILE D 992 -3.41 39.00 15.97
CA ILE D 992 -4.62 38.29 15.56
C ILE D 992 -4.45 36.79 15.74
N LEU D 993 -3.30 36.26 15.32
CA LEU D 993 -3.04 34.83 15.48
C LEU D 993 -3.06 34.44 16.96
N GLN D 994 -2.43 35.26 17.81
CA GLN D 994 -2.42 34.97 19.25
C GLN D 994 -3.82 34.98 19.81
N LEU D 995 -4.63 35.98 19.43
CA LEU D 995 -5.98 36.08 19.94
C LEU D 995 -6.82 34.88 19.53
N TRP D 996 -6.75 34.50 18.26
CA TRP D 996 -7.57 33.38 17.80
C TRP D 996 -7.10 32.06 18.42
N THR D 997 -5.79 31.83 18.49
CA THR D 997 -5.31 30.57 19.06
C THR D 997 -5.51 30.52 20.57
N GLU D 998 -5.68 31.67 21.22
CA GLU D 998 -6.02 31.67 22.64
C GLU D 998 -7.50 31.42 22.85
N THR D 999 -8.35 32.07 22.05
CA THR D 999 -9.79 31.87 22.22
C THR D 999 -10.21 30.46 21.79
N THR D 1000 -9.49 29.84 20.86
CA THR D 1000 -9.80 28.46 20.51
C THR D 1000 -9.55 27.52 21.69
N GLU D 1001 -8.42 27.70 22.37
CA GLU D 1001 -8.15 26.92 23.57
C GLU D 1001 -9.19 27.20 24.65
N LYS D 1002 -9.59 28.47 24.78
CA LYS D 1002 -10.61 28.82 25.77
C LYS D 1002 -11.92 28.10 25.47
N VAL D 1003 -12.30 28.08 24.19
CA VAL D 1003 -13.53 27.39 23.80
C VAL D 1003 -13.41 25.89 24.03
N THR D 1004 -12.24 25.31 23.77
CA THR D 1004 -12.06 23.88 24.01
C THR D 1004 -12.18 23.56 25.50
N GLN D 1005 -11.58 24.40 26.35
CA GLN D 1005 -11.72 24.20 27.79
C GLN D 1005 -13.18 24.31 28.21
N ALA D 1006 -13.90 25.28 27.65
CA ALA D 1006 -15.32 25.40 27.95
C ALA D 1006 -16.09 24.17 27.48
N VAL D 1007 -15.74 23.63 26.31
CA VAL D 1007 -16.42 22.46 25.76
C VAL D 1007 -16.23 21.27 26.69
N PHE D 1008 -15.00 21.03 27.12
CA PHE D 1008 -14.74 19.89 28.00
C PHE D 1008 -15.37 20.10 29.37
N LYS D 1009 -15.37 21.33 29.90
CA LYS D 1009 -16.07 21.58 31.14
C LYS D 1009 -17.56 21.29 31.01
N ASN D 1010 -18.14 21.69 29.89
CA ASN D 1010 -19.55 21.40 29.63
C ASN D 1010 -19.80 19.90 29.57
N PHE D 1011 -18.96 19.17 28.84
CA PHE D 1011 -19.15 17.73 28.72
C PHE D 1011 -19.00 17.04 30.08
N GLU D 1012 -18.04 17.47 30.89
CA GLU D 1012 -17.93 16.92 32.24
C GLU D 1012 -19.17 17.20 33.06
N GLU D 1013 -19.63 18.45 33.09
CA GLU D 1013 -20.70 18.82 33.99
C GLU D 1013 -22.02 18.21 33.58
N ASN D 1014 -22.30 18.18 32.28
CA ASN D 1014 -23.67 17.94 31.82
C ASN D 1014 -23.89 16.53 31.31
N TYR D 1015 -23.03 16.03 30.42
CA TYR D 1015 -23.22 14.76 29.74
C TYR D 1015 -22.00 13.87 29.91
N PRO D 1016 -21.84 13.22 31.04
CA PRO D 1016 -20.72 12.28 31.19
C PRO D 1016 -20.73 11.18 30.15
N PHE D 1017 -21.91 10.68 29.78
CA PHE D 1017 -22.04 9.60 28.81
C PHE D 1017 -22.39 10.12 27.42
N ASN D 1018 -21.57 11.00 26.86
CA ASN D 1018 -21.77 11.36 25.46
C ASN D 1018 -20.82 10.57 24.59
N PRO D 1019 -21.27 10.03 23.45
CA PRO D 1019 -20.37 9.19 22.65
C PRO D 1019 -19.10 9.91 22.22
N LEU D 1020 -19.21 11.15 21.74
CA LEU D 1020 -17.99 11.88 21.39
C LEU D 1020 -17.11 12.06 22.62
N TYR D 1021 -17.72 12.43 23.74
CA TYR D 1021 -16.94 12.63 24.96
C TYR D 1021 -16.39 11.32 25.50
N VAL D 1022 -17.13 10.22 25.35
CA VAL D 1022 -16.62 8.96 25.89
C VAL D 1022 -15.44 8.46 25.06
N MET D 1023 -15.50 8.61 23.74
CA MET D 1023 -14.34 8.20 22.95
C MET D 1023 -13.19 9.20 23.06
N ALA D 1024 -13.47 10.45 23.41
CA ALA D 1024 -12.38 11.38 23.67
C ALA D 1024 -11.67 11.05 24.99
N GLN D 1025 -12.45 10.82 26.05
CA GLN D 1025 -11.85 10.48 27.35
C GLN D 1025 -11.11 9.17 27.27
N SER D 1026 -11.76 8.12 26.78
CA SER D 1026 -11.08 6.87 26.55
C SER D 1026 -10.17 7.00 25.35
N GLY D 1027 -9.39 5.96 25.10
CA GLY D 1027 -8.43 6.00 24.01
C GLY D 1027 -8.98 5.43 22.72
N ALA D 1028 -10.30 5.36 22.60
CA ALA D 1028 -10.91 4.72 21.44
C ALA D 1028 -10.55 5.46 20.16
N ARG D 1029 -11.07 6.67 19.97
CA ARG D 1029 -10.84 7.43 18.75
C ARG D 1029 -10.92 8.91 19.06
N GLY D 1030 -10.30 9.71 18.20
CA GLY D 1030 -10.49 11.14 18.24
C GLY D 1030 -9.49 11.84 19.15
N ASN D 1031 -9.39 13.15 18.94
CA ASN D 1031 -8.56 14.05 19.72
C ASN D 1031 -9.41 15.25 20.08
N PRO D 1032 -9.00 16.03 21.09
CA PRO D 1032 -9.74 17.28 21.38
C PRO D 1032 -9.83 18.20 20.18
N GLN D 1033 -8.83 18.20 19.30
CA GLN D 1033 -8.93 19.01 18.08
C GLN D 1033 -10.05 18.50 17.17
N GLN D 1034 -10.14 17.18 16.98
CA GLN D 1034 -11.20 16.64 16.14
C GLN D 1034 -12.57 16.91 16.74
N ILE D 1035 -12.71 16.74 18.05
CA ILE D 1035 -14.00 16.98 18.69
C ILE D 1035 -14.35 18.46 18.62
N ARG D 1036 -13.35 19.33 18.73
CA ARG D 1036 -13.60 20.76 18.57
C ARG D 1036 -14.07 21.07 17.16
N GLN D 1037 -13.46 20.44 16.16
CA GLN D 1037 -13.92 20.63 14.79
C GLN D 1037 -15.35 20.16 14.62
N LEU D 1038 -15.70 19.03 15.25
CA LEU D 1038 -17.05 18.50 15.13
C LEU D 1038 -18.07 19.43 15.79
N CYS D 1039 -17.77 19.90 17.00
CA CYS D 1039 -18.75 20.61 17.81
C CYS D 1039 -18.46 22.09 17.98
N GLY D 1040 -17.19 22.49 18.00
CA GLY D 1040 -16.85 23.87 18.28
C GLY D 1040 -16.58 24.66 17.01
N LEU D 1041 -15.31 24.86 16.69
CA LEU D 1041 -14.95 25.59 15.47
C LEU D 1041 -13.52 25.25 15.08
N ARG D 1042 -13.31 25.02 13.79
CA ARG D 1042 -11.97 24.80 13.23
C ARG D 1042 -11.43 26.14 12.73
N GLY D 1043 -11.14 27.02 13.68
CA GLY D 1043 -10.84 28.41 13.37
C GLY D 1043 -9.74 28.62 12.35
N LEU D 1044 -8.50 28.31 12.71
CA LEU D 1044 -7.35 28.69 11.90
C LEU D 1044 -7.15 27.70 10.77
N MET D 1045 -7.12 28.20 9.54
CA MET D 1045 -6.90 27.38 8.36
C MET D 1045 -5.72 27.96 7.57
N GLN D 1046 -4.77 27.10 7.24
CA GLN D 1046 -3.50 27.55 6.68
C GLN D 1046 -3.61 27.85 5.19
N LYS D 1047 -2.84 28.84 4.75
CA LYS D 1047 -2.73 29.28 3.36
C LYS D 1047 -1.77 28.38 2.59
N PRO D 1048 -1.91 28.30 1.26
CA PRO D 1048 -0.91 27.57 0.47
C PRO D 1048 0.51 28.05 0.67
N SER D 1049 0.71 29.34 0.93
CA SER D 1049 2.07 29.86 1.15
C SER D 1049 2.69 29.34 2.43
N GLY D 1050 1.93 28.69 3.29
CA GLY D 1050 2.39 28.18 4.56
C GLY D 1050 1.94 28.98 5.75
N GLU D 1051 1.44 30.19 5.54
CA GLU D 1051 0.90 31.01 6.62
C GLU D 1051 -0.54 30.59 6.88
N THR D 1052 -1.25 31.38 7.68
CA THR D 1052 -2.62 31.08 8.06
C THR D 1052 -3.52 32.26 7.74
N PHE D 1053 -4.73 31.96 7.30
CA PHE D 1053 -5.67 33.01 6.89
C PHE D 1053 -6.05 33.89 8.07
N GLU D 1054 -6.26 35.18 7.76
CA GLU D 1054 -6.72 36.12 8.78
C GLU D 1054 -8.14 35.80 9.22
N VAL D 1055 -9.00 35.43 8.28
CA VAL D 1055 -10.40 35.14 8.57
C VAL D 1055 -10.50 33.66 8.95
N PRO D 1056 -10.94 33.33 10.15
CA PRO D 1056 -11.01 31.94 10.57
C PRO D 1056 -12.32 31.29 10.12
N VAL D 1057 -12.48 30.02 10.48
CA VAL D 1057 -13.67 29.25 10.15
C VAL D 1057 -14.55 29.23 11.39
N ARG D 1058 -15.59 30.06 11.40
CA ARG D 1058 -16.44 30.16 12.59
C ARG D 1058 -17.33 28.94 12.76
N SER D 1059 -17.66 28.26 11.67
CA SER D 1059 -18.62 27.15 11.72
C SER D 1059 -17.92 25.84 12.04
N SER D 1060 -18.74 24.84 12.33
CA SER D 1060 -18.28 23.48 12.61
C SER D 1060 -19.07 22.51 11.73
N PHE D 1061 -18.71 21.23 11.83
CA PHE D 1061 -19.42 20.22 11.06
C PHE D 1061 -20.80 19.93 11.61
N ARG D 1062 -21.06 20.26 12.88
CA ARG D 1062 -22.43 20.23 13.37
C ARG D 1062 -23.29 21.22 12.61
N GLU D 1063 -22.78 22.42 12.38
CA GLU D 1063 -23.44 23.40 11.54
C GLU D 1063 -23.01 23.16 10.10
N GLY D 1064 -23.31 24.12 9.22
CA GLY D 1064 -22.97 24.02 7.80
C GLY D 1064 -21.88 25.02 7.45
N LEU D 1065 -20.85 24.51 6.76
CA LEU D 1065 -19.80 25.37 6.26
C LEU D 1065 -20.28 26.14 5.03
N THR D 1066 -19.85 27.39 4.93
CA THR D 1066 -20.10 28.16 3.73
C THR D 1066 -19.22 27.63 2.60
N VAL D 1067 -19.60 27.94 1.36
CA VAL D 1067 -18.85 27.47 0.20
C VAL D 1067 -17.40 27.89 0.29
N LEU D 1068 -17.15 29.16 0.62
CA LEU D 1068 -15.80 29.68 0.64
C LEU D 1068 -14.94 28.93 1.65
N GLU D 1069 -15.51 28.62 2.80
CA GLU D 1069 -14.75 27.94 3.85
C GLU D 1069 -14.33 26.54 3.41
N TYR D 1070 -15.23 25.81 2.74
CA TYR D 1070 -14.87 24.49 2.24
C TYR D 1070 -13.78 24.61 1.17
N PHE D 1071 -13.94 25.58 0.27
CA PHE D 1071 -12.93 25.79 -0.76
C PHE D 1071 -11.57 26.09 -0.13
N ILE D 1072 -11.57 26.83 0.98
CA ILE D 1072 -10.32 27.17 1.65
C ILE D 1072 -9.71 25.94 2.30
N SER D 1073 -10.52 25.15 2.99
CA SER D 1073 -9.99 23.94 3.63
C SER D 1073 -9.47 22.93 2.63
N SER D 1074 -9.94 23.00 1.38
CA SER D 1074 -9.39 22.14 0.34
C SER D 1074 -7.88 22.32 0.19
N HIS D 1075 -7.38 23.53 0.44
CA HIS D 1075 -5.94 23.77 0.36
C HIS D 1075 -5.17 22.85 1.31
N GLY D 1076 -5.56 22.85 2.58
CA GLY D 1076 -4.89 22.01 3.56
C GLY D 1076 -5.09 20.53 3.27
N ALA D 1077 -6.27 20.16 2.78
CA ALA D 1077 -6.48 18.76 2.40
C ALA D 1077 -5.46 18.32 1.35
N ARG D 1078 -5.31 19.12 0.29
CA ARG D 1078 -4.35 18.81 -0.76
C ARG D 1078 -2.92 18.77 -0.22
N LYS D 1079 -2.58 19.73 0.64
CA LYS D 1079 -1.24 19.76 1.21
C LYS D 1079 -0.93 18.47 1.95
N GLY D 1080 -1.84 18.04 2.84
CA GLY D 1080 -1.62 16.82 3.59
C GLY D 1080 -1.52 15.59 2.70
N GLY D 1081 -2.39 15.51 1.69
CA GLY D 1081 -2.33 14.37 0.79
C GLY D 1081 -0.99 14.25 0.09
N ALA D 1082 -0.52 15.36 -0.48
CA ALA D 1082 0.78 15.34 -1.17
C ALA D 1082 1.91 15.01 -0.21
N ASP D 1083 1.88 15.59 0.99
CA ASP D 1083 2.93 15.31 1.97
C ASP D 1083 3.01 13.83 2.28
N THR D 1084 1.86 13.19 2.53
CA THR D 1084 1.88 11.75 2.80
C THR D 1084 2.43 10.99 1.59
N ALA D 1085 1.93 11.33 0.40
CA ALA D 1085 2.32 10.60 -0.81
C ALA D 1085 3.81 10.64 -1.08
N LEU D 1086 4.49 11.71 -0.66
CA LEU D 1086 5.95 11.76 -0.83
C LEU D 1086 6.71 11.16 0.35
N ARG D 1087 6.28 11.45 1.57
CA ARG D 1087 7.03 11.02 2.75
C ARG D 1087 7.02 9.51 2.90
N THR D 1088 6.01 8.82 2.34
CA THR D 1088 6.04 7.35 2.36
C THR D 1088 7.33 6.82 1.73
N ALA D 1089 7.54 7.13 0.46
CA ALA D 1089 8.72 6.64 -0.24
C ALA D 1089 10.00 7.20 0.37
N ASP D 1090 9.96 8.46 0.82
CA ASP D 1090 11.17 9.04 1.42
C ASP D 1090 11.60 8.24 2.66
N SER D 1091 10.64 7.88 3.52
CA SER D 1091 10.97 7.11 4.72
C SER D 1091 11.44 5.71 4.36
N GLY D 1092 10.83 5.09 3.34
CA GLY D 1092 11.34 3.80 2.89
C GLY D 1092 12.80 3.87 2.47
N TYR D 1093 13.16 4.93 1.74
CA TYR D 1093 14.55 5.12 1.32
C TYR D 1093 15.48 5.33 2.51
N LEU D 1094 15.01 6.08 3.51
CA LEU D 1094 15.78 6.25 4.74
C LEU D 1094 16.06 4.92 5.42
N THR D 1095 15.02 4.08 5.52
CA THR D 1095 15.22 2.76 6.12
C THR D 1095 16.23 1.95 5.33
N ARG D 1096 16.18 2.05 4.00
CA ARG D 1096 17.16 1.36 3.17
C ARG D 1096 18.58 1.79 3.53
N LYS D 1097 18.82 3.10 3.60
CA LYS D 1097 20.14 3.59 3.98
C LYS D 1097 20.58 3.01 5.32
N LEU D 1098 19.68 3.08 6.31
CA LEU D 1098 20.05 2.65 7.66
C LEU D 1098 20.41 1.16 7.69
N VAL D 1099 19.59 0.33 7.04
CA VAL D 1099 19.86 -1.11 7.07
C VAL D 1099 21.15 -1.42 6.33
N ASP D 1100 21.44 -0.69 5.25
CA ASP D 1100 22.70 -0.92 4.56
C ASP D 1100 23.89 -0.59 5.45
N VAL D 1101 23.81 0.50 6.21
CA VAL D 1101 24.99 0.87 6.99
C VAL D 1101 25.14 -0.02 8.23
N THR D 1102 24.05 -0.47 8.85
CA THR D 1102 24.14 -1.16 10.12
C THR D 1102 23.82 -2.65 10.04
N HIS D 1103 24.02 -3.28 8.89
CA HIS D 1103 23.65 -4.69 8.79
C HIS D 1103 24.69 -5.63 9.37
N GLU D 1104 25.81 -5.10 9.88
CA GLU D 1104 26.86 -5.96 10.43
C GLU D 1104 26.70 -6.25 11.92
N ILE D 1105 25.81 -5.54 12.60
CA ILE D 1105 25.75 -5.59 14.06
C ILE D 1105 24.96 -6.82 14.49
N VAL D 1106 25.65 -7.75 15.14
CA VAL D 1106 25.02 -8.96 15.68
C VAL D 1106 25.62 -9.22 17.06
N VAL D 1107 24.77 -9.53 18.03
CA VAL D 1107 25.26 -9.79 19.38
C VAL D 1107 25.84 -11.20 19.48
N ARG D 1108 27.14 -11.30 19.27
CA ARG D 1108 27.91 -12.52 19.53
C ARG D 1108 29.05 -12.11 20.44
N GLU D 1109 29.15 -12.75 21.60
CA GLU D 1109 29.96 -12.11 22.62
C GLU D 1109 30.22 -13.03 23.79
N ALA D 1110 31.39 -12.85 24.39
CA ALA D 1110 31.58 -12.96 25.82
C ALA D 1110 31.69 -11.55 26.36
N ASP D 1111 31.32 -11.36 27.63
CA ASP D 1111 31.20 -10.01 28.16
C ASP D 1111 32.52 -9.26 28.01
N CYS D 1112 32.55 -8.28 27.12
CA CYS D 1112 33.78 -7.54 26.86
C CYS D 1112 34.21 -6.77 28.10
N GLY D 1113 35.52 -6.84 28.40
CA GLY D 1113 36.03 -6.20 29.59
C GLY D 1113 36.10 -4.69 29.45
N THR D 1114 34.97 -4.08 29.14
CA THR D 1114 34.92 -2.64 28.89
C THR D 1114 34.88 -1.90 30.22
N THR D 1115 36.00 -1.27 30.57
CA THR D 1115 36.01 -0.35 31.70
C THR D 1115 35.63 1.05 31.26
N ASN D 1116 34.52 1.15 30.53
CA ASN D 1116 34.05 2.41 30.00
C ASN D 1116 32.53 2.38 29.98
N TYR D 1117 31.93 3.56 29.85
CA TYR D 1117 30.50 3.70 30.04
C TYR D 1117 30.06 5.04 29.48
N ILE D 1118 28.76 5.32 29.59
CA ILE D 1118 28.21 6.63 29.29
C ILE D 1118 27.35 7.05 30.47
N SER D 1119 27.40 8.35 30.79
CA SER D 1119 26.65 8.90 31.91
C SER D 1119 25.37 9.51 31.35
N VAL D 1120 24.28 8.75 31.44
CA VAL D 1120 22.98 9.24 30.99
C VAL D 1120 22.50 10.30 31.97
N PRO D 1121 22.21 11.51 31.50
CA PRO D 1121 21.74 12.56 32.41
C PRO D 1121 20.33 12.27 32.92
N LEU D 1122 20.06 12.76 34.13
CA LEU D 1122 18.74 12.68 34.70
C LEU D 1122 18.08 14.04 34.81
N PHE D 1123 18.82 15.12 34.58
CA PHE D 1123 18.27 16.47 34.56
C PHE D 1123 18.56 17.08 33.20
N GLN D 1124 17.58 17.81 32.68
CA GLN D 1124 17.76 18.50 31.42
C GLN D 1124 18.81 19.60 31.59
N PRO D 1125 19.92 19.55 30.86
CA PRO D 1125 20.94 20.60 31.01
C PRO D 1125 20.41 21.98 30.68
N ASP D 1126 19.46 22.09 29.75
CA ASP D 1126 18.93 23.39 29.38
C ASP D 1126 17.46 23.20 29.01
N GLU D 1127 16.58 23.39 29.99
CA GLU D 1127 15.17 23.65 29.74
C GLU D 1127 14.84 25.13 29.78
N VAL D 1128 15.55 25.89 30.61
CA VAL D 1128 15.64 27.33 30.48
C VAL D 1128 17.11 27.64 30.23
N THR D 1129 17.43 28.92 30.04
CA THR D 1129 18.80 29.31 29.69
C THR D 1129 19.83 28.71 30.63
N ARG D 1130 19.55 28.74 31.94
CA ARG D 1130 20.41 28.12 32.94
C ARG D 1130 19.54 27.56 34.05
N SER D 1131 19.23 26.26 33.96
CA SER D 1131 18.40 25.59 34.96
C SER D 1131 18.48 24.09 34.72
N LEU D 1132 18.25 23.33 35.77
CA LEU D 1132 18.24 21.87 35.72
C LEU D 1132 16.89 21.36 36.20
N ARG D 1133 16.25 20.51 35.40
CA ARG D 1133 15.04 19.84 35.82
C ARG D 1133 15.10 18.40 35.31
N LEU D 1134 14.48 17.50 36.07
CA LEU D 1134 14.47 16.10 35.68
C LEU D 1134 13.83 15.93 34.30
N ARG D 1135 14.45 15.13 33.46
CA ARG D 1135 13.92 14.91 32.13
C ARG D 1135 12.53 14.29 32.21
N LYS D 1136 11.76 14.45 31.13
CA LYS D 1136 10.42 13.89 31.09
C LYS D 1136 10.48 12.38 31.26
N ARG D 1137 9.48 11.84 31.97
CA ARG D 1137 9.50 10.43 32.35
C ARG D 1137 9.71 9.53 31.13
N ALA D 1138 9.08 9.87 30.01
CA ALA D 1138 9.28 9.09 28.80
C ALA D 1138 10.73 9.15 28.34
N ASP D 1139 11.37 10.32 28.44
CA ASP D 1139 12.75 10.46 28.01
C ASP D 1139 13.68 9.62 28.87
N ILE D 1140 13.51 9.68 30.19
CA ILE D 1140 14.35 8.88 31.09
C ILE D 1140 14.10 7.39 30.85
N GLU D 1141 12.85 7.02 30.57
CA GLU D 1141 12.55 5.63 30.27
C GLU D 1141 13.27 5.18 29.01
N ALA D 1142 13.22 5.99 27.96
CA ALA D 1142 13.87 5.65 26.70
C ALA D 1142 15.38 5.74 26.78
N GLY D 1143 15.93 6.38 27.81
CA GLY D 1143 17.37 6.44 27.97
C GLY D 1143 17.92 5.40 28.92
N LEU D 1144 17.11 4.92 29.86
CA LEU D 1144 17.59 4.04 30.92
C LEU D 1144 16.95 2.67 30.92
N TYR D 1145 15.68 2.55 30.55
CA TYR D 1145 15.01 1.25 30.65
C TYR D 1145 15.74 0.21 29.84
N GLY D 1146 16.01 -0.93 30.46
CA GLY D 1146 16.68 -2.00 29.76
C GLY D 1146 18.17 -1.82 29.59
N ARG D 1147 18.79 -0.91 30.32
CA ARG D 1147 20.25 -0.77 30.25
C ARG D 1147 20.90 -1.63 31.32
N VAL D 1148 22.24 -1.54 31.37
CA VAL D 1148 23.03 -2.23 32.38
C VAL D 1148 23.83 -1.19 33.15
N LEU D 1149 23.80 -1.27 34.47
CA LEU D 1149 24.55 -0.34 35.30
C LEU D 1149 26.04 -0.53 35.09
N ALA D 1150 26.74 0.58 34.84
CA ALA D 1150 28.18 0.51 34.66
C ALA D 1150 28.88 0.15 35.97
N ARG D 1151 28.50 0.81 37.06
CA ARG D 1151 29.08 0.56 38.37
C ARG D 1151 27.99 0.66 39.43
N GLU D 1152 28.26 0.05 40.57
CA GLU D 1152 27.27 -0.01 41.64
C GLU D 1152 26.89 1.39 42.10
N VAL D 1153 25.61 1.59 42.35
CA VAL D 1153 25.09 2.86 42.84
C VAL D 1153 24.04 2.58 43.90
N GLU D 1154 24.10 3.35 45.00
CA GLU D 1154 23.11 3.27 46.07
C GLU D 1154 22.59 4.69 46.31
N VAL D 1155 21.29 4.88 46.13
CA VAL D 1155 20.71 6.22 46.06
C VAL D 1155 19.70 6.46 47.18
N LEU D 1156 18.88 5.47 47.52
CA LEU D 1156 17.82 5.63 48.51
C LEU D 1156 17.82 4.45 49.46
N GLY D 1157 18.99 4.09 49.98
CA GLY D 1157 19.08 2.92 50.82
C GLY D 1157 18.98 1.61 50.08
N VAL D 1158 19.03 1.64 48.76
CA VAL D 1158 18.95 0.45 47.92
C VAL D 1158 20.24 0.32 47.13
N ARG D 1159 20.87 -0.85 47.23
CA ARG D 1159 22.16 -1.08 46.59
C ARG D 1159 21.92 -1.67 45.21
N LEU D 1160 21.97 -0.81 44.20
CA LEU D 1160 21.88 -1.25 42.80
C LEU D 1160 23.28 -1.70 42.39
N GLU D 1161 23.51 -3.01 42.42
CA GLU D 1161 24.83 -3.56 42.16
C GLU D 1161 25.24 -3.32 40.71
N GLU D 1162 26.55 -3.29 40.50
CA GLU D 1162 27.10 -3.17 39.16
C GLU D 1162 26.75 -4.41 38.34
N GLY D 1163 26.34 -4.20 37.09
CA GLY D 1163 25.96 -5.29 36.22
C GLY D 1163 24.53 -5.73 36.34
N ARG D 1164 23.66 -4.90 36.92
CA ARG D 1164 22.25 -5.22 37.09
C ARG D 1164 21.42 -4.46 36.07
N TYR D 1165 20.62 -5.20 35.30
CA TYR D 1165 19.78 -4.57 34.29
C TYR D 1165 18.75 -3.67 34.97
N LEU D 1166 18.57 -2.48 34.42
CA LEU D 1166 17.58 -1.53 34.94
C LEU D 1166 16.20 -1.91 34.43
N SER D 1167 15.39 -2.49 35.30
CA SER D 1167 14.02 -2.81 34.95
C SER D 1167 13.16 -1.57 35.13
N MET D 1168 11.87 -1.70 34.86
CA MET D 1168 10.98 -0.54 34.93
C MET D 1168 10.91 0.01 36.35
N ASP D 1169 10.83 -0.88 37.33
CA ASP D 1169 10.79 -0.45 38.73
C ASP D 1169 12.05 0.31 39.11
N ASP D 1170 13.20 -0.17 38.65
CA ASP D 1170 14.46 0.52 38.94
C ASP D 1170 14.46 1.92 38.33
N VAL D 1171 13.94 2.05 37.12
CA VAL D 1171 13.88 3.37 36.48
C VAL D 1171 12.97 4.29 37.30
N HIS D 1172 11.82 3.79 37.73
CA HIS D 1172 10.94 4.63 38.54
C HIS D 1172 11.60 5.05 39.85
N LEU D 1173 12.31 4.12 40.48
CA LEU D 1173 13.01 4.42 41.72
C LEU D 1173 14.07 5.49 41.49
N LEU D 1174 14.82 5.37 40.40
CA LEU D 1174 15.85 6.37 40.09
C LEU D 1174 15.21 7.73 39.84
N ILE D 1175 14.08 7.76 39.13
CA ILE D 1175 13.41 9.03 38.87
C ILE D 1175 12.94 9.65 40.18
N LYS D 1176 12.38 8.84 41.08
CA LYS D 1176 11.95 9.38 42.37
C LYS D 1176 13.14 9.91 43.16
N ALA D 1177 14.26 9.19 43.14
CA ALA D 1177 15.45 9.66 43.85
C ALA D 1177 15.94 10.98 43.27
N ALA D 1178 15.97 11.09 41.94
CA ALA D 1178 16.36 12.35 41.32
C ALA D 1178 15.40 13.46 41.70
N GLU D 1179 14.11 13.13 41.85
CA GLU D 1179 13.16 14.10 42.36
C GLU D 1179 13.56 14.56 43.76
N ALA D 1180 13.98 13.63 44.60
CA ALA D 1180 14.48 14.00 45.92
C ALA D 1180 15.80 14.77 45.80
N GLY D 1181 16.61 14.44 44.81
CA GLY D 1181 17.81 15.22 44.53
C GLY D 1181 19.11 14.60 45.01
N GLU D 1182 19.27 13.29 44.81
CA GLU D 1182 20.49 12.59 45.21
C GLU D 1182 21.50 12.47 44.08
N ILE D 1183 21.07 12.01 42.91
CA ILE D 1183 21.97 11.82 41.78
C ILE D 1183 21.41 12.54 40.56
N GLN D 1184 22.29 12.78 39.59
CA GLN D 1184 21.92 13.55 38.40
C GLN D 1184 22.28 12.81 37.13
N GLU D 1185 23.20 11.85 37.21
CA GLU D 1185 23.62 11.06 36.07
C GLU D 1185 23.75 9.61 36.49
N VAL D 1186 23.45 8.70 35.57
CA VAL D 1186 23.60 7.26 35.81
C VAL D 1186 24.69 6.73 34.87
N PRO D 1187 25.73 6.09 35.39
CA PRO D 1187 26.72 5.44 34.51
C PRO D 1187 26.19 4.09 34.06
N VAL D 1188 26.10 3.91 32.74
CA VAL D 1188 25.58 2.67 32.17
C VAL D 1188 26.50 2.20 31.06
N ARG D 1189 26.53 0.88 30.87
CA ARG D 1189 27.13 0.32 29.68
C ARG D 1189 26.31 0.69 28.46
N SER D 1190 26.96 0.72 27.31
CA SER D 1190 26.32 1.20 26.10
C SER D 1190 27.00 0.56 24.90
N PRO D 1191 26.29 0.44 23.77
CA PRO D 1191 26.98 0.02 22.54
C PRO D 1191 28.10 0.96 22.15
N LEU D 1192 27.95 2.27 22.43
CA LEU D 1192 28.94 3.25 22.00
C LEU D 1192 30.33 2.96 22.54
N THR D 1193 30.42 2.20 23.64
CA THR D 1193 31.71 1.90 24.24
C THR D 1193 32.05 0.41 24.20
N CYS D 1194 31.24 -0.40 23.54
CA CYS D 1194 31.52 -1.83 23.48
C CYS D 1194 32.81 -2.10 22.71
N GLN D 1195 33.58 -3.07 23.19
CA GLN D 1195 34.83 -3.46 22.56
C GLN D 1195 34.69 -4.71 21.70
N THR D 1196 33.46 -5.15 21.44
CA THR D 1196 33.26 -6.29 20.57
C THR D 1196 33.67 -5.93 19.15
N ARG D 1197 34.28 -6.89 18.45
CA ARG D 1197 34.84 -6.60 17.13
C ARG D 1197 33.76 -6.21 16.14
N TYR D 1198 32.82 -7.11 15.87
CA TYR D 1198 31.74 -6.87 14.91
C TYR D 1198 30.42 -7.17 15.61
N GLY D 1199 29.87 -6.15 16.25
CA GLY D 1199 28.65 -6.26 17.02
C GLY D 1199 28.83 -5.63 18.37
N VAL D 1200 27.94 -5.99 19.30
CA VAL D 1200 28.00 -5.52 20.66
C VAL D 1200 27.85 -6.71 21.60
N CYS D 1201 28.29 -6.53 22.84
CA CYS D 1201 28.12 -7.60 23.81
C CYS D 1201 26.76 -7.49 24.48
N GLN D 1202 26.35 -8.58 25.12
CA GLN D 1202 25.06 -8.60 25.79
C GLN D 1202 24.99 -7.52 26.87
N LYS D 1203 26.04 -7.37 27.66
CA LYS D 1203 26.04 -6.36 28.70
C LYS D 1203 26.00 -4.96 28.11
N CYS D 1204 26.82 -4.70 27.08
CA CYS D 1204 26.84 -3.38 26.49
C CYS D 1204 25.55 -3.07 25.73
N TYR D 1205 24.88 -4.10 25.22
CA TYR D 1205 23.64 -3.85 24.47
C TYR D 1205 22.49 -3.55 25.41
N GLY D 1206 22.11 -4.52 26.25
CA GLY D 1206 21.07 -4.27 27.21
C GLY D 1206 20.02 -5.34 27.37
N TYR D 1207 18.79 -4.89 27.55
CA TYR D 1207 17.73 -5.71 28.15
C TYR D 1207 16.40 -5.62 27.42
N ASP D 1208 16.19 -4.61 26.58
CA ASP D 1208 14.90 -4.44 25.90
C ASP D 1208 14.82 -5.34 24.68
N LEU D 1209 13.70 -6.06 24.56
CA LEU D 1209 13.42 -6.91 23.42
C LEU D 1209 11.91 -6.96 23.22
N SER D 1210 11.48 -7.91 22.39
CA SER D 1210 10.07 -8.28 22.40
C SER D 1210 9.65 -8.79 23.76
N MET D 1211 10.53 -9.53 24.43
CA MET D 1211 10.34 -9.87 25.83
C MET D 1211 11.00 -8.79 26.68
N ALA D 1212 11.15 -9.07 27.97
CA ALA D 1212 11.89 -8.18 28.86
C ALA D 1212 13.26 -8.73 29.21
N ARG D 1213 13.41 -10.05 29.25
CA ARG D 1213 14.64 -10.70 29.69
C ARG D 1213 15.84 -10.19 28.89
N PRO D 1214 17.05 -10.35 29.43
CA PRO D 1214 18.24 -9.89 28.70
C PRO D 1214 18.37 -10.56 27.33
N VAL D 1215 18.96 -9.81 26.40
CA VAL D 1215 18.99 -10.24 25.01
C VAL D 1215 19.75 -11.55 24.86
N SER D 1216 19.22 -12.44 24.03
CA SER D 1216 19.92 -13.66 23.69
C SER D 1216 21.11 -13.36 22.79
N ILE D 1217 22.13 -14.18 22.89
CA ILE D 1217 23.34 -13.99 22.09
C ILE D 1217 23.09 -14.52 20.69
N GLY D 1218 23.18 -13.64 19.69
CA GLY D 1218 23.12 -14.09 18.32
C GLY D 1218 22.01 -13.51 17.47
N GLU D 1219 21.46 -12.36 17.85
CA GLU D 1219 20.42 -11.74 17.05
C GLU D 1219 20.91 -10.43 16.43
N ALA D 1220 20.49 -10.18 15.19
CA ALA D 1220 20.92 -9.01 14.46
C ALA D 1220 20.21 -7.78 15.00
N VAL D 1221 20.78 -7.18 16.03
CA VAL D 1221 20.14 -5.98 16.58
C VAL D 1221 20.31 -4.79 15.65
N GLY D 1222 21.24 -4.86 14.70
CA GLY D 1222 21.40 -3.77 13.76
C GLY D 1222 20.22 -3.61 12.83
N ILE D 1223 19.72 -4.72 12.30
CA ILE D 1223 18.59 -4.65 11.38
C ILE D 1223 17.36 -4.12 12.09
N VAL D 1224 17.06 -4.65 13.28
CA VAL D 1224 15.89 -4.18 14.02
C VAL D 1224 16.09 -2.75 14.47
N ALA D 1225 17.34 -2.36 14.73
CA ALA D 1225 17.63 -0.95 15.03
C ALA D 1225 17.25 -0.07 13.86
N ALA D 1226 17.69 -0.45 12.66
CA ALA D 1226 17.37 0.34 11.47
C ALA D 1226 15.86 0.39 11.24
N GLN D 1227 15.18 -0.74 11.40
CA GLN D 1227 13.75 -0.78 11.18
C GLN D 1227 13.01 0.09 12.19
N SER D 1228 13.44 0.07 13.45
CA SER D 1228 12.80 0.88 14.47
C SER D 1228 13.05 2.36 14.22
N ILE D 1229 14.21 2.70 13.67
CA ILE D 1229 14.45 4.08 13.28
C ILE D 1229 13.54 4.49 12.14
N GLY D 1230 13.40 3.62 11.14
CA GLY D 1230 12.76 4.02 9.90
C GLY D 1230 11.25 3.95 9.88
N GLU D 1231 10.67 3.01 10.63
CA GLU D 1231 9.22 2.82 10.59
C GLU D 1231 8.43 4.08 10.95
N PRO D 1232 8.74 4.79 12.04
CA PRO D 1232 7.98 6.02 12.34
C PRO D 1232 8.19 7.13 11.34
N GLY D 1233 9.22 7.07 10.51
CA GLY D 1233 9.46 8.14 9.55
C GLY D 1233 8.32 8.30 8.56
N THR D 1234 7.61 7.22 8.26
CA THR D 1234 6.50 7.29 7.31
C THR D 1234 5.39 8.20 7.81
N GLN D 1235 5.08 8.17 9.09
CA GLN D 1235 4.02 8.98 9.67
C GLN D 1235 4.59 10.19 10.38
N LEU D 1236 5.71 10.70 9.89
CA LEU D 1236 6.36 11.85 10.49
C LEU D 1236 6.13 13.08 9.63
N GLY D 1255 11.58 18.53 10.13
CA GLY D 1255 11.14 17.17 10.38
C GLY D 1255 12.05 16.12 9.79
N LEU D 1256 11.53 15.34 8.85
CA LEU D 1256 12.33 14.30 8.20
C LEU D 1256 13.60 14.81 7.53
N PRO D 1257 13.60 15.96 6.84
CA PRO D 1257 14.88 16.45 6.30
C PRO D 1257 15.95 16.62 7.36
N ARG D 1258 15.55 17.00 8.58
CA ARG D 1258 16.51 17.08 9.68
C ARG D 1258 17.10 15.72 9.99
N VAL D 1259 16.26 14.69 10.04
CA VAL D 1259 16.75 13.33 10.29
C VAL D 1259 17.72 12.91 9.19
N ILE D 1260 17.38 13.21 7.94
CA ILE D 1260 18.26 12.84 6.83
C ILE D 1260 19.60 13.55 6.96
N GLU D 1261 19.58 14.87 7.21
CA GLU D 1261 20.82 15.61 7.33
C GLU D 1261 21.60 15.27 8.58
N LEU D 1262 20.98 14.56 9.53
CA LEU D 1262 21.72 14.12 10.70
C LEU D 1262 22.35 12.74 10.53
N PHE D 1263 21.61 11.73 10.06
CA PHE D 1263 22.27 10.45 9.81
C PHE D 1263 23.26 10.54 8.65
N GLU D 1264 22.96 11.34 7.64
CA GLU D 1264 23.98 11.67 6.64
C GLU D 1264 24.68 12.92 7.14
N ALA D 1265 25.86 12.75 7.72
CA ALA D 1265 26.59 13.86 8.32
C ALA D 1265 26.83 14.94 7.27
N ARG D 1266 26.14 16.06 7.41
CA ARG D 1266 26.21 17.14 6.45
C ARG D 1266 26.51 18.45 7.18
N ARG D 1267 26.55 19.53 6.41
CA ARG D 1267 26.77 20.85 6.98
C ARG D 1267 25.44 21.57 7.01
N PRO D 1268 24.79 21.70 8.17
CA PRO D 1268 23.50 22.38 8.22
C PRO D 1268 23.63 23.83 7.77
N LYS D 1269 22.62 24.30 7.04
CA LYS D 1269 22.64 25.66 6.53
C LYS D 1269 22.57 26.66 7.67
N ALA D 1270 21.74 26.40 8.68
CA ALA D 1270 21.63 27.26 9.85
C ALA D 1270 22.68 26.87 10.89
N LYS D 1271 23.94 27.00 10.49
CA LYS D 1271 25.05 26.67 11.36
C LYS D 1271 25.10 27.63 12.55
N ALA D 1272 25.31 27.07 13.74
CA ALA D 1272 25.42 27.86 14.96
C ALA D 1272 26.89 27.99 15.34
N VAL D 1273 27.29 29.21 15.67
CA VAL D 1273 28.67 29.46 16.09
C VAL D 1273 28.91 28.80 17.44
N ILE D 1274 30.00 28.05 17.55
CA ILE D 1274 30.36 27.36 18.78
C ILE D 1274 31.80 27.69 19.13
N SER D 1275 32.16 27.39 20.38
CA SER D 1275 33.50 27.60 20.88
C SER D 1275 34.28 26.28 20.87
N GLU D 1276 35.59 26.38 20.72
CA GLU D 1276 36.46 25.22 20.74
C GLU D 1276 37.42 25.20 21.91
N ILE D 1277 37.58 26.32 22.62
CA ILE D 1277 38.49 26.42 23.75
C ILE D 1277 37.73 27.02 24.92
N ASP D 1278 38.03 26.54 26.13
CA ASP D 1278 37.44 27.12 27.33
C ASP D 1278 37.93 28.54 27.53
N GLY D 1279 37.11 29.35 28.18
CA GLY D 1279 37.47 30.73 28.42
C GLY D 1279 36.26 31.51 28.90
N VAL D 1280 36.37 32.84 28.77
CA VAL D 1280 35.29 33.74 29.15
C VAL D 1280 34.73 34.40 27.91
N VAL D 1281 33.46 34.78 27.98
CA VAL D 1281 32.74 35.37 26.86
C VAL D 1281 32.84 36.88 26.95
N ARG D 1282 33.34 37.51 25.88
CA ARG D 1282 33.42 38.96 25.77
C ARG D 1282 32.58 39.39 24.58
N ILE D 1283 31.36 39.85 24.84
CA ILE D 1283 30.44 40.24 23.77
C ILE D 1283 30.63 41.73 23.49
N GLU D 1284 31.04 42.05 22.26
CA GLU D 1284 31.11 43.41 21.78
C GLU D 1284 29.98 43.61 20.78
N GLU D 1285 29.23 44.70 20.96
CA GLU D 1285 27.96 44.95 20.28
C GLU D 1285 28.18 45.79 19.02
N THR D 1286 29.30 45.55 18.34
CA THR D 1286 29.55 46.17 17.05
C THR D 1286 28.36 45.95 16.12
N GLU D 1287 27.75 47.07 15.70
CA GLU D 1287 26.49 46.99 14.97
C GLU D 1287 26.66 46.32 13.62
N GLU D 1288 27.84 46.44 13.00
CA GLU D 1288 28.10 45.73 11.76
C GLU D 1288 27.97 44.22 11.95
N LYS D 1289 28.65 43.69 12.96
CA LYS D 1289 28.69 42.24 13.17
C LYS D 1289 29.13 42.01 14.61
N LEU D 1290 28.22 41.45 15.43
CA LEU D 1290 28.51 41.28 16.85
C LEU D 1290 29.74 40.39 17.03
N SER D 1291 30.71 40.86 17.80
CA SER D 1291 31.98 40.15 17.94
C SER D 1291 32.05 39.52 19.32
N VAL D 1292 32.01 38.20 19.38
CA VAL D 1292 32.16 37.47 20.63
C VAL D 1292 33.57 36.94 20.73
N PHE D 1293 34.23 37.23 21.84
CA PHE D 1293 35.61 36.84 22.08
C PHE D 1293 35.65 35.76 23.14
N VAL D 1294 36.16 34.59 22.78
CA VAL D 1294 36.50 33.57 23.76
C VAL D 1294 37.89 33.90 24.27
N GLU D 1295 37.97 34.42 25.49
CA GLU D 1295 39.21 34.91 26.05
C GLU D 1295 39.80 33.88 26.99
N SER D 1296 41.08 33.58 26.79
CA SER D 1296 41.84 32.65 27.62
C SER D 1296 43.09 33.37 28.11
N GLU D 1297 43.92 32.64 28.86
CA GLU D 1297 45.11 33.25 29.45
C GLU D 1297 46.10 33.72 28.40
N GLY D 1298 46.34 32.91 27.37
CA GLY D 1298 47.38 33.22 26.41
C GLY D 1298 46.91 33.54 25.01
N PHE D 1299 45.59 33.50 24.79
CA PHE D 1299 45.07 33.72 23.45
C PHE D 1299 43.60 34.09 23.53
N SER D 1300 43.11 34.69 22.45
CA SER D 1300 41.70 35.07 22.33
C SER D 1300 41.20 34.71 20.95
N LYS D 1301 40.05 34.04 20.89
CA LYS D 1301 39.40 33.73 19.64
C LYS D 1301 38.26 34.70 19.39
N GLU D 1302 38.05 35.05 18.13
CA GLU D 1302 37.06 36.04 17.75
C GLU D 1302 36.07 35.44 16.77
N TYR D 1303 34.78 35.63 17.04
CA TYR D 1303 33.73 35.18 16.15
C TYR D 1303 32.81 36.35 15.83
N LYS D 1304 32.44 36.45 14.56
CA LYS D 1304 31.61 37.54 14.07
C LYS D 1304 30.23 37.01 13.71
N LEU D 1305 29.19 37.68 14.20
CA LEU D 1305 27.81 37.23 14.08
C LEU D 1305 27.01 38.27 13.31
N PRO D 1306 26.43 37.91 12.16
CA PRO D 1306 25.65 38.89 11.39
C PRO D 1306 24.36 39.30 12.07
N LYS D 1307 23.56 40.11 11.38
CA LYS D 1307 22.31 40.60 11.96
C LYS D 1307 21.34 39.45 12.25
N GLU D 1308 21.24 38.49 11.34
CA GLU D 1308 20.32 37.38 11.52
C GLU D 1308 20.82 36.36 12.53
N ALA D 1309 22.11 36.38 12.89
CA ALA D 1309 22.67 35.43 13.83
C ALA D 1309 22.28 35.85 15.24
N ARG D 1310 21.21 35.24 15.75
CA ARG D 1310 20.72 35.54 17.10
C ARG D 1310 21.41 34.60 18.08
N LEU D 1311 22.34 35.17 18.86
CA LEU D 1311 23.10 34.42 19.84
C LEU D 1311 22.22 34.12 21.07
N LEU D 1312 22.78 33.34 22.00
CA LEU D 1312 22.07 33.00 23.23
C LEU D 1312 22.99 33.07 24.45
N VAL D 1313 24.15 33.70 24.35
CA VAL D 1313 25.10 33.80 25.44
C VAL D 1313 25.11 35.23 25.96
N LYS D 1314 25.63 35.38 27.18
CA LYS D 1314 25.72 36.69 27.81
C LYS D 1314 27.18 37.06 28.04
N ASP D 1315 27.45 38.35 28.02
CA ASP D 1315 28.81 38.84 28.22
C ASP D 1315 29.30 38.48 29.62
N GLY D 1316 30.56 38.10 29.72
CA GLY D 1316 31.17 37.74 30.98
C GLY D 1316 30.91 36.31 31.41
N ASP D 1317 30.13 35.54 30.65
CA ASP D 1317 29.90 34.15 30.99
C ASP D 1317 31.12 33.29 30.67
N TYR D 1318 31.35 32.29 31.49
CA TYR D 1318 32.39 31.31 31.22
C TYR D 1318 31.92 30.33 30.16
N VAL D 1319 32.77 30.09 29.17
CA VAL D 1319 32.43 29.27 28.01
C VAL D 1319 33.45 28.16 27.89
N GLU D 1320 32.99 26.97 27.52
CA GLU D 1320 33.83 25.80 27.33
C GLU D 1320 33.84 25.42 25.85
N ALA D 1321 34.59 24.36 25.55
CA ALA D 1321 34.66 23.85 24.19
C ALA D 1321 33.32 23.26 23.77
N GLY D 1322 32.89 23.58 22.56
CA GLY D 1322 31.65 23.07 22.02
C GLY D 1322 30.39 23.76 22.49
N GLN D 1323 30.51 24.78 23.33
CA GLN D 1323 29.33 25.50 23.78
C GLN D 1323 28.78 26.36 22.64
N PRO D 1324 27.51 26.22 22.29
CA PRO D 1324 26.96 27.01 21.17
C PRO D 1324 26.87 28.48 21.49
N LEU D 1325 27.66 29.30 20.79
CA LEU D 1325 27.60 30.74 21.02
C LEU D 1325 26.31 31.33 20.46
N THR D 1326 25.86 30.85 19.31
CA THR D 1326 24.63 31.31 18.68
C THR D 1326 23.61 30.18 18.65
N ARG D 1327 22.39 30.52 18.26
CA ARG D 1327 21.30 29.57 18.18
C ARG D 1327 21.22 28.97 16.79
N GLY D 1328 21.14 27.67 16.71
CA GLY D 1328 21.05 26.99 15.43
C GLY D 1328 21.67 25.61 15.52
N ALA D 1329 21.77 24.97 14.36
CA ALA D 1329 22.36 23.64 14.28
C ALA D 1329 23.87 23.73 14.35
N ILE D 1330 24.48 22.61 14.73
CA ILE D 1330 25.93 22.51 14.90
C ILE D 1330 26.46 21.53 13.86
N ASP D 1331 27.49 21.93 13.14
CA ASP D 1331 28.13 21.00 12.22
C ASP D 1331 28.81 19.90 13.02
N PRO D 1332 28.42 18.64 12.83
CA PRO D 1332 29.04 17.56 13.63
C PRO D 1332 30.54 17.42 13.41
N HIS D 1333 31.02 17.74 12.21
CA HIS D 1333 32.44 17.55 11.92
C HIS D 1333 33.30 18.49 12.77
N GLN D 1334 32.97 19.78 12.77
CA GLN D 1334 33.74 20.72 13.57
C GLN D 1334 33.56 20.47 15.06
N LEU D 1335 32.38 19.99 15.47
CA LEU D 1335 32.19 19.60 16.86
C LEU D 1335 33.12 18.46 17.25
N LEU D 1336 33.24 17.46 16.39
CA LEU D 1336 34.19 16.37 16.65
C LEU D 1336 35.62 16.89 16.70
N GLU D 1337 35.94 17.83 15.81
CA GLU D 1337 37.27 18.44 15.83
C GLU D 1337 37.53 19.16 17.16
N ALA D 1338 36.50 19.80 17.71
CA ALA D 1338 36.68 20.61 18.91
C ALA D 1338 36.69 19.76 20.18
N LYS D 1339 35.58 19.08 20.45
CA LYS D 1339 35.43 18.38 21.73
C LYS D 1339 35.96 16.95 21.67
N GLY D 1340 35.38 16.11 20.83
CA GLY D 1340 35.79 14.74 20.73
C GLY D 1340 34.68 13.81 20.30
N PRO D 1341 34.96 12.51 20.30
CA PRO D 1341 33.96 11.54 19.82
C PRO D 1341 32.73 11.43 20.69
N GLU D 1342 32.93 11.28 22.01
CA GLU D 1342 31.80 11.04 22.90
C GLU D 1342 30.82 12.21 22.90
N ALA D 1343 31.35 13.44 22.90
CA ALA D 1343 30.48 14.61 22.93
C ALA D 1343 29.61 14.68 21.69
N VAL D 1344 30.20 14.48 20.51
CA VAL D 1344 29.42 14.55 19.28
C VAL D 1344 28.45 13.37 19.20
N GLU D 1345 28.83 12.22 19.75
CA GLU D 1345 27.92 11.07 19.76
C GLU D 1345 26.69 11.37 20.61
N ARG D 1346 26.90 11.93 21.80
CA ARG D 1346 25.76 12.32 22.64
C ARG D 1346 24.91 13.36 21.94
N TYR D 1347 25.56 14.34 21.29
CA TYR D 1347 24.81 15.36 20.58
C TYR D 1347 23.94 14.75 19.48
N LEU D 1348 24.52 13.82 18.71
CA LEU D 1348 23.75 13.19 17.64
C LEU D 1348 22.57 12.42 18.18
N VAL D 1349 22.79 11.63 19.24
CA VAL D 1349 21.70 10.83 19.79
C VAL D 1349 20.59 11.73 20.30
N GLU D 1350 20.96 12.78 21.04
CA GLU D 1350 19.95 13.69 21.57
C GLU D 1350 19.19 14.39 20.43
N GLU D 1351 19.91 14.82 19.39
CA GLU D 1351 19.24 15.51 18.30
C GLU D 1351 18.29 14.59 17.56
N ILE D 1352 18.67 13.33 17.36
CA ILE D 1352 17.77 12.37 16.74
C ILE D 1352 16.53 12.17 17.61
N GLN D 1353 16.73 12.02 18.92
CA GLN D 1353 15.59 11.81 19.80
C GLN D 1353 14.67 13.02 19.84
N LYS D 1354 15.22 14.21 19.59
CA LYS D 1354 14.41 15.43 19.69
C LYS D 1354 13.22 15.39 18.74
N VAL D 1355 13.49 15.14 17.46
CA VAL D 1355 12.41 15.18 16.47
C VAL D 1355 11.44 14.03 16.69
N TYR D 1356 11.95 12.85 17.06
CA TYR D 1356 11.09 11.71 17.30
C TYR D 1356 10.14 11.97 18.45
N ARG D 1357 10.65 12.59 19.52
CA ARG D 1357 9.77 13.00 20.62
C ARG D 1357 8.77 14.05 20.15
N ALA D 1358 9.21 14.99 19.32
CA ALA D 1358 8.33 16.04 18.84
C ALA D 1358 7.14 15.49 18.08
N GLN D 1359 7.27 14.33 17.46
CA GLN D 1359 6.16 13.69 16.78
C GLN D 1359 5.41 12.71 17.67
N GLY D 1360 5.81 12.57 18.93
CA GLY D 1360 5.13 11.70 19.86
C GLY D 1360 5.50 10.24 19.78
N VAL D 1361 6.44 9.87 18.91
CA VAL D 1361 6.85 8.48 18.80
C VAL D 1361 7.87 8.17 19.89
N LYS D 1362 7.64 7.08 20.62
CA LYS D 1362 8.52 6.65 21.68
C LYS D 1362 9.53 5.67 21.11
N LEU D 1363 10.80 6.04 21.12
CA LEU D 1363 11.87 5.23 20.54
C LEU D 1363 13.03 5.16 21.53
N HIS D 1364 13.54 3.95 21.75
CA HIS D 1364 14.65 3.78 22.68
C HIS D 1364 15.96 4.21 22.01
N ASP D 1365 16.98 4.42 22.84
CA ASP D 1365 18.24 4.96 22.35
C ASP D 1365 19.25 3.89 21.96
N LYS D 1366 18.96 2.61 22.21
CA LYS D 1366 19.90 1.57 21.78
C LYS D 1366 20.14 1.61 20.29
N HIS D 1367 19.07 1.79 19.51
CA HIS D 1367 19.19 1.77 18.06
C HIS D 1367 19.98 2.96 17.54
N ILE D 1368 19.67 4.15 18.05
CA ILE D 1368 20.41 5.34 17.64
C ILE D 1368 21.87 5.22 18.04
N GLU D 1369 22.15 4.67 19.22
CA GLU D 1369 23.53 4.46 19.62
C GLU D 1369 24.23 3.47 18.71
N ILE D 1370 23.53 2.42 18.30
CA ILE D 1370 24.14 1.43 17.41
C ILE D 1370 24.52 2.09 16.09
N VAL D 1371 23.61 2.85 15.51
CA VAL D 1371 23.91 3.45 14.22
C VAL D 1371 24.99 4.51 14.36
N VAL D 1372 25.02 5.24 15.49
CA VAL D 1372 26.07 6.24 15.66
C VAL D 1372 27.43 5.58 15.83
N ARG D 1373 27.48 4.45 16.53
CA ARG D 1373 28.74 3.72 16.63
C ARG D 1373 29.20 3.25 15.25
N GLN D 1374 28.29 2.68 14.46
CA GLN D 1374 28.67 2.28 13.11
C GLN D 1374 29.04 3.47 12.25
N MET D 1375 28.57 4.66 12.65
CA MET D 1375 28.86 5.88 11.90
C MET D 1375 30.30 6.34 12.09
N MET D 1376 30.89 6.06 13.25
CA MET D 1376 32.21 6.54 13.60
C MET D 1376 33.14 5.40 13.98
N LYS D 1377 33.15 4.35 13.17
CA LYS D 1377 34.10 3.25 13.35
C LYS D 1377 35.34 3.43 12.51
N TYR D 1378 35.54 4.61 11.93
CA TYR D 1378 36.64 4.86 11.01
C TYR D 1378 37.59 5.89 11.58
N VAL D 1379 38.88 5.61 11.46
CA VAL D 1379 39.91 6.58 11.83
C VAL D 1379 40.92 6.67 10.70
N GLU D 1380 41.57 7.82 10.60
CA GLU D 1380 42.65 8.07 9.66
C GLU D 1380 43.92 8.29 10.46
N VAL D 1381 44.94 7.47 10.20
CA VAL D 1381 46.19 7.60 10.93
C VAL D 1381 46.94 8.83 10.42
N THR D 1382 47.76 9.41 11.31
CA THR D 1382 48.57 10.58 10.98
C THR D 1382 50.06 10.30 11.05
N ASP D 1383 50.52 9.59 12.08
CA ASP D 1383 51.90 9.15 12.15
C ASP D 1383 51.99 7.76 11.53
N PRO D 1384 52.64 7.59 10.39
CA PRO D 1384 52.65 6.29 9.73
C PRO D 1384 53.38 5.24 10.54
N GLY D 1385 52.92 4.00 10.39
CA GLY D 1385 53.53 2.86 11.03
C GLY D 1385 54.19 1.95 10.00
N ASP D 1386 53.50 0.86 9.65
CA ASP D 1386 53.96 -0.06 8.62
C ASP D 1386 53.24 0.16 7.29
N SER D 1387 52.54 1.29 7.15
CA SER D 1387 51.82 1.61 5.94
C SER D 1387 51.75 3.13 5.77
N ARG D 1388 51.07 3.57 4.71
CA ARG D 1388 50.96 4.98 4.42
C ARG D 1388 50.19 5.70 5.53
N LEU D 1389 50.25 7.03 5.51
CA LEU D 1389 49.66 7.82 6.59
C LEU D 1389 48.25 8.32 6.24
N LEU D 1390 48.10 9.01 5.11
CA LEU D 1390 46.84 9.68 4.81
C LEU D 1390 45.81 8.69 4.23
N GLU D 1391 45.45 7.71 5.05
CA GLU D 1391 44.45 6.72 4.72
C GLU D 1391 43.59 6.44 5.94
N GLY D 1392 42.28 6.30 5.72
CA GLY D 1392 41.36 6.07 6.82
C GLY D 1392 40.44 4.89 6.62
N GLN D 1393 40.37 4.02 7.62
CA GLN D 1393 39.42 2.90 7.58
C GLN D 1393 39.14 2.43 9.01
N VAL D 1394 38.62 1.20 9.12
CA VAL D 1394 38.06 0.68 10.36
C VAL D 1394 39.00 0.93 11.54
N LEU D 1395 38.43 1.44 12.64
CA LEU D 1395 39.20 1.77 13.84
C LEU D 1395 39.80 0.52 14.48
N GLU D 1396 39.02 -0.56 14.54
CA GLU D 1396 39.48 -1.76 15.22
C GLU D 1396 40.73 -2.33 14.58
N LYS D 1397 40.94 -2.02 13.30
CA LYS D 1397 42.14 -2.48 12.61
C LYS D 1397 43.39 -1.84 13.21
N TRP D 1398 43.39 -0.52 13.40
CA TRP D 1398 44.47 0.08 14.18
C TRP D 1398 44.44 -0.31 15.65
N ASP D 1399 43.29 -0.66 16.22
CA ASP D 1399 43.33 -1.20 17.58
C ASP D 1399 44.26 -2.42 17.63
N VAL D 1400 44.01 -3.39 16.74
CA VAL D 1400 44.82 -4.59 16.69
C VAL D 1400 46.26 -4.25 16.28
N GLU D 1401 46.42 -3.35 15.31
CA GLU D 1401 47.75 -3.07 14.77
C GLU D 1401 48.62 -2.34 15.78
N ALA D 1402 48.04 -1.40 16.53
CA ALA D 1402 48.78 -0.75 17.60
C ALA D 1402 49.09 -1.74 18.71
N LEU D 1403 48.16 -2.63 19.02
CA LEU D 1403 48.46 -3.68 20.00
C LEU D 1403 49.64 -4.51 19.56
N ASN D 1404 49.71 -4.86 18.28
CA ASN D 1404 50.83 -5.64 17.77
C ASN D 1404 52.11 -4.83 17.76
N GLU D 1405 52.06 -3.60 17.24
CA GLU D 1405 53.25 -2.78 17.07
C GLU D 1405 53.88 -2.44 18.42
N ARG D 1406 53.09 -1.96 19.37
CA ARG D 1406 53.67 -1.50 20.64
C ARG D 1406 53.92 -2.66 21.59
N LEU D 1407 52.98 -3.60 21.68
CA LEU D 1407 53.01 -4.61 22.74
C LEU D 1407 53.26 -6.02 22.24
N ILE D 1408 52.44 -6.52 21.31
CA ILE D 1408 52.58 -7.90 20.88
C ILE D 1408 53.93 -8.11 20.18
N ALA D 1409 54.30 -7.19 19.30
CA ALA D 1409 55.60 -7.20 18.66
C ALA D 1409 56.39 -5.98 19.08
N GLU D 1410 57.69 -6.01 18.77
CA GLU D 1410 58.56 -4.90 19.12
C GLU D 1410 58.42 -3.77 18.12
N GLY D 1411 58.81 -2.56 18.55
CA GLY D 1411 58.79 -1.39 17.70
C GLY D 1411 57.78 -0.38 18.15
N LYS D 1412 58.23 0.64 18.88
CA LYS D 1412 57.34 1.67 19.43
C LYS D 1412 57.10 2.74 18.37
N THR D 1413 56.35 2.36 17.35
CA THR D 1413 55.90 3.31 16.33
C THR D 1413 54.43 3.61 16.57
N PRO D 1414 54.08 4.78 17.11
CA PRO D 1414 52.69 5.09 17.43
C PRO D 1414 51.91 5.42 16.17
N VAL D 1415 50.84 4.66 15.91
CA VAL D 1415 49.97 4.92 14.77
C VAL D 1415 48.94 5.94 15.25
N ALA D 1416 49.36 7.20 15.26
CA ALA D 1416 48.52 8.29 15.74
C ALA D 1416 47.38 8.51 14.76
N TRP D 1417 46.16 8.20 15.19
CA TRP D 1417 44.98 8.33 14.35
C TRP D 1417 44.08 9.43 14.87
N LYS D 1418 43.21 9.92 13.99
CA LYS D 1418 42.14 10.81 14.36
C LYS D 1418 40.83 10.17 13.91
N PRO D 1419 39.77 10.23 14.73
CA PRO D 1419 38.50 9.63 14.32
C PRO D 1419 37.83 10.47 13.24
N LEU D 1420 37.45 9.81 12.15
CA LEU D 1420 36.77 10.46 11.05
C LEU D 1420 35.27 10.24 11.20
N LEU D 1421 34.50 11.32 11.15
CA LEU D 1421 33.05 11.25 11.14
C LEU D 1421 32.55 11.48 9.73
N MET D 1422 31.98 10.45 9.12
CA MET D 1422 31.39 10.56 7.80
C MET D 1422 29.95 10.09 7.86
N GLY D 1423 29.16 10.58 6.91
CA GLY D 1423 27.75 10.27 6.87
C GLY D 1423 27.47 8.79 6.73
N VAL D 1424 26.17 8.48 6.76
CA VAL D 1424 25.74 7.10 6.62
C VAL D 1424 26.16 6.53 5.27
N THR D 1425 26.03 7.33 4.20
CA THR D 1425 26.33 6.82 2.86
C THR D 1425 27.80 6.48 2.71
N LYS D 1426 28.69 7.41 3.06
CA LYS D 1426 30.11 7.16 2.89
C LYS D 1426 30.59 6.00 3.75
N SER D 1427 30.11 5.93 4.99
CA SER D 1427 30.48 4.80 5.85
C SER D 1427 29.99 3.49 5.28
N ALA D 1428 28.79 3.49 4.68
CA ALA D 1428 28.29 2.28 4.04
C ALA D 1428 29.16 1.90 2.85
N LEU D 1429 29.62 2.89 2.09
CA LEU D 1429 30.38 2.60 0.88
C LEU D 1429 31.74 1.98 1.20
N SER D 1430 32.48 2.60 2.12
CA SER D 1430 33.82 2.15 2.46
C SER D 1430 33.71 0.99 3.44
N THR D 1431 33.82 -0.24 2.92
CA THR D 1431 33.76 -1.43 3.76
C THR D 1431 34.92 -2.35 3.43
N LYS D 1432 35.36 -3.08 4.45
CA LYS D 1432 36.45 -4.04 4.25
C LYS D 1432 36.02 -5.18 3.34
N SER D 1433 34.78 -5.65 3.48
CA SER D 1433 34.26 -6.69 2.61
C SER D 1433 33.83 -6.11 1.28
N TRP D 1434 34.10 -6.85 0.20
CA TRP D 1434 33.77 -6.38 -1.13
C TRP D 1434 32.48 -6.96 -1.70
N LEU D 1435 31.91 -7.99 -1.09
CA LEU D 1435 30.62 -8.50 -1.56
C LEU D 1435 29.53 -7.45 -1.40
N SER D 1436 29.43 -6.87 -0.21
CA SER D 1436 28.41 -5.85 0.03
C SER D 1436 28.64 -4.62 -0.82
N ALA D 1437 29.91 -4.22 -0.97
CA ALA D 1437 30.21 -3.07 -1.82
C ALA D 1437 29.82 -3.32 -3.27
N ALA D 1438 30.10 -4.52 -3.77
CA ALA D 1438 29.71 -4.87 -5.14
C ALA D 1438 28.20 -4.87 -5.29
N SER D 1439 27.49 -5.44 -4.31
CA SER D 1439 26.04 -5.47 -4.37
C SER D 1439 25.41 -4.12 -4.06
N PHE D 1440 26.19 -3.12 -3.64
CA PHE D 1440 25.61 -1.88 -3.14
C PHE D 1440 25.51 -0.81 -4.22
N GLN D 1441 26.64 -0.38 -4.79
CA GLN D 1441 26.63 0.77 -5.70
C GLN D 1441 27.09 0.42 -7.12
N ASN D 1442 28.29 -0.12 -7.30
CA ASN D 1442 28.86 -0.32 -8.62
C ASN D 1442 29.81 -1.50 -8.58
N THR D 1443 29.48 -2.55 -9.33
CA THR D 1443 30.29 -3.76 -9.29
C THR D 1443 31.63 -3.58 -10.00
N THR D 1444 31.68 -2.76 -11.05
CA THR D 1444 32.89 -2.68 -11.87
C THR D 1444 34.08 -2.19 -11.05
N HIS D 1445 33.99 -0.96 -10.53
CA HIS D 1445 35.11 -0.38 -9.80
C HIS D 1445 35.43 -1.18 -8.54
N VAL D 1446 34.40 -1.59 -7.81
CA VAL D 1446 34.62 -2.32 -6.57
C VAL D 1446 35.32 -3.64 -6.84
N LEU D 1447 34.86 -4.37 -7.85
CA LEU D 1447 35.47 -5.65 -8.19
C LEU D 1447 36.88 -5.46 -8.69
N THR D 1448 37.14 -4.39 -9.45
CA THR D 1448 38.51 -4.12 -9.88
C THR D 1448 39.43 -3.90 -8.69
N GLU D 1449 38.99 -3.07 -7.74
CA GLU D 1449 39.79 -2.82 -6.55
C GLU D 1449 40.03 -4.10 -5.77
N ALA D 1450 38.98 -4.91 -5.59
CA ALA D 1450 39.13 -6.16 -4.86
C ALA D 1450 39.90 -7.20 -5.64
N ALA D 1451 40.09 -6.99 -6.95
CA ALA D 1451 40.83 -7.92 -7.77
C ALA D 1451 42.31 -7.59 -7.87
N ILE D 1452 42.68 -6.32 -7.76
CA ILE D 1452 44.09 -5.95 -7.79
C ILE D 1452 44.84 -6.66 -6.68
N ALA D 1453 44.28 -6.66 -5.47
CA ALA D 1453 44.84 -7.37 -4.33
C ALA D 1453 43.92 -8.52 -3.98
N GLY D 1454 44.50 -9.69 -3.72
CA GLY D 1454 43.71 -10.82 -3.29
C GLY D 1454 42.96 -10.49 -2.01
N LYS D 1455 41.66 -10.29 -2.13
CA LYS D 1455 40.84 -9.81 -1.03
C LYS D 1455 40.11 -11.01 -0.42
N LYS D 1456 40.67 -11.54 0.66
CA LYS D 1456 40.02 -12.65 1.35
C LYS D 1456 38.82 -12.12 2.13
N ASP D 1457 37.66 -12.07 1.48
CA ASP D 1457 36.47 -11.53 2.12
C ASP D 1457 36.00 -12.49 3.20
N GLU D 1458 36.09 -12.05 4.46
CA GLU D 1458 35.52 -12.80 5.56
C GLU D 1458 34.01 -12.76 5.47
N LEU D 1459 33.38 -13.91 5.71
CA LEU D 1459 31.91 -13.98 5.65
C LEU D 1459 31.30 -13.44 6.95
N ILE D 1460 31.74 -12.24 7.30
CA ILE D 1460 31.19 -11.47 8.40
C ILE D 1460 30.24 -10.44 7.80
N GLY D 1461 29.15 -10.18 8.50
CA GLY D 1461 28.11 -9.36 7.93
C GLY D 1461 27.01 -10.20 7.31
N LEU D 1462 25.83 -9.61 7.16
CA LEU D 1462 24.66 -10.40 6.80
C LEU D 1462 24.39 -10.37 5.30
N LYS D 1463 24.58 -9.20 4.66
CA LYS D 1463 24.31 -9.09 3.24
C LYS D 1463 25.15 -10.07 2.44
N GLU D 1464 26.42 -10.23 2.83
CA GLU D 1464 27.30 -11.15 2.13
C GLU D 1464 26.78 -12.57 2.20
N ASN D 1465 26.33 -13.01 3.38
CA ASN D 1465 25.86 -14.38 3.50
C ASN D 1465 24.50 -14.56 2.84
N VAL D 1466 23.73 -13.47 2.68
CA VAL D 1466 22.55 -13.54 1.83
C VAL D 1466 22.96 -13.84 0.39
N ILE D 1467 23.97 -13.12 -0.11
CA ILE D 1467 24.42 -13.34 -1.47
C ILE D 1467 24.96 -14.77 -1.63
N LEU D 1468 25.77 -15.21 -0.66
CA LEU D 1468 26.21 -16.59 -0.58
C LEU D 1468 25.07 -17.57 -0.40
N GLY D 1469 23.90 -17.11 0.03
CA GLY D 1469 22.80 -18.00 0.31
C GLY D 1469 23.02 -18.97 1.44
N ARG D 1470 24.20 -18.97 2.06
CA ARG D 1470 24.47 -19.90 3.15
C ARG D 1470 23.75 -19.43 4.41
N LEU D 1471 24.04 -20.10 5.53
CA LEU D 1471 23.41 -19.75 6.79
C LEU D 1471 23.82 -18.35 7.24
N ILE D 1472 22.84 -17.52 7.50
CA ILE D 1472 23.10 -16.15 7.95
C ILE D 1472 23.79 -16.19 9.31
N PRO D 1473 24.81 -15.36 9.55
CA PRO D 1473 25.46 -15.38 10.87
C PRO D 1473 24.51 -15.07 12.02
N ALA D 1474 23.55 -14.18 11.83
CA ALA D 1474 22.66 -13.82 12.91
C ALA D 1474 21.65 -14.92 13.19
N GLY D 1475 20.87 -14.73 14.25
CA GLY D 1475 19.79 -15.66 14.55
C GLY D 1475 20.30 -17.06 14.78
N THR D 1476 19.60 -18.02 14.17
CA THR D 1476 19.94 -19.43 14.34
C THR D 1476 21.29 -19.78 13.73
N GLY D 1477 21.75 -19.03 12.74
CA GLY D 1477 22.98 -19.40 12.09
C GLY D 1477 24.23 -19.01 12.83
N SER D 1478 24.12 -18.40 14.00
CA SER D 1478 25.29 -18.08 14.79
C SER D 1478 26.00 -19.34 15.24
N ASP D 1479 27.32 -19.36 15.01
CA ASP D 1479 28.12 -20.51 15.39
C ASP D 1479 28.03 -20.80 16.89
N PHE D 1480 27.66 -19.79 17.67
CA PHE D 1480 27.38 -20.02 19.09
C PHE D 1480 26.26 -21.02 19.29
N VAL D 1481 25.29 -21.08 18.36
CA VAL D 1481 24.15 -21.97 18.49
C VAL D 1481 23.93 -22.74 17.20
N ARG D 1482 24.82 -22.57 16.22
CA ARG D 1482 24.62 -23.20 14.92
C ARG D 1482 24.60 -24.72 15.03
N PHE D 1483 25.48 -25.28 15.85
CA PHE D 1483 25.51 -26.71 16.10
C PHE D 1483 25.34 -26.95 17.59
N THR D 1484 24.45 -27.87 17.94
CA THR D 1484 24.15 -28.19 19.33
C THR D 1484 23.65 -29.63 19.37
N GLN D 1485 24.54 -30.55 19.73
CA GLN D 1485 24.15 -31.95 19.82
C GLN D 1485 23.01 -32.13 20.82
N VAL D 1486 22.00 -32.90 20.41
CA VAL D 1486 20.85 -33.20 21.24
C VAL D 1486 20.61 -34.70 21.19
N VAL D 1487 20.40 -35.31 22.35
CA VAL D 1487 20.14 -36.74 22.42
C VAL D 1487 19.20 -37.02 23.58
N ASP D 1488 18.30 -37.98 23.37
CA ASP D 1488 17.37 -38.38 24.42
C ASP D 1488 18.10 -39.15 25.52
N GLN D 1489 17.38 -39.39 26.61
CA GLN D 1489 18.02 -39.91 27.81
C GLN D 1489 18.38 -41.39 27.66
N LYS D 1490 17.50 -42.19 27.07
CA LYS D 1490 17.77 -43.63 26.98
C LYS D 1490 18.90 -43.94 26.01
N THR D 1491 18.92 -43.28 24.85
CA THR D 1491 20.07 -43.40 23.97
C THR D 1491 21.31 -42.82 24.63
N LEU D 1492 21.13 -41.85 25.53
CA LEU D 1492 22.27 -41.35 26.29
C LEU D 1492 22.84 -42.42 27.21
N LYS D 1493 21.97 -43.19 27.88
CA LYS D 1493 22.48 -44.29 28.69
C LYS D 1493 23.17 -45.32 27.82
N ALA D 1494 22.61 -45.62 26.64
CA ALA D 1494 23.24 -46.60 25.76
C ALA D 1494 24.63 -46.13 25.33
N ILE D 1495 24.73 -44.90 24.84
CA ILE D 1495 26.02 -44.40 24.36
C ILE D 1495 26.99 -44.22 25.53
N GLU D 1496 26.48 -43.93 26.73
CA GLU D 1496 27.36 -43.78 27.88
C GLU D 1496 27.87 -45.13 28.37
N GLU D 1497 27.05 -46.17 28.26
CA GLU D 1497 27.53 -47.52 28.53
C GLU D 1497 28.61 -47.91 27.52
N ALA D 1498 28.39 -47.58 26.24
CA ALA D 1498 29.44 -47.78 25.25
C ALA D 1498 30.69 -46.99 25.61
N ARG D 1499 30.51 -45.80 26.18
CA ARG D 1499 31.65 -44.98 26.59
C ARG D 1499 32.44 -45.64 27.71
N LYS D 1500 31.77 -46.09 28.77
CA LYS D 1500 32.50 -46.64 29.91
C LYS D 1500 33.09 -48.01 29.58
N GLU D 1501 32.45 -48.76 28.67
CA GLU D 1501 33.09 -49.99 28.22
C GLU D 1501 34.20 -49.72 27.22
N ALA D 1502 34.20 -48.53 26.59
CA ALA D 1502 35.33 -48.15 25.76
C ALA D 1502 36.56 -47.83 26.61
N VAL D 1503 36.35 -47.38 27.84
CA VAL D 1503 37.44 -47.23 28.80
C VAL D 1503 37.72 -48.63 29.36
N GLU D 1504 38.69 -49.31 28.76
CA GLU D 1504 38.91 -50.72 29.05
C GLU D 1504 39.56 -50.90 30.42
N ALA D 1505 39.45 -52.13 30.94
CA ALA D 1505 40.00 -52.50 32.25
C ALA D 1505 39.48 -51.59 33.36
N ALA E 2 -1.20 -21.26 22.50
CA ALA E 2 0.22 -21.24 22.18
C ALA E 2 0.81 -22.65 22.27
N GLU E 3 1.87 -22.79 23.04
CA GLU E 3 2.53 -24.07 23.25
C GLU E 3 2.69 -24.28 24.75
N PRO E 4 2.76 -25.54 25.20
CA PRO E 4 2.83 -25.81 26.64
C PRO E 4 4.10 -25.24 27.26
N GLY E 5 3.93 -24.28 28.15
CA GLY E 5 5.01 -23.76 28.96
C GLY E 5 6.16 -23.12 28.19
N ILE E 6 5.85 -22.22 27.26
CA ILE E 6 6.90 -21.55 26.51
C ILE E 6 7.81 -20.75 27.45
N ASP E 7 7.26 -20.22 28.54
CA ASP E 7 8.11 -19.56 29.53
C ASP E 7 9.04 -20.58 30.19
N LYS E 8 8.52 -21.76 30.52
CA LYS E 8 9.38 -22.82 31.04
C LYS E 8 10.45 -23.19 30.03
N LEU E 9 10.08 -23.28 28.75
CA LEU E 9 11.06 -23.58 27.71
C LEU E 9 12.15 -22.53 27.66
N PHE E 10 11.77 -21.26 27.76
CA PHE E 10 12.77 -20.20 27.86
C PHE E 10 13.55 -20.30 29.17
N GLY E 11 13.04 -21.07 30.13
CA GLY E 11 13.72 -21.19 31.41
C GLY E 11 15.08 -21.87 31.32
N MET E 12 15.10 -23.11 30.81
CA MET E 12 16.31 -23.91 30.90
C MET E 12 17.28 -23.70 29.76
N VAL E 13 17.03 -22.76 28.84
CA VAL E 13 17.94 -22.50 27.75
C VAL E 13 18.39 -21.05 27.81
N ASP E 14 19.68 -20.85 27.55
CA ASP E 14 20.26 -19.51 27.65
C ASP E 14 19.72 -18.58 26.57
N SER E 15 19.62 -19.06 25.34
CA SER E 15 19.19 -18.25 24.20
C SER E 15 18.07 -18.96 23.47
N LYS E 16 17.07 -18.17 23.04
CA LYS E 16 15.91 -18.76 22.37
C LYS E 16 16.31 -19.49 21.10
N TYR E 17 17.34 -18.99 20.40
CA TYR E 17 17.79 -19.64 19.18
C TYR E 17 18.32 -21.04 19.44
N ARG E 18 19.02 -21.23 20.56
CA ARG E 18 19.42 -22.58 20.94
C ARG E 18 18.21 -23.46 21.13
N LEU E 19 17.15 -22.91 21.74
CA LEU E 19 15.91 -23.67 21.89
C LEU E 19 15.35 -24.09 20.56
N THR E 20 15.29 -23.16 19.60
CA THR E 20 14.76 -23.51 18.29
C THR E 20 15.58 -24.61 17.64
N VAL E 21 16.90 -24.49 17.73
CA VAL E 21 17.78 -25.48 17.12
C VAL E 21 17.53 -26.85 17.73
N VAL E 22 17.49 -26.92 19.06
CA VAL E 22 17.40 -28.22 19.71
C VAL E 22 16.05 -28.86 19.44
N VAL E 23 14.97 -28.08 19.51
CA VAL E 23 13.64 -28.67 19.31
C VAL E 23 13.50 -29.15 17.87
N ALA E 24 13.99 -28.38 16.90
CA ALA E 24 13.83 -28.79 15.52
C ALA E 24 14.72 -29.99 15.19
N LYS E 25 15.95 -30.02 15.72
CA LYS E 25 16.77 -31.21 15.54
C LYS E 25 16.11 -32.44 16.16
N ARG E 26 15.48 -32.26 17.31
CA ARG E 26 14.75 -33.35 17.95
C ARG E 26 13.65 -33.86 17.04
N ALA E 27 12.90 -32.94 16.43
CA ALA E 27 11.92 -33.33 15.43
C ALA E 27 12.59 -34.09 14.28
N GLN E 28 13.83 -33.74 13.96
CA GLN E 28 14.50 -34.43 12.87
C GLN E 28 14.77 -35.90 13.17
N GLN E 29 15.29 -36.22 14.37
CA GLN E 29 15.39 -37.66 14.68
C GLN E 29 14.00 -38.29 14.78
N LEU E 30 13.02 -37.56 15.32
CA LEU E 30 11.69 -38.13 15.45
C LEU E 30 11.12 -38.55 14.09
N LEU E 31 11.40 -37.77 13.04
CA LEU E 31 11.11 -38.23 11.68
C LEU E 31 11.98 -39.41 11.27
N ARG E 32 13.30 -39.28 11.43
CA ARG E 32 14.20 -40.20 10.74
C ARG E 32 14.10 -41.61 11.31
N HIS E 33 14.11 -41.77 12.63
CA HIS E 33 13.87 -43.10 13.18
C HIS E 33 12.40 -43.42 13.36
N GLY E 34 11.51 -42.52 12.99
CA GLY E 34 10.11 -42.65 13.34
C GLY E 34 9.89 -42.36 14.81
N PHE E 35 8.64 -42.19 15.17
CA PHE E 35 8.28 -41.78 16.52
C PHE E 35 8.39 -42.90 17.54
N LYS E 36 9.04 -44.01 17.18
CA LYS E 36 9.33 -45.04 18.16
C LYS E 36 10.40 -44.59 19.15
N ASN E 37 11.31 -43.73 18.71
CA ASN E 37 12.40 -43.26 19.57
C ASN E 37 11.95 -42.07 20.40
N THR E 38 10.92 -42.27 21.21
CA THR E 38 10.42 -41.26 22.13
C THR E 38 10.75 -41.66 23.57
N VAL E 39 10.64 -40.68 24.47
CA VAL E 39 10.94 -40.87 25.88
C VAL E 39 9.75 -40.49 26.76
N LEU E 40 8.53 -40.60 26.23
CA LEU E 40 7.31 -40.30 26.98
C LEU E 40 6.25 -41.36 26.74
N GLU E 41 6.68 -42.58 26.41
CA GLU E 41 5.76 -43.61 25.94
C GLU E 41 4.66 -44.01 26.94
N PRO E 42 4.94 -44.23 28.25
CA PRO E 42 4.01 -45.04 29.05
C PRO E 42 2.61 -44.45 29.19
N GLU E 43 2.49 -43.28 29.81
CA GLU E 43 1.18 -42.70 30.07
C GLU E 43 0.94 -41.37 29.38
N GLU E 44 1.82 -40.40 29.57
CA GLU E 44 1.60 -39.05 29.07
C GLU E 44 2.12 -38.95 27.64
N ARG E 45 1.20 -39.09 26.70
CA ARG E 45 1.40 -38.92 25.27
C ARG E 45 0.56 -37.73 24.82
N PRO E 46 0.88 -37.15 23.67
CA PRO E 46 -0.07 -36.22 23.05
C PRO E 46 -1.39 -36.91 22.75
N LYS E 47 -2.50 -36.21 23.03
CA LYS E 47 -3.84 -36.76 22.91
C LYS E 47 -4.62 -35.99 21.86
N MET E 48 -4.94 -36.65 20.75
CA MET E 48 -5.71 -36.02 19.69
C MET E 48 -7.18 -35.94 20.09
N GLN E 49 -7.92 -35.05 19.43
CA GLN E 49 -9.32 -34.79 19.77
C GLN E 49 -10.24 -35.88 19.22
N THR E 50 -10.26 -36.05 17.89
CA THR E 50 -11.16 -37.03 17.28
C THR E 50 -10.85 -38.44 17.76
N LEU E 51 -9.56 -38.77 17.85
CA LEU E 51 -9.12 -40.12 18.22
C LEU E 51 -7.82 -39.96 18.98
N GLU E 52 -7.07 -41.05 19.13
CA GLU E 52 -5.72 -41.01 19.68
C GLU E 52 -4.68 -40.84 18.59
N GLY E 53 -5.00 -40.04 17.57
CA GLY E 53 -4.10 -39.83 16.46
C GLY E 53 -2.78 -39.19 16.85
N LEU E 54 -2.76 -38.40 17.92
CA LEU E 54 -1.49 -37.83 18.37
C LEU E 54 -0.59 -38.84 19.00
N PHE E 55 -0.90 -40.14 18.94
CA PHE E 55 0.07 -41.15 19.38
C PHE E 55 1.23 -41.26 18.39
N ASP E 56 0.95 -41.18 17.09
CA ASP E 56 2.02 -41.47 16.14
C ASP E 56 2.75 -40.25 15.62
N ASP E 57 2.10 -39.42 14.79
CA ASP E 57 2.81 -38.28 14.20
C ASP E 57 1.95 -37.22 13.52
N PRO E 58 1.03 -36.54 14.21
CA PRO E 58 0.33 -35.44 13.55
C PRO E 58 1.16 -34.17 13.46
N ASN E 59 2.05 -33.94 14.41
CA ASN E 59 2.93 -32.77 14.37
C ASN E 59 4.16 -33.06 15.22
N ALA E 60 5.33 -33.09 14.58
CA ALA E 60 6.57 -33.43 15.27
C ALA E 60 7.10 -32.31 16.15
N VAL E 61 6.82 -31.05 15.81
CA VAL E 61 7.38 -29.94 16.59
C VAL E 61 6.81 -29.94 18.00
N THR E 62 5.49 -30.10 18.13
CA THR E 62 4.89 -30.19 19.45
C THR E 62 5.37 -31.42 20.21
N TRP E 63 5.53 -32.54 19.48
CA TRP E 63 6.11 -33.73 20.08
C TRP E 63 7.45 -33.42 20.72
N ALA E 64 8.34 -32.79 19.95
CA ALA E 64 9.67 -32.48 20.46
C ALA E 64 9.61 -31.51 21.64
N MET E 65 8.73 -30.50 21.55
CA MET E 65 8.66 -29.53 22.64
C MET E 65 8.21 -30.18 23.93
N LYS E 66 7.08 -30.90 23.91
CA LYS E 66 6.61 -31.52 25.15
C LYS E 66 7.51 -32.67 25.57
N GLU E 67 8.34 -33.17 24.64
CA GLU E 67 9.44 -34.03 25.04
C GLU E 67 10.46 -33.27 25.85
N LEU E 68 10.70 -32.01 25.49
CA LEU E 68 11.73 -31.22 26.14
C LEU E 68 11.32 -30.79 27.54
N LEU E 69 10.01 -30.62 27.80
CA LEU E 69 9.59 -30.23 29.14
C LEU E 69 9.95 -31.28 30.18
N THR E 70 10.02 -32.55 29.79
CA THR E 70 10.47 -33.58 30.70
C THR E 70 11.98 -33.50 30.87
N GLY E 71 12.50 -34.23 31.85
CA GLY E 71 13.92 -34.29 32.10
C GLY E 71 14.65 -35.34 31.28
N ARG E 72 13.99 -35.98 30.33
CA ARG E 72 14.59 -37.06 29.57
C ARG E 72 15.33 -36.56 28.33
N LEU E 73 15.51 -35.27 28.18
CA LEU E 73 16.22 -34.71 27.04
C LEU E 73 17.43 -33.93 27.53
N VAL E 74 18.59 -34.22 26.95
CA VAL E 74 19.85 -33.56 27.30
C VAL E 74 20.52 -33.07 26.03
N PHE E 75 21.00 -31.83 26.05
CA PHE E 75 21.62 -31.22 24.89
C PHE E 75 22.90 -30.52 25.31
N GLY E 76 23.85 -30.44 24.39
CA GLY E 76 25.12 -29.79 24.66
C GLY E 76 25.83 -29.45 23.37
N GLU E 77 26.83 -28.58 23.48
CA GLU E 77 27.60 -28.17 22.31
C GLU E 77 28.36 -29.37 21.72
N ASN E 78 29.13 -30.06 22.55
CA ASN E 78 29.82 -31.29 22.14
C ASN E 78 29.66 -32.31 23.26
N LEU E 79 28.53 -33.01 23.25
CA LEU E 79 28.22 -33.98 24.29
C LEU E 79 28.64 -35.39 23.91
N VAL E 80 28.64 -35.72 22.62
CA VAL E 80 28.98 -37.06 22.16
C VAL E 80 30.03 -36.92 21.06
N PRO E 81 30.95 -37.88 20.95
CA PRO E 81 31.81 -37.91 19.76
C PRO E 81 30.98 -37.86 18.50
N GLU E 82 31.11 -36.74 17.78
CA GLU E 82 30.16 -36.37 16.74
C GLU E 82 30.15 -37.33 15.55
N ASP E 83 31.32 -37.80 15.12
CA ASP E 83 31.40 -38.52 13.84
C ASP E 83 30.59 -39.81 13.86
N ARG E 84 30.69 -40.58 14.94
CA ARG E 84 30.02 -41.87 15.00
C ARG E 84 28.51 -41.72 14.84
N LEU E 85 27.90 -40.85 15.64
CA LEU E 85 26.45 -40.75 15.58
C LEU E 85 25.99 -39.93 14.38
N GLN E 86 26.83 -39.04 13.85
CA GLN E 86 26.41 -38.31 12.66
C GLN E 86 26.46 -39.19 11.42
N LYS E 87 27.27 -40.25 11.44
CA LYS E 87 27.25 -41.20 10.33
C LYS E 87 26.32 -42.38 10.58
N GLU E 88 25.98 -42.68 11.83
CA GLU E 88 25.00 -43.72 12.13
C GLU E 88 23.56 -43.21 12.07
N MET E 89 23.36 -41.90 12.24
CA MET E 89 22.04 -41.32 12.13
C MET E 89 21.50 -41.34 10.70
N GLU E 90 22.31 -40.92 9.73
CA GLU E 90 21.79 -40.77 8.39
C GLU E 90 21.67 -42.09 7.63
N ARG E 91 22.18 -43.18 8.20
CA ARG E 91 22.25 -44.46 7.50
C ARG E 91 21.27 -45.49 8.07
N LEU E 92 20.16 -45.03 8.64
CA LEU E 92 19.12 -45.95 9.12
C LEU E 92 17.81 -45.18 9.32
ZN ZN F . 30.20 -44.86 -25.72
ZN ZN G . 30.54 -4.54 25.34
MG MG H . -6.18 0.12 3.85
#